data_1ZO8
#
_entry.id   1ZO8
#
_cell.length_a   118.753
_cell.length_b   292.821
_cell.length_c   146.555
_cell.angle_alpha   90.00
_cell.angle_beta   90.00
_cell.angle_gamma   90.00
#
_symmetry.space_group_name_H-M   'P 21 21 2'
#
loop_
_entity.id
_entity.type
_entity.pdbx_description
1 polymer 'halohydrin dehalogenase'
2 non-polymer '(S)-PARA-NITROSTYRENE OXIDE'
3 water water
#
_entity_poly.entity_id   1
_entity_poly.type   'polypeptide(L)'
_entity_poly.pdbx_seq_one_letter_code
;MSTAIVTNVKHFGGMGSALRLSEAGHTVACHDESFKQKDELEAFAETYPQLKPMSEQEPAELIEAVTSAYGQVDVLVSND
IFAPEFQPIDKYAVEDYRGAVEALQIRPFALVNAVASQMKKRKSGHIIFITSATPFGPWKELSTYTSARAGACTLANALS
KELGEYNIPVFAIGPNYLHSEDSPYFYPTEPWKTNPEHVAHVKKVTALQRLGTQKELGELVAFLASGSCDYLTGQVFWLA
GGFPMIERWPGMPE
;
_entity_poly.pdbx_strand_id   A,B,C,D,E,F,G,H,I,J,K,L,M,N,O,P
#
loop_
_chem_comp.id
_chem_comp.type
_chem_comp.name
_chem_comp.formula
SNO non-polymer '(S)-PARA-NITROSTYRENE OXIDE' 'C8 H7 N O3'
#
# COMPACT_ATOMS: atom_id res chain seq x y z
N SER A 2 -9.06 -12.63 24.49
CA SER A 2 -9.08 -13.37 25.77
C SER A 2 -10.29 -13.00 26.62
N THR A 3 -10.32 -13.47 27.86
CA THR A 3 -11.42 -13.18 28.78
C THR A 3 -10.93 -12.22 29.87
N ALA A 4 -11.74 -11.21 30.13
CA ALA A 4 -11.40 -10.22 31.15
C ALA A 4 -12.54 -10.08 32.14
N ILE A 5 -12.20 -9.61 33.34
CA ILE A 5 -13.20 -9.39 34.36
C ILE A 5 -13.05 -7.94 34.80
N VAL A 6 -14.17 -7.22 34.86
CA VAL A 6 -14.15 -5.84 35.32
C VAL A 6 -15.16 -5.77 36.47
N THR A 7 -14.71 -5.32 37.63
CA THR A 7 -15.60 -5.24 38.79
C THR A 7 -16.31 -3.90 38.90
N ASN A 8 -17.37 -3.84 39.72
CA ASN A 8 -18.14 -2.62 39.92
C ASN A 8 -18.26 -1.86 38.61
N VAL A 9 -18.56 -2.61 37.54
CA VAL A 9 -18.66 -2.08 36.19
C VAL A 9 -19.46 -0.80 35.98
N LYS A 10 -20.52 -0.61 36.76
CA LYS A 10 -21.35 0.58 36.61
C LYS A 10 -20.75 1.85 37.17
N HIS A 11 -19.64 1.75 37.90
CA HIS A 11 -19.06 2.93 38.52
C HIS A 11 -17.59 3.18 38.24
N PHE A 12 -17.14 4.38 38.62
CA PHE A 12 -15.74 4.76 38.50
C PHE A 12 -15.19 4.48 37.09
N GLY A 13 -14.17 3.64 36.99
CA GLY A 13 -13.62 3.35 35.67
C GLY A 13 -14.17 2.09 35.04
N GLY A 14 -15.26 1.58 35.61
CA GLY A 14 -15.87 0.35 35.11
C GLY A 14 -16.33 0.32 33.67
N MET A 15 -17.17 1.28 33.28
CA MET A 15 -17.71 1.31 31.93
C MET A 15 -16.64 1.54 30.86
N GLY A 16 -15.77 2.53 31.07
CA GLY A 16 -14.72 2.79 30.10
C GLY A 16 -13.86 1.57 29.89
N SER A 17 -13.48 0.92 30.99
CA SER A 17 -12.64 -0.27 30.94
C SER A 17 -13.33 -1.43 30.21
N ALA A 18 -14.55 -1.72 30.63
CA ALA A 18 -15.31 -2.83 30.06
C ALA A 18 -15.60 -2.63 28.58
N LEU A 19 -16.15 -1.47 28.23
CA LEU A 19 -16.47 -1.20 26.83
C LEU A 19 -15.26 -1.23 25.91
N ARG A 20 -14.15 -0.63 26.33
CA ARG A 20 -12.98 -0.62 25.46
C ARG A 20 -12.36 -2.01 25.35
N LEU A 21 -12.35 -2.75 26.44
CA LEU A 21 -11.81 -4.10 26.44
C LEU A 21 -12.64 -4.95 25.48
N SER A 22 -13.94 -4.67 25.43
CA SER A 22 -14.84 -5.39 24.54
C SER A 22 -14.55 -5.00 23.08
N GLU A 23 -14.30 -3.72 22.85
CA GLU A 23 -13.99 -3.25 21.50
C GLU A 23 -12.71 -3.93 21.02
N ALA A 24 -11.80 -4.20 21.96
CA ALA A 24 -10.53 -4.84 21.64
C ALA A 24 -10.67 -6.33 21.33
N GLY A 25 -11.88 -6.86 21.46
CA GLY A 25 -12.10 -8.27 21.16
C GLY A 25 -12.16 -9.23 22.34
N HIS A 26 -12.04 -8.70 23.56
CA HIS A 26 -12.10 -9.54 24.76
C HIS A 26 -13.52 -9.91 25.14
N THR A 27 -13.68 -11.06 25.79
CA THR A 27 -15.00 -11.43 26.30
C THR A 27 -14.89 -10.76 27.66
N VAL A 28 -15.82 -9.87 27.98
CA VAL A 28 -15.73 -9.15 29.24
C VAL A 28 -16.81 -9.50 30.26
N ALA A 29 -16.44 -10.32 31.24
CA ALA A 29 -17.37 -10.70 32.29
C ALA A 29 -17.38 -9.53 33.24
N CYS A 30 -18.58 -9.07 33.59
CA CYS A 30 -18.71 -7.92 34.46
C CYS A 30 -19.37 -8.19 35.81
N HIS A 31 -18.77 -7.65 36.85
CA HIS A 31 -19.28 -7.76 38.22
C HIS A 31 -19.83 -6.42 38.66
N ASP A 32 -20.81 -6.44 39.55
CA ASP A 32 -21.39 -5.23 40.12
C ASP A 32 -22.33 -5.61 41.25
N GLU A 33 -22.36 -4.80 42.30
CA GLU A 33 -23.20 -5.07 43.45
C GLU A 33 -24.68 -5.25 43.07
N SER A 34 -25.13 -4.51 42.07
CA SER A 34 -26.52 -4.58 41.63
C SER A 34 -26.88 -5.87 40.92
N PHE A 35 -25.88 -6.56 40.36
CA PHE A 35 -26.11 -7.81 39.65
C PHE A 35 -26.60 -8.94 40.56
N LYS A 36 -26.74 -8.63 41.85
CA LYS A 36 -27.25 -9.61 42.81
C LYS A 36 -28.73 -9.79 42.49
N GLN A 37 -29.31 -8.74 41.90
CA GLN A 37 -30.73 -8.76 41.50
C GLN A 37 -30.81 -9.14 40.02
N LYS A 38 -31.65 -10.11 39.72
CA LYS A 38 -31.80 -10.59 38.34
C LYS A 38 -32.28 -9.51 37.38
N ASP A 39 -33.18 -8.65 37.84
CA ASP A 39 -33.74 -7.58 37.02
C ASP A 39 -32.63 -6.63 36.57
N GLU A 40 -31.74 -6.29 37.50
CA GLU A 40 -30.64 -5.38 37.22
C GLU A 40 -29.66 -6.01 36.25
N LEU A 41 -29.32 -7.28 36.46
CA LEU A 41 -28.38 -7.97 35.60
C LEU A 41 -28.93 -8.11 34.18
N GLU A 42 -30.19 -8.48 34.05
CA GLU A 42 -30.81 -8.66 32.74
C GLU A 42 -30.93 -7.33 32.01
N ALA A 43 -31.24 -6.27 32.75
CA ALA A 43 -31.36 -4.94 32.16
C ALA A 43 -30.01 -4.57 31.58
N PHE A 44 -28.95 -4.82 32.34
CA PHE A 44 -27.60 -4.50 31.89
C PHE A 44 -27.22 -5.30 30.66
N ALA A 45 -27.48 -6.60 30.68
CA ALA A 45 -27.17 -7.47 29.56
C ALA A 45 -27.91 -7.05 28.30
N GLU A 46 -29.09 -6.48 28.48
CA GLU A 46 -29.90 -6.02 27.36
C GLU A 46 -29.28 -4.80 26.69
N THR A 47 -28.90 -3.82 27.51
CA THR A 47 -28.31 -2.59 27.02
C THR A 47 -26.92 -2.79 26.43
N TYR A 48 -26.16 -3.72 27.00
CA TYR A 48 -24.82 -4.01 26.53
C TYR A 48 -24.65 -5.47 26.16
N PRO A 49 -25.18 -5.88 24.99
CA PRO A 49 -25.09 -7.26 24.54
C PRO A 49 -23.65 -7.73 24.37
N GLN A 50 -22.72 -6.78 24.31
CA GLN A 50 -21.31 -7.12 24.13
C GLN A 50 -20.61 -7.41 25.46
N LEU A 51 -21.32 -7.23 26.56
CA LEU A 51 -20.77 -7.47 27.89
C LEU A 51 -21.44 -8.68 28.54
N LYS A 52 -20.73 -9.34 29.45
CA LYS A 52 -21.27 -10.53 30.12
C LYS A 52 -21.35 -10.33 31.64
N PRO A 53 -22.44 -9.71 32.13
CA PRO A 53 -22.62 -9.47 33.56
C PRO A 53 -22.78 -10.79 34.32
N MET A 54 -22.15 -10.87 35.49
CA MET A 54 -22.20 -12.06 36.34
C MET A 54 -22.92 -11.68 37.62
N SER A 55 -23.58 -12.65 38.25
CA SER A 55 -24.29 -12.39 39.50
C SER A 55 -23.37 -12.55 40.72
N GLU A 56 -22.32 -13.35 40.57
CA GLU A 56 -21.38 -13.61 41.66
C GLU A 56 -20.82 -12.35 42.33
N GLN A 57 -20.63 -12.42 43.64
CA GLN A 57 -20.11 -11.29 44.42
C GLN A 57 -18.77 -11.54 45.10
N GLU A 58 -18.54 -12.77 45.52
CA GLU A 58 -17.30 -13.10 46.22
C GLU A 58 -16.16 -13.38 45.24
N PRO A 59 -14.96 -12.88 45.56
CA PRO A 59 -13.75 -13.03 44.74
C PRO A 59 -13.51 -14.42 44.17
N ALA A 60 -13.29 -15.41 45.03
CA ALA A 60 -13.05 -16.77 44.55
C ALA A 60 -14.25 -17.27 43.74
N GLU A 61 -15.44 -16.93 44.21
CA GLU A 61 -16.68 -17.34 43.54
C GLU A 61 -16.72 -16.79 42.12
N LEU A 62 -16.47 -15.50 42.00
CA LEU A 62 -16.47 -14.80 40.73
C LEU A 62 -15.44 -15.42 39.78
N ILE A 63 -14.20 -15.54 40.25
CA ILE A 63 -13.15 -16.12 39.43
C ILE A 63 -13.50 -17.51 38.92
N GLU A 64 -14.10 -18.34 39.78
CA GLU A 64 -14.49 -19.69 39.39
C GLU A 64 -15.61 -19.64 38.35
N ALA A 65 -16.60 -18.80 38.58
CA ALA A 65 -17.73 -18.66 37.68
C ALA A 65 -17.28 -18.27 36.27
N VAL A 66 -16.41 -17.27 36.19
CA VAL A 66 -15.91 -16.80 34.92
C VAL A 66 -15.06 -17.86 34.23
N THR A 67 -14.21 -18.54 35.01
CA THR A 67 -13.36 -19.58 34.47
C THR A 67 -14.21 -20.70 33.90
N SER A 68 -15.29 -21.05 34.59
CA SER A 68 -16.20 -22.10 34.13
C SER A 68 -16.94 -21.70 32.86
N ALA A 69 -17.48 -20.49 32.85
CA ALA A 69 -18.26 -20.00 31.73
C ALA A 69 -17.43 -19.63 30.50
N TYR A 70 -16.32 -18.93 30.70
CA TYR A 70 -15.52 -18.47 29.57
C TYR A 70 -14.13 -19.08 29.47
N GLY A 71 -13.95 -20.25 30.05
CA GLY A 71 -12.68 -20.94 29.98
C GLY A 71 -11.58 -20.58 30.97
N GLN A 72 -11.29 -19.29 31.09
CA GLN A 72 -10.24 -18.83 31.99
C GLN A 72 -10.35 -17.33 32.19
N VAL A 73 -9.42 -16.77 32.97
CA VAL A 73 -9.37 -15.33 33.22
C VAL A 73 -7.98 -14.85 32.81
N ASP A 74 -7.94 -14.04 31.75
CA ASP A 74 -6.67 -13.53 31.25
C ASP A 74 -6.36 -12.11 31.70
N VAL A 75 -7.39 -11.35 31.99
CA VAL A 75 -7.22 -9.96 32.41
C VAL A 75 -8.13 -9.64 33.59
N LEU A 76 -7.56 -9.09 34.65
CA LEU A 76 -8.32 -8.71 35.82
C LEU A 76 -8.21 -7.20 36.01
N VAL A 77 -9.35 -6.52 36.03
CA VAL A 77 -9.40 -5.09 36.25
C VAL A 77 -10.18 -4.90 37.54
N SER A 78 -9.47 -4.63 38.63
CA SER A 78 -10.14 -4.43 39.90
C SER A 78 -10.47 -2.96 40.03
N ASN A 79 -11.71 -2.64 39.68
CA ASN A 79 -12.24 -1.29 39.71
C ASN A 79 -12.90 -1.10 41.06
N ASP A 80 -12.07 -0.79 42.06
CA ASP A 80 -12.56 -0.64 43.42
C ASP A 80 -13.12 0.72 43.79
N ILE A 81 -14.21 0.69 44.53
CA ILE A 81 -14.88 1.90 44.96
C ILE A 81 -15.27 1.85 46.43
N PHE A 82 -15.55 3.02 46.98
CA PHE A 82 -15.95 3.18 48.37
C PHE A 82 -16.52 4.59 48.47
N ALA A 83 -17.53 4.78 49.31
CA ALA A 83 -18.15 6.08 49.50
C ALA A 83 -17.74 6.63 50.85
N PRO A 84 -16.61 7.34 50.90
CA PRO A 84 -16.08 7.93 52.14
C PRO A 84 -16.60 9.32 52.42
N GLU A 85 -16.54 9.71 53.68
CA GLU A 85 -16.94 11.04 54.09
C GLU A 85 -15.65 11.78 54.39
N PHE A 86 -15.69 13.10 54.25
CA PHE A 86 -14.55 13.94 54.57
C PHE A 86 -14.77 14.21 56.05
N GLN A 87 -13.74 14.11 56.87
CA GLN A 87 -13.88 14.38 58.29
C GLN A 87 -12.54 14.43 59.01
N PRO A 88 -12.46 15.25 60.06
CA PRO A 88 -11.23 15.37 60.84
C PRO A 88 -10.98 13.98 61.41
N ILE A 89 -9.72 13.62 61.62
CA ILE A 89 -9.38 12.31 62.13
C ILE A 89 -10.16 11.88 63.38
N ASP A 90 -10.39 12.81 64.30
CA ASP A 90 -11.11 12.46 65.52
C ASP A 90 -12.62 12.30 65.34
N LYS A 91 -13.13 12.62 64.16
CA LYS A 91 -14.57 12.49 63.91
C LYS A 91 -14.93 11.18 63.21
N TYR A 92 -13.94 10.50 62.64
CA TYR A 92 -14.17 9.23 62.00
C TYR A 92 -14.38 8.19 63.11
N ALA A 93 -14.96 7.06 62.74
CA ALA A 93 -15.13 5.96 63.67
C ALA A 93 -14.07 5.03 63.12
N VAL A 94 -13.46 4.21 63.96
CA VAL A 94 -12.43 3.30 63.46
C VAL A 94 -13.02 2.42 62.37
N GLU A 95 -14.31 2.08 62.51
CA GLU A 95 -15.00 1.25 61.52
C GLU A 95 -15.05 1.91 60.14
N ASP A 96 -14.91 3.25 60.10
CA ASP A 96 -14.93 3.96 58.83
C ASP A 96 -13.64 3.68 58.06
N TYR A 97 -12.55 3.45 58.79
CA TYR A 97 -11.28 3.14 58.17
C TYR A 97 -11.28 1.66 57.75
N ARG A 98 -11.82 0.80 58.61
CA ARG A 98 -11.88 -0.63 58.29
C ARG A 98 -12.69 -0.83 57.01
N GLY A 99 -13.79 -0.08 56.89
CA GLY A 99 -14.62 -0.19 55.71
C GLY A 99 -13.86 0.26 54.47
N ALA A 100 -13.11 1.35 54.59
CA ALA A 100 -12.33 1.86 53.47
C ALA A 100 -11.30 0.83 53.05
N VAL A 101 -10.58 0.28 54.02
CA VAL A 101 -9.55 -0.71 53.73
C VAL A 101 -10.12 -2.00 53.14
N GLU A 102 -11.27 -2.44 53.64
CA GLU A 102 -11.86 -3.68 53.12
C GLU A 102 -12.28 -3.48 51.66
N ALA A 103 -12.86 -2.33 51.36
CA ALA A 103 -13.31 -2.06 50.00
C ALA A 103 -12.19 -1.69 49.03
N LEU A 104 -11.17 -0.99 49.51
CA LEU A 104 -10.11 -0.54 48.61
C LEU A 104 -8.80 -1.31 48.62
N GLN A 105 -8.56 -2.12 49.65
CA GLN A 105 -7.33 -2.89 49.73
C GLN A 105 -7.58 -4.40 49.73
N ILE A 106 -8.40 -4.86 50.67
CA ILE A 106 -8.69 -6.27 50.80
C ILE A 106 -9.36 -6.88 49.56
N ARG A 107 -10.35 -6.18 49.03
CA ARG A 107 -11.06 -6.65 47.83
C ARG A 107 -10.11 -6.94 46.67
N PRO A 108 -9.31 -5.93 46.23
CA PRO A 108 -8.41 -6.26 45.12
C PRO A 108 -7.44 -7.38 45.48
N PHE A 109 -6.99 -7.43 46.72
CA PHE A 109 -6.06 -8.47 47.15
C PHE A 109 -6.75 -9.82 46.99
N ALA A 110 -8.01 -9.89 47.41
CA ALA A 110 -8.80 -11.09 47.34
C ALA A 110 -8.95 -11.61 45.90
N LEU A 111 -9.10 -10.68 44.95
CA LEU A 111 -9.25 -11.07 43.55
C LEU A 111 -7.96 -11.62 42.97
N VAL A 112 -6.83 -10.96 43.24
CA VAL A 112 -5.56 -11.45 42.72
C VAL A 112 -5.24 -12.78 43.41
N ASN A 113 -5.59 -12.88 44.69
CA ASN A 113 -5.34 -14.08 45.47
C ASN A 113 -6.05 -15.29 44.85
N ALA A 114 -7.20 -15.06 44.25
CA ALA A 114 -7.98 -16.13 43.63
C ALA A 114 -7.68 -16.44 42.16
N VAL A 115 -7.11 -15.48 41.43
CA VAL A 115 -6.83 -15.72 40.02
C VAL A 115 -5.36 -15.97 39.69
N ALA A 116 -4.48 -15.66 40.63
CA ALA A 116 -3.05 -15.81 40.44
C ALA A 116 -2.56 -17.19 39.98
N SER A 117 -2.99 -18.25 40.65
CA SER A 117 -2.51 -19.57 40.30
C SER A 117 -2.74 -19.95 38.84
N GLN A 118 -3.94 -19.72 38.31
CA GLN A 118 -4.17 -20.08 36.90
C GLN A 118 -3.31 -19.25 35.96
N MET A 119 -3.11 -17.97 36.26
CA MET A 119 -2.27 -17.13 35.39
C MET A 119 -0.83 -17.59 35.49
N LYS A 120 -0.36 -17.85 36.71
CA LYS A 120 1.03 -18.29 36.89
C LYS A 120 1.28 -19.62 36.21
N LYS A 121 0.29 -20.52 36.25
CA LYS A 121 0.44 -21.82 35.61
C LYS A 121 0.54 -21.66 34.09
N ARG A 122 -0.23 -20.73 33.54
CA ARG A 122 -0.18 -20.50 32.09
C ARG A 122 0.97 -19.56 31.75
N LYS A 123 1.54 -18.95 32.78
CA LYS A 123 2.60 -17.98 32.60
C LYS A 123 2.10 -16.91 31.62
N SER A 124 0.87 -16.45 31.87
CA SER A 124 0.26 -15.41 31.05
C SER A 124 -0.93 -14.80 31.77
N GLY A 125 -1.06 -13.49 31.66
CA GLY A 125 -2.16 -12.78 32.30
C GLY A 125 -1.79 -11.33 32.55
N HIS A 126 -2.79 -10.52 32.87
CA HIS A 126 -2.59 -9.09 33.17
C HIS A 126 -3.47 -8.69 34.33
N ILE A 127 -2.92 -7.93 35.26
CA ILE A 127 -3.65 -7.47 36.43
C ILE A 127 -3.59 -5.94 36.48
N ILE A 128 -4.76 -5.33 36.59
CA ILE A 128 -4.90 -3.87 36.64
C ILE A 128 -5.81 -3.45 37.79
N PHE A 129 -5.29 -2.60 38.67
CA PHE A 129 -6.06 -2.07 39.80
C PHE A 129 -6.43 -0.63 39.45
N ILE A 130 -7.70 -0.26 39.63
CA ILE A 130 -8.07 1.13 39.40
C ILE A 130 -8.05 1.67 40.82
N THR A 131 -7.09 2.52 41.15
CA THR A 131 -6.99 3.05 42.50
C THR A 131 -7.40 4.52 42.57
N SER A 132 -6.46 5.39 42.88
CA SER A 132 -6.76 6.82 42.98
C SER A 132 -5.48 7.62 42.97
N ALA A 133 -5.57 8.88 42.55
CA ALA A 133 -4.41 9.76 42.52
C ALA A 133 -4.33 10.59 43.80
N THR A 134 -5.29 10.39 44.72
CA THR A 134 -5.27 11.16 45.96
C THR A 134 -3.99 11.00 46.76
N PRO A 135 -3.35 9.82 46.72
CA PRO A 135 -2.10 9.66 47.48
C PRO A 135 -0.99 10.59 47.00
N PHE A 136 -1.04 10.97 45.72
CA PHE A 136 -0.03 11.85 45.16
C PHE A 136 -0.18 13.28 45.68
N GLY A 137 -1.41 13.69 45.94
CA GLY A 137 -1.66 15.02 46.45
C GLY A 137 -2.86 14.96 47.37
N PRO A 138 -2.67 14.51 48.63
CA PRO A 138 -3.76 14.39 49.60
C PRO A 138 -4.46 15.67 49.99
N TRP A 139 -5.78 15.62 50.04
CA TRP A 139 -6.57 16.77 50.50
C TRP A 139 -6.65 16.53 52.00
N LYS A 140 -6.85 17.60 52.77
CA LYS A 140 -6.98 17.39 54.20
C LYS A 140 -8.38 16.84 54.49
N GLU A 141 -8.47 16.05 55.56
CA GLU A 141 -9.72 15.45 56.01
C GLU A 141 -10.28 14.30 55.18
N LEU A 142 -9.41 13.58 54.48
CA LEU A 142 -9.83 12.41 53.70
C LEU A 142 -8.78 11.32 53.95
N SER A 143 -8.33 11.23 55.20
CA SER A 143 -7.30 10.27 55.60
C SER A 143 -7.60 8.78 55.40
N THR A 144 -8.84 8.34 55.65
CA THR A 144 -9.16 6.93 55.48
C THR A 144 -9.04 6.51 54.01
N TYR A 145 -9.80 7.18 53.15
CA TYR A 145 -9.82 6.89 51.72
C TYR A 145 -8.45 6.98 51.06
N THR A 146 -7.76 8.08 51.31
CA THR A 146 -6.45 8.33 50.71
C THR A 146 -5.40 7.27 51.08
N SER A 147 -5.28 6.96 52.37
CA SER A 147 -4.28 5.98 52.78
C SER A 147 -4.60 4.56 52.26
N ALA A 148 -5.88 4.21 52.22
CA ALA A 148 -6.27 2.90 51.71
C ALA A 148 -5.88 2.78 50.24
N ARG A 149 -6.17 3.83 49.47
CA ARG A 149 -5.80 3.84 48.05
C ARG A 149 -4.29 3.70 47.89
N ALA A 150 -3.52 4.33 48.77
CA ALA A 150 -2.08 4.23 48.70
C ALA A 150 -1.66 2.77 48.92
N GLY A 151 -2.33 2.10 49.86
CA GLY A 151 -2.03 0.71 50.12
C GLY A 151 -2.25 -0.14 48.86
N ALA A 152 -3.32 0.17 48.13
CA ALA A 152 -3.64 -0.58 46.91
C ALA A 152 -2.59 -0.33 45.83
N CYS A 153 -2.09 0.90 45.76
CA CYS A 153 -1.08 1.25 44.77
C CYS A 153 0.22 0.46 45.00
N THR A 154 0.63 0.39 46.26
CA THR A 154 1.85 -0.32 46.61
C THR A 154 1.66 -1.82 46.44
N LEU A 155 0.45 -2.30 46.71
CA LEU A 155 0.13 -3.73 46.57
C LEU A 155 0.38 -4.14 45.11
N ALA A 156 -0.09 -3.30 44.20
CA ALA A 156 0.08 -3.56 42.78
C ALA A 156 1.57 -3.59 42.43
N ASN A 157 2.33 -2.62 42.93
CA ASN A 157 3.75 -2.58 42.64
C ASN A 157 4.48 -3.77 43.26
N ALA A 158 4.13 -4.11 44.50
CA ALA A 158 4.78 -5.24 45.17
C ALA A 158 4.53 -6.53 44.38
N LEU A 159 3.29 -6.71 43.93
CA LEU A 159 2.91 -7.90 43.17
C LEU A 159 3.65 -8.04 41.85
N SER A 160 4.00 -6.92 41.23
CA SER A 160 4.71 -6.95 39.96
C SER A 160 6.05 -7.64 40.11
N LYS A 161 6.65 -7.49 41.29
CA LYS A 161 7.94 -8.10 41.56
C LYS A 161 7.92 -9.63 41.52
N GLU A 162 6.86 -10.23 42.05
CA GLU A 162 6.76 -11.70 42.08
C GLU A 162 6.12 -12.29 40.84
N LEU A 163 5.14 -11.60 40.28
CA LEU A 163 4.45 -12.14 39.11
C LEU A 163 5.24 -11.96 37.80
N GLY A 164 6.26 -11.12 37.84
CA GLY A 164 7.08 -10.91 36.67
C GLY A 164 7.73 -12.21 36.20
N GLU A 165 8.13 -13.03 37.16
CA GLU A 165 8.77 -14.31 36.88
C GLU A 165 7.84 -15.21 36.09
N TYR A 166 6.55 -14.96 36.20
CA TYR A 166 5.53 -15.74 35.49
C TYR A 166 4.97 -14.98 34.30
N ASN A 167 5.68 -13.93 33.89
CA ASN A 167 5.30 -13.13 32.75
C ASN A 167 3.89 -12.54 32.91
N ILE A 168 3.59 -12.07 34.12
CA ILE A 168 2.29 -11.46 34.40
C ILE A 168 2.52 -10.00 34.84
N PRO A 169 2.22 -9.03 33.96
CA PRO A 169 2.41 -7.64 34.37
C PRO A 169 1.32 -7.19 35.33
N VAL A 170 1.66 -6.28 36.23
CA VAL A 170 0.69 -5.76 37.19
C VAL A 170 0.80 -4.25 37.18
N PHE A 171 -0.34 -3.58 37.05
CA PHE A 171 -0.37 -2.13 37.02
C PHE A 171 -1.44 -1.54 37.92
N ALA A 172 -1.28 -0.27 38.26
CA ALA A 172 -2.26 0.43 39.07
C ALA A 172 -2.52 1.73 38.31
N ILE A 173 -3.79 2.07 38.14
CA ILE A 173 -4.17 3.31 37.47
C ILE A 173 -4.84 4.15 38.54
N GLY A 174 -4.25 5.30 38.85
CA GLY A 174 -4.80 6.16 39.88
C GLY A 174 -5.43 7.41 39.29
N PRO A 175 -6.74 7.39 39.08
CA PRO A 175 -7.38 8.58 38.51
C PRO A 175 -7.83 9.59 39.55
N ASN A 176 -8.16 10.78 39.05
CA ASN A 176 -8.76 11.84 39.84
C ASN A 176 -9.41 12.72 38.79
N TYR A 177 -10.57 13.25 39.12
CA TYR A 177 -11.32 14.09 38.19
C TYR A 177 -11.70 13.33 36.92
N LEU A 178 -11.97 12.05 37.09
CA LEU A 178 -12.38 11.20 35.97
C LEU A 178 -13.90 11.32 35.88
N HIS A 179 -14.39 11.88 34.79
CA HIS A 179 -15.83 12.04 34.58
C HIS A 179 -16.51 10.69 34.72
N SER A 180 -17.42 10.56 35.69
CA SER A 180 -18.10 9.28 35.90
C SER A 180 -19.54 9.25 35.37
N GLU A 181 -19.89 10.29 34.62
CA GLU A 181 -21.20 10.42 34.00
C GLU A 181 -22.39 10.25 34.94
N ASP A 182 -23.04 9.08 34.93
CA ASP A 182 -24.19 8.88 35.80
C ASP A 182 -23.83 8.34 37.18
N SER A 183 -22.63 7.77 37.31
CA SER A 183 -22.19 7.22 38.59
C SER A 183 -21.74 8.31 39.56
N PRO A 184 -22.07 8.16 40.85
CA PRO A 184 -21.68 9.16 41.84
C PRO A 184 -20.22 8.89 42.28
N TYR A 185 -19.63 7.85 41.72
CA TYR A 185 -18.23 7.49 42.01
C TYR A 185 -17.34 7.87 40.83
N PHE A 186 -16.71 9.04 40.85
CA PHE A 186 -16.81 10.01 41.94
C PHE A 186 -17.02 11.41 41.37
N TYR A 187 -17.11 11.51 40.05
CA TYR A 187 -17.32 12.81 39.41
C TYR A 187 -18.46 12.76 38.40
N PRO A 188 -19.72 12.75 38.89
CA PRO A 188 -20.89 12.70 38.00
C PRO A 188 -21.09 14.00 37.22
N THR A 189 -21.79 13.89 36.09
CA THR A 189 -22.07 15.03 35.24
C THR A 189 -22.65 16.15 36.10
N GLU A 190 -23.60 15.80 36.96
CA GLU A 190 -24.19 16.77 37.87
C GLU A 190 -23.39 16.50 39.15
N PRO A 191 -22.66 17.50 39.67
CA PRO A 191 -22.53 18.89 39.21
C PRO A 191 -21.19 19.26 38.56
N TRP A 192 -20.30 18.31 38.36
CA TRP A 192 -18.97 18.63 37.83
C TRP A 192 -18.85 19.24 36.45
N LYS A 193 -19.85 19.05 35.60
CA LYS A 193 -19.82 19.64 34.28
C LYS A 193 -20.88 20.72 34.16
N THR A 194 -21.77 20.75 35.14
CA THR A 194 -22.87 21.71 35.16
C THR A 194 -22.61 22.95 36.00
N ASN A 195 -22.48 22.75 37.31
CA ASN A 195 -22.25 23.85 38.24
C ASN A 195 -20.97 24.64 38.03
N PRO A 196 -21.09 25.96 37.79
CA PRO A 196 -19.99 26.89 37.57
C PRO A 196 -18.82 26.77 38.55
N GLU A 197 -19.13 26.67 39.83
CA GLU A 197 -18.08 26.54 40.85
C GLU A 197 -17.27 25.28 40.67
N HIS A 198 -17.94 24.17 40.35
CA HIS A 198 -17.25 22.91 40.15
C HIS A 198 -16.44 22.96 38.87
N VAL A 199 -17.01 23.58 37.84
CA VAL A 199 -16.33 23.70 36.55
C VAL A 199 -15.07 24.54 36.72
N ALA A 200 -15.17 25.62 37.50
CA ALA A 200 -14.02 26.48 37.74
C ALA A 200 -12.93 25.75 38.54
N HIS A 201 -13.36 24.93 39.49
CA HIS A 201 -12.43 24.15 40.32
C HIS A 201 -11.57 23.24 39.45
N VAL A 202 -12.22 22.42 38.64
CA VAL A 202 -11.51 21.49 37.76
C VAL A 202 -10.53 22.25 36.88
N LYS A 203 -10.95 23.43 36.42
CA LYS A 203 -10.12 24.26 35.56
C LYS A 203 -8.86 24.73 36.28
N LYS A 204 -8.97 24.93 37.58
CA LYS A 204 -7.85 25.42 38.36
C LYS A 204 -6.87 24.33 38.80
N VAL A 205 -7.40 23.18 39.19
CA VAL A 205 -6.57 22.11 39.72
C VAL A 205 -5.98 21.06 38.78
N THR A 206 -6.36 21.07 37.51
CA THR A 206 -5.79 20.12 36.55
C THR A 206 -5.02 20.91 35.49
N ALA A 207 -3.88 20.38 35.04
CA ALA A 207 -3.09 21.08 34.03
C ALA A 207 -3.87 21.20 32.73
N LEU A 208 -4.64 20.17 32.39
CA LEU A 208 -5.43 20.17 31.16
C LEU A 208 -6.74 20.94 31.28
N GLN A 209 -7.04 21.37 32.49
CA GLN A 209 -8.24 22.16 32.78
C GLN A 209 -9.53 21.51 32.32
N ARG A 210 -9.72 20.25 32.69
CA ARG A 210 -10.90 19.51 32.31
C ARG A 210 -10.91 18.19 33.05
N LEU A 211 -12.06 17.53 33.04
CA LEU A 211 -12.19 16.22 33.65
C LEU A 211 -11.66 15.19 32.65
N GLY A 212 -11.25 14.03 33.16
CA GLY A 212 -10.77 12.96 32.30
C GLY A 212 -11.97 12.22 31.74
N THR A 213 -11.79 11.44 30.68
CA THR A 213 -12.94 10.73 30.10
C THR A 213 -12.86 9.22 30.28
N GLN A 214 -14.01 8.56 30.24
CA GLN A 214 -14.07 7.11 30.37
C GLN A 214 -13.31 6.52 29.19
N LYS A 215 -13.37 7.21 28.06
CA LYS A 215 -12.68 6.73 26.85
C LYS A 215 -11.17 6.69 27.08
N GLU A 216 -10.63 7.73 27.72
CA GLU A 216 -9.20 7.78 27.98
C GLU A 216 -8.78 6.66 28.92
N LEU A 217 -9.53 6.48 30.00
CA LEU A 217 -9.21 5.42 30.94
C LEU A 217 -9.29 4.07 30.23
N GLY A 218 -10.37 3.85 29.48
CA GLY A 218 -10.53 2.60 28.76
C GLY A 218 -9.41 2.32 27.76
N GLU A 219 -8.92 3.37 27.11
CA GLU A 219 -7.83 3.21 26.14
C GLU A 219 -6.57 2.74 26.85
N LEU A 220 -6.27 3.32 28.00
CA LEU A 220 -5.08 2.92 28.75
C LEU A 220 -5.25 1.47 29.19
N VAL A 221 -6.44 1.13 29.70
CA VAL A 221 -6.71 -0.23 30.16
C VAL A 221 -6.48 -1.26 29.05
N ALA A 222 -7.06 -1.03 27.88
CA ALA A 222 -6.93 -1.93 26.73
C ALA A 222 -5.49 -2.05 26.26
N PHE A 223 -4.78 -0.92 26.27
CA PHE A 223 -3.38 -0.90 25.85
C PHE A 223 -2.54 -1.79 26.76
N LEU A 224 -2.73 -1.65 28.07
CA LEU A 224 -1.98 -2.43 29.04
C LEU A 224 -2.30 -3.93 28.98
N ALA A 225 -3.57 -4.25 28.72
CA ALA A 225 -4.02 -5.62 28.65
C ALA A 225 -3.73 -6.26 27.29
N SER A 226 -3.34 -5.46 26.32
CA SER A 226 -3.06 -5.95 24.97
C SER A 226 -1.75 -6.74 24.88
N GLY A 227 -0.85 -6.52 25.84
CA GLY A 227 0.42 -7.20 25.83
C GLY A 227 1.42 -6.46 24.95
N SER A 228 1.08 -5.23 24.58
CA SER A 228 1.94 -4.41 23.74
C SER A 228 3.06 -3.75 24.52
N CYS A 229 2.88 -3.59 25.84
CA CYS A 229 3.91 -2.96 26.65
C CYS A 229 3.98 -3.52 28.06
N ASP A 230 4.26 -4.81 28.16
CA ASP A 230 4.36 -5.47 29.46
C ASP A 230 5.53 -4.94 30.27
N TYR A 231 6.54 -4.39 29.60
CA TYR A 231 7.72 -3.91 30.32
C TYR A 231 7.45 -2.76 31.30
N LEU A 232 6.21 -2.28 31.33
CA LEU A 232 5.82 -1.22 32.25
C LEU A 232 5.32 -1.81 33.57
N THR A 233 5.37 -3.14 33.69
CA THR A 233 4.88 -3.76 34.91
C THR A 233 5.38 -3.08 36.19
N GLY A 234 4.49 -2.94 37.16
CA GLY A 234 4.83 -2.30 38.42
C GLY A 234 4.46 -0.82 38.46
N GLN A 235 4.18 -0.27 37.28
CA GLN A 235 3.83 1.14 37.13
C GLN A 235 2.52 1.57 37.79
N VAL A 236 2.55 2.74 38.40
CA VAL A 236 1.37 3.35 38.99
C VAL A 236 1.16 4.54 38.06
N PHE A 237 0.05 4.54 37.34
CA PHE A 237 -0.27 5.59 36.38
C PHE A 237 -1.14 6.65 37.06
N TRP A 238 -0.72 7.90 37.03
CA TRP A 238 -1.53 8.96 37.62
C TRP A 238 -2.38 9.56 36.49
N LEU A 239 -3.62 9.08 36.38
CA LEU A 239 -4.55 9.52 35.35
C LEU A 239 -5.32 10.70 35.93
N ALA A 240 -4.65 11.83 36.09
CA ALA A 240 -5.32 12.97 36.70
C ALA A 240 -5.19 14.30 35.97
N GLY A 241 -4.82 14.23 34.69
CA GLY A 241 -4.70 15.43 33.87
C GLY A 241 -3.75 16.52 34.33
N GLY A 242 -2.65 16.15 34.97
CA GLY A 242 -1.70 17.15 35.41
C GLY A 242 -1.91 17.57 36.84
N PHE A 243 -2.96 17.07 37.48
CA PHE A 243 -3.23 17.39 38.88
C PHE A 243 -2.07 16.78 39.66
N PRO A 244 -1.64 17.43 40.76
CA PRO A 244 -2.21 18.66 41.29
C PRO A 244 -1.50 19.91 40.76
N MET A 245 -2.25 20.98 40.53
CA MET A 245 -1.67 22.23 40.09
C MET A 245 -1.43 22.98 41.40
N ILE A 246 -0.20 23.45 41.61
CA ILE A 246 0.13 24.12 42.86
C ILE A 246 -0.05 25.64 42.82
N GLU A 247 -0.68 26.17 43.86
CA GLU A 247 -0.94 27.60 43.99
C GLU A 247 0.35 28.41 43.91
N ARG A 248 0.40 29.37 43.00
CA ARG A 248 1.59 30.20 42.86
C ARG A 248 1.51 31.47 43.70
N TRP A 249 2.63 32.18 43.78
CA TRP A 249 2.74 33.41 44.55
C TRP A 249 1.76 34.51 44.18
N PRO A 250 1.52 35.44 45.11
CA PRO A 250 0.60 36.57 44.90
C PRO A 250 1.10 37.39 43.71
N GLY A 251 0.17 37.88 42.91
CA GLY A 251 0.56 38.68 41.76
C GLY A 251 0.66 37.91 40.46
N MET A 252 0.77 36.59 40.54
CA MET A 252 0.87 35.77 39.35
C MET A 252 -0.50 35.25 38.92
N PRO A 253 -0.76 35.19 37.59
CA PRO A 253 -2.05 34.72 37.08
C PRO A 253 -2.33 33.23 37.34
N SER B 2 7.20 16.89 79.29
CA SER B 2 5.90 16.47 78.69
C SER B 2 5.74 14.95 78.80
N THR B 3 4.65 14.45 78.22
CA THR B 3 4.35 13.03 78.28
C THR B 3 4.26 12.38 76.90
N ALA B 4 4.93 11.24 76.75
CA ALA B 4 4.91 10.52 75.49
C ALA B 4 4.39 9.10 75.68
N ILE B 5 3.91 8.51 74.59
CA ILE B 5 3.42 7.14 74.59
C ILE B 5 4.18 6.40 73.51
N VAL B 6 4.75 5.25 73.84
CA VAL B 6 5.45 4.42 72.87
C VAL B 6 4.78 3.05 72.97
N THR B 7 4.27 2.54 71.86
CA THR B 7 3.60 1.24 71.87
C THR B 7 4.56 0.10 71.57
N ASN B 8 4.14 -1.12 71.88
CA ASN B 8 4.96 -2.32 71.66
C ASN B 8 6.42 -2.04 71.99
N VAL B 9 6.63 -1.42 73.14
CA VAL B 9 7.96 -1.01 73.56
C VAL B 9 9.08 -2.05 73.56
N LYS B 10 8.75 -3.32 73.76
CA LYS B 10 9.79 -4.36 73.76
C LYS B 10 10.26 -4.75 72.37
N HIS B 11 9.58 -4.26 71.34
CA HIS B 11 9.94 -4.64 69.98
C HIS B 11 10.19 -3.51 68.99
N PHE B 12 10.76 -3.87 67.86
CA PHE B 12 11.02 -2.95 66.75
C PHE B 12 11.71 -1.66 67.21
N GLY B 13 11.09 -0.51 66.98
CA GLY B 13 11.71 0.73 67.39
C GLY B 13 11.28 1.16 68.78
N GLY B 14 10.71 0.23 69.54
CA GLY B 14 10.22 0.54 70.87
C GLY B 14 11.22 1.03 71.91
N MET B 15 12.24 0.23 72.20
CA MET B 15 13.21 0.61 73.22
C MET B 15 14.03 1.85 72.86
N GLY B 16 14.49 1.94 71.62
CA GLY B 16 15.26 3.10 71.24
C GLY B 16 14.43 4.36 71.42
N SER B 17 13.17 4.29 71.00
CA SER B 17 12.25 5.41 71.11
C SER B 17 11.99 5.80 72.57
N ALA B 18 11.56 4.84 73.38
CA ALA B 18 11.26 5.11 74.79
C ALA B 18 12.47 5.60 75.58
N LEU B 19 13.60 4.93 75.43
CA LEU B 19 14.81 5.30 76.15
C LEU B 19 15.32 6.69 75.80
N ARG B 20 15.40 7.00 74.51
CA ARG B 20 15.89 8.32 74.11
C ARG B 20 14.90 9.42 74.46
N LEU B 21 13.61 9.12 74.37
CA LEU B 21 12.58 10.09 74.71
C LEU B 21 12.69 10.38 76.20
N SER B 22 12.95 9.34 76.98
CA SER B 22 13.09 9.50 78.43
C SER B 22 14.31 10.36 78.73
N GLU B 23 15.40 10.11 78.03
CA GLU B 23 16.63 10.87 78.21
C GLU B 23 16.45 12.34 77.86
N ALA B 24 15.52 12.63 76.95
CA ALA B 24 15.25 14.00 76.53
C ALA B 24 14.40 14.75 77.57
N GLY B 25 13.92 14.01 78.58
CA GLY B 25 13.11 14.63 79.60
C GLY B 25 11.64 14.25 79.64
N HIS B 26 11.20 13.49 78.65
CA HIS B 26 9.79 13.07 78.59
C HIS B 26 9.44 12.04 79.62
N THR B 27 8.19 12.06 80.07
CA THR B 27 7.68 11.04 80.96
C THR B 27 7.16 10.09 79.89
N VAL B 28 7.69 8.87 79.86
CA VAL B 28 7.30 7.92 78.81
C VAL B 28 6.44 6.76 79.27
N ALA B 29 5.17 6.81 78.90
CA ALA B 29 4.23 5.74 79.23
C ALA B 29 4.47 4.70 78.14
N CYS B 30 4.64 3.44 78.54
CA CYS B 30 4.90 2.38 77.58
C CYS B 30 3.85 1.31 77.51
N HIS B 31 3.53 0.91 76.28
CA HIS B 31 2.55 -0.14 76.04
C HIS B 31 3.26 -1.36 75.46
N ASP B 32 2.69 -2.54 75.73
CA ASP B 32 3.21 -3.78 75.19
C ASP B 32 2.26 -4.92 75.51
N GLU B 33 2.17 -5.88 74.59
CA GLU B 33 1.27 -7.01 74.78
C GLU B 33 1.62 -7.77 76.05
N SER B 34 2.92 -7.81 76.38
CA SER B 34 3.37 -8.54 77.57
C SER B 34 2.89 -7.89 78.86
N PHE B 35 2.65 -6.58 78.83
CA PHE B 35 2.22 -5.88 80.04
C PHE B 35 0.82 -6.28 80.48
N LYS B 36 0.19 -7.18 79.71
CA LYS B 36 -1.13 -7.67 80.08
C LYS B 36 -1.00 -8.43 81.39
N GLN B 37 0.21 -8.95 81.65
CA GLN B 37 0.49 -9.69 82.88
C GLN B 37 1.28 -8.83 83.87
N LYS B 38 0.85 -8.82 85.13
CA LYS B 38 1.51 -8.04 86.17
C LYS B 38 3.00 -8.32 86.32
N ASP B 39 3.37 -9.59 86.33
CA ASP B 39 4.78 -9.97 86.48
C ASP B 39 5.63 -9.33 85.39
N GLU B 40 5.14 -9.38 84.15
CA GLU B 40 5.86 -8.80 83.02
C GLU B 40 5.97 -7.28 83.17
N LEU B 41 4.87 -6.65 83.54
CA LEU B 41 4.85 -5.20 83.72
C LEU B 41 5.75 -4.76 84.86
N GLU B 42 5.63 -5.44 86.00
CA GLU B 42 6.45 -5.07 87.16
C GLU B 42 7.93 -5.35 86.92
N ALA B 43 8.24 -6.42 86.21
CA ALA B 43 9.63 -6.76 85.91
C ALA B 43 10.22 -5.64 85.05
N PHE B 44 9.43 -5.19 84.07
CA PHE B 44 9.86 -4.13 83.15
C PHE B 44 10.07 -2.84 83.95
N ALA B 45 9.10 -2.52 84.80
CA ALA B 45 9.15 -1.32 85.63
C ALA B 45 10.39 -1.32 86.52
N GLU B 46 10.78 -2.51 86.97
CA GLU B 46 11.95 -2.63 87.83
C GLU B 46 13.24 -2.41 87.04
N THR B 47 13.33 -3.03 85.87
CA THR B 47 14.50 -2.91 85.02
C THR B 47 14.68 -1.49 84.49
N TYR B 48 13.56 -0.83 84.18
CA TYR B 48 13.62 0.52 83.64
C TYR B 48 12.82 1.49 84.50
N PRO B 49 13.42 1.97 85.61
CA PRO B 49 12.71 2.90 86.49
C PRO B 49 12.35 4.24 85.84
N GLN B 50 13.04 4.60 84.76
CA GLN B 50 12.76 5.86 84.08
C GLN B 50 11.51 5.78 83.19
N LEU B 51 11.05 4.56 82.92
CA LEU B 51 9.88 4.34 82.08
C LEU B 51 8.62 4.04 82.90
N LYS B 52 7.45 4.27 82.30
CA LYS B 52 6.18 4.03 82.95
C LYS B 52 5.32 3.03 82.20
N PRO B 53 5.58 1.73 82.38
CA PRO B 53 4.78 0.74 81.66
C PRO B 53 3.31 0.76 82.07
N MET B 54 2.42 0.65 81.09
CA MET B 54 0.99 0.66 81.32
C MET B 54 0.44 -0.72 80.98
N SER B 55 -0.66 -1.13 81.62
CA SER B 55 -1.23 -2.43 81.33
C SER B 55 -2.27 -2.37 80.20
N GLU B 56 -2.86 -1.19 79.99
CA GLU B 56 -3.86 -1.01 78.94
C GLU B 56 -3.39 -1.49 77.57
N GLN B 57 -4.29 -2.16 76.84
CA GLN B 57 -3.97 -2.70 75.52
C GLN B 57 -4.67 -2.01 74.36
N GLU B 58 -5.90 -1.54 74.59
CA GLU B 58 -6.66 -0.89 73.54
C GLU B 58 -6.39 0.61 73.47
N PRO B 59 -6.35 1.16 72.24
CA PRO B 59 -6.11 2.59 71.97
C PRO B 59 -6.85 3.57 72.86
N ALA B 60 -8.17 3.46 72.91
CA ALA B 60 -8.98 4.38 73.71
C ALA B 60 -8.62 4.32 75.20
N GLU B 61 -8.59 3.13 75.77
CA GLU B 61 -8.28 2.99 77.19
C GLU B 61 -6.85 3.40 77.50
N LEU B 62 -5.94 3.14 76.57
CA LEU B 62 -4.54 3.50 76.77
C LEU B 62 -4.37 5.01 76.82
N ILE B 63 -4.94 5.71 75.84
CA ILE B 63 -4.85 7.16 75.81
C ILE B 63 -5.51 7.73 77.06
N GLU B 64 -6.65 7.16 77.46
CA GLU B 64 -7.36 7.63 78.65
C GLU B 64 -6.52 7.44 79.92
N ALA B 65 -5.96 6.24 80.07
CA ALA B 65 -5.14 5.91 81.24
C ALA B 65 -3.93 6.81 81.39
N VAL B 66 -3.25 7.09 80.27
CA VAL B 66 -2.07 7.94 80.31
C VAL B 66 -2.47 9.37 80.67
N THR B 67 -3.58 9.82 80.08
CA THR B 67 -4.07 11.17 80.32
C THR B 67 -4.41 11.37 81.79
N SER B 68 -5.03 10.37 82.41
CA SER B 68 -5.39 10.45 83.82
C SER B 68 -4.15 10.46 84.71
N ALA B 69 -3.28 9.48 84.47
CA ALA B 69 -2.06 9.33 85.26
C ALA B 69 -0.99 10.41 85.05
N TYR B 70 -0.87 10.92 83.83
CA TYR B 70 0.17 11.91 83.56
C TYR B 70 -0.29 13.24 82.96
N GLY B 71 -1.56 13.59 83.19
CA GLY B 71 -2.08 14.86 82.70
C GLY B 71 -2.53 14.94 81.26
N GLN B 72 -1.66 14.55 80.33
CA GLN B 72 -1.99 14.61 78.91
C GLN B 72 -1.04 13.77 78.08
N VAL B 73 -1.31 13.72 76.78
CA VAL B 73 -0.46 12.98 75.85
C VAL B 73 0.11 14.01 74.89
N ASP B 74 1.40 14.28 74.99
CA ASP B 74 2.06 15.27 74.13
C ASP B 74 2.70 14.66 72.89
N VAL B 75 3.18 13.44 73.03
CA VAL B 75 3.84 12.76 71.93
C VAL B 75 3.33 11.34 71.80
N LEU B 76 2.94 10.96 70.59
CA LEU B 76 2.48 9.60 70.34
C LEU B 76 3.42 8.93 69.36
N VAL B 77 4.00 7.81 69.78
CA VAL B 77 4.89 7.07 68.92
C VAL B 77 4.22 5.71 68.69
N SER B 78 3.59 5.57 67.53
CA SER B 78 2.91 4.32 67.21
C SER B 78 3.93 3.38 66.59
N ASN B 79 4.52 2.55 67.44
CA ASN B 79 5.53 1.57 67.04
C ASN B 79 4.76 0.29 66.69
N ASP B 80 4.24 0.24 65.48
CA ASP B 80 3.45 -0.90 65.07
C ASP B 80 4.24 -2.09 64.55
N ILE B 81 3.80 -3.29 64.95
CA ILE B 81 4.46 -4.52 64.54
C ILE B 81 3.49 -5.55 64.03
N PHE B 82 4.03 -6.56 63.34
CA PHE B 82 3.25 -7.66 62.79
C PHE B 82 4.23 -8.74 62.38
N ALA B 83 3.84 -10.00 62.52
CA ALA B 83 4.72 -11.11 62.16
C ALA B 83 4.21 -11.73 60.86
N PRO B 84 4.64 -11.19 59.72
CA PRO B 84 4.19 -11.73 58.44
C PRO B 84 5.07 -12.88 57.95
N GLU B 85 4.57 -13.57 56.92
CA GLU B 85 5.32 -14.66 56.31
C GLU B 85 5.55 -14.23 54.87
N PHE B 86 6.66 -14.66 54.29
CA PHE B 86 6.92 -14.37 52.89
C PHE B 86 6.05 -15.42 52.18
N GLN B 87 5.25 -15.01 51.21
CA GLN B 87 4.40 -15.96 50.50
C GLN B 87 4.02 -15.46 49.12
N PRO B 88 4.05 -16.35 48.11
CA PRO B 88 3.64 -15.88 46.78
C PRO B 88 2.18 -15.51 47.01
N ILE B 89 1.66 -14.51 46.29
CA ILE B 89 0.28 -14.07 46.47
C ILE B 89 -0.79 -15.15 46.62
N ASP B 90 -0.69 -16.22 45.85
CA ASP B 90 -1.70 -17.27 45.92
C ASP B 90 -1.61 -18.17 47.15
N LYS B 91 -0.52 -18.05 47.91
CA LYS B 91 -0.33 -18.87 49.12
C LYS B 91 -0.82 -18.14 50.39
N TYR B 92 -1.16 -16.86 50.27
CA TYR B 92 -1.68 -16.10 51.42
C TYR B 92 -3.17 -16.38 51.53
N ALA B 93 -3.70 -16.20 52.73
CA ALA B 93 -5.12 -16.33 52.96
C ALA B 93 -5.49 -14.85 52.91
N VAL B 94 -6.72 -14.52 52.54
CA VAL B 94 -7.07 -13.11 52.52
C VAL B 94 -6.94 -12.58 53.94
N GLU B 95 -7.17 -13.46 54.91
CA GLU B 95 -7.08 -13.10 56.32
C GLU B 95 -5.67 -12.66 56.71
N ASP B 96 -4.68 -13.13 55.95
CA ASP B 96 -3.31 -12.76 56.21
C ASP B 96 -3.10 -11.28 55.88
N TYR B 97 -3.84 -10.76 54.91
CA TYR B 97 -3.72 -9.36 54.55
C TYR B 97 -4.54 -8.53 55.56
N ARG B 98 -5.73 -9.01 55.90
CA ARG B 98 -6.57 -8.28 56.87
C ARG B 98 -5.82 -8.09 58.19
N GLY B 99 -5.07 -9.12 58.61
CA GLY B 99 -4.32 -9.05 59.85
C GLY B 99 -3.20 -8.03 59.77
N ALA B 100 -2.55 -7.94 58.62
CA ALA B 100 -1.46 -7.01 58.44
C ALA B 100 -2.01 -5.59 58.46
N VAL B 101 -3.12 -5.38 57.78
CA VAL B 101 -3.73 -4.05 57.73
C VAL B 101 -4.24 -3.67 59.12
N GLU B 102 -4.83 -4.63 59.83
CA GLU B 102 -5.35 -4.36 61.16
C GLU B 102 -4.24 -3.94 62.12
N ALA B 103 -3.09 -4.62 62.05
CA ALA B 103 -1.96 -4.32 62.93
C ALA B 103 -1.13 -3.12 62.49
N LEU B 104 -0.99 -2.93 61.18
CA LEU B 104 -0.16 -1.86 60.65
C LEU B 104 -0.85 -0.58 60.18
N GLN B 105 -2.18 -0.61 60.02
CA GLN B 105 -2.91 0.57 59.56
C GLN B 105 -4.01 0.98 60.52
N ILE B 106 -4.88 0.03 60.86
CA ILE B 106 -5.98 0.33 61.74
C ILE B 106 -5.52 0.75 63.14
N ARG B 107 -4.50 0.07 63.65
CA ARG B 107 -3.99 0.40 64.99
C ARG B 107 -3.47 1.84 65.09
N PRO B 108 -2.52 2.24 64.22
CA PRO B 108 -2.08 3.63 64.36
C PRO B 108 -3.23 4.62 64.16
N PHE B 109 -4.11 4.32 63.22
CA PHE B 109 -5.26 5.19 62.95
C PHE B 109 -6.13 5.35 64.20
N ALA B 110 -6.41 4.24 64.87
CA ALA B 110 -7.24 4.24 66.07
C ALA B 110 -6.59 5.05 67.19
N LEU B 111 -5.26 5.02 67.26
CA LEU B 111 -4.56 5.78 68.30
C LEU B 111 -4.69 7.28 68.06
N VAL B 112 -4.48 7.71 66.82
CA VAL B 112 -4.60 9.12 66.49
C VAL B 112 -6.06 9.54 66.67
N ASN B 113 -6.97 8.65 66.27
CA ASN B 113 -8.38 8.92 66.39
C ASN B 113 -8.75 9.18 67.86
N ALA B 114 -8.08 8.47 68.76
CA ALA B 114 -8.34 8.60 70.20
C ALA B 114 -7.63 9.75 70.90
N VAL B 115 -6.51 10.23 70.33
CA VAL B 115 -5.76 11.30 70.96
C VAL B 115 -5.83 12.66 70.26
N ALA B 116 -6.20 12.67 68.98
CA ALA B 116 -6.25 13.90 68.20
C ALA B 116 -7.04 15.03 68.85
N SER B 117 -8.18 14.69 69.45
CA SER B 117 -9.02 15.71 70.07
C SER B 117 -8.32 16.55 71.14
N GLN B 118 -7.68 15.90 72.10
CA GLN B 118 -7.00 16.67 73.15
C GLN B 118 -5.83 17.46 72.61
N MET B 119 -5.14 16.93 71.59
CA MET B 119 -4.02 17.67 71.03
C MET B 119 -4.53 18.90 70.28
N LYS B 120 -5.61 18.74 69.54
CA LYS B 120 -6.15 19.85 68.78
C LYS B 120 -6.73 20.95 69.67
N LYS B 121 -7.37 20.55 70.76
CA LYS B 121 -7.95 21.52 71.69
C LYS B 121 -6.90 22.49 72.24
N ARG B 122 -5.70 21.99 72.50
CA ARG B 122 -4.64 22.85 73.04
C ARG B 122 -3.64 23.29 71.98
N LYS B 123 -3.85 22.84 70.74
CA LYS B 123 -2.97 23.18 69.63
C LYS B 123 -1.50 22.83 69.84
N SER B 124 -1.25 21.60 70.28
CA SER B 124 0.14 21.18 70.47
C SER B 124 0.21 19.66 70.55
N GLY B 125 1.36 19.13 70.13
CA GLY B 125 1.55 17.69 70.15
C GLY B 125 2.33 17.24 68.93
N HIS B 126 2.81 16.00 68.98
CA HIS B 126 3.57 15.43 67.87
C HIS B 126 3.11 13.99 67.68
N ILE B 127 3.01 13.56 66.43
CA ILE B 127 2.58 12.21 66.12
C ILE B 127 3.64 11.56 65.24
N ILE B 128 4.12 10.40 65.67
CA ILE B 128 5.13 9.68 64.89
C ILE B 128 4.73 8.23 64.69
N PHE B 129 4.72 7.79 63.43
CA PHE B 129 4.41 6.39 63.13
C PHE B 129 5.71 5.70 62.78
N ILE B 130 5.95 4.52 63.35
CA ILE B 130 7.14 3.78 62.99
C ILE B 130 6.55 2.77 62.00
N THR B 131 6.93 2.92 60.74
CA THR B 131 6.39 2.07 59.68
C THR B 131 7.43 1.08 59.14
N SER B 132 7.78 1.24 57.87
CA SER B 132 8.76 0.34 57.25
C SER B 132 9.28 0.97 55.98
N ALA B 133 10.49 0.58 55.60
CA ALA B 133 11.07 1.10 54.36
C ALA B 133 10.79 0.11 53.22
N THR B 134 10.10 -0.99 53.52
CA THR B 134 9.81 -1.96 52.47
C THR B 134 9.07 -1.37 51.28
N PRO B 135 8.15 -0.41 51.52
CA PRO B 135 7.43 0.18 50.39
C PRO B 135 8.39 0.84 49.39
N PHE B 136 9.53 1.29 49.89
CA PHE B 136 10.51 1.95 49.04
C PHE B 136 11.20 0.96 48.10
N GLY B 137 11.56 -0.20 48.62
CA GLY B 137 12.20 -1.23 47.81
C GLY B 137 11.61 -2.59 48.17
N PRO B 138 10.42 -2.91 47.65
CA PRO B 138 9.70 -4.16 47.90
C PRO B 138 10.40 -5.44 47.46
N TRP B 139 10.42 -6.43 48.35
CA TRP B 139 11.01 -7.73 48.01
C TRP B 139 9.87 -8.52 47.42
N LYS B 140 10.19 -9.56 46.66
CA LYS B 140 9.14 -10.42 46.11
C LYS B 140 8.53 -11.19 47.26
N GLU B 141 7.24 -11.51 47.12
CA GLU B 141 6.52 -12.32 48.10
C GLU B 141 6.31 -11.82 49.52
N LEU B 142 6.14 -10.51 49.67
CA LEU B 142 5.87 -9.93 50.98
C LEU B 142 4.83 -8.83 50.74
N SER B 143 3.90 -9.10 49.83
CA SER B 143 2.88 -8.12 49.45
C SER B 143 1.93 -7.61 50.53
N THR B 144 1.56 -8.45 51.49
CA THR B 144 0.64 -8.00 52.55
C THR B 144 1.30 -6.94 53.44
N TYR B 145 2.41 -7.31 54.07
CA TYR B 145 3.14 -6.42 54.97
C TYR B 145 3.59 -5.13 54.29
N THR B 146 4.18 -5.26 53.10
CA THR B 146 4.67 -4.11 52.36
C THR B 146 3.57 -3.09 52.04
N SER B 147 2.45 -3.56 51.49
CA SER B 147 1.39 -2.63 51.13
C SER B 147 0.69 -2.04 52.36
N ALA B 148 0.60 -2.81 53.44
CA ALA B 148 -0.03 -2.27 54.66
C ALA B 148 0.85 -1.13 55.19
N ARG B 149 2.15 -1.33 55.17
CA ARG B 149 3.07 -0.31 55.66
C ARG B 149 2.97 0.95 54.81
N ALA B 150 2.75 0.79 53.51
CA ALA B 150 2.63 1.95 52.62
C ALA B 150 1.38 2.71 53.01
N GLY B 151 0.33 1.97 53.35
CA GLY B 151 -0.91 2.61 53.76
C GLY B 151 -0.68 3.49 54.98
N ALA B 152 0.12 2.99 55.91
CA ALA B 152 0.43 3.72 57.13
C ALA B 152 1.24 4.98 56.82
N CYS B 153 2.21 4.85 55.91
CA CYS B 153 3.04 5.99 55.51
C CYS B 153 2.20 7.12 54.92
N THR B 154 1.23 6.77 54.08
CA THR B 154 0.38 7.79 53.48
C THR B 154 -0.59 8.36 54.52
N LEU B 155 -1.01 7.51 55.46
CA LEU B 155 -1.91 7.96 56.52
C LEU B 155 -1.21 9.10 57.26
N ALA B 156 0.05 8.90 57.60
CA ALA B 156 0.80 9.94 58.31
C ALA B 156 0.87 11.23 57.48
N ASN B 157 1.22 11.10 56.21
CA ASN B 157 1.32 12.28 55.36
C ASN B 157 -0.04 12.98 55.24
N ALA B 158 -1.09 12.21 54.98
CA ALA B 158 -2.43 12.79 54.87
C ALA B 158 -2.83 13.50 56.15
N LEU B 159 -2.55 12.89 57.30
CA LEU B 159 -2.91 13.49 58.59
C LEU B 159 -2.17 14.81 58.83
N SER B 160 -0.94 14.91 58.34
CA SER B 160 -0.17 16.13 58.53
C SER B 160 -0.89 17.32 57.89
N LYS B 161 -1.60 17.08 56.78
CA LYS B 161 -2.31 18.16 56.09
C LYS B 161 -3.40 18.81 56.94
N GLU B 162 -4.13 18.03 57.73
CA GLU B 162 -5.21 18.58 58.55
C GLU B 162 -4.76 19.01 59.94
N LEU B 163 -3.80 18.29 60.51
CA LEU B 163 -3.33 18.61 61.86
C LEU B 163 -2.36 19.78 61.94
N GLY B 164 -1.78 20.16 60.79
CA GLY B 164 -0.85 21.27 60.78
C GLY B 164 -1.54 22.55 61.22
N GLU B 165 -2.83 22.67 60.91
CA GLU B 165 -3.61 23.83 61.28
C GLU B 165 -3.68 23.99 62.80
N TYR B 166 -3.48 22.88 63.51
CA TYR B 166 -3.51 22.88 64.96
C TYR B 166 -2.11 22.80 65.55
N ASN B 167 -1.11 23.08 64.71
CA ASN B 167 0.30 23.06 65.12
C ASN B 167 0.75 21.68 65.58
N ILE B 168 0.26 20.64 64.92
CA ILE B 168 0.64 19.28 65.30
C ILE B 168 1.36 18.59 64.14
N PRO B 169 2.69 18.44 64.25
CA PRO B 169 3.45 17.79 63.19
C PRO B 169 3.15 16.28 63.22
N VAL B 170 3.17 15.65 62.04
CA VAL B 170 2.91 14.22 61.93
C VAL B 170 4.01 13.67 61.02
N PHE B 171 4.67 12.60 61.46
CA PHE B 171 5.75 12.00 60.70
C PHE B 171 5.65 10.49 60.66
N ALA B 172 6.31 9.89 59.67
CA ALA B 172 6.37 8.44 59.56
C ALA B 172 7.86 8.10 59.42
N ILE B 173 8.33 7.13 60.20
CA ILE B 173 9.73 6.69 60.11
C ILE B 173 9.64 5.23 59.63
N GLY B 174 10.16 4.97 58.44
CA GLY B 174 10.12 3.62 57.88
C GLY B 174 11.50 3.00 57.92
N PRO B 175 11.75 2.13 58.90
CA PRO B 175 13.07 1.52 58.97
C PRO B 175 13.19 0.20 58.22
N ASN B 176 14.42 -0.27 58.10
CA ASN B 176 14.74 -1.57 57.53
C ASN B 176 16.16 -1.85 57.98
N TYR B 177 16.43 -3.10 58.31
CA TYR B 177 17.74 -3.51 58.80
C TYR B 177 18.06 -2.80 60.11
N LEU B 178 17.02 -2.57 60.91
CA LEU B 178 17.18 -1.92 62.21
C LEU B 178 17.40 -3.00 63.27
N HIS B 179 18.61 -3.02 63.82
CA HIS B 179 18.94 -3.99 64.87
C HIS B 179 17.87 -3.94 65.95
N SER B 180 17.24 -5.07 66.24
CA SER B 180 16.20 -5.14 67.25
C SER B 180 16.62 -5.91 68.50
N GLU B 181 17.93 -6.14 68.60
CA GLU B 181 18.53 -6.82 69.74
C GLU B 181 17.93 -8.17 70.12
N ASP B 182 17.14 -8.23 71.19
CA ASP B 182 16.55 -9.51 71.60
C ASP B 182 15.20 -9.75 70.94
N SER B 183 14.61 -8.67 70.43
CA SER B 183 13.32 -8.75 69.78
C SER B 183 13.38 -9.40 68.41
N PRO B 184 12.40 -10.25 68.09
CA PRO B 184 12.39 -10.92 66.79
C PRO B 184 11.88 -9.98 65.69
N TYR B 185 11.42 -8.80 66.09
CA TYR B 185 10.89 -7.82 65.14
C TYR B 185 11.91 -6.68 64.96
N PHE B 186 12.74 -6.73 63.93
CA PHE B 186 12.74 -7.80 62.93
C PHE B 186 14.17 -8.21 62.59
N TYR B 187 15.15 -7.64 63.28
CA TYR B 187 16.55 -7.96 63.03
C TYR B 187 17.34 -8.22 64.31
N PRO B 188 17.03 -9.33 65.00
CA PRO B 188 17.71 -9.70 66.24
C PRO B 188 19.21 -9.96 66.06
N THR B 189 19.97 -9.77 67.14
CA THR B 189 21.42 -9.98 67.10
C THR B 189 21.74 -11.32 66.45
N GLU B 190 20.98 -12.33 66.83
CA GLU B 190 21.15 -13.66 66.28
C GLU B 190 19.99 -13.81 65.29
N PRO B 191 20.29 -14.07 64.00
CA PRO B 191 21.61 -14.26 63.40
C PRO B 191 22.23 -13.06 62.67
N TRP B 192 21.57 -11.91 62.72
CA TRP B 192 22.05 -10.76 61.96
C TRP B 192 23.42 -10.12 62.25
N LYS B 193 23.94 -10.33 63.46
CA LYS B 193 25.26 -9.78 63.79
C LYS B 193 26.27 -10.88 64.04
N THR B 194 25.79 -12.12 64.07
CA THR B 194 26.64 -13.27 64.34
C THR B 194 26.89 -14.22 63.18
N ASN B 195 25.86 -14.53 62.40
CA ASN B 195 26.02 -15.44 61.27
C ASN B 195 26.63 -14.76 60.04
N PRO B 196 27.74 -15.32 59.53
CA PRO B 196 28.47 -14.80 58.36
C PRO B 196 27.61 -14.45 57.14
N GLU B 197 26.69 -15.32 56.75
CA GLU B 197 25.85 -15.04 55.59
C GLU B 197 24.96 -13.83 55.79
N HIS B 198 24.39 -13.69 56.98
CA HIS B 198 23.52 -12.54 57.26
C HIS B 198 24.37 -11.28 57.33
N VAL B 199 25.53 -11.39 57.95
CA VAL B 199 26.43 -10.24 58.06
C VAL B 199 26.81 -9.80 56.65
N ALA B 200 27.07 -10.77 55.78
CA ALA B 200 27.44 -10.47 54.40
C ALA B 200 26.26 -9.87 53.65
N HIS B 201 25.05 -10.36 53.90
CA HIS B 201 23.86 -9.83 53.24
C HIS B 201 23.68 -8.35 53.56
N VAL B 202 23.75 -8.01 54.85
CA VAL B 202 23.58 -6.63 55.29
C VAL B 202 24.64 -5.73 54.67
N LYS B 203 25.86 -6.23 54.56
CA LYS B 203 26.95 -5.44 54.00
C LYS B 203 26.72 -5.20 52.51
N LYS B 204 25.91 -6.07 51.90
CA LYS B 204 25.63 -5.98 50.47
C LYS B 204 24.43 -5.09 50.11
N VAL B 205 23.37 -5.15 50.88
CA VAL B 205 22.16 -4.40 50.58
C VAL B 205 21.99 -3.00 51.18
N THR B 206 22.90 -2.59 52.05
CA THR B 206 22.81 -1.25 52.65
C THR B 206 24.05 -0.46 52.24
N ALA B 207 23.89 0.83 52.04
CA ALA B 207 25.04 1.66 51.63
C ALA B 207 26.08 1.76 52.76
N LEU B 208 25.62 1.90 54.00
CA LEU B 208 26.53 2.02 55.14
C LEU B 208 27.08 0.66 55.58
N GLN B 209 26.60 -0.38 54.91
CA GLN B 209 27.02 -1.76 55.16
C GLN B 209 26.98 -2.19 56.62
N ARG B 210 25.84 -2.00 57.27
CA ARG B 210 25.66 -2.37 58.66
C ARG B 210 24.18 -2.23 59.02
N LEU B 211 23.81 -2.80 60.16
CA LEU B 211 22.45 -2.69 60.65
C LEU B 211 22.29 -1.32 61.30
N GLY B 212 21.06 -0.84 61.36
CA GLY B 212 20.80 0.43 62.00
C GLY B 212 20.72 0.16 63.48
N THR B 213 21.04 1.15 64.31
CA THR B 213 21.00 0.97 65.75
C THR B 213 19.76 1.57 66.40
N GLN B 214 19.37 1.02 67.55
CA GLN B 214 18.23 1.53 68.28
C GLN B 214 18.49 2.98 68.68
N LYS B 215 19.77 3.29 68.93
CA LYS B 215 20.14 4.65 69.32
C LYS B 215 19.82 5.64 68.20
N GLU B 216 20.17 5.28 66.96
CA GLU B 216 19.91 6.15 65.82
C GLU B 216 18.41 6.40 65.67
N LEU B 217 17.62 5.34 65.78
CA LEU B 217 16.17 5.46 65.67
C LEU B 217 15.67 6.37 66.80
N GLY B 218 16.15 6.11 68.01
CA GLY B 218 15.75 6.91 69.16
C GLY B 218 16.12 8.36 69.04
N GLU B 219 17.29 8.64 68.47
CA GLU B 219 17.73 10.03 68.28
C GLU B 219 16.78 10.77 67.33
N LEU B 220 16.36 10.10 66.27
CA LEU B 220 15.45 10.70 65.30
C LEU B 220 14.09 10.96 65.95
N VAL B 221 13.58 9.98 66.68
CA VAL B 221 12.28 10.14 67.33
C VAL B 221 12.31 11.32 68.31
N ALA B 222 13.38 11.42 69.09
CA ALA B 222 13.51 12.52 70.04
C ALA B 222 13.62 13.85 69.32
N PHE B 223 14.40 13.88 68.25
CA PHE B 223 14.58 15.09 67.47
C PHE B 223 13.24 15.59 66.93
N LEU B 224 12.48 14.68 66.33
CA LEU B 224 11.19 15.04 65.76
C LEU B 224 10.17 15.46 66.81
N ALA B 225 10.25 14.88 68.00
CA ALA B 225 9.33 15.22 69.08
C ALA B 225 9.78 16.41 69.90
N SER B 226 11.01 16.86 69.70
CA SER B 226 11.56 17.98 70.46
C SER B 226 10.99 19.33 70.06
N GLY B 227 10.48 19.42 68.84
CA GLY B 227 9.95 20.69 68.37
C GLY B 227 11.05 21.50 67.70
N SER B 228 12.20 20.87 67.47
CA SER B 228 13.33 21.55 66.83
C SER B 228 13.09 21.73 65.33
N CYS B 229 12.31 20.84 64.73
CA CYS B 229 12.06 20.93 63.30
C CYS B 229 10.65 20.47 62.88
N ASP B 230 9.64 21.18 63.37
CA ASP B 230 8.25 20.89 63.04
C ASP B 230 7.94 21.06 61.56
N TYR B 231 8.73 21.89 60.87
CA TYR B 231 8.51 22.16 59.44
C TYR B 231 8.71 20.95 58.54
N LEU B 232 9.13 19.84 59.12
CA LEU B 232 9.33 18.60 58.36
C LEU B 232 8.03 17.79 58.36
N THR B 233 6.97 18.34 58.95
CA THR B 233 5.71 17.62 59.04
C THR B 233 5.27 16.99 57.71
N GLY B 234 4.76 15.76 57.78
CA GLY B 234 4.32 15.06 56.59
C GLY B 234 5.39 14.19 55.95
N GLN B 235 6.61 14.34 56.45
CA GLN B 235 7.75 13.60 55.93
C GLN B 235 7.75 12.12 56.28
N VAL B 236 8.15 11.28 55.33
CA VAL B 236 8.30 9.85 55.59
C VAL B 236 9.82 9.71 55.55
N PHE B 237 10.39 9.25 56.65
CA PHE B 237 11.83 9.08 56.79
C PHE B 237 12.24 7.64 56.50
N TRP B 238 13.13 7.46 55.51
CA TRP B 238 13.61 6.13 55.17
C TRP B 238 14.88 5.91 56.00
N LEU B 239 14.71 5.18 57.10
CA LEU B 239 15.79 4.89 58.04
C LEU B 239 16.29 3.50 57.68
N ALA B 240 17.00 3.39 56.56
CA ALA B 240 17.47 2.09 56.12
C ALA B 240 18.92 2.02 55.67
N GLY B 241 19.73 2.97 56.12
CA GLY B 241 21.15 2.99 55.80
C GLY B 241 21.56 2.98 54.33
N GLY B 242 20.75 3.57 53.46
CA GLY B 242 21.11 3.58 52.06
C GLY B 242 20.42 2.48 51.27
N PHE B 243 19.72 1.59 51.97
CA PHE B 243 19.00 0.52 51.30
C PHE B 243 17.97 1.22 50.41
N PRO B 244 17.68 0.65 49.24
CA PRO B 244 18.25 -0.58 48.70
C PRO B 244 19.44 -0.34 47.78
N MET B 245 20.44 -1.21 47.86
CA MET B 245 21.60 -1.10 47.00
C MET B 245 21.23 -1.93 45.78
N ILE B 246 21.37 -1.36 44.59
CA ILE B 246 20.99 -2.09 43.39
C ILE B 246 22.13 -2.80 42.67
N GLU B 247 21.85 -4.07 42.35
CA GLU B 247 22.78 -4.96 41.66
C GLU B 247 23.38 -4.29 40.42
N ARG B 248 24.70 -4.23 40.35
CA ARG B 248 25.36 -3.61 39.20
C ARG B 248 25.75 -4.63 38.13
N TRP B 249 26.14 -4.13 36.96
CA TRP B 249 26.53 -4.98 35.84
C TRP B 249 27.68 -5.94 36.16
N PRO B 250 27.85 -7.00 35.36
CA PRO B 250 28.92 -7.98 35.57
C PRO B 250 30.29 -7.33 35.46
N GLY B 251 31.25 -7.85 36.21
CA GLY B 251 32.60 -7.30 36.16
C GLY B 251 32.80 -6.10 37.06
N MET B 252 31.77 -5.69 37.79
CA MET B 252 31.89 -4.55 38.68
C MET B 252 31.99 -5.05 40.13
N PRO B 253 32.99 -4.54 40.87
CA PRO B 253 33.18 -4.96 42.26
C PRO B 253 31.98 -4.61 43.14
N SER C 2 34.03 19.62 64.94
CA SER C 2 34.81 19.37 63.70
C SER C 2 34.82 20.63 62.83
N THR C 3 35.25 20.48 61.57
CA THR C 3 35.31 21.61 60.67
C THR C 3 34.26 21.49 59.58
N ALA C 4 33.53 22.58 59.35
CA ALA C 4 32.50 22.58 58.33
C ALA C 4 32.60 23.75 57.36
N ILE C 5 31.97 23.55 56.21
CA ILE C 5 31.92 24.56 55.16
C ILE C 5 30.46 24.84 54.81
N VAL C 6 30.08 26.10 54.86
CA VAL C 6 28.75 26.52 54.49
C VAL C 6 28.90 27.58 53.41
N THR C 7 28.31 27.35 52.24
CA THR C 7 28.40 28.28 51.13
C THR C 7 27.29 29.33 51.09
N ASN C 8 27.52 30.42 50.35
CA ASN C 8 26.55 31.51 50.24
C ASN C 8 25.93 31.78 51.60
N VAL C 9 26.77 31.88 52.62
CA VAL C 9 26.32 32.07 53.99
C VAL C 9 25.30 33.18 54.25
N LYS C 10 25.35 34.24 53.47
CA LYS C 10 24.40 35.36 53.65
C LYS C 10 23.02 35.12 53.06
N HIS C 11 22.83 34.00 52.36
CA HIS C 11 21.53 33.75 51.73
C HIS C 11 20.95 32.37 51.99
N PHE C 12 19.67 32.24 51.66
CA PHE C 12 18.96 30.96 51.77
C PHE C 12 19.11 30.34 53.16
N GLY C 13 19.68 29.14 53.22
CA GLY C 13 19.84 28.48 54.50
C GLY C 13 21.23 28.66 55.09
N GLY C 14 21.94 29.67 54.62
CA GLY C 14 23.30 29.93 55.09
C GLY C 14 23.51 30.26 56.55
N MET C 15 22.89 31.33 57.04
CA MET C 15 23.07 31.74 58.44
C MET C 15 22.51 30.74 59.43
N GLY C 16 21.39 30.13 59.10
CA GLY C 16 20.80 29.15 59.99
C GLY C 16 21.75 27.99 60.20
N SER C 17 22.32 27.50 59.11
CA SER C 17 23.26 26.38 59.16
C SER C 17 24.59 26.70 59.83
N ALA C 18 25.22 27.79 59.38
CA ALA C 18 26.52 28.19 59.91
C ALA C 18 26.51 28.47 61.42
N LEU C 19 25.59 29.33 61.86
CA LEU C 19 25.50 29.68 63.27
C LEU C 19 25.14 28.51 64.19
N ARG C 20 24.21 27.65 63.78
CA ARG C 20 23.86 26.53 64.65
C ARG C 20 25.02 25.56 64.74
N LEU C 21 25.75 25.39 63.65
CA LEU C 21 26.90 24.51 63.63
C LEU C 21 27.95 25.10 64.56
N SER C 22 28.14 26.41 64.47
CA SER C 22 29.11 27.12 65.28
C SER C 22 28.77 26.92 66.76
N GLU C 23 27.48 27.02 67.08
CA GLU C 23 27.01 26.85 68.44
C GLU C 23 27.27 25.44 68.98
N ALA C 24 27.31 24.46 68.08
CA ALA C 24 27.56 23.08 68.48
C ALA C 24 29.04 22.87 68.81
N GLY C 25 29.87 23.87 68.50
CA GLY C 25 31.29 23.78 68.77
C GLY C 25 32.15 23.54 67.54
N HIS C 26 31.53 23.50 66.37
CA HIS C 26 32.29 23.27 65.13
C HIS C 26 33.00 24.52 64.63
N THR C 27 34.07 24.30 63.86
CA THR C 27 34.80 25.39 63.25
C THR C 27 34.08 25.54 61.92
N VAL C 28 33.46 26.69 61.70
CA VAL C 28 32.69 26.89 60.48
C VAL C 28 33.26 27.92 59.51
N ALA C 29 33.83 27.41 58.41
CA ALA C 29 34.39 28.26 57.39
C ALA C 29 33.23 28.63 56.48
N CYS C 30 33.09 29.91 56.17
CA CYS C 30 31.98 30.37 55.35
C CYS C 30 32.38 30.99 54.01
N HIS C 31 31.57 30.72 53.00
CA HIS C 31 31.78 31.24 51.66
C HIS C 31 30.59 32.12 51.28
N ASP C 32 30.86 33.10 50.43
CA ASP C 32 29.82 34.00 49.93
C ASP C 32 30.44 34.83 48.82
N GLU C 33 29.65 35.17 47.81
CA GLU C 33 30.15 35.96 46.70
C GLU C 33 30.67 37.31 47.17
N SER C 34 30.06 37.88 48.21
CA SER C 34 30.47 39.17 48.72
C SER C 34 31.87 39.16 49.32
N PHE C 35 32.29 37.99 49.81
CA PHE C 35 33.60 37.84 50.43
C PHE C 35 34.76 38.07 49.47
N LYS C 36 34.44 38.40 48.22
CA LYS C 36 35.46 38.66 47.22
C LYS C 36 36.06 40.04 47.51
N GLN C 37 35.27 40.89 48.17
CA GLN C 37 35.73 42.22 48.55
C GLN C 37 36.27 42.13 49.96
N LYS C 38 37.52 42.54 50.15
CA LYS C 38 38.15 42.50 51.46
C LYS C 38 37.31 43.21 52.52
N ASP C 39 36.64 44.29 52.11
CA ASP C 39 35.81 45.05 53.04
C ASP C 39 34.67 44.19 53.61
N GLU C 40 34.03 43.43 52.72
CA GLU C 40 32.92 42.56 53.09
C GLU C 40 33.36 41.46 54.05
N LEU C 41 34.41 40.74 53.66
CA LEU C 41 34.92 39.66 54.49
C LEU C 41 35.30 40.16 55.89
N GLU C 42 36.01 41.28 55.94
CA GLU C 42 36.44 41.85 57.22
C GLU C 42 35.27 42.21 58.13
N ALA C 43 34.26 42.86 57.56
CA ALA C 43 33.10 43.27 58.32
C ALA C 43 32.37 42.04 58.84
N PHE C 44 32.37 40.98 58.05
CA PHE C 44 31.70 39.74 58.43
C PHE C 44 32.49 39.07 59.54
N ALA C 45 33.81 39.07 59.39
CA ALA C 45 34.70 38.46 60.38
C ALA C 45 34.57 39.17 61.72
N GLU C 46 34.42 40.49 61.67
CA GLU C 46 34.30 41.29 62.87
C GLU C 46 32.96 41.03 63.55
N THR C 47 31.89 41.00 62.75
CA THR C 47 30.56 40.76 63.28
C THR C 47 30.38 39.34 63.81
N TYR C 48 31.05 38.39 63.18
CA TYR C 48 30.94 36.99 63.59
C TYR C 48 32.26 36.30 63.87
N PRO C 49 32.85 36.54 65.05
CA PRO C 49 34.12 35.90 65.37
C PRO C 49 34.00 34.38 65.52
N GLN C 50 32.77 33.90 65.68
CA GLN C 50 32.53 32.47 65.82
C GLN C 50 32.42 31.80 64.44
N LEU C 51 32.62 32.59 63.40
CA LEU C 51 32.56 32.11 62.02
C LEU C 51 33.87 32.46 61.33
N LYS C 52 34.22 31.70 60.30
CA LYS C 52 35.47 31.92 59.57
C LYS C 52 35.21 32.20 58.09
N PRO C 53 34.94 33.46 57.72
CA PRO C 53 34.70 33.76 56.31
C PRO C 53 35.95 33.56 55.46
N MET C 54 35.77 32.96 54.29
CA MET C 54 36.87 32.72 53.35
C MET C 54 36.67 33.61 52.14
N SER C 55 37.76 33.97 51.46
CA SER C 55 37.66 34.81 50.28
C SER C 55 37.49 33.96 49.03
N GLU C 56 37.92 32.70 49.09
CA GLU C 56 37.84 31.78 47.96
C GLU C 56 36.43 31.66 47.37
N GLN C 57 36.36 31.68 46.04
CA GLN C 57 35.09 31.62 45.33
C GLN C 57 34.89 30.29 44.59
N GLU C 58 35.96 29.73 44.04
CA GLU C 58 35.86 28.47 43.31
C GLU C 58 35.86 27.28 44.26
N PRO C 59 35.09 26.22 43.93
CA PRO C 59 34.97 24.99 44.71
C PRO C 59 36.28 24.37 45.20
N ALA C 60 37.12 23.92 44.27
CA ALA C 60 38.39 23.30 44.62
C ALA C 60 39.24 24.22 45.48
N GLU C 61 39.33 25.48 45.06
CA GLU C 61 40.08 26.51 45.75
C GLU C 61 39.57 26.68 47.19
N LEU C 62 38.26 26.66 47.37
CA LEU C 62 37.66 26.80 48.69
C LEU C 62 38.00 25.63 49.60
N ILE C 63 37.79 24.42 49.10
CA ILE C 63 38.08 23.21 49.87
C ILE C 63 39.55 23.19 50.31
N GLU C 64 40.44 23.57 49.40
CA GLU C 64 41.87 23.57 49.70
C GLU C 64 42.23 24.58 50.80
N ALA C 65 41.67 25.79 50.70
CA ALA C 65 41.95 26.84 51.68
C ALA C 65 41.50 26.43 53.08
N VAL C 66 40.26 25.94 53.20
CA VAL C 66 39.74 25.51 54.49
C VAL C 66 40.57 24.38 55.07
N THR C 67 40.91 23.39 54.25
CA THR C 67 41.71 22.26 54.71
C THR C 67 43.09 22.75 55.17
N SER C 68 43.68 23.66 54.41
CA SER C 68 45.00 24.21 54.75
C SER C 68 44.96 24.99 56.05
N ALA C 69 43.94 25.83 56.21
CA ALA C 69 43.79 26.66 57.38
C ALA C 69 43.25 25.95 58.63
N TYR C 70 42.36 24.98 58.44
CA TYR C 70 41.77 24.32 59.59
C TYR C 70 42.00 22.82 59.69
N GLY C 71 42.90 22.31 58.86
CA GLY C 71 43.23 20.89 58.92
C GLY C 71 42.47 19.99 57.97
N GLN C 72 41.16 20.14 57.92
CA GLN C 72 40.35 19.29 57.06
C GLN C 72 38.91 19.79 57.01
N VAL C 73 38.10 19.17 56.15
CA VAL C 73 36.70 19.52 56.01
C VAL C 73 35.90 18.27 56.39
N ASP C 74 35.20 18.34 57.53
CA ASP C 74 34.42 17.20 57.99
C ASP C 74 32.96 17.27 57.53
N VAL C 75 32.45 18.48 57.40
CA VAL C 75 31.06 18.66 56.96
C VAL C 75 30.95 19.67 55.83
N LEU C 76 30.29 19.27 54.76
CA LEU C 76 30.07 20.17 53.63
C LEU C 76 28.59 20.49 53.54
N VAL C 77 28.24 21.75 53.62
CA VAL C 77 26.85 22.17 53.50
C VAL C 77 26.78 23.03 52.25
N SER C 78 26.35 22.43 51.15
CA SER C 78 26.24 23.16 49.91
C SER C 78 24.92 23.91 49.88
N ASN C 79 24.98 25.19 50.24
CA ASN C 79 23.82 26.07 50.29
C ASN C 79 23.74 26.79 48.94
N ASP C 80 23.17 26.11 47.96
CA ASP C 80 23.09 26.66 46.60
C ASP C 80 21.91 27.56 46.31
N ILE C 81 22.18 28.62 45.55
CA ILE C 81 21.15 29.59 45.20
C ILE C 81 21.27 30.02 43.74
N PHE C 82 20.21 30.64 43.25
CA PHE C 82 20.15 31.14 41.88
C PHE C 82 18.94 32.05 41.81
N ALA C 83 19.00 33.06 40.97
CA ALA C 83 17.88 33.99 40.83
C ALA C 83 17.21 33.74 39.49
N PRO C 84 16.25 32.81 39.46
CA PRO C 84 15.55 32.50 38.21
C PRO C 84 14.35 33.41 38.02
N GLU C 85 13.83 33.42 36.80
CA GLU C 85 12.65 34.21 36.49
C GLU C 85 11.59 33.18 36.15
N PHE C 86 10.33 33.50 36.39
CA PHE C 86 9.25 32.62 36.01
C PHE C 86 9.10 32.98 34.53
N GLN C 87 9.05 31.99 33.65
CA GLN C 87 8.97 32.29 32.23
C GLN C 87 8.37 31.10 31.48
N PRO C 88 7.50 31.36 30.48
CA PRO C 88 6.93 30.22 29.76
C PRO C 88 8.14 29.59 29.08
N ILE C 89 8.14 28.28 28.91
CA ILE C 89 9.27 27.59 28.30
C ILE C 89 9.86 28.22 27.03
N ASP C 90 9.00 28.70 26.14
CA ASP C 90 9.49 29.30 24.89
C ASP C 90 10.07 30.71 25.03
N LYS C 91 9.84 31.35 26.17
CA LYS C 91 10.36 32.70 26.38
C LYS C 91 11.68 32.71 27.12
N TYR C 92 12.08 31.54 27.64
CA TYR C 92 13.36 31.41 28.33
C TYR C 92 14.42 31.39 27.24
N ALA C 93 15.66 31.70 27.61
CA ALA C 93 16.77 31.61 26.68
C ALA C 93 17.41 30.31 27.14
N VAL C 94 18.05 29.58 26.25
CA VAL C 94 18.68 28.33 26.66
C VAL C 94 19.71 28.65 27.74
N GLU C 95 20.29 29.85 27.66
CA GLU C 95 21.29 30.26 28.65
C GLU C 95 20.68 30.36 30.05
N ASP C 96 19.39 30.69 30.13
CA ASP C 96 18.71 30.79 31.42
C ASP C 96 18.70 29.44 32.12
N TYR C 97 18.68 28.37 31.34
CA TYR C 97 18.67 27.03 31.92
C TYR C 97 20.10 26.63 32.26
N ARG C 98 21.05 27.05 31.43
CA ARG C 98 22.45 26.73 31.71
C ARG C 98 22.83 27.38 33.03
N GLY C 99 22.45 28.64 33.19
CA GLY C 99 22.75 29.36 34.42
C GLY C 99 22.18 28.65 35.63
N ALA C 100 20.95 28.15 35.50
CA ALA C 100 20.30 27.44 36.60
C ALA C 100 21.05 26.16 36.95
N VAL C 101 21.33 25.34 35.94
CA VAL C 101 22.02 24.08 36.16
C VAL C 101 23.44 24.30 36.67
N GLU C 102 24.08 25.36 36.21
CA GLU C 102 25.44 25.67 36.66
C GLU C 102 25.44 25.97 38.16
N ALA C 103 24.51 26.81 38.58
CA ALA C 103 24.41 27.22 39.97
C ALA C 103 23.81 26.19 40.93
N LEU C 104 22.85 25.39 40.45
CA LEU C 104 22.19 24.45 41.34
C LEU C 104 22.61 22.98 41.25
N GLN C 105 23.35 22.62 40.20
CA GLN C 105 23.80 21.24 40.04
C GLN C 105 25.31 21.11 39.94
N ILE C 106 25.92 21.86 39.02
CA ILE C 106 27.36 21.78 38.86
C ILE C 106 28.15 22.23 40.09
N ARG C 107 27.69 23.29 40.76
CA ARG C 107 28.41 23.77 41.94
C ARG C 107 28.44 22.73 43.06
N PRO C 108 27.28 22.19 43.48
CA PRO C 108 27.35 21.19 44.54
C PRO C 108 28.17 19.98 44.11
N PHE C 109 28.07 19.62 42.83
CA PHE C 109 28.84 18.50 42.33
C PHE C 109 30.34 18.82 42.43
N ALA C 110 30.70 20.03 42.05
CA ALA C 110 32.10 20.47 42.09
C ALA C 110 32.65 20.44 43.51
N LEU C 111 31.85 20.92 44.47
CA LEU C 111 32.27 20.93 45.86
C LEU C 111 32.52 19.50 46.37
N VAL C 112 31.60 18.58 46.10
CA VAL C 112 31.78 17.19 46.54
C VAL C 112 32.96 16.54 45.81
N ASN C 113 33.10 16.84 44.52
CA ASN C 113 34.19 16.29 43.71
C ASN C 113 35.54 16.66 44.32
N ALA C 114 35.62 17.87 44.88
CA ALA C 114 36.86 18.38 45.46
C ALA C 114 37.17 17.93 46.89
N VAL C 115 36.13 17.59 47.66
CA VAL C 115 36.34 17.17 49.04
C VAL C 115 36.12 15.67 49.28
N ALA C 116 35.51 14.99 48.31
CA ALA C 116 35.23 13.56 48.46
C ALA C 116 36.46 12.72 48.80
N SER C 117 37.59 13.02 48.15
CA SER C 117 38.79 12.25 48.40
C SER C 117 39.22 12.21 49.87
N GLN C 118 39.39 13.38 50.49
CA GLN C 118 39.82 13.37 51.89
C GLN C 118 38.84 12.68 52.83
N MET C 119 37.54 12.85 52.60
CA MET C 119 36.55 12.19 53.44
C MET C 119 36.65 10.67 53.32
N LYS C 120 36.86 10.18 52.11
CA LYS C 120 36.96 8.74 51.90
C LYS C 120 38.21 8.12 52.52
N LYS C 121 39.33 8.82 52.42
CA LYS C 121 40.59 8.33 52.99
C LYS C 121 40.49 8.08 54.49
N ARG C 122 39.90 9.02 55.21
CA ARG C 122 39.76 8.88 56.66
C ARG C 122 38.43 8.21 57.02
N LYS C 123 37.61 7.91 56.02
CA LYS C 123 36.31 7.28 56.25
C LYS C 123 35.41 8.03 57.23
N SER C 124 35.25 9.33 57.01
CA SER C 124 34.38 10.13 57.88
C SER C 124 34.05 11.44 57.19
N GLY C 125 32.83 11.92 57.42
CA GLY C 125 32.42 13.16 56.83
C GLY C 125 30.91 13.17 56.62
N HIS C 126 30.35 14.35 56.40
CA HIS C 126 28.92 14.47 56.16
C HIS C 126 28.72 15.45 55.02
N ILE C 127 27.86 15.09 54.07
CA ILE C 127 27.57 15.96 52.94
C ILE C 127 26.10 16.33 52.97
N ILE C 128 25.81 17.62 52.97
CA ILE C 128 24.42 18.09 52.98
C ILE C 128 24.18 19.10 51.87
N PHE C 129 23.21 18.80 51.00
CA PHE C 129 22.85 19.72 49.92
C PHE C 129 21.58 20.43 50.34
N ILE C 130 21.57 21.76 50.25
CA ILE C 130 20.36 22.49 50.55
C ILE C 130 19.80 22.73 49.16
N THR C 131 18.75 22.00 48.81
CA THR C 131 18.16 22.11 47.49
C THR C 131 16.84 22.88 47.48
N SER C 132 15.75 22.19 47.17
CA SER C 132 14.44 22.83 47.11
C SER C 132 13.32 21.81 47.11
N ALA C 133 12.15 22.23 47.55
CA ALA C 133 10.98 21.35 47.57
C ALA C 133 10.15 21.54 46.32
N THR C 134 10.59 22.44 45.44
CA THR C 134 9.84 22.69 44.22
C THR C 134 9.65 21.44 43.37
N PRO C 135 10.62 20.52 43.36
CA PRO C 135 10.42 19.32 42.54
C PRO C 135 9.25 18.47 43.05
N PHE C 136 8.93 18.63 44.34
CA PHE C 136 7.85 17.86 44.94
C PHE C 136 6.49 18.40 44.50
N GLY C 137 6.42 19.70 44.26
CA GLY C 137 5.18 20.32 43.83
C GLY C 137 5.53 21.47 42.90
N PRO C 138 5.83 21.18 41.62
CA PRO C 138 6.19 22.22 40.65
C PRO C 138 5.10 23.24 40.35
N TRP C 139 5.50 24.50 40.26
CA TRP C 139 4.59 25.58 39.90
C TRP C 139 4.77 25.67 38.39
N LYS C 140 3.75 26.12 37.67
CA LYS C 140 3.90 26.26 36.23
C LYS C 140 4.84 27.46 35.98
N GLU C 141 5.59 27.38 34.89
CA GLU C 141 6.50 28.43 34.46
C GLU C 141 7.81 28.66 35.25
N LEU C 142 8.32 27.61 35.87
CA LEU C 142 9.59 27.71 36.60
C LEU C 142 10.34 26.42 36.30
N SER C 143 10.29 25.99 35.05
CA SER C 143 10.92 24.73 34.63
C SER C 143 12.43 24.64 34.81
N THR C 144 13.15 25.74 34.59
CA THR C 144 14.60 25.72 34.72
C THR C 144 15.02 25.42 36.16
N TYR C 145 14.61 26.29 37.07
CA TYR C 145 14.95 26.16 38.46
C TYR C 145 14.52 24.83 39.09
N THR C 146 13.26 24.47 38.87
CA THR C 146 12.71 23.24 39.43
C THR C 146 13.41 21.96 38.98
N SER C 147 13.65 21.83 37.68
CA SER C 147 14.31 20.62 37.17
C SER C 147 15.77 20.54 37.65
N ALA C 148 16.42 21.70 37.74
CA ALA C 148 17.81 21.75 38.20
C ALA C 148 17.88 21.29 39.65
N ARG C 149 16.95 21.76 40.48
CA ARG C 149 16.92 21.38 41.89
C ARG C 149 16.69 19.88 42.02
N ALA C 150 15.84 19.33 41.13
CA ALA C 150 15.58 17.89 41.16
C ALA C 150 16.85 17.12 40.84
N GLY C 151 17.67 17.68 39.96
CA GLY C 151 18.91 17.03 39.59
C GLY C 151 19.83 16.95 40.80
N ALA C 152 19.84 18.02 41.59
CA ALA C 152 20.68 18.08 42.78
C ALA C 152 20.16 17.10 43.85
N CYS C 153 18.84 16.97 43.96
CA CYS C 153 18.26 16.05 44.94
C CYS C 153 18.67 14.62 44.62
N THR C 154 18.59 14.26 43.34
CA THR C 154 18.96 12.91 42.95
C THR C 154 20.47 12.71 43.06
N LEU C 155 21.25 13.77 42.84
CA LEU C 155 22.70 13.69 42.94
C LEU C 155 23.04 13.25 44.36
N ALA C 156 22.44 13.92 45.35
CA ALA C 156 22.71 13.58 46.74
C ALA C 156 22.30 12.13 47.05
N ASN C 157 21.13 11.70 46.59
CA ASN C 157 20.69 10.32 46.85
C ASN C 157 21.62 9.31 46.20
N ALA C 158 22.04 9.59 44.98
CA ALA C 158 22.94 8.68 44.27
C ALA C 158 24.28 8.63 45.00
N LEU C 159 24.77 9.80 45.41
CA LEU C 159 26.05 9.88 46.11
C LEU C 159 26.03 9.09 47.40
N SER C 160 24.87 9.00 48.05
CA SER C 160 24.76 8.25 49.30
C SER C 160 25.08 6.77 49.08
N LYS C 161 24.73 6.26 47.90
CA LYS C 161 24.96 4.84 47.59
C LYS C 161 26.44 4.45 47.54
N GLU C 162 27.29 5.34 47.02
CA GLU C 162 28.72 5.04 46.91
C GLU C 162 29.55 5.49 48.12
N LEU C 163 29.15 6.57 48.76
CA LEU C 163 29.89 7.10 49.91
C LEU C 163 29.59 6.39 51.20
N GLY C 164 28.52 5.60 51.22
CA GLY C 164 28.15 4.88 52.41
C GLY C 164 29.25 3.91 52.80
N GLU C 165 29.89 3.32 51.80
CA GLU C 165 30.97 2.35 52.02
C GLU C 165 32.10 3.00 52.83
N TYR C 166 32.20 4.31 52.73
CA TYR C 166 33.23 5.04 53.45
C TYR C 166 32.69 5.75 54.68
N ASN C 167 31.53 5.30 55.15
CA ASN C 167 30.92 5.87 56.34
C ASN C 167 30.59 7.36 56.18
N ILE C 168 30.25 7.76 54.96
CA ILE C 168 29.94 9.17 54.67
C ILE C 168 28.47 9.35 54.31
N PRO C 169 27.66 9.89 55.25
CA PRO C 169 26.24 10.09 54.94
C PRO C 169 26.06 11.28 54.00
N VAL C 170 25.07 11.20 53.11
CA VAL C 170 24.80 12.29 52.20
C VAL C 170 23.30 12.58 52.25
N PHE C 171 22.95 13.84 52.42
CA PHE C 171 21.54 14.21 52.50
C PHE C 171 21.23 15.43 51.65
N ALA C 172 19.95 15.59 51.36
CA ALA C 172 19.49 16.75 50.62
C ALA C 172 18.33 17.31 51.44
N ILE C 173 18.38 18.62 51.71
CA ILE C 173 17.31 19.26 52.44
C ILE C 173 16.66 20.20 51.42
N GLY C 174 15.43 19.88 51.05
CA GLY C 174 14.71 20.66 50.07
C GLY C 174 13.68 21.55 50.72
N PRO C 175 14.02 22.82 50.93
CA PRO C 175 13.00 23.66 51.57
C PRO C 175 12.13 24.47 50.62
N ASN C 176 11.10 25.07 51.21
CA ASN C 176 10.24 25.99 50.50
C ASN C 176 9.58 26.79 51.58
N TYR C 177 9.32 28.06 51.27
CA TYR C 177 8.72 28.98 52.22
C TYR C 177 9.59 29.11 53.47
N LEU C 178 10.91 29.06 53.26
CA LEU C 178 11.87 29.20 54.34
C LEU C 178 12.15 30.70 54.54
N HIS C 179 11.76 31.25 55.68
CA HIS C 179 11.99 32.67 55.94
C HIS C 179 13.48 32.96 55.75
N SER C 180 13.82 33.87 54.84
CA SER C 180 15.23 34.21 54.57
C SER C 180 15.61 35.61 55.06
N GLU C 181 14.75 36.18 55.89
CA GLU C 181 14.97 37.49 56.50
C GLU C 181 15.38 38.64 55.57
N ASP C 182 16.64 39.06 55.63
CA ASP C 182 17.11 40.16 54.78
C ASP C 182 17.53 39.71 53.39
N SER C 183 17.75 38.40 53.22
CA SER C 183 18.16 37.87 51.93
C SER C 183 17.00 37.68 50.97
N PRO C 184 17.20 37.99 49.68
CA PRO C 184 16.16 37.83 48.67
C PRO C 184 15.97 36.38 48.22
N TYR C 185 16.80 35.48 48.77
CA TYR C 185 16.73 34.05 48.45
C TYR C 185 16.18 33.27 49.66
N PHE C 186 14.88 32.97 49.67
CA PHE C 186 13.94 33.31 48.61
C PHE C 186 12.65 33.88 49.20
N TYR C 187 12.62 34.01 50.53
CA TYR C 187 11.44 34.53 51.20
C TYR C 187 11.80 35.58 52.25
N PRO C 188 12.17 36.78 51.80
CA PRO C 188 12.55 37.86 52.72
C PRO C 188 11.37 38.39 53.55
N THR C 189 11.69 38.92 54.73
CA THR C 189 10.68 39.48 55.62
C THR C 189 9.72 40.36 54.85
N GLU C 190 10.30 41.23 54.02
CA GLU C 190 9.52 42.11 53.18
C GLU C 190 9.54 41.43 51.81
N PRO C 191 8.35 41.04 51.29
CA PRO C 191 7.01 41.19 51.85
C PRO C 191 6.35 39.95 52.44
N TRP C 192 7.08 38.85 52.57
CA TRP C 192 6.45 37.63 53.07
C TRP C 192 5.90 37.64 54.49
N LYS C 193 6.44 38.51 55.34
CA LYS C 193 5.95 38.59 56.71
C LYS C 193 5.16 39.88 56.93
N THR C 194 5.31 40.82 56.02
CA THR C 194 4.65 42.12 56.14
C THR C 194 3.46 42.42 55.24
N ASN C 195 3.42 41.83 54.04
CA ASN C 195 2.29 42.10 53.14
C ASN C 195 1.15 41.11 53.33
N PRO C 196 -0.04 41.61 53.71
CA PRO C 196 -1.24 40.81 53.93
C PRO C 196 -1.48 39.70 52.92
N GLU C 197 -1.40 40.01 51.63
CA GLU C 197 -1.61 39.01 50.59
C GLU C 197 -0.61 37.86 50.65
N HIS C 198 0.66 38.19 50.90
CA HIS C 198 1.70 37.17 50.99
C HIS C 198 1.51 36.34 52.26
N VAL C 199 1.09 37.00 53.33
CA VAL C 199 0.85 36.30 54.58
C VAL C 199 -0.29 35.30 54.38
N ALA C 200 -1.32 35.73 53.65
CA ALA C 200 -2.48 34.88 53.36
C ALA C 200 -2.08 33.68 52.48
N HIS C 201 -1.20 33.94 51.52
CA HIS C 201 -0.71 32.90 50.61
C HIS C 201 -0.06 31.77 51.42
N VAL C 202 0.90 32.14 52.25
CA VAL C 202 1.60 31.15 53.06
C VAL C 202 0.65 30.37 53.95
N LYS C 203 -0.37 31.04 54.48
CA LYS C 203 -1.35 30.38 55.35
C LYS C 203 -2.15 29.33 54.58
N LYS C 204 -2.37 29.59 53.30
CA LYS C 204 -3.14 28.67 52.46
C LYS C 204 -2.33 27.50 51.92
N VAL C 205 -1.10 27.77 51.49
CA VAL C 205 -0.25 26.77 50.86
C VAL C 205 0.57 25.83 51.74
N THR C 206 0.67 26.12 53.03
CA THR C 206 1.42 25.25 53.93
C THR C 206 0.47 24.67 54.96
N ALA C 207 0.74 23.45 55.44
CA ALA C 207 -0.12 22.84 56.43
C ALA C 207 0.03 23.54 57.77
N LEU C 208 1.24 24.00 58.09
CA LEU C 208 1.50 24.68 59.35
C LEU C 208 1.10 26.16 59.28
N GLN C 209 0.75 26.62 58.09
CA GLN C 209 0.29 28.00 57.87
C GLN C 209 1.26 29.09 58.32
N ARG C 210 2.53 28.95 57.96
CA ARG C 210 3.56 29.91 58.32
C ARG C 210 4.80 29.58 57.52
N LEU C 211 5.77 30.49 57.56
CA LEU C 211 7.05 30.30 56.89
C LEU C 211 7.90 29.45 57.82
N GLY C 212 8.88 28.75 57.26
CA GLY C 212 9.78 27.95 58.08
C GLY C 212 10.85 28.89 58.62
N THR C 213 11.55 28.50 59.67
CA THR C 213 12.58 29.37 60.25
C THR C 213 14.00 28.88 60.02
N GLN C 214 14.96 29.81 60.10
CA GLN C 214 16.37 29.45 59.93
C GLN C 214 16.77 28.52 61.07
N LYS C 215 16.13 28.70 62.22
CA LYS C 215 16.40 27.86 63.39
C LYS C 215 16.08 26.41 63.04
N GLU C 216 14.90 26.19 62.47
CA GLU C 216 14.47 24.82 62.10
C GLU C 216 15.47 24.18 61.13
N LEU C 217 15.88 24.94 60.12
CA LEU C 217 16.83 24.42 59.14
C LEU C 217 18.16 24.15 59.84
N GLY C 218 18.60 25.10 60.66
CA GLY C 218 19.85 24.92 61.38
C GLY C 218 19.83 23.70 62.27
N GLU C 219 18.72 23.47 62.96
CA GLU C 219 18.58 22.31 63.84
C GLU C 219 18.72 21.02 63.05
N LEU C 220 18.11 20.97 61.87
CA LEU C 220 18.18 19.77 61.05
C LEU C 220 19.61 19.54 60.57
N VAL C 221 20.24 20.59 60.07
CA VAL C 221 21.62 20.52 59.60
C VAL C 221 22.57 20.02 60.68
N ALA C 222 22.47 20.62 61.87
CA ALA C 222 23.34 20.23 62.98
C ALA C 222 23.07 18.79 63.41
N PHE C 223 21.79 18.40 63.41
CA PHE C 223 21.40 17.04 63.79
C PHE C 223 22.03 16.04 62.83
N LEU C 224 21.92 16.30 61.53
CA LEU C 224 22.48 15.39 60.53
C LEU C 224 24.02 15.35 60.60
N ALA C 225 24.63 16.52 60.75
CA ALA C 225 26.09 16.62 60.81
C ALA C 225 26.71 16.10 62.11
N SER C 226 25.88 15.92 63.12
CA SER C 226 26.34 15.45 64.43
C SER C 226 26.74 13.98 64.45
N GLY C 227 26.22 13.21 63.51
CA GLY C 227 26.52 11.79 63.49
C GLY C 227 25.56 11.02 64.38
N SER C 228 24.44 11.65 64.73
CA SER C 228 23.43 11.02 65.58
C SER C 228 22.50 10.09 64.81
N CYS C 229 22.38 10.30 63.52
CA CYS C 229 21.49 9.45 62.74
C CYS C 229 21.99 9.27 61.31
N ASP C 230 23.18 8.71 61.17
CA ASP C 230 23.77 8.51 59.86
C ASP C 230 22.93 7.55 59.03
N TYR C 231 22.15 6.70 59.68
CA TYR C 231 21.34 5.72 58.98
C TYR C 231 20.26 6.31 58.06
N LEU C 232 20.08 7.62 58.09
CA LEU C 232 19.11 8.28 57.22
C LEU C 232 19.76 8.62 55.89
N THR C 233 21.03 8.26 55.71
CA THR C 233 21.72 8.60 54.47
C THR C 233 20.90 8.35 53.20
N GLY C 234 20.99 9.29 52.28
CA GLY C 234 20.28 9.22 51.02
C GLY C 234 18.95 9.94 51.06
N GLN C 235 18.55 10.32 52.26
CA GLN C 235 17.28 11.02 52.47
C GLN C 235 17.16 12.39 51.85
N VAL C 236 15.99 12.67 51.28
CA VAL C 236 15.71 14.00 50.75
C VAL C 236 14.64 14.49 51.73
N PHE C 237 14.96 15.53 52.49
CA PHE C 237 14.05 16.07 53.48
C PHE C 237 13.25 17.21 52.86
N TRP C 238 11.92 17.12 52.92
CA TRP C 238 11.10 18.19 52.37
C TRP C 238 10.79 19.13 53.53
N LEU C 239 11.57 20.19 53.65
CA LEU C 239 11.41 21.18 54.71
C LEU C 239 10.45 22.24 54.20
N ALA C 240 9.18 21.90 54.06
CA ALA C 240 8.22 22.85 53.52
C ALA C 240 6.92 23.02 54.28
N GLY C 241 6.92 22.64 55.55
CA GLY C 241 5.75 22.82 56.39
C GLY C 241 4.44 22.21 55.96
N GLY C 242 4.50 21.11 55.21
CA GLY C 242 3.27 20.48 54.78
C GLY C 242 2.90 20.86 53.37
N PHE C 243 3.65 21.81 52.80
CA PHE C 243 3.38 22.22 51.41
C PHE C 243 3.68 20.98 50.58
N PRO C 244 2.92 20.76 49.49
CA PRO C 244 1.82 21.60 49.01
C PRO C 244 0.45 21.21 49.57
N MET C 245 -0.35 22.21 49.89
CA MET C 245 -1.70 21.98 50.38
C MET C 245 -2.50 21.98 49.08
N ILE C 246 -3.30 20.95 48.88
CA ILE C 246 -4.06 20.82 47.64
C ILE C 246 -5.48 21.38 47.73
N GLU C 247 -5.81 22.24 46.77
CA GLU C 247 -7.13 22.87 46.69
C GLU C 247 -8.26 21.86 46.76
N ARG C 248 -9.14 22.02 47.74
CA ARG C 248 -10.27 21.10 47.88
C ARG C 248 -11.52 21.49 47.08
N TRP C 249 -12.45 20.55 47.00
CA TRP C 249 -13.70 20.75 46.28
C TRP C 249 -14.49 21.97 46.76
N PRO C 250 -15.35 22.51 45.88
CA PRO C 250 -16.17 23.67 46.22
C PRO C 250 -17.03 23.35 47.43
N GLY C 251 -17.27 24.35 48.26
CA GLY C 251 -18.10 24.13 49.44
C GLY C 251 -17.30 23.71 50.67
N MET C 252 -16.01 23.45 50.50
CA MET C 252 -15.17 23.06 51.63
C MET C 252 -14.33 24.23 52.11
N PRO C 253 -14.34 24.49 53.42
CA PRO C 253 -13.59 25.59 54.03
C PRO C 253 -12.08 25.49 53.85
N SER D 2 0.29 12.58 11.74
CA SER D 2 0.92 13.92 11.87
C SER D 2 2.43 13.83 11.73
N THR D 3 3.12 14.93 11.98
CA THR D 3 4.57 14.97 11.84
C THR D 3 5.28 14.84 13.19
N ALA D 4 6.19 13.90 13.25
CA ALA D 4 6.94 13.67 14.47
C ALA D 4 8.43 13.76 14.22
N ILE D 5 9.16 14.17 15.25
CA ILE D 5 10.60 14.27 15.19
C ILE D 5 11.13 13.29 16.24
N VAL D 6 12.12 12.48 15.84
CA VAL D 6 12.74 11.53 16.75
C VAL D 6 14.24 11.81 16.63
N THR D 7 14.86 12.22 17.74
CA THR D 7 16.29 12.53 17.72
C THR D 7 17.17 11.31 17.97
N ASN D 8 18.44 11.42 17.59
CA ASN D 8 19.40 10.33 17.76
C ASN D 8 18.75 9.01 17.42
N VAL D 9 18.06 8.98 16.27
CA VAL D 9 17.32 7.80 15.84
C VAL D 9 18.03 6.45 15.82
N LYS D 10 19.34 6.45 15.61
CA LYS D 10 20.09 5.19 15.56
C LYS D 10 20.39 4.59 16.93
N HIS D 11 20.12 5.34 17.99
CA HIS D 11 20.45 4.87 19.32
C HIS D 11 19.32 4.89 20.35
N PHE D 12 19.55 4.18 21.45
CA PHE D 12 18.63 4.12 22.58
C PHE D 12 17.19 3.77 22.17
N GLY D 13 16.24 4.67 22.38
CA GLY D 13 14.86 4.38 22.02
C GLY D 13 14.50 4.94 20.65
N GLY D 14 15.52 5.36 19.91
CA GLY D 14 15.31 5.96 18.60
C GLY D 14 14.61 5.12 17.54
N MET D 15 15.13 3.93 17.27
CA MET D 15 14.53 3.07 16.24
C MET D 15 13.13 2.59 16.61
N GLY D 16 12.95 2.19 17.87
CA GLY D 16 11.65 1.73 18.30
C GLY D 16 10.61 2.83 18.13
N SER D 17 10.97 4.04 18.53
CA SER D 17 10.08 5.20 18.42
C SER D 17 9.73 5.53 16.97
N ALA D 18 10.75 5.69 16.15
CA ALA D 18 10.57 6.05 14.75
C ALA D 18 9.78 5.02 13.95
N LEU D 19 10.16 3.75 14.07
CA LEU D 19 9.48 2.69 13.32
C LEU D 19 8.02 2.51 13.69
N ARG D 20 7.72 2.53 14.99
CA ARG D 20 6.35 2.37 15.43
C ARG D 20 5.50 3.61 15.14
N LEU D 21 6.10 4.80 15.21
CA LEU D 21 5.36 6.03 14.92
C LEU D 21 4.99 5.97 13.43
N SER D 22 5.95 5.54 12.62
CA SER D 22 5.75 5.42 11.19
C SER D 22 4.70 4.38 10.85
N GLU D 23 4.75 3.24 11.54
CA GLU D 23 3.78 2.17 11.33
C GLU D 23 2.38 2.66 11.65
N ALA D 24 2.28 3.59 12.60
CA ALA D 24 1.00 4.14 13.01
C ALA D 24 0.45 5.14 11.98
N GLY D 25 1.30 5.51 11.01
CA GLY D 25 0.86 6.44 9.98
C GLY D 25 1.54 7.80 9.93
N HIS D 26 2.23 8.17 11.00
CA HIS D 26 2.90 9.47 11.07
C HIS D 26 4.06 9.62 10.10
N THR D 27 4.39 10.87 9.78
CA THR D 27 5.52 11.18 8.95
C THR D 27 6.60 11.41 10.02
N VAL D 28 7.67 10.63 9.98
CA VAL D 28 8.70 10.75 10.99
C VAL D 28 10.03 11.31 10.51
N ALA D 29 10.31 12.54 10.92
CA ALA D 29 11.56 13.20 10.57
C ALA D 29 12.57 12.73 11.62
N CYS D 30 13.69 12.20 11.18
CA CYS D 30 14.69 11.68 12.10
C CYS D 30 16.00 12.48 12.14
N HIS D 31 16.54 12.64 13.35
CA HIS D 31 17.79 13.36 13.56
C HIS D 31 18.83 12.36 14.04
N ASP D 32 20.09 12.68 13.80
CA ASP D 32 21.19 11.84 14.23
C ASP D 32 22.51 12.52 13.88
N GLU D 33 23.49 12.42 14.78
CA GLU D 33 24.79 13.04 14.54
C GLU D 33 25.42 12.60 13.22
N SER D 34 25.29 11.30 12.91
CA SER D 34 25.86 10.75 11.68
C SER D 34 25.27 11.37 10.42
N PHE D 35 24.05 11.91 10.51
CA PHE D 35 23.41 12.52 9.37
C PHE D 35 24.09 13.81 8.92
N LYS D 36 25.19 14.16 9.60
CA LYS D 36 25.96 15.35 9.23
C LYS D 36 26.61 15.04 7.89
N GLN D 37 26.86 13.75 7.67
CA GLN D 37 27.48 13.30 6.42
C GLN D 37 26.41 12.77 5.48
N LYS D 38 26.34 13.36 4.29
CA LYS D 38 25.36 12.96 3.30
C LYS D 38 25.34 11.45 3.08
N ASP D 39 26.52 10.83 3.09
CA ASP D 39 26.62 9.39 2.89
C ASP D 39 25.84 8.58 3.92
N GLU D 40 25.91 9.00 5.19
CA GLU D 40 25.20 8.31 6.25
C GLU D 40 23.69 8.54 6.12
N LEU D 41 23.31 9.74 5.73
CA LEU D 41 21.90 10.07 5.58
C LEU D 41 21.25 9.34 4.40
N GLU D 42 21.96 9.22 3.28
CA GLU D 42 21.44 8.54 2.09
C GLU D 42 21.23 7.07 2.39
N ALA D 43 22.20 6.47 3.08
CA ALA D 43 22.16 5.06 3.43
C ALA D 43 20.96 4.77 4.34
N PHE D 44 20.74 5.64 5.31
CA PHE D 44 19.63 5.47 6.24
C PHE D 44 18.33 5.59 5.47
N ALA D 45 18.23 6.67 4.69
CA ALA D 45 17.05 6.92 3.88
C ALA D 45 16.70 5.78 2.94
N GLU D 46 17.71 5.08 2.44
CA GLU D 46 17.49 3.97 1.52
C GLU D 46 17.01 2.73 2.24
N THR D 47 17.55 2.49 3.42
CA THR D 47 17.17 1.33 4.23
C THR D 47 15.80 1.52 4.85
N TYR D 48 15.48 2.76 5.20
CA TYR D 48 14.20 3.06 5.82
C TYR D 48 13.41 4.08 5.01
N PRO D 49 12.77 3.63 3.92
CA PRO D 49 11.98 4.50 3.06
C PRO D 49 10.79 5.14 3.79
N GLN D 50 10.33 4.51 4.86
CA GLN D 50 9.20 5.04 5.61
C GLN D 50 9.62 6.16 6.55
N LEU D 51 10.93 6.35 6.70
CA LEU D 51 11.47 7.39 7.58
C LEU D 51 12.04 8.57 6.78
N LYS D 52 12.11 9.74 7.41
CA LYS D 52 12.62 10.93 6.75
C LYS D 52 13.80 11.52 7.51
N PRO D 53 15.03 11.05 7.23
CA PRO D 53 16.21 11.57 7.92
C PRO D 53 16.55 13.01 7.55
N MET D 54 16.92 13.80 8.55
CA MET D 54 17.27 15.20 8.36
C MET D 54 18.77 15.37 8.62
N SER D 55 19.36 16.41 8.07
CA SER D 55 20.79 16.65 8.27
C SER D 55 21.01 17.66 9.40
N GLU D 56 19.98 18.45 9.69
CA GLU D 56 20.07 19.47 10.74
C GLU D 56 20.50 18.89 12.08
N GLN D 57 21.34 19.63 12.80
CA GLN D 57 21.85 19.18 14.09
C GLN D 57 21.39 20.01 15.29
N GLU D 58 21.33 21.32 15.13
CA GLU D 58 20.92 22.21 16.21
C GLU D 58 19.40 22.33 16.33
N PRO D 59 18.88 22.43 17.56
CA PRO D 59 17.45 22.54 17.87
C PRO D 59 16.64 23.50 17.00
N ALA D 60 16.96 24.79 17.07
CA ALA D 60 16.24 25.79 16.27
C ALA D 60 16.25 25.42 14.79
N GLU D 61 17.42 25.05 14.30
CA GLU D 61 17.61 24.67 12.90
C GLU D 61 16.77 23.44 12.53
N LEU D 62 16.81 22.42 13.37
CA LEU D 62 16.09 21.17 13.13
C LEU D 62 14.57 21.37 13.10
N ILE D 63 14.04 22.06 14.10
CA ILE D 63 12.61 22.30 14.17
C ILE D 63 12.14 23.19 13.00
N GLU D 64 12.98 24.13 12.59
CA GLU D 64 12.63 25.00 11.48
C GLU D 64 12.60 24.17 10.19
N ALA D 65 13.56 23.27 10.04
CA ALA D 65 13.66 22.43 8.84
C ALA D 65 12.48 21.48 8.68
N VAL D 66 12.07 20.83 9.78
CA VAL D 66 10.96 19.90 9.72
C VAL D 66 9.66 20.66 9.46
N THR D 67 9.54 21.84 10.05
CA THR D 67 8.33 22.64 9.86
C THR D 67 8.23 23.08 8.40
N SER D 68 9.37 23.40 7.79
CA SER D 68 9.39 23.83 6.39
C SER D 68 9.06 22.67 5.45
N ALA D 69 9.70 21.53 5.68
CA ALA D 69 9.50 20.35 4.86
C ALA D 69 8.17 19.65 5.09
N TYR D 70 7.69 19.62 6.34
CA TYR D 70 6.45 18.92 6.62
C TYR D 70 5.36 19.73 7.30
N GLY D 71 5.34 21.03 7.03
CA GLY D 71 4.32 21.90 7.58
C GLY D 71 4.40 22.27 9.05
N GLN D 72 4.65 21.29 9.91
CA GLN D 72 4.71 21.56 11.34
C GLN D 72 5.25 20.37 12.11
N VAL D 73 5.43 20.57 13.41
CA VAL D 73 5.91 19.50 14.29
C VAL D 73 4.81 19.24 15.31
N ASP D 74 4.18 18.08 15.22
CA ASP D 74 3.09 17.70 16.12
C ASP D 74 3.59 16.87 17.29
N VAL D 75 4.63 16.07 17.07
CA VAL D 75 5.15 15.21 18.11
C VAL D 75 6.66 15.31 18.20
N LEU D 76 7.16 15.59 19.40
CA LEU D 76 8.60 15.68 19.62
C LEU D 76 9.00 14.53 20.54
N VAL D 77 9.91 13.69 20.06
CA VAL D 77 10.42 12.60 20.88
C VAL D 77 11.90 12.92 21.07
N SER D 78 12.21 13.46 22.24
CA SER D 78 13.59 13.79 22.56
C SER D 78 14.25 12.55 23.12
N ASN D 79 14.88 11.81 22.21
CA ASN D 79 15.58 10.58 22.56
C ASN D 79 17.04 10.99 22.83
N ASP D 80 17.29 11.42 24.06
CA ASP D 80 18.61 11.89 24.43
C ASP D 80 19.57 10.81 24.89
N ILE D 81 20.83 10.95 24.50
CA ILE D 81 21.86 9.98 24.88
C ILE D 81 23.15 10.68 25.28
N PHE D 82 24.00 9.93 25.98
CA PHE D 82 25.29 10.42 26.44
C PHE D 82 26.10 9.18 26.77
N ALA D 83 27.41 9.25 26.59
CA ALA D 83 28.27 8.11 26.88
C ALA D 83 28.99 8.35 28.21
N PRO D 84 28.37 7.92 29.32
CA PRO D 84 29.01 8.11 30.62
C PRO D 84 29.90 6.96 31.05
N GLU D 85 30.76 7.25 32.01
CA GLU D 85 31.68 6.28 32.58
C GLU D 85 31.22 6.09 34.02
N PHE D 86 31.35 4.89 34.57
CA PHE D 86 31.02 4.67 35.96
C PHE D 86 32.29 5.17 36.66
N GLN D 87 32.14 6.01 37.68
CA GLN D 87 33.31 6.53 38.38
C GLN D 87 32.96 6.98 39.79
N PRO D 88 33.90 6.81 40.73
CA PRO D 88 33.65 7.23 42.11
C PRO D 88 33.56 8.75 41.90
N ILE D 89 32.74 9.44 42.69
CA ILE D 89 32.61 10.88 42.48
C ILE D 89 33.93 11.66 42.35
N ASP D 90 34.93 11.31 43.15
CA ASP D 90 36.20 12.03 43.10
C ASP D 90 37.04 11.70 41.87
N LYS D 91 36.65 10.68 41.11
CA LYS D 91 37.39 10.29 39.91
C LYS D 91 36.79 10.90 38.64
N TYR D 92 35.64 11.55 38.78
CA TYR D 92 35.00 12.21 37.65
C TYR D 92 35.63 13.58 37.58
N ALA D 93 35.57 14.19 36.41
CA ALA D 93 36.06 15.56 36.24
C ALA D 93 34.77 16.37 36.28
N VAL D 94 34.82 17.61 36.75
CA VAL D 94 33.61 18.41 36.80
C VAL D 94 33.05 18.54 35.36
N GLU D 95 33.94 18.50 34.38
CA GLU D 95 33.55 18.59 32.97
C GLU D 95 32.68 17.39 32.54
N ASP D 96 32.87 16.25 33.20
CA ASP D 96 32.10 15.06 32.89
C ASP D 96 30.62 15.27 33.27
N TYR D 97 30.39 16.10 34.27
CA TYR D 97 29.02 16.38 34.70
C TYR D 97 28.44 17.44 33.78
N ARG D 98 29.26 18.43 33.43
CA ARG D 98 28.78 19.48 32.53
C ARG D 98 28.37 18.83 31.22
N GLY D 99 29.14 17.83 30.81
CA GLY D 99 28.83 17.12 29.57
C GLY D 99 27.52 16.36 29.64
N ALA D 100 27.32 15.65 30.76
CA ALA D 100 26.11 14.85 30.95
C ALA D 100 24.85 15.73 30.99
N VAL D 101 24.93 16.85 31.72
CA VAL D 101 23.79 17.75 31.82
C VAL D 101 23.50 18.47 30.50
N GLU D 102 24.56 18.85 29.78
CA GLU D 102 24.38 19.54 28.51
C GLU D 102 23.67 18.60 27.52
N ALA D 103 24.00 17.32 27.58
CA ALA D 103 23.42 16.34 26.68
C ALA D 103 22.08 15.75 27.10
N LEU D 104 21.86 15.61 28.40
CA LEU D 104 20.63 15.00 28.87
C LEU D 104 19.58 15.97 29.43
N GLN D 105 19.98 17.21 29.68
CA GLN D 105 19.03 18.20 30.18
C GLN D 105 18.91 19.41 29.27
N ILE D 106 20.04 20.04 28.98
CA ILE D 106 20.02 21.22 28.13
C ILE D 106 19.45 20.96 26.75
N ARG D 107 19.81 19.82 26.15
CA ARG D 107 19.33 19.52 24.81
C ARG D 107 17.80 19.37 24.73
N PRO D 108 17.20 18.48 25.55
CA PRO D 108 15.74 18.40 25.44
C PRO D 108 15.05 19.75 25.76
N PHE D 109 15.64 20.52 26.67
CA PHE D 109 15.08 21.82 27.03
C PHE D 109 15.11 22.72 25.79
N ALA D 110 16.25 22.71 25.09
CA ALA D 110 16.43 23.52 23.89
C ALA D 110 15.43 23.15 22.80
N LEU D 111 15.20 21.86 22.63
CA LEU D 111 14.24 21.40 21.62
C LEU D 111 12.83 21.90 21.94
N VAL D 112 12.40 21.74 23.18
CA VAL D 112 11.07 22.20 23.57
C VAL D 112 11.03 23.73 23.48
N ASN D 113 12.11 24.38 23.89
CA ASN D 113 12.18 25.83 23.83
C ASN D 113 11.98 26.30 22.38
N ALA D 114 12.43 25.50 21.44
CA ALA D 114 12.32 25.84 20.02
C ALA D 114 11.00 25.46 19.35
N VAL D 115 10.29 24.48 19.88
CA VAL D 115 9.04 24.05 19.25
C VAL D 115 7.75 24.45 19.98
N ALA D 116 7.88 24.83 21.24
CA ALA D 116 6.72 25.19 22.06
C ALA D 116 5.79 26.28 21.51
N SER D 117 6.35 27.37 21.00
CA SER D 117 5.49 28.43 20.49
C SER D 117 4.56 27.96 19.37
N GLN D 118 5.06 27.17 18.43
CA GLN D 118 4.16 26.73 17.37
C GLN D 118 3.07 25.81 17.89
N MET D 119 3.40 24.95 18.85
CA MET D 119 2.41 24.05 19.43
C MET D 119 1.36 24.83 20.22
N LYS D 120 1.83 25.81 20.98
CA LYS D 120 0.96 26.64 21.79
C LYS D 120 -0.01 27.49 20.97
N LYS D 121 0.45 28.02 19.84
CA LYS D 121 -0.40 28.84 18.97
C LYS D 121 -1.61 28.06 18.47
N ARG D 122 -1.39 26.82 18.04
CA ARG D 122 -2.49 26.01 17.54
C ARG D 122 -3.16 25.16 18.61
N LYS D 123 -2.61 25.20 19.83
CA LYS D 123 -3.15 24.43 20.95
C LYS D 123 -3.22 22.93 20.70
N SER D 124 -2.12 22.36 20.20
CA SER D 124 -2.05 20.93 19.95
C SER D 124 -0.61 20.49 19.81
N GLY D 125 -0.32 19.28 20.27
CA GLY D 125 1.03 18.75 20.20
C GLY D 125 1.31 17.77 21.32
N HIS D 126 2.42 17.04 21.21
CA HIS D 126 2.81 16.08 22.24
C HIS D 126 4.31 16.13 22.40
N ILE D 127 4.76 16.12 23.65
CA ILE D 127 6.19 16.16 23.94
C ILE D 127 6.53 14.91 24.74
N ILE D 128 7.50 14.15 24.26
CA ILE D 128 7.92 12.94 24.93
C ILE D 128 9.44 12.93 25.10
N PHE D 129 9.90 12.77 26.33
CA PHE D 129 11.33 12.71 26.62
C PHE D 129 11.66 11.25 26.92
N ILE D 130 12.71 10.73 26.32
CA ILE D 130 13.13 9.38 26.64
C ILE D 130 14.29 9.67 27.59
N THR D 131 14.11 9.36 28.87
CA THR D 131 15.12 9.62 29.88
C THR D 131 15.78 8.34 30.37
N SER D 132 15.53 8.00 31.63
CA SER D 132 16.14 6.80 32.19
C SER D 132 15.46 6.42 33.49
N ALA D 133 15.51 5.13 33.82
CA ALA D 133 14.93 4.65 35.06
C ALA D 133 16.00 4.61 36.15
N THR D 134 17.22 5.03 35.82
CA THR D 134 18.29 5.02 36.82
C THR D 134 17.93 5.85 38.08
N PRO D 135 17.22 6.98 37.91
CA PRO D 135 16.87 7.76 39.10
C PRO D 135 15.99 6.98 40.07
N PHE D 136 15.24 6.02 39.55
CA PHE D 136 14.35 5.22 40.40
C PHE D 136 15.13 4.23 41.24
N GLY D 137 16.24 3.74 40.69
CA GLY D 137 17.08 2.80 41.41
C GLY D 137 18.53 3.04 41.06
N PRO D 138 19.16 4.05 41.67
CA PRO D 138 20.56 4.41 41.41
C PRO D 138 21.59 3.35 41.76
N TRP D 139 22.54 3.14 40.85
CA TRP D 139 23.63 2.20 41.10
C TRP D 139 24.70 3.07 41.71
N LYS D 140 25.63 2.48 42.45
CA LYS D 140 26.71 3.27 43.01
C LYS D 140 27.65 3.67 41.86
N GLU D 141 28.22 4.86 41.95
CA GLU D 141 29.18 5.37 40.98
C GLU D 141 28.72 5.75 39.57
N LEU D 142 27.53 6.33 39.47
CA LEU D 142 27.01 6.80 38.18
C LEU D 142 26.23 8.07 38.47
N SER D 143 26.73 8.84 39.42
CA SER D 143 26.08 10.07 39.87
C SER D 143 25.81 11.13 38.80
N THR D 144 26.72 11.25 37.84
CA THR D 144 26.57 12.24 36.78
C THR D 144 25.35 11.94 35.91
N TYR D 145 25.35 10.77 35.29
CA TYR D 145 24.27 10.34 34.41
C TYR D 145 22.92 10.24 35.10
N THR D 146 22.91 9.63 36.28
CA THR D 146 21.67 9.44 37.04
C THR D 146 20.98 10.75 37.45
N SER D 147 21.75 11.70 37.98
CA SER D 147 21.16 12.97 38.40
C SER D 147 20.72 13.82 37.20
N ALA D 148 21.46 13.72 36.10
CA ALA D 148 21.09 14.49 34.92
C ALA D 148 19.77 13.97 34.37
N ARG D 149 19.60 12.65 34.36
CA ARG D 149 18.36 12.05 33.86
C ARG D 149 17.19 12.45 34.75
N ALA D 150 17.47 12.62 36.04
CA ALA D 150 16.44 13.02 36.99
C ALA D 150 16.00 14.44 36.67
N GLY D 151 16.97 15.28 36.32
CA GLY D 151 16.67 16.65 35.98
C GLY D 151 15.73 16.66 34.78
N ALA D 152 15.98 15.77 33.82
CA ALA D 152 15.14 15.66 32.62
C ALA D 152 13.73 15.15 32.96
N CYS D 153 13.64 14.18 33.85
CA CYS D 153 12.33 13.64 34.25
C CYS D 153 11.45 14.73 34.87
N THR D 154 12.04 15.52 35.75
CA THR D 154 11.33 16.61 36.40
C THR D 154 11.04 17.75 35.43
N LEU D 155 11.93 17.94 34.45
CA LEU D 155 11.72 18.98 33.46
C LEU D 155 10.42 18.65 32.73
N ALA D 156 10.24 17.37 32.41
CA ALA D 156 9.04 16.91 31.72
C ALA D 156 7.81 17.13 32.60
N ASN D 157 7.88 16.72 33.85
CA ASN D 157 6.73 16.92 34.74
C ASN D 157 6.38 18.40 34.91
N ALA D 158 7.40 19.23 35.08
CA ALA D 158 7.21 20.66 35.25
C ALA D 158 6.58 21.28 34.00
N LEU D 159 7.09 20.86 32.84
CA LEU D 159 6.55 21.39 31.59
C LEU D 159 5.08 21.04 31.41
N SER D 160 4.68 19.86 31.87
CA SER D 160 3.28 19.46 31.73
C SER D 160 2.34 20.44 32.42
N LYS D 161 2.79 21.03 33.53
CA LYS D 161 1.97 21.97 34.30
C LYS D 161 1.64 23.24 33.52
N GLU D 162 2.59 23.74 32.71
CA GLU D 162 2.32 24.96 31.96
C GLU D 162 1.76 24.70 30.58
N LEU D 163 2.16 23.60 29.96
CA LEU D 163 1.67 23.31 28.62
C LEU D 163 0.26 22.72 28.55
N GLY D 164 -0.23 22.23 29.68
CA GLY D 164 -1.57 21.66 29.70
C GLY D 164 -2.63 22.69 29.33
N GLU D 165 -2.39 23.96 29.66
CA GLU D 165 -3.35 25.03 29.35
C GLU D 165 -3.53 25.15 27.84
N TYR D 166 -2.52 24.68 27.10
CA TYR D 166 -2.54 24.73 25.65
C TYR D 166 -2.85 23.37 25.02
N ASN D 167 -3.32 22.44 25.86
CA ASN D 167 -3.67 21.11 25.42
C ASN D 167 -2.48 20.34 24.85
N ILE D 168 -1.32 20.51 25.48
CA ILE D 168 -0.09 19.83 25.03
C ILE D 168 0.38 18.89 26.14
N PRO D 169 0.18 17.57 25.99
CA PRO D 169 0.62 16.63 27.02
C PRO D 169 2.15 16.49 26.96
N VAL D 170 2.78 16.28 28.11
CA VAL D 170 4.23 16.12 28.17
C VAL D 170 4.50 14.89 29.01
N PHE D 171 5.33 13.98 28.49
CA PHE D 171 5.66 12.76 29.20
C PHE D 171 7.14 12.48 29.17
N ALA D 172 7.57 11.60 30.07
CA ALA D 172 8.95 11.16 30.15
C ALA D 172 8.89 9.64 30.29
N ILE D 173 9.66 8.94 29.46
CA ILE D 173 9.71 7.48 29.53
C ILE D 173 11.12 7.15 30.00
N GLY D 174 11.22 6.51 31.16
CA GLY D 174 12.53 6.18 31.70
C GLY D 174 12.81 4.70 31.56
N PRO D 175 13.59 4.29 30.54
CA PRO D 175 13.85 2.87 30.42
C PRO D 175 15.12 2.44 31.15
N ASN D 176 15.32 1.14 31.12
CA ASN D 176 16.52 0.52 31.64
C ASN D 176 16.44 -0.91 31.18
N TYR D 177 17.57 -1.45 30.77
CA TYR D 177 17.63 -2.81 30.26
C TYR D 177 16.80 -2.88 28.99
N LEU D 178 16.83 -1.79 28.24
CA LEU D 178 16.11 -1.74 26.97
C LEU D 178 17.10 -2.19 25.90
N HIS D 179 16.80 -3.31 25.27
CA HIS D 179 17.65 -3.84 24.20
C HIS D 179 17.84 -2.76 23.13
N SER D 180 19.09 -2.45 22.81
CA SER D 180 19.37 -1.42 21.81
C SER D 180 19.94 -1.96 20.49
N GLU D 181 19.89 -3.27 20.32
CA GLU D 181 20.36 -3.92 19.11
C GLU D 181 21.82 -3.62 18.74
N ASP D 182 22.02 -2.90 17.64
CA ASP D 182 23.38 -2.57 17.19
C ASP D 182 23.92 -1.32 17.86
N SER D 183 23.05 -0.61 18.57
CA SER D 183 23.47 0.61 19.25
C SER D 183 24.17 0.33 20.57
N PRO D 184 25.26 1.06 20.83
CA PRO D 184 26.00 0.89 22.09
C PRO D 184 25.26 1.57 23.25
N TYR D 185 24.19 2.29 22.92
CA TYR D 185 23.40 2.99 23.94
C TYR D 185 22.03 2.33 24.11
N PHE D 186 21.85 1.52 25.15
CA PHE D 186 22.90 1.23 26.15
C PHE D 186 22.98 -0.27 26.44
N TYR D 187 22.21 -1.06 25.70
CA TYR D 187 22.20 -2.50 25.90
C TYR D 187 22.21 -3.25 24.57
N PRO D 188 23.33 -3.18 23.84
CA PRO D 188 23.46 -3.86 22.54
C PRO D 188 23.37 -5.38 22.66
N THR D 189 22.99 -6.02 21.56
CA THR D 189 22.83 -7.49 21.54
C THR D 189 24.09 -8.16 22.11
N GLU D 190 25.25 -7.64 21.76
CA GLU D 190 26.51 -8.17 22.28
C GLU D 190 26.93 -7.17 23.34
N PRO D 191 27.11 -7.61 24.59
CA PRO D 191 26.99 -8.97 25.11
C PRO D 191 25.70 -9.28 25.87
N TRP D 192 24.80 -8.32 25.98
CA TRP D 192 23.57 -8.50 26.75
C TRP D 192 22.68 -9.67 26.41
N LYS D 193 22.72 -10.13 25.16
CA LYS D 193 21.90 -11.28 24.76
C LYS D 193 22.76 -12.51 24.47
N THR D 194 24.07 -12.31 24.38
CA THR D 194 24.97 -13.39 24.06
C THR D 194 25.91 -13.89 25.16
N ASN D 195 26.41 -12.98 25.99
CA ASN D 195 27.32 -13.37 27.05
C ASN D 195 26.56 -13.86 28.30
N PRO D 196 26.80 -15.12 28.70
CA PRO D 196 26.18 -15.76 29.86
C PRO D 196 26.07 -14.92 31.14
N GLU D 197 27.16 -14.25 31.53
CA GLU D 197 27.13 -13.42 32.73
C GLU D 197 26.10 -12.29 32.62
N HIS D 198 26.07 -11.64 31.46
CA HIS D 198 25.12 -10.55 31.24
C HIS D 198 23.68 -11.05 31.15
N VAL D 199 23.49 -12.21 30.55
CA VAL D 199 22.16 -12.78 30.42
C VAL D 199 21.64 -13.12 31.82
N ALA D 200 22.52 -13.62 32.67
CA ALA D 200 22.15 -13.98 34.04
C ALA D 200 21.80 -12.73 34.84
N HIS D 201 22.58 -11.67 34.64
CA HIS D 201 22.38 -10.40 35.32
C HIS D 201 20.97 -9.86 35.04
N VAL D 202 20.63 -9.75 33.75
CA VAL D 202 19.32 -9.25 33.34
C VAL D 202 18.22 -10.09 33.97
N LYS D 203 18.42 -11.40 33.94
CA LYS D 203 17.47 -12.36 34.49
C LYS D 203 17.24 -12.11 35.97
N LYS D 204 18.27 -11.59 36.63
CA LYS D 204 18.21 -11.34 38.07
C LYS D 204 17.66 -9.99 38.51
N VAL D 205 18.02 -8.93 37.81
CA VAL D 205 17.61 -7.59 38.21
C VAL D 205 16.27 -7.07 37.66
N THR D 206 15.63 -7.82 36.77
CA THR D 206 14.33 -7.39 36.25
C THR D 206 13.26 -8.40 36.66
N ALA D 207 12.04 -7.92 36.91
CA ALA D 207 10.97 -8.82 37.31
C ALA D 207 10.59 -9.77 36.20
N LEU D 208 10.57 -9.26 34.96
CA LEU D 208 10.21 -10.07 33.80
C LEU D 208 11.38 -10.92 33.31
N GLN D 209 12.54 -10.72 33.94
CA GLN D 209 13.75 -11.47 33.62
C GLN D 209 14.11 -11.48 32.14
N ARG D 210 14.19 -10.28 31.54
CA ARG D 210 14.54 -10.13 30.14
C ARG D 210 14.76 -8.66 29.84
N LEU D 211 15.40 -8.38 28.71
CA LEU D 211 15.62 -7.00 28.28
C LEU D 211 14.29 -6.52 27.71
N GLY D 212 14.09 -5.21 27.68
CA GLY D 212 12.87 -4.69 27.10
C GLY D 212 13.12 -4.62 25.61
N THR D 213 12.07 -4.57 24.80
CA THR D 213 12.24 -4.53 23.35
C THR D 213 11.98 -3.15 22.77
N GLN D 214 12.57 -2.88 21.61
CA GLN D 214 12.38 -1.60 20.95
C GLN D 214 10.91 -1.45 20.59
N LYS D 215 10.25 -2.58 20.34
CA LYS D 215 8.84 -2.56 19.98
C LYS D 215 7.96 -2.09 21.14
N GLU D 216 8.27 -2.55 22.35
CA GLU D 216 7.50 -2.14 23.52
C GLU D 216 7.64 -0.63 23.70
N LEU D 217 8.88 -0.14 23.64
CA LEU D 217 9.12 1.29 23.79
C LEU D 217 8.34 2.03 22.70
N GLY D 218 8.45 1.53 21.46
CA GLY D 218 7.75 2.15 20.35
C GLY D 218 6.23 2.17 20.51
N GLU D 219 5.65 1.07 20.99
CA GLU D 219 4.20 0.99 21.20
C GLU D 219 3.75 2.05 22.20
N LEU D 220 4.54 2.27 23.24
CA LEU D 220 4.20 3.26 24.26
C LEU D 220 4.32 4.65 23.66
N VAL D 221 5.37 4.90 22.90
CA VAL D 221 5.55 6.21 22.29
C VAL D 221 4.38 6.51 21.34
N ALA D 222 4.00 5.52 20.53
CA ALA D 222 2.89 5.72 19.60
C ALA D 222 1.57 5.94 20.35
N PHE D 223 1.37 5.18 21.42
CA PHE D 223 0.17 5.28 22.24
C PHE D 223 0.03 6.69 22.81
N LEU D 224 1.11 7.19 23.42
CA LEU D 224 1.09 8.52 24.01
C LEU D 224 0.93 9.62 22.97
N ALA D 225 1.51 9.42 21.80
CA ALA D 225 1.42 10.39 20.72
C ALA D 225 0.09 10.32 19.96
N SER D 226 -0.68 9.26 20.19
CA SER D 226 -1.95 9.08 19.50
C SER D 226 -3.05 10.03 19.97
N GLY D 227 -2.92 10.54 21.18
CA GLY D 227 -3.94 11.42 21.72
C GLY D 227 -5.05 10.63 22.39
N SER D 228 -4.85 9.32 22.50
CA SER D 228 -5.83 8.44 23.12
C SER D 228 -5.91 8.61 24.63
N CYS D 229 -4.81 9.05 25.25
CA CYS D 229 -4.81 9.20 26.70
C CYS D 229 -3.97 10.39 27.18
N ASP D 230 -4.31 11.59 26.70
CA ASP D 230 -3.60 12.80 27.09
C ASP D 230 -3.69 13.07 28.59
N TYR D 231 -4.69 12.51 29.26
CA TYR D 231 -4.87 12.74 30.69
C TYR D 231 -3.73 12.22 31.57
N LEU D 232 -2.80 11.49 30.96
CA LEU D 232 -1.65 10.97 31.71
C LEU D 232 -0.54 12.02 31.77
N THR D 233 -0.79 13.19 31.19
CA THR D 233 0.22 14.24 31.15
C THR D 233 0.97 14.45 32.46
N GLY D 234 2.29 14.60 32.33
CA GLY D 234 3.17 14.80 33.47
C GLY D 234 3.73 13.49 34.00
N GLN D 235 3.24 12.38 33.46
CA GLN D 235 3.66 11.05 33.90
C GLN D 235 5.10 10.69 33.51
N VAL D 236 5.77 10.02 34.44
CA VAL D 236 7.11 9.51 34.21
C VAL D 236 6.83 8.01 34.16
N PHE D 237 7.14 7.41 33.02
CA PHE D 237 6.91 5.98 32.82
C PHE D 237 8.22 5.23 33.05
N TRP D 238 8.21 4.29 33.99
CA TRP D 238 9.39 3.49 34.27
C TRP D 238 9.30 2.23 33.40
N LEU D 239 9.97 2.26 32.25
CA LEU D 239 9.98 1.14 31.32
C LEU D 239 11.20 0.31 31.65
N ALA D 240 11.13 -0.46 32.75
CA ALA D 240 12.28 -1.24 33.17
C ALA D 240 11.99 -2.69 33.56
N GLY D 241 10.84 -3.18 33.12
CA GLY D 241 10.46 -4.57 33.38
C GLY D 241 10.39 -5.05 34.81
N GLY D 242 10.09 -4.14 35.73
CA GLY D 242 9.99 -4.54 37.12
C GLY D 242 11.23 -4.25 37.91
N PHE D 243 12.26 -3.74 37.25
CA PHE D 243 13.49 -3.40 37.93
C PHE D 243 13.14 -2.23 38.87
N PRO D 244 13.80 -2.15 40.04
CA PRO D 244 14.83 -3.07 40.51
C PRO D 244 14.29 -4.22 41.37
N MET D 245 14.97 -5.38 41.27
CA MET D 245 14.59 -6.54 42.06
C MET D 245 15.51 -6.46 43.26
N ILE D 246 14.93 -6.40 44.46
CA ILE D 246 15.71 -6.26 45.68
C ILE D 246 16.17 -7.59 46.30
N GLU D 247 17.48 -7.66 46.55
CA GLU D 247 18.14 -8.82 47.15
C GLU D 247 17.43 -9.21 48.45
N ARG D 248 16.93 -10.44 48.52
CA ARG D 248 16.24 -10.89 49.71
C ARG D 248 17.16 -11.55 50.74
N TRP D 249 16.61 -11.80 51.92
CA TRP D 249 17.33 -12.43 53.03
C TRP D 249 17.96 -13.77 52.68
N PRO D 250 19.01 -14.16 53.42
CA PRO D 250 19.69 -15.44 53.17
C PRO D 250 18.70 -16.59 53.35
N GLY D 251 18.84 -17.62 52.52
CA GLY D 251 17.95 -18.76 52.62
C GLY D 251 16.71 -18.64 51.75
N MET D 252 16.57 -17.50 51.07
CA MET D 252 15.42 -17.26 50.21
C MET D 252 15.77 -17.52 48.74
N PRO D 253 14.87 -18.21 48.02
CA PRO D 253 15.03 -18.54 46.60
C PRO D 253 15.35 -17.36 45.69
N SER E 2 -20.08 12.16 -29.04
CA SER E 2 -21.05 13.17 -28.55
C SER E 2 -20.45 14.57 -28.50
N THR E 3 -21.33 15.57 -28.46
CA THR E 3 -20.90 16.95 -28.44
C THR E 3 -21.37 17.66 -27.19
N ALA E 4 -20.48 18.45 -26.62
CA ALA E 4 -20.80 19.21 -25.42
C ALA E 4 -20.54 20.67 -25.70
N ILE E 5 -21.21 21.54 -24.96
CA ILE E 5 -21.05 22.98 -25.07
C ILE E 5 -20.67 23.49 -23.68
N VAL E 6 -19.62 24.30 -23.61
CA VAL E 6 -19.19 24.90 -22.35
C VAL E 6 -19.14 26.41 -22.60
N THR E 7 -19.91 27.17 -21.82
CA THR E 7 -19.95 28.62 -21.99
C THR E 7 -18.92 29.32 -21.11
N ASN E 8 -18.58 30.55 -21.48
CA ASN E 8 -17.61 31.34 -20.72
C ASN E 8 -16.43 30.47 -20.33
N VAL E 9 -15.95 29.70 -21.30
CA VAL E 9 -14.87 28.74 -21.09
C VAL E 9 -13.60 29.30 -20.45
N LYS E 10 -13.32 30.59 -20.61
CA LYS E 10 -12.11 31.15 -20.02
C LYS E 10 -12.21 31.49 -18.53
N HIS E 11 -13.42 31.42 -17.99
CA HIS E 11 -13.62 31.77 -16.59
C HIS E 11 -14.34 30.73 -15.75
N PHE E 12 -14.28 30.95 -14.44
CA PHE E 12 -14.97 30.10 -13.47
C PHE E 12 -14.69 28.61 -13.68
N GLY E 13 -15.72 27.82 -13.98
CA GLY E 13 -15.51 26.40 -14.18
C GLY E 13 -15.35 26.01 -15.63
N GLY E 14 -15.08 27.01 -16.48
CA GLY E 14 -14.93 26.79 -17.90
C GLY E 14 -13.84 25.84 -18.37
N MET E 15 -12.57 26.16 -18.06
CA MET E 15 -11.48 25.32 -18.50
C MET E 15 -11.49 23.90 -17.92
N GLY E 16 -11.75 23.78 -16.63
CA GLY E 16 -11.79 22.47 -16.02
C GLY E 16 -12.82 21.58 -16.70
N SER E 17 -13.99 22.14 -16.95
CA SER E 17 -15.07 21.39 -17.59
C SER E 17 -14.73 20.98 -19.01
N ALA E 18 -14.32 21.96 -19.82
CA ALA E 18 -13.99 21.71 -21.22
C ALA E 18 -12.86 20.72 -21.39
N LEU E 19 -11.77 20.93 -20.67
CA LEU E 19 -10.61 20.05 -20.76
C LEU E 19 -10.93 18.62 -20.35
N ARG E 20 -11.63 18.45 -19.23
CA ARG E 20 -11.95 17.10 -18.78
C ARG E 20 -13.00 16.43 -19.69
N LEU E 21 -13.93 17.23 -20.20
CA LEU E 21 -14.95 16.71 -21.10
C LEU E 21 -14.27 16.24 -22.39
N SER E 22 -13.29 17.02 -22.86
CA SER E 22 -12.58 16.66 -24.07
C SER E 22 -11.77 15.39 -23.83
N GLU E 23 -11.12 15.31 -22.68
CA GLU E 23 -10.32 14.14 -22.34
C GLU E 23 -11.21 12.90 -22.29
N ALA E 24 -12.50 13.11 -21.98
CA ALA E 24 -13.45 12.00 -21.90
C ALA E 24 -13.90 11.54 -23.28
N GLY E 25 -13.61 12.32 -24.31
CA GLY E 25 -14.00 11.93 -25.65
C GLY E 25 -15.01 12.81 -26.36
N HIS E 26 -15.60 13.76 -25.64
CA HIS E 26 -16.59 14.65 -26.23
C HIS E 26 -15.93 15.64 -27.18
N THR E 27 -16.72 16.11 -28.14
CA THR E 27 -16.28 17.16 -29.04
C THR E 27 -16.81 18.34 -28.24
N VAL E 28 -15.92 19.19 -27.77
CA VAL E 28 -16.34 20.31 -26.95
C VAL E 28 -16.35 21.67 -27.63
N ALA E 29 -17.54 22.16 -27.93
CA ALA E 29 -17.69 23.47 -28.54
C ALA E 29 -17.61 24.42 -27.37
N CYS E 30 -16.82 25.49 -27.52
CA CYS E 30 -16.65 26.45 -26.45
C CYS E 30 -17.11 27.85 -26.78
N HIS E 31 -17.80 28.47 -25.83
CA HIS E 31 -18.29 29.83 -25.99
C HIS E 31 -17.55 30.74 -25.02
N ASP E 32 -17.42 32.01 -25.38
CA ASP E 32 -16.77 33.00 -24.53
C ASP E 32 -16.93 34.36 -25.18
N GLU E 33 -17.15 35.38 -24.34
CA GLU E 33 -17.33 36.75 -24.83
C GLU E 33 -16.16 37.22 -25.69
N SER E 34 -14.96 36.72 -25.40
CA SER E 34 -13.78 37.10 -26.16
C SER E 34 -13.76 36.53 -27.58
N PHE E 35 -14.47 35.42 -27.78
CA PHE E 35 -14.51 34.78 -29.09
C PHE E 35 -15.26 35.62 -30.13
N LYS E 36 -15.76 36.78 -29.70
CA LYS E 36 -16.46 37.67 -30.62
C LYS E 36 -15.39 38.30 -31.51
N GLN E 37 -14.13 38.17 -31.09
CA GLN E 37 -12.98 38.69 -31.84
C GLN E 37 -12.27 37.51 -32.50
N LYS E 38 -12.08 37.58 -33.82
CA LYS E 38 -11.42 36.52 -34.56
C LYS E 38 -10.04 36.18 -34.00
N ASP E 39 -9.31 37.22 -33.60
CA ASP E 39 -7.97 37.05 -33.05
C ASP E 39 -7.98 36.21 -31.77
N GLU E 40 -8.88 36.53 -30.85
CA GLU E 40 -8.99 35.80 -29.60
C GLU E 40 -9.38 34.34 -29.85
N LEU E 41 -10.38 34.14 -30.69
CA LEU E 41 -10.84 32.78 -31.00
C LEU E 41 -9.74 31.93 -31.63
N GLU E 42 -9.02 32.50 -32.59
CA GLU E 42 -7.96 31.76 -33.25
C GLU E 42 -6.82 31.45 -32.29
N ALA E 43 -6.52 32.39 -31.39
CA ALA E 43 -5.45 32.19 -30.42
C ALA E 43 -5.81 31.06 -29.46
N PHE E 44 -7.08 31.01 -29.08
CA PHE E 44 -7.55 29.97 -28.16
C PHE E 44 -7.53 28.64 -28.90
N ALA E 45 -8.01 28.65 -30.13
CA ALA E 45 -8.07 27.47 -30.98
C ALA E 45 -6.69 26.85 -31.18
N GLU E 46 -5.67 27.71 -31.27
CA GLU E 46 -4.30 27.24 -31.46
C GLU E 46 -3.74 26.66 -30.16
N THR E 47 -3.99 27.34 -29.05
CA THR E 47 -3.51 26.87 -27.76
C THR E 47 -4.16 25.55 -27.38
N TYR E 48 -5.44 25.41 -27.71
CA TYR E 48 -6.17 24.18 -27.39
C TYR E 48 -6.78 23.52 -28.62
N PRO E 49 -5.99 22.72 -29.35
CA PRO E 49 -6.51 22.07 -30.54
C PRO E 49 -7.61 21.04 -30.26
N GLN E 50 -7.67 20.53 -29.03
CA GLN E 50 -8.70 19.55 -28.69
C GLN E 50 -10.07 20.20 -28.47
N LEU E 51 -10.09 21.52 -28.34
CA LEU E 51 -11.34 22.26 -28.12
C LEU E 51 -11.77 22.98 -29.39
N LYS E 52 -13.06 23.27 -29.51
CA LYS E 52 -13.60 23.95 -30.68
C LYS E 52 -14.28 25.25 -30.30
N PRO E 53 -13.53 26.37 -30.25
CA PRO E 53 -14.18 27.62 -29.89
C PRO E 53 -15.15 28.12 -30.96
N MET E 54 -16.28 28.65 -30.50
CA MET E 54 -17.31 29.17 -31.38
C MET E 54 -17.37 30.68 -31.22
N SER E 55 -17.79 31.39 -32.26
CA SER E 55 -17.88 32.85 -32.18
C SER E 55 -19.25 33.30 -31.70
N GLU E 56 -20.27 32.46 -31.89
CA GLU E 56 -21.63 32.79 -31.48
C GLU E 56 -21.75 33.19 -30.01
N GLN E 57 -22.55 34.22 -29.75
CA GLN E 57 -22.74 34.74 -28.40
C GLN E 57 -24.10 34.50 -27.77
N GLU E 58 -25.17 34.56 -28.56
CA GLU E 58 -26.51 34.36 -28.03
C GLU E 58 -26.91 32.88 -27.97
N PRO E 59 -27.75 32.50 -26.99
CA PRO E 59 -28.23 31.14 -26.77
C PRO E 59 -28.71 30.39 -28.01
N ALA E 60 -29.80 30.88 -28.60
CA ALA E 60 -30.36 30.23 -29.79
C ALA E 60 -29.34 30.07 -30.91
N GLU E 61 -28.62 31.16 -31.20
CA GLU E 61 -27.61 31.13 -32.26
C GLU E 61 -26.51 30.13 -31.97
N LEU E 62 -26.07 30.08 -30.72
CA LEU E 62 -25.00 29.16 -30.32
C LEU E 62 -25.39 27.71 -30.49
N ILE E 63 -26.56 27.35 -29.96
CA ILE E 63 -27.04 25.98 -30.07
C ILE E 63 -27.19 25.60 -31.55
N GLU E 64 -27.69 26.54 -32.35
CA GLU E 64 -27.88 26.29 -33.79
C GLU E 64 -26.54 26.06 -34.48
N ALA E 65 -25.58 26.95 -34.21
CA ALA E 65 -24.25 26.85 -34.80
C ALA E 65 -23.57 25.54 -34.46
N VAL E 66 -23.64 25.14 -33.19
CA VAL E 66 -23.01 23.90 -32.77
C VAL E 66 -23.72 22.68 -33.37
N THR E 67 -25.04 22.76 -33.44
CA THR E 67 -25.83 21.67 -33.99
C THR E 67 -25.45 21.45 -35.46
N SER E 68 -25.35 22.54 -36.22
CA SER E 68 -25.00 22.46 -37.64
C SER E 68 -23.57 21.93 -37.80
N ALA E 69 -22.65 22.53 -37.06
CA ALA E 69 -21.24 22.17 -37.12
C ALA E 69 -20.92 20.76 -36.64
N TYR E 70 -21.51 20.35 -35.52
CA TYR E 70 -21.20 19.04 -34.96
C TYR E 70 -22.35 18.05 -34.84
N GLY E 71 -23.44 18.30 -35.56
CA GLY E 71 -24.57 17.39 -35.54
C GLY E 71 -25.66 17.60 -34.52
N GLN E 72 -25.28 17.70 -33.26
CA GLN E 72 -26.25 17.89 -32.19
C GLN E 72 -25.55 18.32 -30.91
N VAL E 73 -26.33 18.59 -29.86
CA VAL E 73 -25.76 18.99 -28.57
C VAL E 73 -26.20 17.94 -27.56
N ASP E 74 -25.25 17.14 -27.09
CA ASP E 74 -25.54 16.09 -26.13
C ASP E 74 -25.39 16.55 -24.70
N VAL E 75 -24.44 17.45 -24.48
CA VAL E 75 -24.18 17.94 -23.13
C VAL E 75 -24.09 19.46 -23.11
N LEU E 76 -24.84 20.06 -22.19
CA LEU E 76 -24.83 21.50 -22.03
C LEU E 76 -24.28 21.84 -20.64
N VAL E 77 -23.18 22.58 -20.60
CA VAL E 77 -22.60 23.00 -19.34
C VAL E 77 -22.72 24.53 -19.35
N SER E 78 -23.69 25.03 -18.60
CA SER E 78 -23.90 26.46 -18.53
C SER E 78 -23.04 26.98 -17.39
N ASN E 79 -21.83 27.42 -17.75
CA ASN E 79 -20.87 27.96 -16.81
C ASN E 79 -21.13 29.46 -16.76
N ASP E 80 -22.09 29.85 -15.91
CA ASP E 80 -22.47 31.25 -15.81
C ASP E 80 -21.67 32.09 -14.84
N ILE E 81 -21.42 33.33 -15.24
CA ILE E 81 -20.65 34.26 -14.45
C ILE E 81 -21.26 35.65 -14.43
N PHE E 82 -20.84 36.44 -13.45
CA PHE E 82 -21.31 37.81 -13.29
C PHE E 82 -20.29 38.47 -12.39
N ALA E 83 -20.12 39.78 -12.54
CA ALA E 83 -19.16 40.53 -11.72
C ALA E 83 -19.93 41.40 -10.73
N PRO E 84 -20.28 40.83 -9.56
CA PRO E 84 -21.02 41.59 -8.56
C PRO E 84 -20.11 42.33 -7.57
N GLU E 85 -20.68 43.29 -6.89
CA GLU E 85 -19.99 44.06 -5.87
C GLU E 85 -20.67 43.68 -4.57
N PHE E 86 -19.95 43.77 -3.47
CA PHE E 86 -20.54 43.53 -2.16
C PHE E 86 -21.10 44.89 -1.80
N GLN E 87 -22.30 44.91 -1.21
CA GLN E 87 -22.88 46.18 -0.82
C GLN E 87 -24.13 46.02 0.01
N PRO E 88 -24.35 46.97 0.94
CA PRO E 88 -25.53 46.91 1.79
C PRO E 88 -26.68 47.02 0.79
N ILE E 89 -27.79 46.37 1.09
CA ILE E 89 -28.93 46.40 0.18
C ILE E 89 -29.33 47.78 -0.35
N ASP E 90 -29.25 48.80 0.50
CA ASP E 90 -29.64 50.14 0.06
C ASP E 90 -28.62 50.85 -0.84
N LYS E 91 -27.42 50.27 -0.98
CA LYS E 91 -26.37 50.84 -1.82
C LYS E 91 -26.36 50.24 -3.23
N TYR E 92 -27.15 49.18 -3.44
CA TYR E 92 -27.26 48.57 -4.75
C TYR E 92 -28.27 49.39 -5.54
N ALA E 93 -28.18 49.33 -6.86
CA ALA E 93 -29.17 49.99 -7.71
C ALA E 93 -30.03 48.77 -8.03
N VAL E 94 -31.31 48.94 -8.32
CA VAL E 94 -32.14 47.78 -8.64
C VAL E 94 -31.58 47.09 -9.88
N GLU E 95 -30.95 47.88 -10.74
CA GLU E 95 -30.35 47.35 -11.97
C GLU E 95 -29.24 46.35 -11.67
N ASP E 96 -28.63 46.47 -10.50
CA ASP E 96 -27.56 45.55 -10.11
C ASP E 96 -28.12 44.15 -9.88
N TYR E 97 -29.37 44.08 -9.45
CA TYR E 97 -30.01 42.78 -9.23
C TYR E 97 -30.49 42.24 -10.57
N ARG E 98 -31.06 43.10 -11.41
CA ARG E 98 -31.52 42.64 -12.72
C ARG E 98 -30.36 42.06 -13.50
N GLY E 99 -29.22 42.76 -13.45
CA GLY E 99 -28.04 42.29 -14.14
C GLY E 99 -27.59 40.93 -13.66
N ALA E 100 -27.67 40.69 -12.35
CA ALA E 100 -27.26 39.41 -11.79
C ALA E 100 -28.23 38.33 -12.23
N VAL E 101 -29.53 38.60 -12.15
CA VAL E 101 -30.51 37.63 -12.55
C VAL E 101 -30.43 37.32 -14.06
N GLU E 102 -30.22 38.34 -14.87
CA GLU E 102 -30.10 38.14 -16.31
C GLU E 102 -28.93 37.21 -16.63
N ALA E 103 -27.79 37.46 -15.99
CA ALA E 103 -26.60 36.66 -16.24
C ALA E 103 -26.58 35.28 -15.55
N LEU E 104 -27.17 35.19 -14.37
CA LEU E 104 -27.13 33.94 -13.62
C LEU E 104 -28.37 33.06 -13.66
N GLN E 105 -29.49 33.61 -14.11
CA GLN E 105 -30.73 32.82 -14.19
C GLN E 105 -31.30 32.77 -15.60
N ILE E 106 -31.51 33.94 -16.19
CA ILE E 106 -32.10 33.99 -17.52
C ILE E 106 -31.21 33.37 -18.60
N ARG E 107 -29.89 33.51 -18.47
CA ARG E 107 -28.99 32.94 -19.47
C ARG E 107 -29.06 31.41 -19.47
N PRO E 108 -28.95 30.76 -18.30
CA PRO E 108 -29.04 29.30 -18.37
C PRO E 108 -30.43 28.85 -18.85
N PHE E 109 -31.46 29.58 -18.45
CA PHE E 109 -32.82 29.25 -18.86
C PHE E 109 -32.93 29.32 -20.38
N ALA E 110 -32.39 30.39 -20.97
CA ALA E 110 -32.44 30.57 -22.41
C ALA E 110 -31.72 29.43 -23.14
N LEU E 111 -30.59 29.00 -22.59
CA LEU E 111 -29.82 27.92 -23.21
C LEU E 111 -30.60 26.60 -23.21
N VAL E 112 -31.22 26.27 -22.07
CA VAL E 112 -32.02 25.04 -22.01
C VAL E 112 -33.24 25.20 -22.89
N ASN E 113 -33.83 26.39 -22.89
CA ASN E 113 -35.00 26.66 -23.70
C ASN E 113 -34.68 26.46 -25.18
N ALA E 114 -33.44 26.76 -25.56
CA ALA E 114 -33.00 26.62 -26.95
C ALA E 114 -32.54 25.22 -27.33
N VAL E 115 -32.18 24.40 -26.35
CA VAL E 115 -31.69 23.06 -26.65
C VAL E 115 -32.58 21.89 -26.23
N ALA E 116 -33.51 22.13 -25.32
CA ALA E 116 -34.39 21.07 -24.83
C ALA E 116 -35.14 20.30 -25.92
N SER E 117 -35.62 21.00 -26.93
CA SER E 117 -36.38 20.33 -27.99
C SER E 117 -35.62 19.20 -28.67
N GLN E 118 -34.38 19.44 -29.07
CA GLN E 118 -33.63 18.39 -29.75
C GLN E 118 -33.31 17.24 -28.79
N MET E 119 -33.04 17.58 -27.53
CA MET E 119 -32.74 16.53 -26.56
C MET E 119 -33.97 15.66 -26.27
N LYS E 120 -35.13 16.30 -26.14
CA LYS E 120 -36.35 15.56 -25.86
C LYS E 120 -36.75 14.66 -27.03
N LYS E 121 -36.55 15.15 -28.25
CA LYS E 121 -36.88 14.35 -29.43
C LYS E 121 -36.09 13.04 -29.43
N ARG E 122 -34.81 13.12 -29.10
CA ARG E 122 -33.92 11.95 -29.07
C ARG E 122 -34.08 11.18 -27.77
N LYS E 123 -34.61 11.86 -26.76
CA LYS E 123 -34.75 11.28 -25.44
C LYS E 123 -33.36 10.94 -24.90
N SER E 124 -32.46 11.92 -24.98
CA SER E 124 -31.10 11.76 -24.48
C SER E 124 -30.42 13.12 -24.35
N GLY E 125 -29.52 13.22 -23.38
CA GLY E 125 -28.80 14.46 -23.14
C GLY E 125 -28.55 14.69 -21.67
N HIS E 126 -27.67 15.64 -21.37
CA HIS E 126 -27.34 15.99 -19.99
C HIS E 126 -27.22 17.50 -19.90
N ILE E 127 -27.76 18.08 -18.83
CA ILE E 127 -27.71 19.51 -18.63
C ILE E 127 -27.04 19.78 -17.29
N ILE E 128 -26.00 20.61 -17.30
CA ILE E 128 -25.29 20.93 -16.07
C ILE E 128 -25.17 22.44 -15.93
N PHE E 129 -25.61 22.96 -14.79
CA PHE E 129 -25.50 24.40 -14.50
C PHE E 129 -24.37 24.55 -13.49
N ILE E 130 -23.47 25.49 -13.72
CA ILE E 130 -22.43 25.75 -12.75
C ILE E 130 -22.96 27.03 -12.10
N THR E 131 -23.39 26.89 -10.86
CA THR E 131 -23.98 27.98 -10.10
C THR E 131 -23.03 28.49 -9.02
N SER E 132 -23.42 28.34 -7.76
CA SER E 132 -22.59 28.80 -6.65
C SER E 132 -23.03 28.16 -5.35
N ALA E 133 -22.11 28.09 -4.38
CA ALA E 133 -22.45 27.52 -3.08
C ALA E 133 -22.82 28.65 -2.11
N THR E 134 -22.81 29.89 -2.58
CA THR E 134 -23.14 31.00 -1.70
C THR E 134 -24.53 30.89 -1.06
N PRO E 135 -25.51 30.31 -1.78
CA PRO E 135 -26.86 30.17 -1.20
C PRO E 135 -26.83 29.30 0.06
N PHE E 136 -25.89 28.38 0.11
CA PHE E 136 -25.78 27.47 1.25
C PHE E 136 -25.26 28.19 2.51
N GLY E 137 -24.32 29.11 2.30
CA GLY E 137 -23.76 29.87 3.41
C GLY E 137 -23.59 31.31 2.95
N PRO E 138 -24.66 32.10 2.96
CA PRO E 138 -24.60 33.51 2.53
C PRO E 138 -23.75 34.43 3.39
N TRP E 139 -22.97 35.27 2.71
CA TRP E 139 -22.15 36.28 3.39
C TRP E 139 -23.06 37.48 3.45
N LYS E 140 -22.84 38.39 4.38
CA LYS E 140 -23.68 39.56 4.38
C LYS E 140 -23.20 40.48 3.25
N GLU E 141 -24.14 41.25 2.70
CA GLU E 141 -23.87 42.21 1.64
C GLU E 141 -23.56 41.72 0.24
N LEU E 142 -24.09 40.54 -0.11
CA LEU E 142 -23.92 39.99 -1.46
C LEU E 142 -25.28 39.41 -1.84
N SER E 143 -26.34 40.13 -1.47
CA SER E 143 -27.71 39.67 -1.71
C SER E 143 -28.11 39.43 -3.16
N THR E 144 -27.65 40.27 -4.08
CA THR E 144 -28.00 40.10 -5.49
C THR E 144 -27.48 38.79 -6.08
N TYR E 145 -26.17 38.62 -6.03
CA TYR E 145 -25.50 37.44 -6.55
C TYR E 145 -25.98 36.16 -5.90
N THR E 146 -26.03 36.15 -4.57
CA THR E 146 -26.44 34.98 -3.82
C THR E 146 -27.86 34.50 -4.18
N SER E 147 -28.83 35.40 -4.22
CA SER E 147 -30.19 34.98 -4.54
C SER E 147 -30.38 34.58 -6.00
N ALA E 148 -29.63 35.20 -6.91
CA ALA E 148 -29.74 34.85 -8.31
C ALA E 148 -29.23 33.41 -8.49
N ARG E 149 -28.13 33.09 -7.80
CA ARG E 149 -27.55 31.75 -7.89
C ARG E 149 -28.51 30.71 -7.33
N ALA E 150 -29.27 31.12 -6.31
CA ALA E 150 -30.24 30.22 -5.69
C ALA E 150 -31.34 29.94 -6.71
N GLY E 151 -31.72 30.98 -7.45
CA GLY E 151 -32.74 30.82 -8.47
C GLY E 151 -32.30 29.79 -9.50
N ALA E 152 -31.04 29.86 -9.89
CA ALA E 152 -30.47 28.94 -10.89
C ALA E 152 -30.42 27.50 -10.36
N CYS E 153 -30.12 27.34 -9.08
CA CYS E 153 -30.07 26.01 -8.47
C CYS E 153 -31.44 25.35 -8.50
N THR E 154 -32.47 26.12 -8.15
CA THR E 154 -33.82 25.59 -8.15
C THR E 154 -34.31 25.37 -9.58
N LEU E 155 -33.85 26.21 -10.51
CA LEU E 155 -34.25 26.05 -11.90
C LEU E 155 -33.80 24.66 -12.34
N ALA E 156 -32.56 24.31 -12.00
CA ALA E 156 -32.02 23.00 -12.37
C ALA E 156 -32.85 21.86 -11.77
N ASN E 157 -33.16 21.97 -10.47
CA ASN E 157 -33.95 20.94 -9.81
C ASN E 157 -35.34 20.82 -10.41
N ALA E 158 -35.98 21.96 -10.67
CA ALA E 158 -37.31 21.96 -11.25
C ALA E 158 -37.31 21.32 -12.63
N LEU E 159 -36.29 21.66 -13.41
CA LEU E 159 -36.18 21.11 -14.77
C LEU E 159 -35.99 19.59 -14.75
N SER E 160 -35.26 19.09 -13.78
CA SER E 160 -35.04 17.66 -13.67
C SER E 160 -36.36 16.90 -13.59
N LYS E 161 -37.37 17.52 -12.98
CA LYS E 161 -38.68 16.88 -12.82
C LYS E 161 -39.37 16.64 -14.16
N GLU E 162 -39.30 17.59 -15.07
CA GLU E 162 -39.97 17.44 -16.37
C GLU E 162 -39.14 16.72 -17.41
N LEU E 163 -37.82 16.93 -17.39
CA LEU E 163 -36.96 16.30 -18.38
C LEU E 163 -36.60 14.85 -18.10
N GLY E 164 -36.85 14.39 -16.88
CA GLY E 164 -36.55 13.02 -16.55
C GLY E 164 -37.34 12.05 -17.40
N GLU E 165 -38.56 12.44 -17.75
CA GLU E 165 -39.43 11.61 -18.57
C GLU E 165 -38.76 11.37 -19.94
N TYR E 166 -37.91 12.30 -20.35
CA TYR E 166 -37.22 12.17 -21.63
C TYR E 166 -35.79 11.65 -21.45
N ASN E 167 -35.51 11.10 -20.28
CA ASN E 167 -34.21 10.51 -19.95
C ASN E 167 -33.09 11.55 -20.03
N ILE E 168 -33.38 12.76 -19.59
CA ILE E 168 -32.39 13.84 -19.61
C ILE E 168 -32.13 14.30 -18.19
N PRO E 169 -30.98 13.93 -17.62
CA PRO E 169 -30.65 14.34 -16.26
C PRO E 169 -30.27 15.82 -16.22
N VAL E 170 -30.59 16.48 -15.13
CA VAL E 170 -30.26 17.89 -14.97
C VAL E 170 -29.61 18.08 -13.61
N PHE E 171 -28.44 18.73 -13.59
CA PHE E 171 -27.72 18.95 -12.34
C PHE E 171 -27.23 20.37 -12.18
N ALA E 172 -26.98 20.76 -10.92
CA ALA E 172 -26.42 22.08 -10.62
C ALA E 172 -25.18 21.83 -9.75
N ILE E 173 -24.07 22.45 -10.11
CA ILE E 173 -22.85 22.32 -9.33
C ILE E 173 -22.57 23.72 -8.79
N GLY E 174 -22.62 23.85 -7.46
CA GLY E 174 -22.40 25.12 -6.82
C GLY E 174 -21.04 25.16 -6.16
N PRO E 175 -20.06 25.78 -6.80
CA PRO E 175 -18.73 25.83 -6.19
C PRO E 175 -18.51 27.08 -5.35
N ASN E 176 -17.44 27.06 -4.58
CA ASN E 176 -16.98 28.22 -3.82
C ASN E 176 -15.53 27.92 -3.54
N TYR E 177 -14.71 28.95 -3.52
CA TYR E 177 -13.28 28.81 -3.31
C TYR E 177 -12.67 27.90 -4.37
N LEU E 178 -13.19 28.01 -5.59
CA LEU E 178 -12.69 27.23 -6.71
C LEU E 178 -11.59 28.04 -7.39
N HIS E 179 -10.37 27.53 -7.35
CA HIS E 179 -9.23 28.19 -7.99
C HIS E 179 -9.56 28.46 -9.47
N SER E 180 -9.52 29.73 -9.87
CA SER E 180 -9.83 30.10 -11.25
C SER E 180 -8.58 30.50 -12.04
N GLU E 181 -7.42 30.22 -11.48
CA GLU E 181 -6.14 30.50 -12.11
C GLU E 181 -5.96 31.95 -12.57
N ASP E 182 -6.03 32.18 -13.89
CA ASP E 182 -5.86 33.53 -14.41
C ASP E 182 -7.16 34.32 -14.51
N SER E 183 -8.29 33.66 -14.32
CA SER E 183 -9.58 34.31 -14.39
C SER E 183 -9.91 35.00 -13.07
N PRO E 184 -10.49 36.22 -13.15
CA PRO E 184 -10.83 36.93 -11.91
C PRO E 184 -12.14 36.40 -11.35
N TYR E 185 -12.73 35.42 -12.04
CA TYR E 185 -13.99 34.80 -11.63
C TYR E 185 -13.73 33.37 -11.13
N PHE E 186 -13.59 33.16 -9.82
CA PHE E 186 -13.65 34.23 -8.83
C PHE E 186 -12.52 34.14 -7.83
N TYR E 187 -11.64 33.15 -8.02
CA TYR E 187 -10.50 32.97 -7.11
C TYR E 187 -9.18 32.81 -7.86
N PRO E 188 -8.69 33.91 -8.45
CA PRO E 188 -7.43 33.85 -9.20
C PRO E 188 -6.23 33.54 -8.30
N THR E 189 -5.16 33.02 -8.91
CA THR E 189 -3.95 32.66 -8.18
C THR E 189 -3.49 33.82 -7.29
N GLU E 190 -3.51 35.02 -7.85
CA GLU E 190 -3.15 36.22 -7.08
C GLU E 190 -4.52 36.81 -6.78
N PRO E 191 -4.83 37.07 -5.50
CA PRO E 191 -4.06 36.87 -4.28
C PRO E 191 -4.33 35.57 -3.50
N TRP E 192 -5.31 34.80 -3.94
CA TRP E 192 -5.70 33.59 -3.22
C TRP E 192 -4.68 32.48 -2.92
N LYS E 193 -3.61 32.39 -3.70
CA LYS E 193 -2.60 31.37 -3.45
C LYS E 193 -1.26 31.95 -3.05
N THR E 194 -1.11 33.25 -3.23
CA THR E 194 0.15 33.94 -2.94
C THR E 194 0.17 34.87 -1.74
N ASN E 195 -0.98 35.47 -1.42
CA ASN E 195 -1.05 36.40 -0.29
C ASN E 195 -1.40 35.73 1.04
N PRO E 196 -0.60 35.96 2.08
CA PRO E 196 -0.77 35.40 3.43
C PRO E 196 -2.19 35.47 4.00
N GLU E 197 -2.76 36.68 4.01
CA GLU E 197 -4.11 36.87 4.54
C GLU E 197 -5.15 35.99 3.82
N HIS E 198 -5.05 35.93 2.49
CA HIS E 198 -6.00 35.13 1.71
C HIS E 198 -5.78 33.63 1.91
N VAL E 199 -4.51 33.22 1.95
CA VAL E 199 -4.21 31.81 2.16
C VAL E 199 -4.76 31.39 3.52
N ALA E 200 -4.59 32.26 4.53
CA ALA E 200 -5.06 31.96 5.88
C ALA E 200 -6.58 31.92 5.92
N HIS E 201 -7.23 32.80 5.16
CA HIS E 201 -8.69 32.84 5.12
C HIS E 201 -9.24 31.51 4.59
N VAL E 202 -8.70 31.05 3.47
CA VAL E 202 -9.15 29.81 2.87
C VAL E 202 -8.98 28.64 3.84
N LYS E 203 -7.88 28.69 4.59
CA LYS E 203 -7.56 27.66 5.56
C LYS E 203 -8.59 27.60 6.69
N LYS E 204 -9.19 28.75 6.99
CA LYS E 204 -10.18 28.84 8.07
C LYS E 204 -11.62 28.53 7.67
N VAL E 205 -12.01 28.92 6.47
CA VAL E 205 -13.40 28.73 6.06
C VAL E 205 -13.79 27.45 5.32
N THR E 206 -12.81 26.65 4.91
CA THR E 206 -13.10 25.40 4.22
C THR E 206 -12.60 24.25 5.09
N ALA E 207 -13.32 23.13 5.07
CA ALA E 207 -12.91 21.99 5.87
C ALA E 207 -11.59 21.39 5.36
N LEU E 208 -11.41 21.37 4.03
CA LEU E 208 -10.19 20.81 3.47
C LEU E 208 -9.02 21.78 3.51
N GLN E 209 -9.30 23.00 3.97
CA GLN E 209 -8.32 24.07 4.12
C GLN E 209 -7.48 24.34 2.87
N ARG E 210 -8.14 24.55 1.75
CA ARG E 210 -7.48 24.82 0.47
C ARG E 210 -8.53 25.22 -0.55
N LEU E 211 -8.09 25.71 -1.70
CA LEU E 211 -9.02 26.08 -2.76
C LEU E 211 -9.34 24.80 -3.54
N GLY E 212 -10.48 24.79 -4.22
CA GLY E 212 -10.84 23.63 -5.02
C GLY E 212 -10.07 23.77 -6.31
N THR E 213 -9.81 22.67 -7.02
CA THR E 213 -9.06 22.76 -8.27
C THR E 213 -9.96 22.61 -9.48
N GLN E 214 -9.49 23.12 -10.62
CA GLN E 214 -10.24 23.02 -11.86
C GLN E 214 -10.37 21.54 -12.23
N LYS E 215 -9.39 20.73 -11.85
CA LYS E 215 -9.41 19.31 -12.14
C LYS E 215 -10.60 18.63 -11.44
N GLU E 216 -10.82 18.99 -10.19
CA GLU E 216 -11.94 18.41 -9.42
C GLU E 216 -13.28 18.75 -10.04
N LEU E 217 -13.45 20.03 -10.40
CA LEU E 217 -14.70 20.45 -11.02
C LEU E 217 -14.91 19.68 -12.32
N GLY E 218 -13.84 19.60 -13.12
CA GLY E 218 -13.90 18.91 -14.39
C GLY E 218 -14.23 17.44 -14.23
N GLU E 219 -13.67 16.81 -13.21
CA GLU E 219 -13.92 15.39 -12.96
C GLU E 219 -15.40 15.17 -12.66
N LEU E 220 -15.99 16.09 -11.91
CA LEU E 220 -17.41 15.97 -11.58
C LEU E 220 -18.27 16.19 -12.83
N VAL E 221 -17.96 17.24 -13.57
CA VAL E 221 -18.71 17.53 -14.79
C VAL E 221 -18.69 16.33 -15.74
N ALA E 222 -17.51 15.77 -15.97
CA ALA E 222 -17.37 14.62 -16.86
C ALA E 222 -18.11 13.40 -16.32
N PHE E 223 -18.02 13.19 -15.02
CA PHE E 223 -18.71 12.07 -14.39
C PHE E 223 -20.22 12.17 -14.59
N LEU E 224 -20.76 13.35 -14.31
CA LEU E 224 -22.21 13.58 -14.46
C LEU E 224 -22.66 13.47 -15.91
N ALA E 225 -21.80 13.91 -16.82
CA ALA E 225 -22.13 13.87 -18.25
C ALA E 225 -21.88 12.53 -18.90
N SER E 226 -21.18 11.64 -18.19
CA SER E 226 -20.83 10.32 -18.72
C SER E 226 -21.99 9.35 -18.82
N GLY E 227 -23.02 9.55 -18.01
CA GLY E 227 -24.15 8.66 -18.00
C GLY E 227 -23.94 7.58 -16.96
N SER E 228 -22.88 7.74 -16.15
CA SER E 228 -22.53 6.79 -15.10
C SER E 228 -23.52 6.83 -13.93
N CYS E 229 -24.09 7.99 -13.67
CA CYS E 229 -25.01 8.12 -12.55
C CYS E 229 -26.17 9.10 -12.79
N ASP E 230 -26.95 8.81 -13.83
CA ASP E 230 -28.10 9.65 -14.16
C ASP E 230 -29.12 9.71 -13.02
N TYR E 231 -29.10 8.73 -12.13
CA TYR E 231 -30.06 8.67 -11.04
C TYR E 231 -29.91 9.81 -10.02
N LEU E 232 -28.87 10.61 -10.18
CA LEU E 232 -28.63 11.75 -9.30
C LEU E 232 -29.36 12.98 -9.82
N THR E 233 -30.11 12.82 -10.91
CA THR E 233 -30.79 13.97 -11.50
C THR E 233 -31.54 14.82 -10.47
N GLY E 234 -31.38 16.14 -10.62
CA GLY E 234 -32.02 17.07 -9.73
C GLY E 234 -31.11 17.53 -8.59
N GLN E 235 -30.00 16.83 -8.45
CA GLN E 235 -29.04 17.14 -7.39
C GLN E 235 -28.32 18.48 -7.54
N VAL E 236 -28.14 19.17 -6.43
CA VAL E 236 -27.37 20.40 -6.40
C VAL E 236 -26.12 19.94 -5.65
N PHE E 237 -24.97 20.07 -6.28
CA PHE E 237 -23.71 19.64 -5.67
C PHE E 237 -22.96 20.81 -5.06
N TRP E 238 -22.65 20.73 -3.77
CA TRP E 238 -21.92 21.80 -3.12
C TRP E 238 -20.41 21.49 -3.20
N LEU E 239 -19.75 22.08 -4.20
CA LEU E 239 -18.31 21.88 -4.44
C LEU E 239 -17.57 22.99 -3.72
N ALA E 240 -17.54 22.93 -2.38
CA ALA E 240 -16.89 23.99 -1.64
C ALA E 240 -15.93 23.53 -0.54
N GLY E 241 -15.46 22.30 -0.66
CA GLY E 241 -14.50 21.75 0.29
C GLY E 241 -14.85 21.77 1.77
N GLY E 242 -16.12 21.66 2.09
CA GLY E 242 -16.50 21.68 3.49
C GLY E 242 -17.03 23.02 3.93
N PHE E 243 -16.89 24.04 3.09
CA PHE E 243 -17.40 25.37 3.41
C PHE E 243 -18.91 25.20 3.62
N PRO E 244 -19.49 25.93 4.58
CA PRO E 244 -18.79 26.88 5.45
C PRO E 244 -18.38 26.28 6.80
N MET E 245 -17.26 26.74 7.33
CA MET E 245 -16.79 26.29 8.63
C MET E 245 -17.35 27.32 9.60
N ILE E 246 -18.04 26.84 10.63
CA ILE E 246 -18.67 27.74 11.58
C ILE E 246 -17.79 28.09 12.77
N GLU E 247 -17.74 29.38 13.08
CA GLU E 247 -16.96 29.90 14.19
C GLU E 247 -17.33 29.19 15.49
N ARG E 248 -16.34 28.61 16.16
CA ARG E 248 -16.59 27.90 17.42
C ARG E 248 -16.41 28.80 18.63
N TRP E 249 -16.87 28.33 19.79
CA TRP E 249 -16.79 29.08 21.05
C TRP E 249 -15.38 29.51 21.44
N PRO E 250 -15.28 30.55 22.29
CA PRO E 250 -14.00 31.08 22.76
C PRO E 250 -13.13 30.01 23.41
N GLY E 251 -11.84 30.08 23.15
CA GLY E 251 -10.92 29.11 23.75
C GLY E 251 -10.69 27.84 22.97
N MET E 252 -11.54 27.56 21.99
CA MET E 252 -11.36 26.36 21.19
C MET E 252 -10.39 26.66 20.05
N PRO E 253 -9.48 25.71 19.76
CA PRO E 253 -8.52 25.96 18.67
C PRO E 253 -9.18 26.02 17.30
N SER F 2 -47.79 50.59 14.59
CA SER F 2 -46.98 51.53 13.76
C SER F 2 -47.49 51.58 12.33
N THR F 3 -46.58 51.73 11.36
CA THR F 3 -46.97 51.80 9.94
C THR F 3 -46.46 50.65 9.10
N ALA F 4 -47.37 50.01 8.38
CA ALA F 4 -47.04 48.88 7.53
C ALA F 4 -47.46 49.13 6.10
N ILE F 5 -46.82 48.41 5.18
CA ILE F 5 -47.13 48.48 3.76
C ILE F 5 -47.38 47.04 3.33
N VAL F 6 -48.48 46.81 2.62
CA VAL F 6 -48.80 45.49 2.09
C VAL F 6 -49.06 45.72 0.61
N THR F 7 -48.36 44.97 -0.24
CA THR F 7 -48.53 45.12 -1.69
C THR F 7 -49.53 44.12 -2.26
N ASN F 8 -50.01 44.40 -3.48
CA ASN F 8 -51.00 43.54 -4.16
C ASN F 8 -52.02 43.04 -3.14
N VAL F 9 -52.50 43.97 -2.31
CA VAL F 9 -53.42 43.67 -1.23
C VAL F 9 -54.66 42.84 -1.56
N LYS F 10 -55.18 42.96 -2.78
CA LYS F 10 -56.37 42.21 -3.15
C LYS F 10 -56.10 40.73 -3.46
N HIS F 11 -54.84 40.37 -3.61
CA HIS F 11 -54.52 38.99 -3.99
C HIS F 11 -53.55 38.23 -3.08
N PHE F 12 -53.48 36.92 -3.30
CA PHE F 12 -52.55 36.05 -2.57
C PHE F 12 -52.68 36.23 -1.05
N GLY F 13 -51.60 36.63 -0.38
CA GLY F 13 -51.67 36.80 1.06
C GLY F 13 -51.94 38.23 1.48
N GLY F 14 -52.31 39.07 0.52
CA GLY F 14 -52.57 40.47 0.82
C GLY F 14 -53.64 40.82 1.83
N MET F 15 -54.85 40.27 1.66
CA MET F 15 -55.92 40.61 2.58
C MET F 15 -55.70 40.08 4.00
N GLY F 16 -55.24 38.85 4.13
CA GLY F 16 -55.00 38.30 5.46
C GLY F 16 -53.94 39.10 6.20
N SER F 17 -52.89 39.49 5.47
CA SER F 17 -51.81 40.27 6.06
C SER F 17 -52.26 41.67 6.48
N ALA F 18 -52.93 42.36 5.57
CA ALA F 18 -53.38 43.73 5.82
C ALA F 18 -54.41 43.82 6.95
N LEU F 19 -55.42 42.97 6.89
CA LEU F 19 -56.46 42.99 7.90
C LEU F 19 -55.93 42.63 9.28
N ARG F 20 -55.06 41.63 9.36
CA ARG F 20 -54.52 41.24 10.66
C ARG F 20 -53.60 42.33 11.20
N LEU F 21 -52.79 42.92 10.34
CA LEU F 21 -51.89 43.98 10.79
C LEU F 21 -52.72 45.16 11.32
N SER F 22 -53.84 45.43 10.68
CA SER F 22 -54.71 46.53 11.12
C SER F 22 -55.30 46.19 12.49
N GLU F 23 -55.72 44.93 12.66
CA GLU F 23 -56.28 44.50 13.93
C GLU F 23 -55.22 44.65 15.03
N ALA F 24 -53.96 44.47 14.66
CA ALA F 24 -52.86 44.59 15.61
C ALA F 24 -52.57 46.05 15.95
N GLY F 25 -53.32 46.96 15.34
CA GLY F 25 -53.16 48.37 15.61
C GLY F 25 -52.27 49.17 14.68
N HIS F 26 -51.72 48.53 13.65
CA HIS F 26 -50.86 49.23 12.70
C HIS F 26 -51.68 50.05 11.71
N THR F 27 -51.06 51.10 11.19
CA THR F 27 -51.68 51.90 10.13
C THR F 27 -51.19 51.11 8.93
N VAL F 28 -52.12 50.61 8.10
CA VAL F 28 -51.71 49.81 6.96
C VAL F 28 -51.95 50.43 5.58
N ALA F 29 -50.86 50.89 4.97
CA ALA F 29 -50.92 51.48 3.63
C ALA F 29 -50.91 50.28 2.68
N CYS F 30 -51.87 50.27 1.77
CA CYS F 30 -52.00 49.17 0.83
C CYS F 30 -51.79 49.56 -0.62
N HIS F 31 -51.09 48.70 -1.34
CA HIS F 31 -50.81 48.88 -2.75
C HIS F 31 -51.53 47.79 -3.54
N ASP F 32 -51.86 48.12 -4.79
CA ASP F 32 -52.51 47.17 -5.69
C ASP F 32 -52.55 47.77 -7.08
N GLU F 33 -52.40 46.93 -8.11
CA GLU F 33 -52.40 47.41 -9.49
C GLU F 33 -53.70 48.14 -9.83
N SER F 34 -54.81 47.68 -9.27
CA SER F 34 -56.10 48.30 -9.55
C SER F 34 -56.21 49.72 -8.97
N PHE F 35 -55.39 50.02 -7.98
CA PHE F 35 -55.44 51.32 -7.34
C PHE F 35 -54.96 52.47 -8.23
N LYS F 36 -54.56 52.16 -9.46
CA LYS F 36 -54.14 53.18 -10.41
C LYS F 36 -55.40 53.96 -10.75
N GLN F 37 -56.54 53.28 -10.70
CA GLN F 37 -57.84 53.88 -10.98
C GLN F 37 -58.42 54.47 -9.69
N LYS F 38 -58.94 55.69 -9.77
CA LYS F 38 -59.51 56.35 -8.61
C LYS F 38 -60.74 55.63 -8.07
N ASP F 39 -61.54 55.08 -8.98
CA ASP F 39 -62.76 54.37 -8.60
C ASP F 39 -62.46 53.11 -7.79
N GLU F 40 -61.44 52.37 -8.22
CA GLU F 40 -61.04 51.14 -7.52
C GLU F 40 -60.52 51.46 -6.14
N LEU F 41 -59.65 52.47 -6.05
CA LEU F 41 -59.08 52.86 -4.77
C LEU F 41 -60.16 53.33 -3.81
N GLU F 42 -61.06 54.18 -4.32
CA GLU F 42 -62.13 54.70 -3.49
C GLU F 42 -63.09 53.61 -3.02
N ALA F 43 -63.41 52.67 -3.89
CA ALA F 43 -64.30 51.57 -3.52
C ALA F 43 -63.64 50.74 -2.40
N PHE F 44 -62.35 50.49 -2.56
CA PHE F 44 -61.60 49.72 -1.58
C PHE F 44 -61.57 50.44 -0.24
N ALA F 45 -61.29 51.73 -0.27
CA ALA F 45 -61.21 52.55 0.93
C ALA F 45 -62.55 52.58 1.68
N GLU F 46 -63.64 52.53 0.92
CA GLU F 46 -64.98 52.54 1.51
C GLU F 46 -65.28 51.23 2.24
N THR F 47 -64.98 50.11 1.59
CA THR F 47 -65.23 48.79 2.17
C THR F 47 -64.34 48.52 3.39
N TYR F 48 -63.10 49.00 3.33
CA TYR F 48 -62.15 48.78 4.43
C TYR F 48 -61.61 50.10 4.99
N PRO F 49 -62.43 50.79 5.81
CA PRO F 49 -62.03 52.06 6.42
C PRO F 49 -60.79 51.97 7.30
N GLN F 50 -60.46 50.77 7.74
CA GLN F 50 -59.29 50.58 8.59
C GLN F 50 -58.00 50.43 7.80
N LEU F 51 -58.12 50.42 6.47
CA LEU F 51 -56.97 50.30 5.58
C LEU F 51 -56.71 51.60 4.85
N LYS F 52 -55.50 51.77 4.33
CA LYS F 52 -55.17 53.00 3.61
C LYS F 52 -54.62 52.71 2.22
N PRO F 53 -55.51 52.56 1.22
CA PRO F 53 -55.02 52.29 -0.13
C PRO F 53 -54.24 53.47 -0.72
N MET F 54 -53.17 53.17 -1.43
CA MET F 54 -52.32 54.18 -2.07
C MET F 54 -52.40 53.94 -3.57
N SER F 55 -52.23 54.99 -4.35
CA SER F 55 -52.30 54.84 -5.81
C SER F 55 -50.93 54.58 -6.41
N GLU F 56 -49.88 54.87 -5.65
CA GLU F 56 -48.51 54.69 -6.12
C GLU F 56 -48.21 53.27 -6.60
N GLN F 57 -47.51 53.17 -7.73
CA GLN F 57 -47.19 51.87 -8.33
C GLN F 57 -45.72 51.45 -8.28
N GLU F 58 -44.80 52.41 -8.33
CA GLU F 58 -43.38 52.08 -8.29
C GLU F 58 -42.87 52.01 -6.86
N PRO F 59 -41.90 51.12 -6.60
CA PRO F 59 -41.29 50.89 -5.28
C PRO F 59 -40.84 52.13 -4.52
N ALA F 60 -39.93 52.92 -5.11
CA ALA F 60 -39.43 54.11 -4.45
C ALA F 60 -40.54 55.13 -4.17
N GLU F 61 -41.37 55.40 -5.17
CA GLU F 61 -42.45 56.37 -4.96
C GLU F 61 -43.44 55.88 -3.91
N LEU F 62 -43.65 54.57 -3.82
CA LEU F 62 -44.59 54.03 -2.83
C LEU F 62 -44.05 54.27 -1.43
N ILE F 63 -42.80 53.87 -1.19
CA ILE F 63 -42.20 54.06 0.12
C ILE F 63 -42.19 55.54 0.48
N GLU F 64 -41.92 56.40 -0.51
CA GLU F 64 -41.89 57.84 -0.27
C GLU F 64 -43.27 58.37 0.11
N ALA F 65 -44.29 57.93 -0.62
CA ALA F 65 -45.65 58.37 -0.38
C ALA F 65 -46.18 57.94 0.99
N VAL F 66 -45.82 56.73 1.40
CA VAL F 66 -46.27 56.23 2.70
C VAL F 66 -45.54 56.98 3.82
N THR F 67 -44.24 57.17 3.64
CA THR F 67 -43.44 57.89 4.63
C THR F 67 -43.94 59.32 4.81
N SER F 68 -44.35 59.96 3.71
CA SER F 68 -44.86 61.33 3.77
C SER F 68 -46.20 61.43 4.49
N ALA F 69 -47.11 60.51 4.17
CA ALA F 69 -48.44 60.53 4.75
C ALA F 69 -48.54 60.02 6.19
N TYR F 70 -47.79 58.97 6.51
CA TYR F 70 -47.88 58.40 7.85
C TYR F 70 -46.64 58.53 8.71
N GLY F 71 -45.60 59.16 8.17
CA GLY F 71 -44.39 59.37 8.96
C GLY F 71 -43.23 58.45 8.67
N GLN F 72 -43.50 57.17 8.51
CA GLN F 72 -42.45 56.21 8.25
C GLN F 72 -43.01 54.84 7.90
N VAL F 73 -42.12 53.92 7.56
CA VAL F 73 -42.51 52.55 7.23
C VAL F 73 -41.78 51.63 8.18
N ASP F 74 -42.54 50.98 9.06
CA ASP F 74 -41.99 50.08 10.07
C ASP F 74 -42.03 48.61 9.65
N VAL F 75 -43.03 48.25 8.86
CA VAL F 75 -43.20 46.88 8.39
C VAL F 75 -43.48 46.86 6.90
N LEU F 76 -42.75 46.02 6.19
CA LEU F 76 -42.94 45.86 4.75
C LEU F 76 -43.33 44.41 4.51
N VAL F 77 -44.49 44.20 3.91
CA VAL F 77 -44.94 42.86 3.56
C VAL F 77 -44.96 42.87 2.05
N SER F 78 -43.98 42.23 1.43
CA SER F 78 -43.94 42.19 -0.03
C SER F 78 -44.70 40.94 -0.49
N ASN F 79 -45.98 41.16 -0.79
CA ASN F 79 -46.89 40.11 -1.22
C ASN F 79 -46.83 40.07 -2.74
N ASP F 80 -45.86 39.33 -3.26
CA ASP F 80 -45.64 39.27 -4.70
C ASP F 80 -46.42 38.22 -5.44
N ILE F 81 -46.90 38.60 -6.62
CA ILE F 81 -47.69 37.70 -7.43
C ILE F 81 -47.30 37.74 -8.89
N PHE F 82 -47.67 36.69 -9.60
CA PHE F 82 -47.39 36.55 -11.01
C PHE F 82 -48.35 35.49 -11.51
N ALA F 83 -48.77 35.61 -12.76
CA ALA F 83 -49.68 34.64 -13.34
C ALA F 83 -48.92 33.85 -14.40
N PRO F 84 -48.31 32.72 -14.00
CA PRO F 84 -47.56 31.90 -14.95
C PRO F 84 -48.42 30.83 -15.58
N GLU F 85 -47.93 30.26 -16.68
CA GLU F 85 -48.62 29.16 -17.32
C GLU F 85 -47.69 28.00 -17.07
N PHE F 86 -48.22 26.79 -17.06
CA PHE F 86 -47.40 25.61 -16.91
C PHE F 86 -46.97 25.37 -18.35
N GLN F 87 -45.68 25.16 -18.58
CA GLN F 87 -45.19 24.92 -19.94
C GLN F 87 -43.91 24.10 -19.90
N PRO F 88 -43.73 23.21 -20.89
CA PRO F 88 -42.49 22.43 -20.88
C PRO F 88 -41.44 23.52 -21.14
N ILE F 89 -40.22 23.33 -20.68
CA ILE F 89 -39.17 24.35 -20.85
C ILE F 89 -39.02 24.91 -22.27
N ASP F 90 -39.08 24.05 -23.28
CA ASP F 90 -38.92 24.51 -24.66
C ASP F 90 -40.11 25.27 -25.22
N LYS F 91 -41.23 25.25 -24.51
CA LYS F 91 -42.44 25.93 -24.95
C LYS F 91 -42.57 27.35 -24.38
N TYR F 92 -41.79 27.66 -23.34
CA TYR F 92 -41.82 28.99 -22.78
C TYR F 92 -41.05 29.90 -23.73
N ALA F 93 -41.26 31.21 -23.57
CA ALA F 93 -40.52 32.20 -24.32
C ALA F 93 -39.59 32.72 -23.24
N VAL F 94 -38.39 33.16 -23.59
CA VAL F 94 -37.48 33.67 -22.56
C VAL F 94 -38.14 34.82 -21.80
N GLU F 95 -38.97 35.60 -22.49
CA GLU F 95 -39.67 36.72 -21.86
C GLU F 95 -40.61 36.25 -20.74
N ASP F 96 -41.04 34.99 -20.81
CA ASP F 96 -41.93 34.43 -19.79
C ASP F 96 -41.17 34.31 -18.46
N TYR F 97 -39.87 34.03 -18.56
CA TYR F 97 -39.05 33.90 -17.37
C TYR F 97 -38.70 35.30 -16.88
N ARG F 98 -38.35 36.19 -17.80
CA ARG F 98 -38.01 37.55 -17.43
C ARG F 98 -39.18 38.20 -16.71
N GLY F 99 -40.39 37.88 -17.13
CA GLY F 99 -41.58 38.43 -16.50
C GLY F 99 -41.73 37.92 -15.08
N ALA F 100 -41.50 36.62 -14.90
CA ALA F 100 -41.61 35.99 -13.60
C ALA F 100 -40.58 36.56 -12.63
N VAL F 101 -39.33 36.66 -13.08
CA VAL F 101 -38.27 37.18 -12.23
C VAL F 101 -38.50 38.64 -11.85
N GLU F 102 -38.97 39.44 -12.81
CA GLU F 102 -39.23 40.84 -12.55
C GLU F 102 -40.29 40.99 -11.45
N ALA F 103 -41.36 40.22 -11.59
CA ALA F 103 -42.46 40.29 -10.63
C ALA F 103 -42.22 39.60 -9.28
N LEU F 104 -41.44 38.54 -9.28
CA LEU F 104 -41.22 37.77 -8.06
C LEU F 104 -39.90 37.97 -7.32
N GLN F 105 -38.90 38.52 -8.00
CA GLN F 105 -37.60 38.77 -7.38
C GLN F 105 -37.25 40.24 -7.39
N ILE F 106 -37.22 40.84 -8.58
CA ILE F 106 -36.85 42.24 -8.70
C ILE F 106 -37.75 43.16 -7.86
N ARG F 107 -39.05 42.92 -7.89
CA ARG F 107 -39.99 43.74 -7.14
C ARG F 107 -39.69 43.74 -5.64
N PRO F 108 -39.66 42.55 -5.00
CA PRO F 108 -39.37 42.59 -3.56
C PRO F 108 -38.02 43.27 -3.27
N PHE F 109 -37.02 43.02 -4.12
CA PHE F 109 -35.70 43.62 -3.96
C PHE F 109 -35.81 45.15 -4.02
N ALA F 110 -36.58 45.64 -4.99
CA ALA F 110 -36.75 47.09 -5.17
C ALA F 110 -37.39 47.76 -3.97
N LEU F 111 -38.36 47.09 -3.35
CA LEU F 111 -39.03 47.66 -2.18
C LEU F 111 -38.07 47.72 -1.00
N VAL F 112 -37.32 46.64 -0.77
CA VAL F 112 -36.37 46.64 0.33
C VAL F 112 -35.27 47.67 0.08
N ASN F 113 -34.83 47.74 -1.18
CA ASN F 113 -33.79 48.68 -1.57
C ASN F 113 -34.20 50.11 -1.25
N ALA F 114 -35.50 50.39 -1.35
CA ALA F 114 -36.03 51.73 -1.08
C ALA F 114 -36.35 52.03 0.38
N VAL F 115 -36.69 51.00 1.16
CA VAL F 115 -37.06 51.22 2.55
C VAL F 115 -35.98 50.94 3.59
N ALA F 116 -34.96 50.18 3.20
CA ALA F 116 -33.90 49.82 4.13
C ALA F 116 -33.20 50.97 4.85
N SER F 117 -32.90 52.04 4.13
CA SER F 117 -32.21 53.18 4.73
C SER F 117 -32.88 53.72 6.00
N GLN F 118 -34.18 54.00 5.94
CA GLN F 118 -34.86 54.53 7.12
C GLN F 118 -34.95 53.52 8.24
N MET F 119 -35.11 52.24 7.92
CA MET F 119 -35.17 51.23 8.97
C MET F 119 -33.82 51.12 9.65
N LYS F 120 -32.76 51.13 8.84
CA LYS F 120 -31.42 51.02 9.40
C LYS F 120 -31.09 52.21 10.28
N LYS F 121 -31.53 53.40 9.87
CA LYS F 121 -31.28 54.61 10.66
C LYS F 121 -32.01 54.53 12.00
N ARG F 122 -33.23 54.01 12.00
CA ARG F 122 -33.98 53.90 13.25
C ARG F 122 -33.57 52.64 14.03
N LYS F 123 -32.88 51.74 13.34
CA LYS F 123 -32.48 50.45 13.92
C LYS F 123 -33.72 49.71 14.40
N SER F 124 -34.75 49.70 13.56
CA SER F 124 -35.99 49.00 13.85
C SER F 124 -36.80 48.87 12.57
N GLY F 125 -37.49 47.75 12.43
CA GLY F 125 -38.29 47.51 11.26
C GLY F 125 -38.39 46.02 11.04
N HIS F 126 -39.35 45.59 10.23
CA HIS F 126 -39.54 44.18 9.91
C HIS F 126 -39.83 44.06 8.42
N ILE F 127 -39.19 43.08 7.78
CA ILE F 127 -39.38 42.85 6.35
C ILE F 127 -39.88 41.43 6.17
N ILE F 128 -40.99 41.28 5.46
CA ILE F 128 -41.59 39.98 5.22
C ILE F 128 -41.91 39.81 3.73
N PHE F 129 -41.40 38.75 3.12
CA PHE F 129 -41.70 38.47 1.72
C PHE F 129 -42.71 37.32 1.73
N ILE F 130 -43.76 37.41 0.93
CA ILE F 130 -44.70 36.30 0.81
C ILE F 130 -44.23 35.70 -0.51
N THR F 131 -43.62 34.52 -0.42
CA THR F 131 -43.08 33.86 -1.61
C THR F 131 -43.93 32.67 -2.05
N SER F 132 -43.41 31.47 -1.89
CA SER F 132 -44.13 30.27 -2.31
C SER F 132 -43.46 29.01 -1.77
N ALA F 133 -44.24 27.95 -1.59
CA ALA F 133 -43.69 26.70 -1.11
C ALA F 133 -43.30 25.81 -2.30
N THR F 134 -43.60 26.25 -3.52
CA THR F 134 -43.26 25.43 -4.69
C THR F 134 -41.79 25.01 -4.77
N PRO F 135 -40.87 25.86 -4.28
CA PRO F 135 -39.46 25.45 -4.35
C PRO F 135 -39.17 24.24 -3.46
N PHE F 136 -39.97 24.06 -2.43
CA PHE F 136 -39.78 22.93 -1.52
C PHE F 136 -40.17 21.63 -2.22
N GLY F 137 -41.22 21.68 -3.01
CA GLY F 137 -41.69 20.51 -3.73
C GLY F 137 -42.14 20.94 -5.12
N PRO F 138 -41.20 21.10 -6.06
CA PRO F 138 -41.51 21.52 -7.44
C PRO F 138 -42.37 20.56 -8.27
N TRP F 139 -43.35 21.13 -8.96
CA TRP F 139 -44.19 20.35 -9.87
C TRP F 139 -43.45 20.45 -11.19
N LYS F 140 -43.64 19.49 -12.09
CA LYS F 140 -42.97 19.59 -13.38
C LYS F 140 -43.73 20.61 -14.24
N GLU F 141 -42.99 21.29 -15.12
CA GLU F 141 -43.53 22.27 -16.04
C GLU F 141 -43.97 23.61 -15.46
N LEU F 142 -43.26 24.08 -14.43
CA LEU F 142 -43.52 25.37 -13.80
C LEU F 142 -42.16 25.92 -13.38
N SER F 143 -41.15 25.68 -14.21
CA SER F 143 -39.78 26.08 -13.91
C SER F 143 -39.54 27.58 -13.76
N THR F 144 -40.29 28.42 -14.47
CA THR F 144 -40.11 29.86 -14.36
C THR F 144 -40.52 30.37 -12.99
N TYR F 145 -41.78 30.14 -12.65
CA TYR F 145 -42.35 30.59 -11.39
C TYR F 145 -41.62 30.01 -10.16
N THR F 146 -41.38 28.70 -10.19
CA THR F 146 -40.74 28.02 -9.08
C THR F 146 -39.34 28.53 -8.79
N SER F 147 -38.50 28.66 -9.82
CA SER F 147 -37.13 29.12 -9.59
C SER F 147 -37.08 30.59 -9.16
N ALA F 148 -38.01 31.40 -9.67
CA ALA F 148 -38.06 32.82 -9.32
C ALA F 148 -38.42 32.93 -7.83
N ARG F 149 -39.38 32.13 -7.38
CA ARG F 149 -39.76 32.14 -5.98
C ARG F 149 -38.60 31.71 -5.09
N ALA F 150 -37.82 30.74 -5.56
CA ALA F 150 -36.68 30.28 -4.78
C ALA F 150 -35.67 31.42 -4.62
N GLY F 151 -35.52 32.23 -5.67
CA GLY F 151 -34.62 33.35 -5.59
C GLY F 151 -35.08 34.33 -4.53
N ALA F 152 -36.38 34.58 -4.46
CA ALA F 152 -36.92 35.51 -3.47
C ALA F 152 -36.72 34.98 -2.04
N CYS F 153 -36.86 33.67 -1.86
CA CYS F 153 -36.68 33.06 -0.55
C CYS F 153 -35.24 33.25 -0.06
N THR F 154 -34.29 32.99 -0.95
CA THR F 154 -32.88 33.14 -0.60
C THR F 154 -32.54 34.61 -0.38
N LEU F 155 -33.19 35.50 -1.13
CA LEU F 155 -32.97 36.94 -0.99
C LEU F 155 -33.31 37.35 0.45
N ALA F 156 -34.43 36.84 0.94
CA ALA F 156 -34.85 37.16 2.31
C ALA F 156 -33.82 36.65 3.31
N ASN F 157 -33.36 35.41 3.12
CA ASN F 157 -32.37 34.86 4.04
C ASN F 157 -31.05 35.62 3.95
N ALA F 158 -30.62 35.96 2.74
CA ALA F 158 -29.37 36.70 2.58
C ALA F 158 -29.48 38.06 3.27
N LEU F 159 -30.61 38.72 3.07
CA LEU F 159 -30.83 40.03 3.67
C LEU F 159 -30.82 40.00 5.19
N SER F 160 -31.28 38.90 5.77
CA SER F 160 -31.30 38.80 7.23
C SER F 160 -29.90 38.93 7.80
N LYS F 161 -28.91 38.45 7.05
CA LYS F 161 -27.52 38.50 7.51
C LYS F 161 -26.98 39.90 7.67
N GLU F 162 -27.34 40.82 6.78
CA GLU F 162 -26.83 42.19 6.88
C GLU F 162 -27.70 43.10 7.72
N LEU F 163 -29.01 42.91 7.66
CA LEU F 163 -29.92 43.79 8.41
C LEU F 163 -30.02 43.46 9.90
N GLY F 164 -29.51 42.30 10.30
CA GLY F 164 -29.54 41.93 11.70
C GLY F 164 -28.75 42.91 12.56
N GLU F 165 -27.67 43.44 11.98
CA GLU F 165 -26.82 44.40 12.69
C GLU F 165 -27.60 45.64 13.07
N TYR F 166 -28.64 45.93 12.29
CA TYR F 166 -29.49 47.09 12.50
C TYR F 166 -30.81 46.73 13.20
N ASN F 167 -30.86 45.54 13.78
CA ASN F 167 -32.03 45.06 14.50
C ASN F 167 -33.26 44.92 13.61
N ILE F 168 -33.04 44.54 12.34
CA ILE F 168 -34.16 44.39 11.42
C ILE F 168 -34.35 42.94 10.97
N PRO F 169 -35.35 42.23 11.53
CA PRO F 169 -35.57 40.84 11.13
C PRO F 169 -36.11 40.78 9.70
N VAL F 170 -35.74 39.74 8.96
CA VAL F 170 -36.22 39.55 7.60
C VAL F 170 -36.73 38.11 7.50
N PHE F 171 -37.94 37.95 6.97
CA PHE F 171 -38.54 36.63 6.83
C PHE F 171 -39.19 36.40 5.48
N ALA F 172 -39.34 35.13 5.13
CA ALA F 172 -40.01 34.75 3.91
C ALA F 172 -41.06 33.72 4.31
N ILE F 173 -42.30 33.92 3.87
CA ILE F 173 -43.40 32.99 4.13
C ILE F 173 -43.74 32.42 2.75
N GLY F 174 -43.51 31.12 2.57
CA GLY F 174 -43.80 30.48 1.30
C GLY F 174 -45.04 29.65 1.43
N PRO F 175 -46.18 30.16 0.95
CA PRO F 175 -47.40 29.36 1.06
C PRO F 175 -47.66 28.49 -0.15
N ASN F 176 -48.65 27.61 0.01
CA ASN F 176 -49.15 26.77 -1.06
C ASN F 176 -50.50 26.30 -0.56
N TYR F 177 -51.46 26.20 -1.47
CA TYR F 177 -52.80 25.79 -1.10
C TYR F 177 -53.41 26.78 -0.11
N LEU F 178 -53.05 28.04 -0.28
CA LEU F 178 -53.58 29.11 0.56
C LEU F 178 -54.86 29.61 -0.12
N HIS F 179 -55.99 29.40 0.55
CA HIS F 179 -57.29 29.83 0.03
C HIS F 179 -57.24 31.32 -0.26
N SER F 180 -57.40 31.70 -1.52
CA SER F 180 -57.35 33.11 -1.90
C SER F 180 -58.73 33.72 -2.10
N GLU F 181 -59.77 32.94 -1.77
CA GLU F 181 -61.16 33.38 -1.85
C GLU F 181 -61.60 33.89 -3.23
N ASP F 182 -61.74 35.21 -3.39
CA ASP F 182 -62.19 35.74 -4.68
C ASP F 182 -61.03 36.00 -5.64
N SER F 183 -59.80 35.99 -5.11
CA SER F 183 -58.63 36.24 -5.94
C SER F 183 -58.18 34.98 -6.68
N PRO F 184 -57.81 35.12 -7.95
CA PRO F 184 -57.36 33.97 -8.74
C PRO F 184 -55.91 33.59 -8.39
N TYR F 185 -55.31 34.38 -7.49
CA TYR F 185 -53.94 34.14 -7.04
C TYR F 185 -53.94 33.58 -5.62
N PHE F 186 -53.87 32.26 -5.45
CA PHE F 186 -53.80 31.29 -6.55
C PHE F 186 -54.78 30.14 -6.32
N TYR F 187 -55.55 30.22 -5.23
CA TYR F 187 -56.52 29.17 -4.90
C TYR F 187 -57.89 29.73 -4.53
N PRO F 188 -58.63 30.23 -5.53
CA PRO F 188 -59.96 30.79 -5.29
C PRO F 188 -60.99 29.75 -4.84
N THR F 189 -62.03 30.20 -4.14
CA THR F 189 -63.09 29.32 -3.63
C THR F 189 -63.57 28.38 -4.74
N GLU F 190 -63.79 28.94 -5.92
CA GLU F 190 -64.21 28.17 -7.08
C GLU F 190 -62.93 28.05 -7.89
N PRO F 191 -62.49 26.81 -8.18
CA PRO F 191 -63.04 25.50 -7.84
C PRO F 191 -62.45 24.77 -6.63
N TRP F 192 -61.45 25.36 -5.98
CA TRP F 192 -60.78 24.67 -4.89
C TRP F 192 -61.59 24.17 -3.71
N LYS F 193 -62.73 24.80 -3.45
CA LYS F 193 -63.56 24.33 -2.34
C LYS F 193 -64.87 23.78 -2.84
N THR F 194 -65.18 24.05 -4.10
CA THR F 194 -66.43 23.60 -4.69
C THR F 194 -66.33 22.31 -5.49
N ASN F 195 -65.43 22.28 -6.49
CA ASN F 195 -65.25 21.11 -7.33
C ASN F 195 -64.63 19.93 -6.59
N PRO F 196 -65.33 18.78 -6.58
CA PRO F 196 -64.90 17.55 -5.91
C PRO F 196 -63.49 17.06 -6.21
N GLU F 197 -63.05 17.17 -7.46
CA GLU F 197 -61.70 16.70 -7.81
C GLU F 197 -60.63 17.58 -7.18
N HIS F 198 -60.91 18.87 -7.08
CA HIS F 198 -59.98 19.82 -6.48
C HIS F 198 -59.96 19.61 -4.97
N VAL F 199 -61.15 19.40 -4.40
CA VAL F 199 -61.26 19.17 -2.97
C VAL F 199 -60.50 17.90 -2.61
N ALA F 200 -60.64 16.88 -3.45
CA ALA F 200 -59.96 15.61 -3.22
C ALA F 200 -58.44 15.76 -3.38
N HIS F 201 -58.02 16.57 -4.33
CA HIS F 201 -56.60 16.80 -4.56
C HIS F 201 -55.98 17.41 -3.30
N VAL F 202 -56.59 18.48 -2.82
CA VAL F 202 -56.10 19.16 -1.62
C VAL F 202 -56.02 18.19 -0.45
N LYS F 203 -57.05 17.37 -0.29
CA LYS F 203 -57.08 16.40 0.79
C LYS F 203 -55.96 15.38 0.65
N LYS F 204 -55.56 15.10 -0.58
CA LYS F 204 -54.51 14.13 -0.84
C LYS F 204 -53.09 14.65 -0.63
N VAL F 205 -52.83 15.87 -1.11
CA VAL F 205 -51.50 16.44 -1.04
C VAL F 205 -51.06 17.23 0.20
N THR F 206 -51.99 17.58 1.07
CA THR F 206 -51.62 18.30 2.29
C THR F 206 -51.77 17.36 3.49
N ALA F 207 -50.97 17.56 4.53
CA ALA F 207 -51.09 16.70 5.70
C ALA F 207 -52.37 17.01 6.45
N LEU F 208 -52.71 18.29 6.53
CA LEU F 208 -53.93 18.69 7.23
C LEU F 208 -55.18 18.47 6.38
N GLN F 209 -54.98 18.09 5.12
CA GLN F 209 -56.07 17.80 4.20
C GLN F 209 -57.06 18.96 4.04
N ARG F 210 -56.55 20.16 3.79
CA ARG F 210 -57.38 21.34 3.62
C ARG F 210 -56.52 22.48 3.10
N LEU F 211 -57.17 23.56 2.69
CA LEU F 211 -56.48 24.74 2.20
C LEU F 211 -56.10 25.55 3.43
N GLY F 212 -55.12 26.43 3.29
CA GLY F 212 -54.71 27.29 4.39
C GLY F 212 -55.66 28.48 4.36
N THR F 213 -55.75 29.20 5.47
CA THR F 213 -56.66 30.34 5.53
C THR F 213 -55.92 31.68 5.56
N GLN F 214 -56.60 32.73 5.12
CA GLN F 214 -56.02 34.07 5.12
C GLN F 214 -55.79 34.43 6.58
N LYS F 215 -56.66 33.94 7.46
CA LYS F 215 -56.53 34.22 8.89
C LYS F 215 -55.20 33.69 9.42
N GLU F 216 -54.86 32.46 9.05
CA GLU F 216 -53.61 31.85 9.51
C GLU F 216 -52.40 32.62 9.00
N LEU F 217 -52.37 32.95 7.71
CA LEU F 217 -51.26 33.68 7.13
C LEU F 217 -51.15 35.03 7.85
N GLY F 218 -52.29 35.70 8.01
CA GLY F 218 -52.30 36.99 8.68
C GLY F 218 -51.79 36.93 10.11
N GLU F 219 -52.14 35.87 10.83
CA GLU F 219 -51.69 35.69 12.21
C GLU F 219 -50.17 35.56 12.25
N LEU F 220 -49.61 34.84 11.29
CA LEU F 220 -48.17 34.65 11.24
C LEU F 220 -47.50 35.98 10.97
N VAL F 221 -48.04 36.70 9.98
CA VAL F 221 -47.48 38.00 9.62
C VAL F 221 -47.49 38.96 10.80
N ALA F 222 -48.61 39.04 11.51
CA ALA F 222 -48.71 39.95 12.65
C ALA F 222 -47.78 39.52 13.77
N PHE F 223 -47.65 38.22 13.96
CA PHE F 223 -46.77 37.69 15.00
C PHE F 223 -45.33 38.10 14.73
N LEU F 224 -44.89 37.91 13.49
CA LEU F 224 -43.53 38.26 13.09
C LEU F 224 -43.27 39.76 13.16
N ALA F 225 -44.27 40.55 12.78
CA ALA F 225 -44.14 42.01 12.80
C ALA F 225 -44.30 42.62 14.17
N SER F 226 -44.77 41.83 15.14
CA SER F 226 -45.00 42.31 16.49
C SER F 226 -43.72 42.55 17.27
N GLY F 227 -42.64 41.90 16.85
CA GLY F 227 -41.38 42.04 17.56
C GLY F 227 -41.32 41.07 18.73
N SER F 228 -42.21 40.08 18.72
CA SER F 228 -42.27 39.08 19.79
C SER F 228 -41.24 37.97 19.58
N CYS F 229 -40.78 37.77 18.35
CA CYS F 229 -39.81 36.72 18.08
C CYS F 229 -38.85 37.08 16.95
N ASP F 230 -38.11 38.16 17.13
CA ASP F 230 -37.16 38.62 16.13
C ASP F 230 -36.05 37.60 15.89
N TYR F 231 -35.76 36.77 16.90
CA TYR F 231 -34.68 35.81 16.79
C TYR F 231 -34.86 34.75 15.70
N LEU F 232 -36.03 34.76 15.06
CA LEU F 232 -36.30 33.82 13.96
C LEU F 232 -35.82 34.42 12.63
N THR F 233 -35.20 35.60 12.68
CA THR F 233 -34.76 36.23 11.45
C THR F 233 -34.01 35.32 10.48
N GLY F 234 -34.39 35.41 9.21
CA GLY F 234 -33.75 34.60 8.17
C GLY F 234 -34.56 33.37 7.83
N GLN F 235 -35.54 33.06 8.67
CA GLN F 235 -36.39 31.90 8.48
C GLN F 235 -37.27 31.98 7.24
N VAL F 236 -37.39 30.85 6.55
CA VAL F 236 -38.29 30.73 5.41
C VAL F 236 -39.35 29.81 6.02
N PHE F 237 -40.59 30.30 6.09
CA PHE F 237 -41.69 29.53 6.66
C PHE F 237 -42.47 28.85 5.54
N TRP F 238 -42.62 27.53 5.64
CA TRP F 238 -43.39 26.79 4.64
C TRP F 238 -44.81 26.68 5.17
N LEU F 239 -45.68 27.55 4.69
CA LEU F 239 -47.08 27.60 5.09
C LEU F 239 -47.84 26.78 4.06
N ALA F 240 -47.69 25.46 4.13
CA ALA F 240 -48.34 24.61 3.14
C ALA F 240 -49.10 23.42 3.72
N GLY F 241 -49.43 23.51 5.00
CA GLY F 241 -50.20 22.45 5.64
C GLY F 241 -49.61 21.05 5.63
N GLY F 242 -48.29 20.94 5.60
CA GLY F 242 -47.69 19.62 5.59
C GLY F 242 -47.36 19.14 4.20
N PHE F 243 -47.76 19.92 3.19
CA PHE F 243 -47.44 19.56 1.83
C PHE F 243 -45.92 19.60 1.74
N PRO F 244 -45.31 18.72 0.93
CA PRO F 244 -45.95 17.71 0.08
C PRO F 244 -46.10 16.36 0.76
N MET F 245 -47.21 15.68 0.49
CA MET F 245 -47.45 14.35 1.02
C MET F 245 -46.91 13.44 -0.06
N ILE F 246 -46.02 12.54 0.32
CA ILE F 246 -45.38 11.65 -0.63
C ILE F 246 -46.14 10.35 -0.87
N GLU F 247 -46.37 10.05 -2.15
CA GLU F 247 -47.07 8.85 -2.59
C GLU F 247 -46.40 7.61 -2.00
N ARG F 248 -47.17 6.75 -1.33
CA ARG F 248 -46.60 5.55 -0.73
C ARG F 248 -46.72 4.32 -1.62
N TRP F 249 -46.07 3.23 -1.20
CA TRP F 249 -46.07 1.97 -1.94
C TRP F 249 -47.45 1.36 -2.16
N PRO F 250 -47.57 0.49 -3.18
CA PRO F 250 -48.86 -0.15 -3.46
C PRO F 250 -49.31 -0.94 -2.25
N GLY F 251 -50.62 -1.03 -2.03
CA GLY F 251 -51.13 -1.76 -0.89
C GLY F 251 -51.40 -0.90 0.33
N MET F 252 -50.77 0.27 0.38
CA MET F 252 -50.95 1.18 1.52
C MET F 252 -52.02 2.24 1.22
N PRO F 253 -52.87 2.54 2.21
CA PRO F 253 -53.94 3.54 2.03
C PRO F 253 -53.43 4.99 2.06
N SER G 2 -55.81 25.39 27.76
CA SER G 2 -55.74 23.90 27.80
C SER G 2 -54.55 23.43 28.61
N THR G 3 -54.33 22.11 28.62
CA THR G 3 -53.24 21.53 29.39
C THR G 3 -51.98 21.26 28.58
N ALA G 4 -50.86 21.74 29.08
CA ALA G 4 -49.60 21.54 28.41
C ALA G 4 -48.60 20.86 29.33
N ILE G 5 -47.65 20.18 28.71
CA ILE G 5 -46.57 19.51 29.43
C ILE G 5 -45.27 20.06 28.88
N VAL G 6 -44.40 20.54 29.77
CA VAL G 6 -43.11 21.06 29.39
C VAL G 6 -42.08 20.22 30.16
N THR G 7 -41.20 19.51 29.45
CA THR G 7 -40.20 18.68 30.12
C THR G 7 -38.91 19.45 30.44
N ASN G 8 -38.10 18.91 31.35
CA ASN G 8 -36.84 19.54 31.75
C ASN G 8 -37.04 21.04 31.87
N VAL G 9 -38.12 21.42 32.55
CA VAL G 9 -38.51 22.81 32.71
C VAL G 9 -37.46 23.78 33.21
N LYS G 10 -36.54 23.33 34.06
CA LYS G 10 -35.51 24.24 34.58
C LYS G 10 -34.41 24.56 33.59
N HIS G 11 -34.34 23.83 32.48
CA HIS G 11 -33.25 24.04 31.53
C HIS G 11 -33.64 24.29 30.08
N PHE G 12 -32.64 24.74 29.31
CA PHE G 12 -32.80 25.00 27.88
C PHE G 12 -34.01 25.87 27.57
N GLY G 13 -34.98 25.34 26.85
CA GLY G 13 -36.15 26.14 26.52
C GLY G 13 -37.32 25.95 27.47
N GLY G 14 -37.08 25.28 28.58
CA GLY G 14 -38.15 25.01 29.52
C GLY G 14 -38.84 26.16 30.23
N MET G 15 -38.06 27.06 30.82
CA MET G 15 -38.68 28.16 31.55
C MET G 15 -39.48 29.09 30.66
N GLY G 16 -38.89 29.45 29.51
CA GLY G 16 -39.58 30.32 28.59
C GLY G 16 -40.88 29.72 28.11
N SER G 17 -40.84 28.43 27.77
CA SER G 17 -42.03 27.73 27.29
C SER G 17 -43.12 27.68 28.36
N ALA G 18 -42.74 27.26 29.56
CA ALA G 18 -43.70 27.13 30.66
C ALA G 18 -44.29 28.46 31.10
N LEU G 19 -43.44 29.45 31.29
CA LEU G 19 -43.89 30.77 31.74
C LEU G 19 -44.78 31.48 30.72
N ARG G 20 -44.45 31.36 29.45
CA ARG G 20 -45.28 32.02 28.44
C ARG G 20 -46.56 31.26 28.14
N LEU G 21 -46.50 29.94 28.23
CA LEU G 21 -47.68 29.12 28.00
C LEU G 21 -48.65 29.42 29.14
N SER G 22 -48.10 29.61 30.34
CA SER G 22 -48.91 29.90 31.51
C SER G 22 -49.51 31.31 31.40
N GLU G 23 -48.69 32.27 30.99
CA GLU G 23 -49.17 33.63 30.83
C GLU G 23 -50.31 33.66 29.83
N ALA G 24 -50.21 32.80 28.81
CA ALA G 24 -51.22 32.71 27.77
C ALA G 24 -52.54 32.17 28.33
N GLY G 25 -52.46 31.55 29.50
CA GLY G 25 -53.64 31.02 30.15
C GLY G 25 -53.71 29.51 30.36
N HIS G 26 -52.79 28.79 29.73
CA HIS G 26 -52.78 27.33 29.83
C HIS G 26 -52.38 26.80 31.21
N THR G 27 -52.80 25.57 31.50
CA THR G 27 -52.42 24.89 32.74
C THR G 27 -51.15 24.17 32.30
N VAL G 28 -50.03 24.48 32.93
CA VAL G 28 -48.76 23.88 32.54
C VAL G 28 -48.19 22.87 33.51
N ALA G 29 -48.23 21.60 33.14
CA ALA G 29 -47.67 20.53 33.96
C ALA G 29 -46.18 20.52 33.60
N CYS G 30 -45.32 20.57 34.61
CA CYS G 30 -43.88 20.61 34.38
C CYS G 30 -43.12 19.39 34.87
N HIS G 31 -42.22 18.91 34.03
CA HIS G 31 -41.37 17.77 34.37
C HIS G 31 -39.92 18.26 34.52
N ASP G 32 -39.16 17.57 35.36
CA ASP G 32 -37.74 17.86 35.56
C ASP G 32 -37.14 16.75 36.41
N GLU G 33 -35.90 16.39 36.11
CA GLU G 33 -35.22 15.33 36.83
C GLU G 33 -35.14 15.62 38.31
N SER G 34 -34.95 16.90 38.65
CA SER G 34 -34.85 17.29 40.05
C SER G 34 -36.14 17.05 40.83
N PHE G 35 -37.26 16.99 40.12
CA PHE G 35 -38.55 16.79 40.77
C PHE G 35 -38.72 15.40 41.35
N LYS G 36 -37.69 14.57 41.22
CA LYS G 36 -37.72 13.22 41.79
C LYS G 36 -37.65 13.41 43.30
N GLN G 37 -37.08 14.55 43.72
CA GLN G 37 -36.96 14.89 45.13
C GLN G 37 -38.10 15.82 45.52
N LYS G 38 -38.89 15.42 46.51
CA LYS G 38 -40.02 16.22 46.98
C LYS G 38 -39.58 17.63 47.34
N ASP G 39 -38.37 17.75 47.88
CA ASP G 39 -37.85 19.05 48.28
C ASP G 39 -37.74 20.02 47.09
N GLU G 40 -37.20 19.54 45.98
CA GLU G 40 -37.03 20.36 44.79
C GLU G 40 -38.38 20.71 44.16
N LEU G 41 -39.28 19.73 44.09
CA LEU G 41 -40.59 19.94 43.50
C LEU G 41 -41.38 20.99 44.27
N GLU G 42 -41.38 20.86 45.59
CA GLU G 42 -42.11 21.79 46.45
C GLU G 42 -41.53 23.21 46.38
N ALA G 43 -40.21 23.32 46.25
CA ALA G 43 -39.55 24.61 46.17
C ALA G 43 -39.97 25.30 44.86
N PHE G 44 -39.98 24.53 43.78
CA PHE G 44 -40.36 25.05 42.46
C PHE G 44 -41.84 25.46 42.50
N ALA G 45 -42.65 24.61 43.10
CA ALA G 45 -44.09 24.86 43.19
C ALA G 45 -44.36 26.17 43.93
N GLU G 46 -43.50 26.49 44.89
CA GLU G 46 -43.63 27.71 45.68
C GLU G 46 -43.19 28.96 44.90
N THR G 47 -42.08 28.83 44.19
CA THR G 47 -41.54 29.94 43.42
C THR G 47 -42.42 30.25 42.21
N TYR G 48 -43.08 29.22 41.68
CA TYR G 48 -43.95 29.40 40.52
C TYR G 48 -45.33 28.79 40.76
N PRO G 49 -46.20 29.51 41.46
CA PRO G 49 -47.55 29.03 41.76
C PRO G 49 -48.41 28.84 40.52
N GLN G 50 -48.05 29.51 39.42
CA GLN G 50 -48.80 29.41 38.18
C GLN G 50 -48.43 28.13 37.40
N LEU G 51 -47.38 27.45 37.86
CA LEU G 51 -46.91 26.24 37.23
C LEU G 51 -47.29 25.01 38.06
N LYS G 52 -47.40 23.85 37.41
CA LYS G 52 -47.77 22.63 38.12
C LYS G 52 -46.68 21.55 37.97
N PRO G 53 -45.67 21.56 38.85
CA PRO G 53 -44.61 20.55 38.76
C PRO G 53 -45.09 19.14 39.08
N MET G 54 -44.60 18.16 38.33
CA MET G 54 -44.95 16.75 38.49
C MET G 54 -43.70 15.96 38.88
N SER G 55 -43.85 14.91 39.68
CA SER G 55 -42.70 14.11 40.10
C SER G 55 -42.38 12.99 39.10
N GLU G 56 -43.36 12.63 38.28
CA GLU G 56 -43.18 11.57 37.29
C GLU G 56 -41.99 11.80 36.37
N GLN G 57 -41.22 10.73 36.13
CA GLN G 57 -40.02 10.82 35.32
C GLN G 57 -40.11 10.12 33.95
N GLU G 58 -40.77 8.97 33.89
CA GLU G 58 -40.88 8.25 32.62
C GLU G 58 -42.06 8.70 31.78
N PRO G 59 -41.92 8.63 30.44
CA PRO G 59 -42.92 9.00 29.44
C PRO G 59 -44.37 8.61 29.72
N ALA G 60 -44.66 7.32 29.71
CA ALA G 60 -46.02 6.84 29.95
C ALA G 60 -46.57 7.32 31.29
N GLU G 61 -45.75 7.17 32.32
CA GLU G 61 -46.10 7.57 33.67
C GLU G 61 -46.46 9.05 33.73
N LEU G 62 -45.65 9.89 33.07
CA LEU G 62 -45.90 11.33 33.07
C LEU G 62 -47.19 11.70 32.35
N ILE G 63 -47.40 11.12 31.17
CA ILE G 63 -48.61 11.38 30.39
C ILE G 63 -49.87 10.97 31.16
N GLU G 64 -49.83 9.81 31.80
CA GLU G 64 -50.98 9.34 32.56
C GLU G 64 -51.26 10.26 33.75
N ALA G 65 -50.19 10.67 34.44
CA ALA G 65 -50.34 11.54 35.61
C ALA G 65 -50.96 12.89 35.29
N VAL G 66 -50.54 13.50 34.19
CA VAL G 66 -51.08 14.79 33.81
C VAL G 66 -52.51 14.62 33.30
N THR G 67 -52.78 13.49 32.64
CA THR G 67 -54.12 13.21 32.13
C THR G 67 -55.10 12.99 33.29
N SER G 68 -54.65 12.26 34.32
CA SER G 68 -55.49 12.00 35.48
C SER G 68 -55.75 13.29 36.25
N ALA G 69 -54.69 14.06 36.45
CA ALA G 69 -54.77 15.30 37.20
C ALA G 69 -55.47 16.46 36.49
N TYR G 70 -55.17 16.67 35.21
CA TYR G 70 -55.76 17.78 34.49
C TYR G 70 -56.64 17.44 33.29
N GLY G 71 -57.24 16.26 33.31
CA GLY G 71 -58.14 15.85 32.24
C GLY G 71 -57.55 15.27 30.96
N GLN G 72 -56.55 15.95 30.42
CA GLN G 72 -55.93 15.48 29.19
C GLN G 72 -54.67 16.28 28.90
N VAL G 73 -53.96 15.88 27.85
CA VAL G 73 -52.75 16.56 27.42
C VAL G 73 -53.03 17.13 26.03
N ASP G 74 -53.13 18.45 25.96
CA ASP G 74 -53.42 19.14 24.70
C ASP G 74 -52.16 19.57 23.96
N VAL G 75 -51.14 19.96 24.71
CA VAL G 75 -49.89 20.43 24.11
C VAL G 75 -48.69 19.74 24.74
N LEU G 76 -47.83 19.16 23.91
CA LEU G 76 -46.63 18.52 24.42
C LEU G 76 -45.42 19.29 23.95
N VAL G 77 -44.61 19.78 24.89
CA VAL G 77 -43.39 20.48 24.52
C VAL G 77 -42.25 19.61 25.03
N SER G 78 -41.60 18.91 24.09
CA SER G 78 -40.49 18.04 24.45
C SER G 78 -39.22 18.90 24.41
N ASN G 79 -38.87 19.42 25.58
CA ASN G 79 -37.69 20.27 25.75
C ASN G 79 -36.55 19.32 26.13
N ASP G 80 -35.91 18.74 25.13
CA ASP G 80 -34.87 17.77 25.38
C ASP G 80 -33.48 18.33 25.57
N ILE G 81 -32.77 17.75 26.53
CA ILE G 81 -31.43 18.17 26.86
C ILE G 81 -30.48 16.99 26.99
N PHE G 82 -29.19 17.31 26.95
CA PHE G 82 -28.14 16.33 27.06
C PHE G 82 -26.88 17.16 27.32
N ALA G 83 -25.94 16.59 28.07
CA ALA G 83 -24.69 17.28 28.39
C ALA G 83 -23.55 16.68 27.58
N PRO G 84 -23.37 17.15 26.34
CA PRO G 84 -22.29 16.62 25.51
C PRO G 84 -20.99 17.39 25.68
N GLU G 85 -19.91 16.81 25.18
CA GLU G 85 -18.62 17.46 25.23
C GLU G 85 -18.19 17.51 23.76
N PHE G 86 -17.37 18.49 23.42
CA PHE G 86 -16.85 18.58 22.06
C PHE G 86 -15.75 17.51 22.07
N GLN G 87 -15.69 16.70 21.02
CA GLN G 87 -14.70 15.63 20.98
C GLN G 87 -14.45 15.24 19.52
N PRO G 88 -13.17 14.98 19.16
CA PRO G 88 -12.91 14.58 17.77
C PRO G 88 -13.58 13.21 17.72
N ILE G 89 -14.07 12.80 16.56
CA ILE G 89 -14.79 11.53 16.46
C ILE G 89 -14.12 10.32 17.14
N ASP G 90 -12.80 10.20 17.00
CA ASP G 90 -12.09 9.07 17.59
C ASP G 90 -11.96 9.12 19.12
N LYS G 91 -12.20 10.30 19.70
CA LYS G 91 -12.10 10.44 21.16
C LYS G 91 -13.44 10.28 21.87
N TYR G 92 -14.51 10.16 21.08
CA TYR G 92 -15.82 9.93 21.67
C TYR G 92 -15.84 8.44 21.97
N ALA G 93 -16.73 8.03 22.85
CA ALA G 93 -16.93 6.63 23.15
C ALA G 93 -18.21 6.35 22.38
N VAL G 94 -18.39 5.14 21.86
CA VAL G 94 -19.62 4.85 21.14
C VAL G 94 -20.78 5.09 22.10
N GLU G 95 -20.56 4.80 23.38
CA GLU G 95 -21.59 5.01 24.39
C GLU G 95 -22.02 6.48 24.51
N ASP G 96 -21.13 7.40 24.12
CA ASP G 96 -21.45 8.83 24.19
C ASP G 96 -22.52 9.16 23.14
N TYR G 97 -22.50 8.44 22.02
CA TYR G 97 -23.50 8.68 20.98
C TYR G 97 -24.80 8.00 21.39
N ARG G 98 -24.70 6.81 22.00
CA ARG G 98 -25.89 6.11 22.46
C ARG G 98 -26.61 7.01 23.46
N GLY G 99 -25.84 7.63 24.34
CA GLY G 99 -26.41 8.50 25.35
C GLY G 99 -27.11 9.71 24.73
N ALA G 100 -26.49 10.30 23.72
CA ALA G 100 -27.07 11.46 23.07
C ALA G 100 -28.36 11.09 22.34
N VAL G 101 -28.34 9.98 21.61
CA VAL G 101 -29.53 9.56 20.88
C VAL G 101 -30.65 9.19 21.84
N GLU G 102 -30.31 8.60 22.98
CA GLU G 102 -31.32 8.23 23.95
C GLU G 102 -32.03 9.46 24.50
N ALA G 103 -31.24 10.47 24.86
CA ALA G 103 -31.77 11.71 25.42
C ALA G 103 -32.42 12.64 24.42
N LEU G 104 -31.88 12.70 23.21
CA LEU G 104 -32.39 13.63 22.21
C LEU G 104 -33.31 13.09 21.12
N GLN G 105 -33.40 11.77 20.98
CA GLN G 105 -34.28 11.18 19.97
C GLN G 105 -35.26 10.21 20.58
N ILE G 106 -34.75 9.25 21.35
CA ILE G 106 -35.62 8.24 21.94
C ILE G 106 -36.64 8.83 22.91
N ARG G 107 -36.21 9.80 23.73
CA ARG G 107 -37.11 10.41 24.70
C ARG G 107 -38.30 11.16 24.06
N PRO G 108 -38.05 12.06 23.09
CA PRO G 108 -39.20 12.73 22.49
C PRO G 108 -40.09 11.72 21.75
N PHE G 109 -39.48 10.73 21.13
CA PHE G 109 -40.26 9.71 20.45
C PHE G 109 -41.15 9.00 21.47
N ALA G 110 -40.58 8.67 22.63
CA ALA G 110 -41.33 7.99 23.69
C ALA G 110 -42.54 8.80 24.19
N LEU G 111 -42.34 10.10 24.31
CA LEU G 111 -43.42 10.99 24.76
C LEU G 111 -44.56 11.05 23.75
N VAL G 112 -44.23 11.16 22.46
CA VAL G 112 -45.28 11.22 21.44
C VAL G 112 -45.97 9.87 21.38
N ASN G 113 -45.17 8.82 21.46
CA ASN G 113 -45.68 7.46 21.44
C ASN G 113 -46.71 7.25 22.55
N ALA G 114 -46.50 7.89 23.69
CA ALA G 114 -47.40 7.76 24.82
C ALA G 114 -48.61 8.68 24.80
N VAL G 115 -48.54 9.79 24.08
CA VAL G 115 -49.64 10.75 24.05
C VAL G 115 -50.46 10.79 22.76
N ALA G 116 -49.89 10.30 21.67
CA ALA G 116 -50.55 10.34 20.37
C ALA G 116 -51.96 9.74 20.35
N SER G 117 -52.14 8.62 21.03
CA SER G 117 -53.42 7.95 21.03
C SER G 117 -54.56 8.86 21.50
N GLN G 118 -54.41 9.52 22.64
CA GLN G 118 -55.49 10.38 23.12
C GLN G 118 -55.71 11.59 22.22
N MET G 119 -54.64 12.13 21.64
CA MET G 119 -54.79 13.27 20.76
C MET G 119 -55.53 12.87 19.49
N LYS G 120 -55.19 11.70 18.95
CA LYS G 120 -55.82 11.19 17.74
C LYS G 120 -57.30 10.87 17.92
N LYS G 121 -57.66 10.32 19.08
CA LYS G 121 -59.04 9.97 19.35
C LYS G 121 -59.98 11.19 19.32
N ARG G 122 -59.52 12.31 19.85
CA ARG G 122 -60.34 13.52 19.86
C ARG G 122 -60.03 14.43 18.69
N LYS G 123 -58.99 14.09 17.93
CA LYS G 123 -58.59 14.90 16.77
C LYS G 123 -58.17 16.32 17.13
N SER G 124 -57.29 16.46 18.12
CA SER G 124 -56.82 17.77 18.48
C SER G 124 -55.58 17.62 19.35
N GLY G 125 -54.67 18.58 19.23
CA GLY G 125 -53.44 18.55 20.01
C GLY G 125 -52.33 19.22 19.25
N HIS G 126 -51.24 19.54 19.96
CA HIS G 126 -50.09 20.17 19.36
C HIS G 126 -48.86 19.53 19.96
N ILE G 127 -47.88 19.23 19.10
CA ILE G 127 -46.64 18.63 19.53
C ILE G 127 -45.50 19.53 19.09
N ILE G 128 -44.65 19.89 20.04
CA ILE G 128 -43.52 20.76 19.75
C ILE G 128 -42.24 20.15 20.34
N PHE G 129 -41.22 20.01 19.51
CA PHE G 129 -39.94 19.48 19.99
C PHE G 129 -38.98 20.66 20.04
N ILE G 130 -38.24 20.79 21.14
CA ILE G 130 -37.23 21.84 21.20
C ILE G 130 -35.99 21.02 20.89
N THR G 131 -35.43 21.26 19.71
CA THR G 131 -34.26 20.54 19.25
C THR G 131 -33.00 21.41 19.28
N SER G 132 -32.45 21.74 18.11
CA SER G 132 -31.24 22.56 18.06
C SER G 132 -30.99 23.02 16.63
N ALA G 133 -30.32 24.17 16.49
CA ALA G 133 -29.99 24.68 15.17
C ALA G 133 -28.62 24.21 14.73
N THR G 134 -27.94 23.43 15.58
CA THR G 134 -26.61 22.94 15.21
C THR G 134 -26.60 22.17 13.89
N PRO G 135 -27.66 21.43 13.58
CA PRO G 135 -27.66 20.70 12.31
C PRO G 135 -27.58 21.66 11.12
N PHE G 136 -28.09 22.87 11.32
CA PHE G 136 -28.10 23.88 10.26
C PHE G 136 -26.71 24.46 9.99
N GLY G 137 -25.90 24.56 11.05
CA GLY G 137 -24.54 25.07 10.91
C GLY G 137 -23.68 24.28 11.87
N PRO G 138 -23.26 23.07 11.49
CA PRO G 138 -22.43 22.20 12.33
C PRO G 138 -21.04 22.71 12.66
N TRP G 139 -20.69 22.69 13.95
CA TRP G 139 -19.36 23.07 14.39
C TRP G 139 -18.56 21.79 14.25
N LYS G 140 -17.24 21.90 14.17
CA LYS G 140 -16.41 20.71 14.08
C LYS G 140 -16.30 20.13 15.50
N GLU G 141 -16.30 18.81 15.59
CA GLU G 141 -16.16 18.10 16.86
C GLU G 141 -17.37 18.04 17.80
N LEU G 142 -18.57 17.99 17.24
CA LEU G 142 -19.78 17.86 18.04
C LEU G 142 -20.73 16.96 17.25
N SER G 143 -20.18 15.91 16.65
CA SER G 143 -20.95 15.01 15.81
C SER G 143 -22.08 14.24 16.48
N THR G 144 -21.90 13.86 17.73
CA THR G 144 -22.92 13.11 18.45
C THR G 144 -24.18 13.94 18.66
N TYR G 145 -24.01 15.05 19.37
CA TYR G 145 -25.11 15.95 19.68
C TYR G 145 -25.77 16.50 18.43
N THR G 146 -24.97 16.96 17.47
CA THR G 146 -25.50 17.52 16.24
C THR G 146 -26.31 16.53 15.39
N SER G 147 -25.81 15.31 15.23
CA SER G 147 -26.55 14.33 14.44
C SER G 147 -27.82 13.85 15.14
N ALA G 148 -27.77 13.73 16.47
CA ALA G 148 -28.94 13.30 17.20
C ALA G 148 -30.04 14.34 17.09
N ARG G 149 -29.68 15.61 17.19
CA ARG G 149 -30.65 16.69 17.09
C ARG G 149 -31.30 16.71 15.71
N ALA G 150 -30.53 16.32 14.70
CA ALA G 150 -31.05 16.29 13.34
C ALA G 150 -32.08 15.18 13.23
N GLY G 151 -31.85 14.09 13.93
CA GLY G 151 -32.80 12.99 13.92
C GLY G 151 -34.11 13.45 14.53
N ALA G 152 -34.02 14.22 15.61
CA ALA G 152 -35.22 14.71 16.28
C ALA G 152 -35.99 15.68 15.37
N CYS G 153 -35.26 16.50 14.62
CA CYS G 153 -35.90 17.45 13.70
C CYS G 153 -36.69 16.71 12.62
N THR G 154 -36.08 15.67 12.06
CA THR G 154 -36.75 14.90 11.01
C THR G 154 -37.90 14.09 11.59
N LEU G 155 -37.76 13.65 12.83
CA LEU G 155 -38.81 12.89 13.49
C LEU G 155 -40.05 13.79 13.57
N ALA G 156 -39.84 15.06 13.89
CA ALA G 156 -40.96 15.99 13.98
C ALA G 156 -41.61 16.17 12.61
N ASN G 157 -40.80 16.41 11.58
CA ASN G 157 -41.35 16.58 10.24
C ASN G 157 -42.06 15.31 9.77
N ALA G 158 -41.47 14.15 10.04
CA ALA G 158 -42.08 12.89 9.64
C ALA G 158 -43.43 12.70 10.33
N LEU G 159 -43.48 12.96 11.63
CA LEU G 159 -44.72 12.81 12.38
C LEU G 159 -45.82 13.76 11.89
N SER G 160 -45.44 14.94 11.44
CA SER G 160 -46.43 15.90 10.95
C SER G 160 -47.23 15.29 9.80
N LYS G 161 -46.59 14.43 9.02
CA LYS G 161 -47.25 13.80 7.88
C LYS G 161 -48.37 12.84 8.26
N GLU G 162 -48.22 12.12 9.36
CA GLU G 162 -49.26 11.18 9.77
C GLU G 162 -50.28 11.76 10.72
N LEU G 163 -49.85 12.69 11.57
CA LEU G 163 -50.77 13.27 12.53
C LEU G 163 -51.67 14.38 11.96
N GLY G 164 -51.30 14.89 10.78
CA GLY G 164 -52.09 15.93 10.18
C GLY G 164 -53.52 15.48 9.88
N GLU G 165 -53.70 14.20 9.57
CA GLU G 165 -55.04 13.67 9.26
C GLU G 165 -55.92 13.74 10.51
N TYR G 166 -55.27 13.85 11.67
CA TYR G 166 -55.99 13.93 12.94
C TYR G 166 -56.00 15.36 13.47
N ASN G 167 -55.68 16.31 12.60
CA ASN G 167 -55.67 17.73 12.93
C ASN G 167 -54.65 18.05 14.02
N ILE G 168 -53.54 17.32 14.06
CA ILE G 168 -52.51 17.54 15.06
C ILE G 168 -51.23 18.09 14.45
N PRO G 169 -50.94 19.39 14.64
CA PRO G 169 -49.72 19.98 14.10
C PRO G 169 -48.49 19.50 14.87
N VAL G 170 -47.36 19.36 14.19
CA VAL G 170 -46.13 18.94 14.84
C VAL G 170 -45.03 19.90 14.37
N PHE G 171 -44.26 20.43 15.32
CA PHE G 171 -43.20 21.38 15.00
C PHE G 171 -41.92 21.08 15.77
N ALA G 172 -40.81 21.58 15.24
CA ALA G 172 -39.52 21.45 15.91
C ALA G 172 -38.93 22.86 15.96
N ILE G 173 -38.47 23.27 17.13
CA ILE G 173 -37.85 24.59 17.29
C ILE G 173 -36.39 24.29 17.58
N GLY G 174 -35.49 24.72 16.68
CA GLY G 174 -34.08 24.47 16.87
C GLY G 174 -33.35 25.73 17.27
N PRO G 175 -33.10 25.93 18.56
CA PRO G 175 -32.40 27.14 18.98
C PRO G 175 -30.88 27.03 18.96
N ASN G 176 -30.24 28.17 19.14
CA ASN G 176 -28.80 28.26 19.30
C ASN G 176 -28.58 29.66 19.85
N TYR G 177 -27.63 29.80 20.76
CA TYR G 177 -27.34 31.06 21.40
C TYR G 177 -28.55 31.58 22.15
N LEU G 178 -29.33 30.65 22.70
CA LEU G 178 -30.51 31.00 23.49
C LEU G 178 -30.08 31.13 24.94
N HIS G 179 -30.23 32.33 25.48
CA HIS G 179 -29.88 32.62 26.88
C HIS G 179 -30.65 31.64 27.78
N SER G 180 -29.93 30.89 28.60
CA SER G 180 -30.57 29.92 29.49
C SER G 180 -30.56 30.39 30.94
N GLU G 181 -30.15 31.64 31.14
CA GLU G 181 -30.12 32.24 32.46
C GLU G 181 -29.30 31.47 33.50
N ASP G 182 -29.95 30.83 34.45
CA ASP G 182 -29.22 30.07 35.47
C ASP G 182 -28.94 28.64 35.05
N SER G 183 -29.52 28.21 33.94
CA SER G 183 -29.32 26.84 33.47
C SER G 183 -28.05 26.70 32.65
N PRO G 184 -27.31 25.61 32.86
CA PRO G 184 -26.07 25.38 32.11
C PRO G 184 -26.34 24.91 30.67
N TYR G 185 -27.61 24.62 30.37
CA TYR G 185 -28.00 24.16 29.03
C TYR G 185 -28.72 25.31 28.28
N PHE G 186 -28.03 26.04 27.41
CA PHE G 186 -26.61 25.82 27.10
C PHE G 186 -25.83 27.14 27.08
N TYR G 187 -26.54 28.26 27.33
CA TYR G 187 -25.90 29.56 27.33
C TYR G 187 -26.27 30.37 28.58
N PRO G 188 -25.70 29.98 29.73
CA PRO G 188 -25.97 30.67 30.99
C PRO G 188 -25.44 32.11 31.01
N THR G 189 -26.07 32.96 31.82
CA THR G 189 -25.68 34.37 31.93
C THR G 189 -24.17 34.49 32.10
N GLU G 190 -23.60 33.62 32.95
CA GLU G 190 -22.17 33.59 33.17
C GLU G 190 -21.73 32.34 32.40
N PRO G 191 -20.80 32.48 31.45
CA PRO G 191 -20.10 33.71 31.03
C PRO G 191 -20.62 34.40 29.77
N TRP G 192 -21.71 33.92 29.19
CA TRP G 192 -22.19 34.49 27.93
C TRP G 192 -22.62 35.94 27.88
N LYS G 193 -22.99 36.51 29.03
CA LYS G 193 -23.39 37.91 29.09
C LYS G 193 -22.40 38.72 29.95
N THR G 194 -21.52 38.01 30.64
CA THR G 194 -20.55 38.63 31.53
C THR G 194 -19.10 38.72 31.04
N ASN G 195 -18.64 37.71 30.32
CA ASN G 195 -17.26 37.67 29.84
C ASN G 195 -17.09 38.31 28.46
N PRO G 196 -16.16 39.28 28.35
CA PRO G 196 -15.89 39.97 27.08
C PRO G 196 -15.68 39.09 25.85
N GLU G 197 -14.88 38.03 25.98
CA GLU G 197 -14.64 37.15 24.84
C GLU G 197 -15.90 36.44 24.37
N HIS G 198 -16.73 36.01 25.31
CA HIS G 198 -17.97 35.32 24.97
C HIS G 198 -18.94 36.33 24.35
N VAL G 199 -18.98 37.52 24.93
CA VAL G 199 -19.85 38.58 24.42
C VAL G 199 -19.50 38.93 22.98
N ALA G 200 -18.20 39.04 22.70
CA ALA G 200 -17.75 39.37 21.35
C ALA G 200 -18.08 38.23 20.39
N HIS G 201 -17.92 37.00 20.87
CA HIS G 201 -18.22 35.83 20.04
C HIS G 201 -19.66 35.87 19.55
N VAL G 202 -20.58 36.07 20.48
CA VAL G 202 -22.00 36.12 20.14
C VAL G 202 -22.29 37.25 19.15
N LYS G 203 -21.68 38.41 19.36
CA LYS G 203 -21.91 39.53 18.47
C LYS G 203 -21.42 39.21 17.05
N LYS G 204 -20.41 38.35 16.95
CA LYS G 204 -19.85 38.00 15.66
C LYS G 204 -20.58 36.87 14.92
N VAL G 205 -21.04 35.88 15.66
CA VAL G 205 -21.69 34.70 15.11
C VAL G 205 -23.19 34.78 14.80
N THR G 206 -23.88 35.76 15.37
CA THR G 206 -25.31 35.92 15.13
C THR G 206 -25.58 37.19 14.33
N ALA G 207 -26.63 37.20 13.53
CA ALA G 207 -26.94 38.38 12.73
C ALA G 207 -27.42 39.50 13.64
N LEU G 208 -28.24 39.15 14.64
CA LEU G 208 -28.76 40.14 15.56
C LEU G 208 -27.72 40.56 16.61
N GLN G 209 -26.58 39.89 16.61
CA GLN G 209 -25.48 40.22 17.53
C GLN G 209 -25.89 40.22 19.00
N ARG G 210 -26.56 39.16 19.42
CA ARG G 210 -27.01 39.00 20.80
C ARG G 210 -27.54 37.59 20.99
N LEU G 211 -27.74 37.20 22.24
CA LEU G 211 -28.30 35.90 22.57
C LEU G 211 -29.80 36.03 22.40
N GLY G 212 -30.47 34.91 22.13
CA GLY G 212 -31.91 34.94 22.01
C GLY G 212 -32.45 34.90 23.43
N THR G 213 -33.68 35.36 23.63
CA THR G 213 -34.23 35.37 24.98
C THR G 213 -35.22 34.25 25.24
N GLN G 214 -35.43 33.92 26.51
CA GLN G 214 -36.37 32.89 26.86
C GLN G 214 -37.77 33.34 26.46
N LYS G 215 -38.03 34.64 26.55
CA LYS G 215 -39.33 35.20 26.17
C LYS G 215 -39.63 34.96 24.70
N GLU G 216 -38.63 35.18 23.83
CA GLU G 216 -38.83 34.97 22.40
C GLU G 216 -39.18 33.50 22.13
N LEU G 217 -38.44 32.57 22.74
CA LEU G 217 -38.73 31.14 22.56
C LEU G 217 -40.14 30.84 23.06
N GLY G 218 -40.44 31.33 24.26
CA GLY G 218 -41.75 31.11 24.84
C GLY G 218 -42.88 31.68 24.00
N GLU G 219 -42.66 32.87 23.42
CA GLU G 219 -43.67 33.49 22.58
C GLU G 219 -43.95 32.62 21.35
N LEU G 220 -42.90 32.01 20.81
CA LEU G 220 -43.06 31.15 19.64
C LEU G 220 -43.82 29.90 20.06
N VAL G 221 -43.44 29.32 21.18
CA VAL G 221 -44.12 28.12 21.67
C VAL G 221 -45.62 28.39 21.87
N ALA G 222 -45.93 29.50 22.52
CA ALA G 222 -47.32 29.86 22.79
C ALA G 222 -48.08 30.09 21.48
N PHE G 223 -47.43 30.75 20.53
CA PHE G 223 -48.03 31.02 19.23
C PHE G 223 -48.36 29.71 18.50
N LEU G 224 -47.41 28.78 18.47
CA LEU G 224 -47.65 27.50 17.79
C LEU G 224 -48.75 26.70 18.49
N ALA G 225 -48.76 26.77 19.82
CA ALA G 225 -49.75 26.06 20.62
C ALA G 225 -51.14 26.70 20.63
N SER G 226 -51.23 27.96 20.18
CA SER G 226 -52.51 28.67 20.18
C SER G 226 -53.51 28.19 19.14
N GLY G 227 -53.01 27.51 18.11
CA GLY G 227 -53.90 27.03 17.07
C GLY G 227 -54.14 28.14 16.05
N SER G 228 -53.40 29.24 16.17
CA SER G 228 -53.56 30.36 15.25
C SER G 228 -52.95 30.12 13.87
N CYS G 229 -51.96 29.23 13.80
CA CYS G 229 -51.32 28.95 12.52
C CYS G 229 -50.89 27.49 12.38
N ASP G 230 -51.87 26.59 12.46
CA ASP G 230 -51.59 25.16 12.35
C ASP G 230 -51.03 24.78 10.98
N TYR G 231 -51.28 25.61 9.97
CA TYR G 231 -50.81 25.32 8.62
C TYR G 231 -49.29 25.28 8.45
N LEU G 232 -48.56 25.58 9.52
CA LEU G 232 -47.09 25.53 9.51
C LEU G 232 -46.61 24.14 9.89
N THR G 233 -47.55 23.24 10.16
CA THR G 233 -47.17 21.90 10.59
C THR G 233 -46.04 21.28 9.77
N GLY G 234 -45.08 20.70 10.49
CA GLY G 234 -43.92 20.08 9.85
C GLY G 234 -42.72 20.99 9.83
N GLN G 235 -42.95 22.24 10.17
CA GLN G 235 -41.91 23.27 10.20
C GLN G 235 -40.82 23.06 11.24
N VAL G 236 -39.59 23.31 10.82
CA VAL G 236 -38.47 23.30 11.74
C VAL G 236 -38.11 24.78 11.76
N PHE G 237 -38.18 25.39 12.93
CA PHE G 237 -37.90 26.80 13.11
C PHE G 237 -36.47 26.96 13.61
N TRP G 238 -35.66 27.75 12.91
CA TRP G 238 -34.28 27.95 13.35
C TRP G 238 -34.30 29.23 14.18
N LEU G 239 -34.31 29.06 15.49
CA LEU G 239 -34.34 30.19 16.44
C LEU G 239 -32.91 30.50 16.85
N ALA G 240 -32.14 31.07 15.93
CA ALA G 240 -30.74 31.33 16.23
C ALA G 240 -30.22 32.73 15.86
N GLY G 241 -31.13 33.69 15.77
CA GLY G 241 -30.74 35.06 15.48
C GLY G 241 -29.96 35.35 14.23
N GLY G 242 -30.10 34.51 13.20
CA GLY G 242 -29.36 34.76 11.98
C GLY G 242 -28.09 33.94 11.88
N PHE G 243 -27.79 33.16 12.92
CA PHE G 243 -26.62 32.29 12.90
C PHE G 243 -26.93 31.26 11.82
N PRO G 244 -25.91 30.81 11.08
CA PRO G 244 -24.50 31.22 11.18
C PRO G 244 -24.10 32.40 10.31
N MET G 245 -23.20 33.23 10.84
CA MET G 245 -22.67 34.36 10.10
C MET G 245 -21.38 33.81 9.51
N ILE G 246 -21.28 33.81 8.19
CA ILE G 246 -20.09 33.25 7.54
C ILE G 246 -18.97 34.28 7.35
N GLU G 247 -17.76 33.87 7.72
CA GLU G 247 -16.56 34.69 7.60
C GLU G 247 -16.37 35.19 6.17
N ARG G 248 -16.20 36.49 6.01
CA ARG G 248 -16.00 37.05 4.68
C ARG G 248 -14.52 37.21 4.31
N TRP G 249 -14.27 37.55 3.06
CA TRP G 249 -12.94 37.74 2.53
C TRP G 249 -12.10 38.79 3.26
N PRO G 250 -10.77 38.69 3.15
CA PRO G 250 -9.87 39.65 3.79
C PRO G 250 -10.14 41.05 3.25
N GLY G 251 -10.07 42.06 4.11
CA GLY G 251 -10.29 43.42 3.66
C GLY G 251 -11.67 43.98 3.99
N MET G 252 -12.66 43.09 4.12
CA MET G 252 -14.02 43.50 4.42
C MET G 252 -14.19 43.56 5.93
N PRO G 253 -14.92 44.57 6.44
CA PRO G 253 -15.12 44.69 7.88
C PRO G 253 -16.01 43.58 8.46
N SER H 2 -6.34 0.90 -3.29
CA SER H 2 -6.23 0.88 -1.80
C SER H 2 -7.08 -0.24 -1.22
N THR H 3 -7.29 -0.19 0.10
CA THR H 3 -8.08 -1.19 0.80
C THR H 3 -9.40 -0.59 1.28
N ALA H 4 -10.49 -1.27 0.95
CA ALA H 4 -11.81 -0.78 1.34
C ALA H 4 -12.60 -1.81 2.12
N ILE H 5 -13.61 -1.32 2.82
CA ILE H 5 -14.52 -2.17 3.59
C ILE H 5 -15.94 -1.79 3.19
N VAL H 6 -16.74 -2.79 2.86
CA VAL H 6 -18.14 -2.60 2.52
C VAL H 6 -18.92 -3.53 3.43
N THR H 7 -19.86 -2.98 4.18
CA THR H 7 -20.66 -3.78 5.12
C THR H 7 -21.97 -4.30 4.51
N ASN H 8 -22.58 -5.28 5.14
CA ASN H 8 -23.82 -5.89 4.66
C ASN H 8 -23.76 -6.02 3.14
N VAL H 9 -22.66 -6.57 2.65
CA VAL H 9 -22.44 -6.68 1.21
C VAL H 9 -23.52 -7.35 0.38
N LYS H 10 -24.28 -8.27 0.98
CA LYS H 10 -25.34 -8.98 0.24
C LYS H 10 -26.61 -8.16 0.09
N HIS H 11 -26.66 -7.01 0.75
CA HIS H 11 -27.87 -6.21 0.74
C HIS H 11 -27.68 -4.74 0.37
N PHE H 12 -28.82 -4.09 0.08
CA PHE H 12 -28.86 -2.67 -0.22
C PHE H 12 -27.85 -2.28 -1.31
N GLY H 13 -26.92 -1.38 -0.98
CA GLY H 13 -25.94 -0.97 -1.97
C GLY H 13 -24.63 -1.74 -1.86
N GLY H 14 -24.69 -2.90 -1.21
CA GLY H 14 -23.48 -3.71 -1.01
C GLY H 14 -22.74 -4.24 -2.22
N MET H 15 -23.44 -4.97 -3.09
CA MET H 15 -22.79 -5.55 -4.26
C MET H 15 -22.36 -4.52 -5.30
N GLY H 16 -23.15 -3.47 -5.46
CA GLY H 16 -22.77 -2.45 -6.43
C GLY H 16 -21.47 -1.81 -5.97
N SER H 17 -21.41 -1.45 -4.69
CA SER H 17 -20.23 -0.82 -4.11
C SER H 17 -18.99 -1.73 -4.14
N ALA H 18 -19.11 -2.90 -3.53
CA ALA H 18 -17.99 -3.84 -3.45
C ALA H 18 -17.42 -4.22 -4.81
N LEU H 19 -18.28 -4.64 -5.71
CA LEU H 19 -17.84 -5.06 -7.03
C LEU H 19 -17.21 -3.95 -7.87
N ARG H 20 -17.78 -2.75 -7.84
CA ARG H 20 -17.20 -1.66 -8.62
C ARG H 20 -15.85 -1.22 -8.06
N LEU H 21 -15.73 -1.21 -6.74
CA LEU H 21 -14.47 -0.83 -6.10
C LEU H 21 -13.43 -1.89 -6.47
N SER H 22 -13.86 -3.15 -6.42
CA SER H 22 -12.99 -4.26 -6.77
C SER H 22 -12.53 -4.13 -8.23
N GLU H 23 -13.45 -3.78 -9.11
CA GLU H 23 -13.15 -3.63 -10.54
C GLU H 23 -12.14 -2.53 -10.78
N ALA H 24 -12.08 -1.56 -9.88
CA ALA H 24 -11.15 -0.45 -10.00
C ALA H 24 -9.76 -0.84 -9.51
N GLY H 25 -9.63 -2.06 -8.98
CA GLY H 25 -8.35 -2.53 -8.50
C GLY H 25 -8.15 -2.51 -6.99
N HIS H 26 -9.18 -2.11 -6.24
CA HIS H 26 -9.08 -2.06 -4.79
C HIS H 26 -9.19 -3.43 -4.14
N THR H 27 -8.63 -3.55 -2.94
CA THR H 27 -8.74 -4.77 -2.16
C THR H 27 -9.99 -4.48 -1.35
N VAL H 28 -11.06 -5.24 -1.57
CA VAL H 28 -12.32 -5.02 -0.88
C VAL H 28 -12.70 -6.10 0.12
N ALA H 29 -12.59 -5.75 1.40
CA ALA H 29 -12.94 -6.64 2.49
C ALA H 29 -14.46 -6.46 2.65
N CYS H 30 -15.17 -7.56 2.79
CA CYS H 30 -16.62 -7.49 2.89
C CYS H 30 -17.18 -8.07 4.19
N HIS H 31 -18.15 -7.37 4.74
CA HIS H 31 -18.82 -7.80 5.95
C HIS H 31 -20.27 -8.14 5.63
N ASP H 32 -20.84 -9.05 6.40
CA ASP H 32 -22.23 -9.44 6.26
C ASP H 32 -22.61 -10.37 7.41
N GLU H 33 -23.81 -10.19 7.94
CA GLU H 33 -24.28 -11.01 9.05
C GLU H 33 -24.19 -12.50 8.71
N SER H 34 -24.37 -12.84 7.44
CA SER H 34 -24.32 -14.23 7.02
C SER H 34 -22.91 -14.83 7.15
N PHE H 35 -21.90 -13.96 7.14
CA PHE H 35 -20.52 -14.41 7.23
C PHE H 35 -20.18 -14.93 8.63
N LYS H 36 -21.16 -14.95 9.53
CA LYS H 36 -20.94 -15.47 10.87
C LYS H 36 -20.74 -16.98 10.72
N GLN H 37 -21.40 -17.56 9.72
CA GLN H 37 -21.30 -19.00 9.43
C GLN H 37 -20.15 -19.25 8.47
N LYS H 38 -19.23 -20.14 8.85
CA LYS H 38 -18.09 -20.46 8.01
C LYS H 38 -18.50 -20.89 6.61
N ASP H 39 -19.60 -21.65 6.51
CA ASP H 39 -20.08 -22.13 5.23
C ASP H 39 -20.48 -20.97 4.30
N GLU H 40 -21.15 -19.98 4.87
CA GLU H 40 -21.59 -18.81 4.12
C GLU H 40 -20.40 -18.03 3.57
N LEU H 41 -19.44 -17.75 4.45
CA LEU H 41 -18.25 -17.02 4.04
C LEU H 41 -17.51 -17.81 2.96
N GLU H 42 -17.41 -19.12 3.15
CA GLU H 42 -16.74 -20.00 2.20
C GLU H 42 -17.28 -19.82 0.79
N ALA H 43 -18.59 -20.04 0.65
CA ALA H 43 -19.28 -19.94 -0.62
C ALA H 43 -19.05 -18.59 -1.27
N PHE H 44 -19.24 -17.53 -0.48
CA PHE H 44 -19.07 -16.17 -1.00
C PHE H 44 -17.64 -15.97 -1.50
N ALA H 45 -16.66 -16.45 -0.73
CA ALA H 45 -15.26 -16.30 -1.11
C ALA H 45 -14.93 -17.01 -2.40
N GLU H 46 -15.49 -18.22 -2.58
CA GLU H 46 -15.24 -19.00 -3.79
C GLU H 46 -15.94 -18.37 -4.97
N THR H 47 -17.15 -17.86 -4.74
CA THR H 47 -17.93 -17.22 -5.78
C THR H 47 -17.30 -15.90 -6.22
N TYR H 48 -16.75 -15.15 -5.28
CA TYR H 48 -16.14 -13.86 -5.60
C TYR H 48 -14.68 -13.77 -5.12
N PRO H 49 -13.74 -14.30 -5.91
CA PRO H 49 -12.33 -14.26 -5.53
C PRO H 49 -11.77 -12.84 -5.58
N GLN H 50 -12.50 -11.94 -6.23
CA GLN H 50 -12.06 -10.55 -6.32
C GLN H 50 -12.51 -9.78 -5.09
N LEU H 51 -13.13 -10.50 -4.15
CA LEU H 51 -13.62 -9.92 -2.91
C LEU H 51 -13.01 -10.65 -1.72
N LYS H 52 -12.98 -10.00 -0.57
CA LYS H 52 -12.41 -10.62 0.64
C LYS H 52 -13.40 -10.60 1.80
N PRO H 53 -14.29 -11.62 1.88
CA PRO H 53 -15.27 -11.67 2.97
C PRO H 53 -14.61 -11.90 4.32
N MET H 54 -15.11 -11.18 5.34
CA MET H 54 -14.60 -11.27 6.70
C MET H 54 -15.69 -11.87 7.58
N SER H 55 -15.30 -12.55 8.65
CA SER H 55 -16.27 -13.16 9.55
C SER H 55 -16.66 -12.22 10.70
N GLU H 56 -15.77 -11.28 11.02
CA GLU H 56 -16.01 -10.33 12.10
C GLU H 56 -17.34 -9.58 11.96
N GLN H 57 -18.06 -9.44 13.07
CA GLN H 57 -19.35 -8.76 13.08
C GLN H 57 -19.34 -7.41 13.79
N GLU H 58 -18.53 -7.25 14.83
CA GLU H 58 -18.47 -5.98 15.54
C GLU H 58 -17.57 -4.95 14.83
N PRO H 59 -17.94 -3.66 14.89
CA PRO H 59 -17.19 -2.57 14.26
C PRO H 59 -15.68 -2.52 14.51
N ALA H 60 -15.28 -2.32 15.76
CA ALA H 60 -13.86 -2.25 16.09
C ALA H 60 -13.14 -3.53 15.66
N GLU H 61 -13.80 -4.65 15.86
CA GLU H 61 -13.26 -5.96 15.50
C GLU H 61 -13.02 -6.07 13.99
N LEU H 62 -13.99 -5.63 13.21
CA LEU H 62 -13.89 -5.67 11.76
C LEU H 62 -12.75 -4.80 11.24
N ILE H 63 -12.70 -3.58 11.74
CA ILE H 63 -11.65 -2.65 11.32
C ILE H 63 -10.28 -3.22 11.66
N GLU H 64 -10.16 -3.81 12.84
CA GLU H 64 -8.87 -4.38 13.25
C GLU H 64 -8.47 -5.55 12.36
N ALA H 65 -9.42 -6.43 12.06
CA ALA H 65 -9.16 -7.60 11.22
C ALA H 65 -8.71 -7.24 9.80
N VAL H 66 -9.37 -6.25 9.20
CA VAL H 66 -9.01 -5.82 7.86
C VAL H 66 -7.65 -5.15 7.87
N THR H 67 -7.40 -4.34 8.89
CA THR H 67 -6.13 -3.64 9.02
C THR H 67 -4.97 -4.63 9.16
N SER H 68 -5.16 -5.65 10.00
CA SER H 68 -4.11 -6.64 10.20
C SER H 68 -3.93 -7.51 8.97
N ALA H 69 -5.03 -7.89 8.33
CA ALA H 69 -4.98 -8.74 7.16
C ALA H 69 -4.48 -8.03 5.90
N TYR H 70 -4.91 -6.80 5.68
CA TYR H 70 -4.52 -6.08 4.47
C TYR H 70 -3.73 -4.79 4.66
N GLY H 71 -3.25 -4.55 5.87
CA GLY H 71 -2.43 -3.37 6.12
C GLY H 71 -3.11 -2.14 6.69
N GLN H 72 -4.29 -1.80 6.17
CA GLN H 72 -4.99 -0.62 6.65
C GLN H 72 -6.33 -0.53 5.96
N VAL H 73 -7.13 0.47 6.36
CA VAL H 73 -8.44 0.70 5.77
C VAL H 73 -8.41 2.11 5.18
N ASP H 74 -8.47 2.19 3.85
CA ASP H 74 -8.42 3.48 3.18
C ASP H 74 -9.82 4.01 2.87
N VAL H 75 -10.75 3.10 2.60
CA VAL H 75 -12.10 3.49 2.28
C VAL H 75 -13.12 2.71 3.10
N LEU H 76 -14.02 3.44 3.74
CA LEU H 76 -15.06 2.81 4.53
C LEU H 76 -16.39 3.10 3.87
N VAL H 77 -17.12 2.05 3.51
CA VAL H 77 -18.44 2.20 2.92
C VAL H 77 -19.41 1.57 3.91
N SER H 78 -20.05 2.41 4.72
CA SER H 78 -21.00 1.89 5.71
C SER H 78 -22.37 1.76 5.03
N ASN H 79 -22.64 0.54 4.57
CA ASN H 79 -23.88 0.21 3.88
C ASN H 79 -24.86 -0.32 4.92
N ASP H 80 -25.50 0.60 5.63
CA ASP H 80 -26.41 0.26 6.71
C ASP H 80 -27.84 -0.09 6.32
N ILE H 81 -28.36 -1.10 7.01
CA ILE H 81 -29.72 -1.58 6.75
C ILE H 81 -30.46 -1.89 8.03
N PHE H 82 -31.78 -1.94 7.90
CA PHE H 82 -32.66 -2.22 9.01
C PHE H 82 -34.01 -2.58 8.40
N ALA H 83 -34.74 -3.48 9.03
CA ALA H 83 -36.05 -3.88 8.52
C ALA H 83 -37.14 -3.29 9.40
N PRO H 84 -37.63 -2.10 9.04
CA PRO H 84 -38.67 -1.44 9.82
C PRO H 84 -40.06 -1.78 9.31
N GLU H 85 -41.05 -1.50 10.15
CA GLU H 85 -42.43 -1.71 9.80
C GLU H 85 -43.04 -0.32 9.70
N PHE H 86 -44.04 -0.16 8.86
CA PHE H 86 -44.75 1.11 8.75
C PHE H 86 -45.77 1.01 9.89
N GLN H 87 -45.79 2.00 10.77
CA GLN H 87 -46.73 1.97 11.89
C GLN H 87 -47.10 3.37 12.33
N PRO H 88 -48.33 3.56 12.82
CA PRO H 88 -48.71 4.89 13.28
C PRO H 88 -47.81 5.06 14.49
N ILE H 89 -47.45 6.29 14.85
CA ILE H 89 -46.54 6.51 15.97
C ILE H 89 -46.90 5.82 17.29
N ASP H 90 -48.18 5.77 17.63
CA ASP H 90 -48.58 5.13 18.88
C ASP H 90 -48.59 3.60 18.84
N LYS H 91 -48.47 3.02 17.64
CA LYS H 91 -48.46 1.57 17.52
C LYS H 91 -47.06 0.97 17.56
N TYR H 92 -46.04 1.82 17.44
CA TYR H 92 -44.67 1.37 17.51
C TYR H 92 -44.38 1.11 18.98
N ALA H 93 -43.32 0.35 19.23
CA ALA H 93 -42.86 0.10 20.59
C ALA H 93 -41.62 0.99 20.61
N VAL H 94 -41.26 1.53 21.76
CA VAL H 94 -40.07 2.38 21.81
C VAL H 94 -38.86 1.57 21.33
N GLU H 95 -38.86 0.28 21.63
CA GLU H 95 -37.76 -0.60 21.21
C GLU H 95 -37.62 -0.62 19.68
N ASP H 96 -38.71 -0.36 18.97
CA ASP H 96 -38.68 -0.35 17.51
C ASP H 96 -37.83 0.83 17.02
N TYR H 97 -37.83 1.92 17.78
CA TYR H 97 -37.04 3.08 17.40
C TYR H 97 -35.59 2.85 17.80
N ARG H 98 -35.38 2.25 18.96
CA ARG H 98 -34.03 1.96 19.44
C ARG H 98 -33.34 1.06 18.41
N GLY H 99 -34.08 0.07 17.93
CA GLY H 99 -33.52 -0.84 16.94
C GLY H 99 -33.10 -0.11 15.69
N ALA H 100 -33.95 0.80 15.22
CA ALA H 100 -33.65 1.57 14.02
C ALA H 100 -32.40 2.45 14.21
N VAL H 101 -32.32 3.13 15.35
CA VAL H 101 -31.18 4.01 15.62
C VAL H 101 -29.89 3.21 15.82
N GLU H 102 -29.98 2.05 16.47
CA GLU H 102 -28.80 1.23 16.67
C GLU H 102 -28.28 0.74 15.32
N ALA H 103 -29.18 0.38 14.41
CA ALA H 103 -28.78 -0.12 13.10
C ALA H 103 -28.37 0.95 12.09
N LEU H 104 -29.04 2.09 12.12
CA LEU H 104 -28.78 3.12 11.14
C LEU H 104 -27.95 4.32 11.58
N GLN H 105 -27.72 4.47 12.88
CA GLN H 105 -26.92 5.58 13.39
C GLN H 105 -25.72 5.12 14.21
N ILE H 106 -25.98 4.33 15.25
CA ILE H 106 -24.89 3.87 16.11
C ILE H 106 -23.87 3.03 15.34
N ARG H 107 -24.32 2.18 14.42
CA ARG H 107 -23.39 1.34 13.66
C ARG H 107 -22.42 2.16 12.79
N PRO H 108 -22.93 3.05 11.93
CA PRO H 108 -21.96 3.81 11.13
C PRO H 108 -21.03 4.65 12.00
N PHE H 109 -21.55 5.14 13.13
CA PHE H 109 -20.74 5.94 14.05
C PHE H 109 -19.63 5.05 14.62
N ALA H 110 -20.01 3.84 15.03
CA ALA H 110 -19.07 2.90 15.61
C ALA H 110 -17.95 2.59 14.62
N LEU H 111 -18.32 2.41 13.35
CA LEU H 111 -17.30 2.12 12.33
C LEU H 111 -16.33 3.27 12.17
N VAL H 112 -16.83 4.50 12.10
CA VAL H 112 -15.98 5.66 11.96
C VAL H 112 -15.14 5.86 13.22
N ASN H 113 -15.78 5.71 14.37
CA ASN H 113 -15.10 5.86 15.65
C ASN H 113 -13.90 4.91 15.72
N ALA H 114 -14.02 3.75 15.08
CA ALA H 114 -12.96 2.75 15.12
C ALA H 114 -11.84 2.93 14.07
N VAL H 115 -12.17 3.51 12.92
CA VAL H 115 -11.18 3.69 11.86
C VAL H 115 -10.62 5.10 11.74
N ALA H 116 -11.28 6.06 12.38
CA ALA H 116 -10.85 7.45 12.27
C ALA H 116 -9.41 7.76 12.67
N SER H 117 -8.91 7.20 13.78
CA SER H 117 -7.55 7.53 14.16
C SER H 117 -6.50 7.09 13.15
N GLN H 118 -6.63 5.90 12.55
CA GLN H 118 -5.61 5.50 11.58
C GLN H 118 -5.65 6.40 10.36
N MET H 119 -6.85 6.80 9.94
CA MET H 119 -6.96 7.68 8.78
C MET H 119 -6.36 9.05 9.08
N LYS H 120 -6.61 9.56 10.29
CA LYS H 120 -6.11 10.88 10.66
C LYS H 120 -4.59 10.95 10.79
N LYS H 121 -3.99 9.94 11.40
CA LYS H 121 -2.54 9.92 11.60
C LYS H 121 -1.77 10.01 10.29
N ARG H 122 -2.27 9.37 9.24
CA ARG H 122 -1.59 9.40 7.95
C ARG H 122 -2.20 10.45 7.02
N LYS H 123 -3.26 11.11 7.48
CA LYS H 123 -3.95 12.12 6.70
C LYS H 123 -4.45 11.64 5.33
N SER H 124 -5.18 10.54 5.32
CA SER H 124 -5.74 10.03 4.08
C SER H 124 -6.83 9.01 4.36
N GLY H 125 -7.86 9.02 3.52
CA GLY H 125 -8.96 8.09 3.69
C GLY H 125 -10.23 8.68 3.15
N HIS H 126 -11.22 7.83 2.91
CA HIS H 126 -12.53 8.28 2.42
C HIS H 126 -13.59 7.54 3.20
N ILE H 127 -14.62 8.26 3.61
CA ILE H 127 -15.70 7.66 4.36
C ILE H 127 -17.01 7.92 3.62
N ILE H 128 -17.77 6.86 3.39
CA ILE H 128 -19.04 6.92 2.68
C ILE H 128 -20.15 6.21 3.43
N PHE H 129 -21.23 6.92 3.74
CA PHE H 129 -22.36 6.31 4.42
C PHE H 129 -23.44 6.10 3.37
N ILE H 130 -24.04 4.91 3.32
CA ILE H 130 -25.14 4.68 2.40
C ILE H 130 -26.32 4.82 3.35
N THR H 131 -27.08 5.88 3.18
CA THR H 131 -28.20 6.12 4.08
C THR H 131 -29.55 5.93 3.37
N SER H 132 -30.30 7.02 3.18
CA SER H 132 -31.60 6.93 2.54
C SER H 132 -32.08 8.31 2.13
N ALA H 133 -32.93 8.35 1.10
CA ALA H 133 -33.48 9.61 0.63
C ALA H 133 -34.84 9.87 1.29
N THR H 134 -35.30 8.98 2.16
CA THR H 134 -36.59 9.19 2.81
C THR H 134 -36.66 10.49 3.59
N PRO H 135 -35.54 10.94 4.18
CA PRO H 135 -35.62 12.20 4.92
C PRO H 135 -36.00 13.37 3.99
N PHE H 136 -35.59 13.27 2.73
CA PHE H 136 -35.89 14.31 1.76
C PHE H 136 -37.39 14.40 1.48
N GLY H 137 -38.06 13.25 1.48
CA GLY H 137 -39.50 13.21 1.24
C GLY H 137 -40.10 12.09 2.07
N PRO H 138 -40.38 12.35 3.35
CA PRO H 138 -40.95 11.36 4.26
C PRO H 138 -42.35 10.84 3.91
N TRP H 139 -42.52 9.53 4.01
CA TRP H 139 -43.82 8.91 3.79
C TRP H 139 -44.45 8.93 5.18
N LYS H 140 -45.77 8.91 5.21
CA LYS H 140 -46.50 8.87 6.47
C LYS H 140 -46.29 7.47 7.07
N GLU H 141 -46.18 7.40 8.39
CA GLU H 141 -46.02 6.13 9.12
C GLU H 141 -44.71 5.34 9.04
N LEU H 142 -43.59 6.02 8.92
CA LEU H 142 -42.28 5.36 8.90
C LEU H 142 -41.33 6.30 9.65
N SER H 143 -41.82 6.85 10.75
CA SER H 143 -41.04 7.81 11.53
C SER H 143 -39.72 7.31 12.13
N THR H 144 -39.68 6.05 12.54
CA THR H 144 -38.46 5.49 13.13
C THR H 144 -37.31 5.46 12.13
N TYR H 145 -37.52 4.72 11.04
CA TYR H 145 -36.53 4.56 9.99
C TYR H 145 -36.09 5.89 9.35
N THR H 146 -37.07 6.71 9.02
CA THR H 146 -36.80 7.99 8.37
C THR H 146 -35.97 8.94 9.23
N SER H 147 -36.30 9.07 10.51
CA SER H 147 -35.53 9.98 11.35
C SER H 147 -34.13 9.45 11.66
N ALA H 148 -34.00 8.13 11.79
CA ALA H 148 -32.68 7.55 12.06
C ALA H 148 -31.79 7.78 10.84
N ARG H 149 -32.35 7.68 9.64
CA ARG H 149 -31.56 7.91 8.43
C ARG H 149 -31.11 9.37 8.37
N ALA H 150 -31.98 10.27 8.83
CA ALA H 150 -31.63 11.69 8.84
C ALA H 150 -30.47 11.91 9.81
N GLY H 151 -30.51 11.22 10.94
CA GLY H 151 -29.43 11.34 11.89
C GLY H 151 -28.12 10.93 11.25
N ALA H 152 -28.15 9.86 10.46
CA ALA H 152 -26.94 9.38 9.79
C ALA H 152 -26.44 10.36 8.72
N CYS H 153 -27.37 11.00 8.00
CA CYS H 153 -26.99 11.95 6.96
C CYS H 153 -26.25 13.13 7.58
N THR H 154 -26.76 13.62 8.70
CA THR H 154 -26.14 14.75 9.38
C THR H 154 -24.84 14.34 10.03
N LEU H 155 -24.73 13.08 10.45
CA LEU H 155 -23.51 12.59 11.06
C LEU H 155 -22.39 12.74 10.04
N ALA H 156 -22.67 12.33 8.82
CA ALA H 156 -21.69 12.42 7.73
C ALA H 156 -21.31 13.88 7.47
N ASN H 157 -22.31 14.75 7.35
CA ASN H 157 -22.01 16.15 7.11
C ASN H 157 -21.18 16.76 8.22
N ALA H 158 -21.54 16.45 9.47
CA ALA H 158 -20.79 17.00 10.61
C ALA H 158 -19.36 16.46 10.63
N LEU H 159 -19.20 15.18 10.34
CA LEU H 159 -17.87 14.57 10.34
C LEU H 159 -16.96 15.19 9.30
N SER H 160 -17.54 15.62 8.16
CA SER H 160 -16.72 16.22 7.12
C SER H 160 -16.02 17.49 7.63
N LYS H 161 -16.67 18.20 8.54
CA LYS H 161 -16.12 19.44 9.09
C LYS H 161 -14.84 19.27 9.89
N GLU H 162 -14.72 18.17 10.63
CA GLU H 162 -13.52 17.92 11.43
C GLU H 162 -12.48 17.07 10.72
N LEU H 163 -12.92 16.15 9.86
CA LEU H 163 -11.97 15.27 9.19
C LEU H 163 -11.31 15.91 7.97
N GLY H 164 -11.87 17.01 7.49
CA GLY H 164 -11.31 17.69 6.34
C GLY H 164 -9.89 18.17 6.62
N GLU H 165 -9.62 18.59 7.85
CA GLU H 165 -8.29 19.06 8.23
C GLU H 165 -7.25 17.96 8.06
N TYR H 166 -7.72 16.71 8.07
CA TYR H 166 -6.84 15.56 7.93
C TYR H 166 -6.93 14.96 6.52
N ASN H 167 -7.51 15.73 5.62
CA ASN H 167 -7.67 15.34 4.22
C ASN H 167 -8.50 14.08 4.04
N ILE H 168 -9.57 13.97 4.83
CA ILE H 168 -10.47 12.83 4.77
C ILE H 168 -11.86 13.29 4.38
N PRO H 169 -12.27 13.04 3.13
CA PRO H 169 -13.61 13.46 2.72
C PRO H 169 -14.65 12.50 3.30
N VAL H 170 -15.83 13.03 3.63
CA VAL H 170 -16.91 12.23 4.16
C VAL H 170 -18.17 12.53 3.36
N PHE H 171 -18.85 11.49 2.91
CA PHE H 171 -20.08 11.68 2.12
C PHE H 171 -21.19 10.75 2.57
N ALA H 172 -22.41 11.10 2.20
CA ALA H 172 -23.56 10.26 2.50
C ALA H 172 -24.33 10.13 1.19
N ILE H 173 -24.71 8.90 0.86
CA ILE H 173 -25.47 8.66 -0.37
C ILE H 173 -26.81 8.14 0.11
N GLY H 174 -27.86 8.92 -0.14
CA GLY H 174 -29.19 8.52 0.29
C GLY H 174 -30.00 8.03 -0.88
N PRO H 175 -30.12 6.71 -1.05
CA PRO H 175 -30.90 6.24 -2.18
C PRO H 175 -32.37 5.99 -1.83
N ASN H 176 -33.15 5.76 -2.88
CA ASN H 176 -34.53 5.37 -2.75
C ASN H 176 -34.83 4.77 -4.11
N TYR H 177 -35.66 3.73 -4.11
CA TYR H 177 -36.01 3.03 -5.33
C TYR H 177 -34.78 2.46 -6.04
N LEU H 178 -33.80 2.05 -5.24
CA LEU H 178 -32.58 1.46 -5.75
C LEU H 178 -32.85 -0.06 -5.88
N HIS H 179 -32.82 -0.55 -7.12
CA HIS H 179 -33.06 -1.98 -7.36
C HIS H 179 -32.08 -2.79 -6.54
N SER H 180 -32.59 -3.66 -5.66
CA SER H 180 -31.74 -4.48 -4.80
C SER H 180 -31.69 -5.94 -5.22
N GLU H 181 -32.29 -6.24 -6.37
CA GLU H 181 -32.29 -7.58 -6.96
C GLU H 181 -32.85 -8.69 -6.07
N ASP H 182 -31.98 -9.54 -5.52
CA ASP H 182 -32.46 -10.63 -4.66
C ASP H 182 -32.56 -10.24 -3.20
N SER H 183 -31.96 -9.12 -2.84
CA SER H 183 -32.01 -8.66 -1.45
C SER H 183 -33.31 -7.95 -1.15
N PRO H 184 -33.92 -8.24 0.02
CA PRO H 184 -35.17 -7.61 0.42
C PRO H 184 -34.97 -6.14 0.82
N TYR H 185 -33.72 -5.70 0.88
CA TYR H 185 -33.38 -4.32 1.24
C TYR H 185 -32.95 -3.52 0.00
N PHE H 186 -33.85 -2.73 -0.59
CA PHE H 186 -35.23 -2.59 -0.15
C PHE H 186 -36.19 -2.67 -1.34
N TYR H 187 -35.64 -2.91 -2.52
CA TYR H 187 -36.47 -2.99 -3.72
C TYR H 187 -36.07 -4.18 -4.59
N PRO H 188 -36.42 -5.41 -4.14
CA PRO H 188 -36.11 -6.64 -4.88
C PRO H 188 -36.83 -6.73 -6.22
N THR H 189 -36.29 -7.55 -7.12
CA THR H 189 -36.86 -7.75 -8.43
C THR H 189 -38.33 -8.11 -8.31
N GLU H 190 -38.65 -9.01 -7.39
CA GLU H 190 -40.04 -9.38 -7.16
C GLU H 190 -40.35 -8.59 -5.89
N PRO H 191 -41.36 -7.72 -5.92
CA PRO H 191 -42.27 -7.37 -7.02
C PRO H 191 -41.98 -6.08 -7.79
N TRP H 192 -40.93 -5.36 -7.42
CA TRP H 192 -40.66 -4.08 -8.08
C TRP H 192 -40.42 -4.03 -9.58
N LYS H 193 -39.98 -5.14 -10.16
CA LYS H 193 -39.76 -5.15 -11.60
C LYS H 193 -40.74 -6.07 -12.30
N THR H 194 -41.43 -6.91 -11.53
CA THR H 194 -42.37 -7.87 -12.11
C THR H 194 -43.84 -7.58 -11.94
N ASN H 195 -44.22 -6.90 -10.86
CA ASN H 195 -45.62 -6.59 -10.61
C ASN H 195 -46.04 -5.25 -11.21
N PRO H 196 -47.04 -5.29 -12.12
CA PRO H 196 -47.56 -4.09 -12.79
C PRO H 196 -47.87 -2.94 -11.84
N GLU H 197 -48.48 -3.24 -10.70
CA GLU H 197 -48.80 -2.19 -9.74
C GLU H 197 -47.55 -1.47 -9.26
N HIS H 198 -46.52 -2.24 -8.88
CA HIS H 198 -45.28 -1.66 -8.39
C HIS H 198 -44.52 -0.94 -9.51
N VAL H 199 -44.57 -1.49 -10.71
CA VAL H 199 -43.90 -0.88 -11.85
C VAL H 199 -44.50 0.50 -12.12
N ALA H 200 -45.83 0.57 -12.07
CA ALA H 200 -46.54 1.83 -12.31
C ALA H 200 -46.21 2.85 -11.21
N HIS H 201 -46.09 2.36 -9.98
CA HIS H 201 -45.77 3.23 -8.85
C HIS H 201 -44.44 3.94 -9.10
N VAL H 202 -43.41 3.16 -9.36
CA VAL H 202 -42.08 3.70 -9.60
C VAL H 202 -42.13 4.68 -10.77
N LYS H 203 -42.95 4.38 -11.76
CA LYS H 203 -43.09 5.23 -12.92
C LYS H 203 -43.63 6.62 -12.54
N LYS H 204 -44.55 6.63 -11.60
CA LYS H 204 -45.17 7.87 -11.15
C LYS H 204 -44.36 8.69 -10.16
N VAL H 205 -43.66 8.02 -9.26
CA VAL H 205 -42.90 8.68 -8.20
C VAL H 205 -41.48 9.14 -8.49
N THR H 206 -40.88 8.67 -9.58
CA THR H 206 -39.52 9.09 -9.92
C THR H 206 -39.55 9.90 -11.21
N ALA H 207 -38.62 10.86 -11.34
CA ALA H 207 -38.58 11.68 -12.54
C ALA H 207 -38.09 10.85 -13.71
N LEU H 208 -37.15 9.94 -13.45
CA LEU H 208 -36.62 9.08 -14.53
C LEU H 208 -37.52 7.89 -14.82
N GLN H 209 -38.56 7.72 -14.02
CA GLN H 209 -39.54 6.65 -14.19
C GLN H 209 -38.96 5.24 -14.26
N ARG H 210 -38.11 4.93 -13.30
CA ARG H 210 -37.48 3.61 -13.21
C ARG H 210 -36.76 3.50 -11.88
N LEU H 211 -36.34 2.29 -11.54
CA LEU H 211 -35.60 2.05 -10.30
C LEU H 211 -34.15 2.42 -10.63
N GLY H 212 -33.38 2.71 -9.59
CA GLY H 212 -31.97 3.04 -9.80
C GLY H 212 -31.24 1.70 -9.86
N THR H 213 -30.05 1.69 -10.46
CA THR H 213 -29.31 0.43 -10.58
C THR H 213 -28.11 0.36 -9.65
N GLN H 214 -27.67 -0.86 -9.37
CA GLN H 214 -26.51 -1.08 -8.52
C GLN H 214 -25.29 -0.49 -9.23
N LYS H 215 -25.33 -0.51 -10.57
CA LYS H 215 -24.22 0.02 -11.35
C LYS H 215 -24.06 1.52 -11.06
N GLU H 216 -25.18 2.24 -11.03
CA GLU H 216 -25.13 3.68 -10.75
C GLU H 216 -24.61 3.97 -9.35
N LEU H 217 -25.06 3.20 -8.37
CA LEU H 217 -24.61 3.41 -7.00
C LEU H 217 -23.12 3.08 -6.93
N GLY H 218 -22.72 2.00 -7.58
CA GLY H 218 -21.31 1.62 -7.58
C GLY H 218 -20.44 2.66 -8.23
N GLU H 219 -20.90 3.25 -9.33
CA GLU H 219 -20.12 4.27 -10.02
C GLU H 219 -19.90 5.48 -9.11
N LEU H 220 -20.94 5.86 -8.38
CA LEU H 220 -20.81 7.01 -7.48
C LEU H 220 -19.81 6.70 -6.36
N VAL H 221 -19.95 5.54 -5.75
CA VAL H 221 -19.05 5.13 -4.66
C VAL H 221 -17.60 5.08 -5.15
N ALA H 222 -17.38 4.48 -6.31
CA ALA H 222 -16.03 4.38 -6.86
C ALA H 222 -15.48 5.77 -7.18
N PHE H 223 -16.32 6.61 -7.74
CA PHE H 223 -15.93 7.97 -8.10
C PHE H 223 -15.47 8.74 -6.85
N LEU H 224 -16.27 8.69 -5.79
CA LEU H 224 -15.94 9.40 -4.55
C LEU H 224 -14.71 8.84 -3.86
N ALA H 225 -14.56 7.52 -3.86
CA ALA H 225 -13.43 6.87 -3.21
C ALA H 225 -12.12 7.02 -3.98
N SER H 226 -12.22 7.40 -5.25
CA SER H 226 -11.07 7.54 -6.12
C SER H 226 -10.20 8.75 -5.80
N GLY H 227 -10.75 9.71 -5.07
CA GLY H 227 -9.99 10.91 -4.75
C GLY H 227 -10.02 11.88 -5.93
N SER H 228 -10.97 11.68 -6.83
CA SER H 228 -11.13 12.54 -8.01
C SER H 228 -11.87 13.82 -7.71
N CYS H 229 -12.68 13.81 -6.66
CA CYS H 229 -13.44 15.01 -6.32
C CYS H 229 -13.67 15.13 -4.83
N ASP H 230 -12.57 15.18 -4.07
CA ASP H 230 -12.64 15.30 -2.62
C ASP H 230 -13.32 16.61 -2.21
N TYR H 231 -13.30 17.60 -3.10
CA TYR H 231 -13.88 18.90 -2.76
C TYR H 231 -15.38 18.86 -2.53
N LEU H 232 -16.00 17.70 -2.74
CA LEU H 232 -17.43 17.55 -2.49
C LEU H 232 -17.68 17.11 -1.05
N THR H 233 -16.62 17.02 -0.25
CA THR H 233 -16.81 16.56 1.12
C THR H 233 -17.97 17.24 1.85
N GLY H 234 -18.71 16.44 2.61
CA GLY H 234 -19.85 16.94 3.36
C GLY H 234 -21.17 16.77 2.60
N GLN H 235 -21.07 16.43 1.32
CA GLN H 235 -22.24 16.27 0.48
C GLN H 235 -23.14 15.07 0.78
N VAL H 236 -24.45 15.32 0.77
CA VAL H 236 -25.42 14.26 0.93
C VAL H 236 -25.98 14.14 -0.48
N PHE H 237 -25.79 12.98 -1.09
CA PHE H 237 -26.26 12.74 -2.45
C PHE H 237 -27.62 12.06 -2.44
N TRP H 238 -28.62 12.65 -3.08
CA TRP H 238 -29.94 12.02 -3.14
C TRP H 238 -29.98 11.17 -4.42
N LEU H 239 -29.73 9.88 -4.24
CA LEU H 239 -29.71 8.92 -5.35
C LEU H 239 -31.13 8.37 -5.49
N ALA H 240 -32.05 9.20 -5.95
CA ALA H 240 -33.44 8.74 -6.04
C ALA H 240 -34.17 9.04 -7.35
N GLY H 241 -33.41 9.28 -8.40
CA GLY H 241 -33.97 9.53 -9.72
C GLY H 241 -35.02 10.61 -9.88
N GLY H 242 -34.88 11.71 -9.17
CA GLY H 242 -35.85 12.78 -9.27
C GLY H 242 -36.97 12.68 -8.25
N PHE H 243 -36.98 11.60 -7.46
CA PHE H 243 -37.98 11.43 -6.43
C PHE H 243 -37.72 12.53 -5.39
N PRO H 244 -38.78 13.11 -4.81
CA PRO H 244 -40.19 12.78 -5.06
C PRO H 244 -40.83 13.64 -6.15
N MET H 245 -41.74 13.02 -6.91
CA MET H 245 -42.46 13.73 -7.94
C MET H 245 -43.72 14.16 -7.18
N ILE H 246 -44.07 15.44 -7.26
CA ILE H 246 -45.22 15.94 -6.54
C ILE H 246 -46.50 15.97 -7.37
N GLU H 247 -47.56 15.41 -6.80
CA GLU H 247 -48.87 15.34 -7.43
C GLU H 247 -49.33 16.71 -7.92
N ARG H 248 -49.66 16.81 -9.20
CA ARG H 248 -50.09 18.08 -9.77
C ARG H 248 -51.61 18.30 -9.69
N TRP H 249 -52.04 19.50 -10.03
CA TRP H 249 -53.46 19.88 -10.01
C TRP H 249 -54.33 18.98 -10.87
N PRO H 250 -55.62 18.86 -10.50
CA PRO H 250 -56.58 18.04 -11.24
C PRO H 250 -56.60 18.40 -12.71
N GLY H 251 -56.67 17.39 -13.57
CA GLY H 251 -56.71 17.64 -15.00
C GLY H 251 -55.36 17.64 -15.69
N MET H 252 -54.29 17.82 -14.93
CA MET H 252 -52.96 17.82 -15.53
C MET H 252 -52.45 16.42 -15.80
N PRO H 253 -51.87 16.20 -16.99
CA PRO H 253 -51.32 14.91 -17.40
C PRO H 253 -50.33 14.31 -16.41
N SER I 2 -0.14 -10.56 -59.09
CA SER I 2 -0.55 -11.75 -59.89
C SER I 2 -1.74 -11.37 -60.78
N THR I 3 -2.44 -12.36 -61.30
CA THR I 3 -3.57 -12.10 -62.19
C THR I 3 -4.92 -12.45 -61.58
N ALA I 4 -5.85 -11.50 -61.62
CA ALA I 4 -7.17 -11.74 -61.06
C ALA I 4 -8.25 -11.50 -62.11
N ILE I 5 -9.38 -12.18 -61.93
CA ILE I 5 -10.53 -12.02 -62.82
C ILE I 5 -11.68 -11.53 -61.95
N VAL I 6 -12.34 -10.47 -62.39
CA VAL I 6 -13.51 -9.92 -61.68
C VAL I 6 -14.62 -9.88 -62.73
N THR I 7 -15.72 -10.59 -62.47
CA THR I 7 -16.83 -10.64 -63.42
C THR I 7 -17.85 -9.54 -63.16
N ASN I 8 -18.69 -9.26 -64.15
CA ASN I 8 -19.73 -8.23 -64.06
C ASN I 8 -19.16 -7.02 -63.33
N VAL I 9 -18.00 -6.56 -63.81
CA VAL I 9 -17.28 -5.47 -63.19
C VAL I 9 -18.00 -4.14 -63.00
N LYS I 10 -18.92 -3.80 -63.89
CA LYS I 10 -19.65 -2.54 -63.76
C LYS I 10 -20.74 -2.58 -62.71
N HIS I 11 -21.00 -3.77 -62.16
CA HIS I 11 -22.08 -3.91 -61.19
C HIS I 11 -21.75 -4.55 -59.85
N PHE I 12 -22.67 -4.39 -58.91
CA PHE I 12 -22.55 -4.99 -57.58
C PHE I 12 -21.18 -4.73 -56.94
N GLY I 13 -20.44 -5.78 -56.64
CA GLY I 13 -19.13 -5.57 -56.02
C GLY I 13 -18.00 -5.51 -57.03
N GLY I 14 -18.35 -5.40 -58.31
CA GLY I 14 -17.34 -5.39 -59.35
C GLY I 14 -16.27 -4.32 -59.32
N MET I 15 -16.68 -3.05 -59.32
CA MET I 15 -15.73 -1.95 -59.34
C MET I 15 -14.85 -1.88 -58.10
N GLY I 16 -15.45 -2.05 -56.93
CA GLY I 16 -14.68 -2.00 -55.71
C GLY I 16 -13.61 -3.06 -55.72
N SER I 17 -14.00 -4.27 -56.12
CA SER I 17 -13.07 -5.41 -56.18
C SER I 17 -11.94 -5.19 -57.18
N ALA I 18 -12.29 -4.82 -58.41
CA ALA I 18 -11.29 -4.60 -59.45
C ALA I 18 -10.34 -3.45 -59.13
N LEU I 19 -10.90 -2.33 -58.70
CA LEU I 19 -10.09 -1.15 -58.37
C LEU I 19 -9.10 -1.39 -57.25
N ARG I 20 -9.56 -2.03 -56.18
CA ARG I 20 -8.68 -2.28 -55.04
C ARG I 20 -7.68 -3.39 -55.34
N LEU I 21 -8.08 -4.39 -56.11
CA LEU I 21 -7.17 -5.46 -56.48
C LEU I 21 -6.05 -4.83 -57.30
N SER I 22 -6.43 -3.93 -58.20
CA SER I 22 -5.48 -3.24 -59.06
C SER I 22 -4.51 -2.40 -58.22
N GLU I 23 -5.06 -1.61 -57.32
CA GLU I 23 -4.23 -0.76 -56.46
C GLU I 23 -3.25 -1.62 -55.68
N ALA I 24 -3.66 -2.85 -55.36
CA ALA I 24 -2.81 -3.75 -54.61
C ALA I 24 -1.65 -4.25 -55.48
N GLY I 25 -1.76 -4.05 -56.80
CA GLY I 25 -0.71 -4.47 -57.71
C GLY I 25 -1.07 -5.56 -58.70
N HIS I 26 -2.20 -6.22 -58.48
CA HIS I 26 -2.63 -7.29 -59.38
C HIS I 26 -2.97 -6.77 -60.77
N THR I 27 -2.89 -7.67 -61.74
CA THR I 27 -3.28 -7.37 -63.12
C THR I 27 -4.72 -7.86 -63.06
N VAL I 28 -5.66 -6.97 -63.29
CA VAL I 28 -7.07 -7.35 -63.20
C VAL I 28 -7.81 -7.42 -64.53
N ALA I 29 -8.12 -8.65 -64.95
CA ALA I 29 -8.86 -8.86 -66.19
C ALA I 29 -10.32 -8.75 -65.78
N CYS I 30 -11.10 -7.94 -66.49
CA CYS I 30 -12.50 -7.74 -66.14
C CYS I 30 -13.49 -8.21 -67.18
N HIS I 31 -14.55 -8.86 -66.70
CA HIS I 31 -15.62 -9.35 -67.56
C HIS I 31 -16.85 -8.49 -67.30
N ASP I 32 -17.71 -8.40 -68.31
CA ASP I 32 -18.97 -7.68 -68.21
C ASP I 32 -19.76 -7.97 -69.46
N GLU I 33 -21.07 -8.08 -69.31
CA GLU I 33 -21.93 -8.36 -70.46
C GLU I 33 -21.76 -7.29 -71.53
N SER I 34 -21.63 -6.03 -71.10
CA SER I 34 -21.47 -4.91 -72.02
C SER I 34 -20.23 -4.99 -72.90
N PHE I 35 -19.22 -5.73 -72.45
CA PHE I 35 -17.97 -5.84 -73.20
C PHE I 35 -18.12 -6.66 -74.47
N LYS I 36 -19.33 -7.14 -74.72
CA LYS I 36 -19.59 -7.92 -75.93
C LYS I 36 -19.52 -6.92 -77.09
N GLN I 37 -19.69 -5.64 -76.74
CA GLN I 37 -19.64 -4.56 -77.72
C GLN I 37 -18.30 -3.86 -77.61
N LYS I 38 -17.61 -3.75 -78.75
CA LYS I 38 -16.29 -3.11 -78.78
C LYS I 38 -16.30 -1.68 -78.26
N ASP I 39 -17.35 -0.92 -78.59
CA ASP I 39 -17.45 0.46 -78.15
C ASP I 39 -17.43 0.56 -76.63
N GLU I 40 -18.15 -0.36 -75.98
CA GLU I 40 -18.23 -0.39 -74.52
C GLU I 40 -16.90 -0.79 -73.90
N LEU I 41 -16.29 -1.85 -74.42
CA LEU I 41 -15.02 -2.33 -73.90
C LEU I 41 -13.93 -1.29 -74.02
N GLU I 42 -13.86 -0.65 -75.19
CA GLU I 42 -12.84 0.36 -75.42
C GLU I 42 -13.05 1.61 -74.57
N ALA I 43 -14.32 1.94 -74.30
CA ALA I 43 -14.63 3.09 -73.48
C ALA I 43 -14.23 2.80 -72.04
N PHE I 44 -14.52 1.59 -71.58
CA PHE I 44 -14.18 1.19 -70.21
C PHE I 44 -12.65 1.14 -70.09
N ALA I 45 -12.01 0.60 -71.12
CA ALA I 45 -10.56 0.49 -71.14
C ALA I 45 -9.91 1.86 -71.05
N GLU I 46 -10.49 2.85 -71.71
CA GLU I 46 -9.95 4.21 -71.70
C GLU I 46 -10.12 4.89 -70.34
N THR I 47 -11.27 4.67 -69.71
CA THR I 47 -11.54 5.28 -68.41
C THR I 47 -10.71 4.64 -67.29
N TYR I 48 -10.44 3.35 -67.41
CA TYR I 48 -9.67 2.64 -66.39
C TYR I 48 -8.46 1.95 -67.01
N PRO I 49 -7.40 2.72 -67.27
CA PRO I 49 -6.18 2.16 -67.87
C PRO I 49 -5.51 1.10 -66.99
N GLN I 50 -5.83 1.09 -65.70
CA GLN I 50 -5.23 0.11 -64.79
C GLN I 50 -5.94 -1.24 -64.86
N LEU I 51 -7.09 -1.29 -65.53
CA LEU I 51 -7.85 -2.53 -65.66
C LEU I 51 -7.75 -3.11 -67.06
N LYS I 52 -8.00 -4.41 -67.19
CA LYS I 52 -7.92 -5.09 -68.47
C LYS I 52 -9.24 -5.74 -68.86
N PRO I 53 -10.16 -4.96 -69.46
CA PRO I 53 -11.44 -5.53 -69.86
C PRO I 53 -11.31 -6.59 -70.96
N MET I 54 -12.04 -7.68 -70.80
CA MET I 54 -12.03 -8.80 -71.75
C MET I 54 -13.39 -8.85 -72.44
N SER I 55 -13.44 -9.38 -73.66
CA SER I 55 -14.70 -9.47 -74.38
C SER I 55 -15.39 -10.81 -74.12
N GLU I 56 -14.61 -11.81 -73.72
CA GLU I 56 -15.13 -13.14 -73.44
C GLU I 56 -16.32 -13.14 -72.48
N GLN I 57 -17.32 -13.96 -72.81
CA GLN I 57 -18.53 -14.04 -72.01
C GLN I 57 -18.70 -15.35 -71.25
N GLU I 58 -18.36 -16.47 -71.89
CA GLU I 58 -18.51 -17.78 -71.26
C GLU I 58 -17.33 -18.15 -70.38
N PRO I 59 -17.60 -18.91 -69.30
CA PRO I 59 -16.62 -19.37 -68.30
C PRO I 59 -15.31 -19.93 -68.85
N ALA I 60 -15.38 -20.97 -69.66
CA ALA I 60 -14.16 -21.57 -70.21
C ALA I 60 -13.39 -20.61 -71.11
N GLU I 61 -14.10 -19.97 -72.03
CA GLU I 61 -13.47 -19.03 -72.96
C GLU I 61 -12.79 -17.90 -72.20
N LEU I 62 -13.46 -17.41 -71.14
CA LEU I 62 -12.90 -16.32 -70.34
C LEU I 62 -11.63 -16.75 -69.62
N ILE I 63 -11.67 -17.92 -68.98
CA ILE I 63 -10.49 -18.43 -68.27
C ILE I 63 -9.34 -18.68 -69.24
N GLU I 64 -9.66 -19.27 -70.39
CA GLU I 64 -8.65 -19.56 -71.40
C GLU I 64 -8.02 -18.26 -71.90
N ALA I 65 -8.85 -17.28 -72.20
CA ALA I 65 -8.40 -15.98 -72.70
C ALA I 65 -7.47 -15.25 -71.73
N VAL I 66 -7.86 -15.21 -70.46
CA VAL I 66 -7.05 -14.53 -69.48
C VAL I 66 -5.73 -15.26 -69.28
N THR I 67 -5.81 -16.59 -69.30
CA THR I 67 -4.61 -17.41 -69.14
C THR I 67 -3.64 -17.16 -70.30
N SER I 68 -4.19 -17.07 -71.52
CA SER I 68 -3.36 -16.83 -72.71
C SER I 68 -2.72 -15.47 -72.63
N ALA I 69 -3.56 -14.46 -72.36
CA ALA I 69 -3.13 -13.07 -72.28
C ALA I 69 -2.27 -12.70 -71.08
N TYR I 70 -2.55 -13.31 -69.92
CA TYR I 70 -1.78 -12.95 -68.74
C TYR I 70 -1.09 -14.10 -68.00
N GLY I 71 -0.82 -15.18 -68.72
CA GLY I 71 -0.13 -16.31 -68.12
C GLY I 71 -0.94 -17.30 -67.31
N GLN I 72 -1.75 -16.79 -66.38
CA GLN I 72 -2.55 -17.68 -65.54
C GLN I 72 -3.60 -16.90 -64.77
N VAL I 73 -4.40 -17.63 -64.00
CA VAL I 73 -5.44 -17.03 -63.18
C VAL I 73 -5.13 -17.37 -61.74
N ASP I 74 -4.74 -16.37 -60.97
CA ASP I 74 -4.39 -16.58 -59.56
C ASP I 74 -5.57 -16.30 -58.64
N VAL I 75 -6.38 -15.33 -59.00
CA VAL I 75 -7.52 -14.96 -58.18
C VAL I 75 -8.80 -14.87 -59.00
N LEU I 76 -9.83 -15.56 -58.55
CA LEU I 76 -11.12 -15.51 -59.24
C LEU I 76 -12.14 -14.84 -58.32
N VAL I 77 -12.75 -13.75 -58.79
CA VAL I 77 -13.78 -13.07 -58.02
C VAL I 77 -15.05 -13.21 -58.85
N SER I 78 -15.93 -14.12 -58.44
CA SER I 78 -17.18 -14.33 -59.13
C SER I 78 -18.19 -13.35 -58.53
N ASN I 79 -18.32 -12.21 -59.19
CA ASN I 79 -19.23 -11.15 -58.76
C ASN I 79 -20.53 -11.42 -59.50
N ASP I 80 -21.36 -12.30 -58.94
CA ASP I 80 -22.60 -12.67 -59.60
C ASP I 80 -23.79 -11.77 -59.36
N ILE I 81 -24.57 -11.58 -60.41
CA ILE I 81 -25.74 -10.72 -60.34
C ILE I 81 -26.94 -11.31 -61.06
N PHE I 82 -28.11 -10.80 -60.71
CA PHE I 82 -29.36 -11.24 -61.28
C PHE I 82 -30.36 -10.13 -60.98
N ALA I 83 -31.36 -9.93 -61.83
CA ALA I 83 -32.35 -8.89 -61.58
C ALA I 83 -33.65 -9.56 -61.18
N PRO I 84 -33.82 -9.80 -59.87
CA PRO I 84 -35.04 -10.46 -59.40
C PRO I 84 -36.15 -9.47 -59.08
N GLU I 85 -37.36 -9.98 -59.02
CA GLU I 85 -38.52 -9.18 -58.65
C GLU I 85 -38.96 -9.78 -57.31
N PHE I 86 -39.54 -8.95 -56.45
CA PHE I 86 -40.08 -9.45 -55.18
C PHE I 86 -41.45 -10.00 -55.61
N GLN I 87 -41.82 -11.15 -55.07
CA GLN I 87 -43.13 -11.70 -55.39
C GLN I 87 -43.49 -12.87 -54.51
N PRO I 88 -44.79 -13.02 -54.23
CA PRO I 88 -45.27 -14.13 -53.40
C PRO I 88 -44.92 -15.37 -54.21
N ILE I 89 -44.58 -16.45 -53.53
CA ILE I 89 -44.19 -17.69 -54.19
C ILE I 89 -45.09 -18.11 -55.36
N ASP I 90 -46.40 -17.94 -55.22
CA ASP I 90 -47.31 -18.35 -56.29
C ASP I 90 -47.37 -17.39 -57.49
N LYS I 91 -46.76 -16.22 -57.34
CA LYS I 91 -46.74 -15.23 -58.43
C LYS I 91 -45.44 -15.31 -59.23
N TYR I 92 -44.51 -16.13 -58.75
CA TYR I 92 -43.26 -16.35 -59.47
C TYR I 92 -43.58 -17.42 -60.51
N ALA I 93 -42.77 -17.47 -61.56
CA ALA I 93 -42.90 -18.50 -62.57
C ALA I 93 -41.74 -19.42 -62.20
N VAL I 94 -41.91 -20.73 -62.37
CA VAL I 94 -40.83 -21.63 -62.06
C VAL I 94 -39.59 -21.16 -62.82
N GLU I 95 -39.79 -20.63 -64.02
CA GLU I 95 -38.67 -20.15 -64.84
C GLU I 95 -37.89 -19.02 -64.16
N ASP I 96 -38.55 -18.27 -63.28
CA ASP I 96 -37.89 -17.19 -62.56
C ASP I 96 -36.83 -17.78 -61.61
N TYR I 97 -37.12 -18.94 -61.05
CA TYR I 97 -36.18 -19.59 -60.15
C TYR I 97 -35.04 -20.22 -60.94
N ARG I 98 -35.37 -20.81 -62.09
CA ARG I 98 -34.34 -21.40 -62.94
C ARG I 98 -33.35 -20.31 -63.35
N GLY I 99 -33.88 -19.13 -63.65
CA GLY I 99 -33.04 -18.02 -64.04
C GLY I 99 -32.14 -17.57 -62.90
N ALA I 100 -32.70 -17.51 -61.69
CA ALA I 100 -31.92 -17.09 -60.53
C ALA I 100 -30.78 -18.07 -60.24
N VAL I 101 -31.09 -19.36 -60.27
CA VAL I 101 -30.09 -20.39 -60.01
C VAL I 101 -29.02 -20.44 -61.10
N GLU I 102 -29.43 -20.23 -62.34
CA GLU I 102 -28.48 -20.24 -63.45
C GLU I 102 -27.46 -19.12 -63.28
N ALA I 103 -27.93 -17.93 -62.95
CA ALA I 103 -27.05 -16.78 -62.78
C ALA I 103 -26.31 -16.70 -61.45
N LEU I 104 -26.91 -17.23 -60.39
CA LEU I 104 -26.30 -17.13 -59.07
C LEU I 104 -25.61 -18.38 -58.52
N GLN I 105 -25.85 -19.54 -59.13
CA GLN I 105 -25.21 -20.78 -58.67
C GLN I 105 -24.44 -21.46 -59.80
N ILE I 106 -25.13 -21.71 -60.90
CA ILE I 106 -24.47 -22.37 -62.02
C ILE I 106 -23.30 -21.59 -62.59
N ARG I 107 -23.42 -20.27 -62.70
CA ARG I 107 -22.32 -19.46 -63.25
C ARG I 107 -21.06 -19.53 -62.38
N PRO I 108 -21.16 -19.29 -61.07
CA PRO I 108 -19.93 -19.38 -60.27
C PRO I 108 -19.35 -20.80 -60.32
N PHE I 109 -20.22 -21.80 -60.26
CA PHE I 109 -19.78 -23.18 -60.32
C PHE I 109 -19.01 -23.42 -61.62
N ALA I 110 -19.55 -22.93 -62.74
CA ALA I 110 -18.92 -23.09 -64.04
C ALA I 110 -17.54 -22.44 -64.09
N LEU I 111 -17.41 -21.28 -63.45
CA LEU I 111 -16.12 -20.59 -63.43
C LEU I 111 -15.06 -21.35 -62.65
N VAL I 112 -15.41 -21.87 -61.48
CA VAL I 112 -14.45 -22.64 -60.68
C VAL I 112 -14.15 -23.94 -61.42
N ASN I 113 -15.17 -24.54 -62.02
CA ASN I 113 -15.01 -25.78 -62.75
C ASN I 113 -13.98 -25.62 -63.88
N ALA I 114 -13.89 -24.41 -64.43
CA ALA I 114 -12.95 -24.13 -65.51
C ALA I 114 -11.56 -23.69 -65.07
N VAL I 115 -11.44 -23.12 -63.87
CA VAL I 115 -10.15 -22.64 -63.41
C VAL I 115 -9.44 -23.51 -62.37
N ALA I 116 -10.21 -24.37 -61.69
CA ALA I 116 -9.66 -25.22 -60.64
C ALA I 116 -8.47 -26.09 -61.03
N SER I 117 -8.49 -26.70 -62.21
CA SER I 117 -7.39 -27.57 -62.60
C SER I 117 -6.04 -26.87 -62.62
N GLN I 118 -5.96 -25.67 -63.19
CA GLN I 118 -4.68 -24.98 -63.23
C GLN I 118 -4.21 -24.53 -61.86
N MET I 119 -5.15 -24.22 -60.97
CA MET I 119 -4.78 -23.82 -59.62
C MET I 119 -4.29 -25.02 -58.81
N LYS I 120 -4.96 -26.16 -58.99
CA LYS I 120 -4.60 -27.37 -58.28
C LYS I 120 -3.24 -27.87 -58.75
N LYS I 121 -2.94 -27.69 -60.03
CA LYS I 121 -1.66 -28.12 -60.59
C LYS I 121 -0.49 -27.41 -59.91
N ARG I 122 -0.56 -26.10 -59.75
CA ARG I 122 0.51 -25.36 -59.11
C ARG I 122 0.36 -25.25 -57.60
N LYS I 123 -0.80 -25.68 -57.09
CA LYS I 123 -1.08 -25.63 -55.66
C LYS I 123 -1.08 -24.20 -55.13
N SER I 124 -1.78 -23.32 -55.83
CA SER I 124 -1.88 -21.93 -55.41
C SER I 124 -3.05 -21.27 -56.13
N GLY I 125 -3.72 -20.35 -55.45
CA GLY I 125 -4.85 -19.65 -56.03
C GLY I 125 -5.84 -19.25 -54.96
N HIS I 126 -6.75 -18.33 -55.29
CA HIS I 126 -7.77 -17.88 -54.36
C HIS I 126 -9.09 -17.77 -55.11
N ILE I 127 -10.17 -18.23 -54.48
CA ILE I 127 -11.50 -18.18 -55.08
C ILE I 127 -12.41 -17.39 -54.16
N ILE I 128 -13.06 -16.36 -54.70
CA ILE I 128 -13.97 -15.53 -53.91
C ILE I 128 -15.30 -15.36 -54.64
N PHE I 129 -16.39 -15.73 -53.97
CA PHE I 129 -17.73 -15.55 -54.55
C PHE I 129 -18.33 -14.34 -53.85
N ILE I 130 -18.98 -13.46 -54.61
CA ILE I 130 -19.66 -12.33 -54.02
C ILE I 130 -21.10 -12.81 -54.13
N THR I 131 -21.68 -13.13 -52.99
CA THR I 131 -23.03 -13.64 -52.94
C THR I 131 -24.03 -12.64 -52.40
N SER I 132 -24.57 -12.90 -51.23
CA SER I 132 -25.56 -12.00 -50.63
C SER I 132 -25.78 -12.33 -49.18
N ALA I 133 -26.18 -11.33 -48.41
CA ALA I 133 -26.47 -11.54 -47.00
C ALA I 133 -27.96 -11.86 -46.80
N THR I 134 -28.73 -11.86 -47.88
CA THR I 134 -30.16 -12.15 -47.74
C THR I 134 -30.47 -13.47 -47.04
N PRO I 135 -29.63 -14.50 -47.23
CA PRO I 135 -29.91 -15.77 -46.56
C PRO I 135 -29.84 -15.64 -45.04
N PHE I 136 -29.03 -14.71 -44.54
CA PHE I 136 -28.87 -14.51 -43.11
C PHE I 136 -30.12 -13.87 -42.50
N GLY I 137 -30.79 -13.03 -43.27
CA GLY I 137 -32.00 -12.37 -42.81
C GLY I 137 -32.93 -12.21 -43.99
N PRO I 138 -33.68 -13.26 -44.35
CA PRO I 138 -34.59 -13.20 -45.49
C PRO I 138 -35.77 -12.27 -45.34
N TRP I 139 -36.06 -11.51 -46.40
CA TRP I 139 -37.25 -10.65 -46.41
C TRP I 139 -38.32 -11.55 -46.98
N LYS I 140 -39.59 -11.25 -46.71
CA LYS I 140 -40.61 -12.09 -47.30
C LYS I 140 -40.76 -11.71 -48.78
N GLU I 141 -41.10 -12.70 -49.60
CA GLU I 141 -41.32 -12.52 -51.03
C GLU I 141 -40.10 -12.32 -51.94
N LEU I 142 -38.98 -12.96 -51.59
CA LEU I 142 -37.77 -12.91 -52.42
C LEU I 142 -37.12 -14.28 -52.29
N SER I 143 -37.96 -15.32 -52.32
CA SER I 143 -37.49 -16.69 -52.16
C SER I 143 -36.53 -17.21 -53.21
N THR I 144 -36.72 -16.80 -54.46
CA THR I 144 -35.87 -17.26 -55.54
C THR I 144 -34.43 -16.79 -55.38
N TYR I 145 -34.26 -15.48 -55.31
CA TYR I 145 -32.94 -14.86 -55.17
C TYR I 145 -32.25 -15.29 -53.89
N THR I 146 -32.98 -15.25 -52.79
CA THR I 146 -32.42 -15.61 -51.49
C THR I 146 -31.94 -17.06 -51.42
N SER I 147 -32.74 -18.00 -51.89
CA SER I 147 -32.33 -19.39 -51.81
C SER I 147 -31.17 -19.69 -52.76
N ALA I 148 -31.15 -19.06 -53.93
CA ALA I 148 -30.06 -19.28 -54.88
C ALA I 148 -28.74 -18.77 -54.28
N ARG I 149 -28.78 -17.61 -53.63
CA ARG I 149 -27.58 -17.06 -53.01
C ARG I 149 -27.08 -17.99 -51.91
N ALA I 150 -28.01 -18.62 -51.19
CA ALA I 150 -27.65 -19.55 -50.13
C ALA I 150 -26.90 -20.73 -50.74
N GLY I 151 -27.37 -21.17 -51.90
CA GLY I 151 -26.73 -22.28 -52.58
C GLY I 151 -25.30 -21.92 -52.95
N ALA I 152 -25.09 -20.68 -53.37
CA ALA I 152 -23.75 -20.21 -53.74
C ALA I 152 -22.85 -20.13 -52.51
N CYS I 153 -23.41 -19.70 -51.38
CA CYS I 153 -22.64 -19.61 -50.14
C CYS I 153 -22.13 -20.99 -49.71
N THR I 154 -23.01 -21.99 -49.75
CA THR I 154 -22.61 -23.34 -49.34
C THR I 154 -21.66 -23.95 -50.37
N LEU I 155 -21.82 -23.59 -51.64
CA LEU I 155 -20.94 -24.10 -52.69
C LEU I 155 -19.52 -23.66 -52.36
N ALA I 156 -19.37 -22.40 -51.94
CA ALA I 156 -18.07 -21.88 -51.58
C ALA I 156 -17.49 -22.65 -50.39
N ASN I 157 -18.29 -22.82 -49.34
CA ASN I 157 -17.82 -23.55 -48.17
C ASN I 157 -17.46 -24.99 -48.51
N ALA I 158 -18.31 -25.66 -49.29
CA ALA I 158 -18.07 -27.03 -49.69
C ALA I 158 -16.77 -27.14 -50.49
N LEU I 159 -16.56 -26.21 -51.41
CA LEU I 159 -15.35 -26.22 -52.23
C LEU I 159 -14.10 -26.02 -51.38
N SER I 160 -14.20 -25.20 -50.34
CA SER I 160 -13.05 -24.96 -49.47
C SER I 160 -12.52 -26.27 -48.89
N LYS I 161 -13.43 -27.21 -48.61
CA LYS I 161 -13.03 -28.49 -48.03
C LYS I 161 -12.12 -29.32 -48.93
N GLU I 162 -12.37 -29.31 -50.24
CA GLU I 162 -11.55 -30.09 -51.17
C GLU I 162 -10.34 -29.35 -51.72
N LEU I 163 -10.46 -28.04 -51.88
CA LEU I 163 -9.35 -27.26 -52.43
C LEU I 163 -8.28 -26.89 -51.42
N GLY I 164 -8.59 -27.00 -50.14
CA GLY I 164 -7.60 -26.68 -49.12
C GLY I 164 -6.37 -27.55 -49.25
N GLU I 165 -6.58 -28.78 -49.72
CA GLU I 165 -5.48 -29.74 -49.90
C GLU I 165 -4.49 -29.24 -50.96
N TYR I 166 -4.96 -28.38 -51.84
CA TYR I 166 -4.12 -27.82 -52.90
C TYR I 166 -3.70 -26.39 -52.54
N ASN I 167 -3.94 -26.02 -51.30
CA ASN I 167 -3.60 -24.69 -50.79
C ASN I 167 -4.37 -23.58 -51.47
N ILE I 168 -5.63 -23.86 -51.81
CA ILE I 168 -6.49 -22.87 -52.46
C ILE I 168 -7.62 -22.47 -51.52
N PRO I 169 -7.56 -21.25 -50.94
CA PRO I 169 -8.65 -20.86 -50.04
C PRO I 169 -9.86 -20.48 -50.90
N VAL I 170 -11.05 -20.68 -50.37
CA VAL I 170 -12.30 -20.35 -51.06
C VAL I 170 -13.17 -19.58 -50.06
N PHE I 171 -13.67 -18.42 -50.48
CA PHE I 171 -14.51 -17.61 -49.60
C PHE I 171 -15.76 -17.11 -50.29
N ALA I 172 -16.74 -16.72 -49.49
CA ALA I 172 -17.98 -16.13 -49.99
C ALA I 172 -18.21 -14.84 -49.21
N ILE I 173 -18.44 -13.74 -49.92
CA ILE I 173 -18.70 -12.45 -49.29
C ILE I 173 -20.17 -12.14 -49.61
N GLY I 174 -20.99 -12.05 -48.56
CA GLY I 174 -22.41 -11.78 -48.77
C GLY I 174 -22.76 -10.37 -48.35
N PRO I 175 -22.87 -9.44 -49.31
CA PRO I 175 -23.21 -8.08 -48.95
C PRO I 175 -24.70 -7.79 -48.93
N ASN I 176 -25.04 -6.65 -48.36
CA ASN I 176 -26.39 -6.13 -48.37
C ASN I 176 -26.20 -4.66 -48.04
N TYR I 177 -27.05 -3.82 -48.63
CA TYR I 177 -26.96 -2.39 -48.45
C TYR I 177 -25.59 -1.87 -48.87
N LEU I 178 -25.04 -2.51 -49.89
CA LEU I 178 -23.74 -2.13 -50.44
C LEU I 178 -23.98 -1.10 -51.55
N HIS I 179 -23.50 0.12 -51.32
CA HIS I 179 -23.66 1.20 -52.29
C HIS I 179 -23.12 0.73 -53.65
N SER I 180 -23.93 0.81 -54.69
CA SER I 180 -23.50 0.35 -56.02
C SER I 180 -23.30 1.52 -56.98
N GLU I 181 -23.34 2.73 -56.43
CA GLU I 181 -23.13 3.95 -57.20
C GLU I 181 -24.05 4.10 -58.40
N ASP I 182 -23.55 3.89 -59.62
CA ASP I 182 -24.38 4.02 -60.80
C ASP I 182 -25.02 2.71 -61.25
N SER I 183 -24.60 1.62 -60.64
CA SER I 183 -25.14 0.31 -60.99
C SER I 183 -26.49 0.08 -60.30
N PRO I 184 -27.46 -0.51 -61.03
CA PRO I 184 -28.78 -0.78 -60.45
C PRO I 184 -28.73 -1.99 -59.53
N TYR I 185 -27.59 -2.69 -59.50
CA TYR I 185 -27.41 -3.87 -58.64
C TYR I 185 -26.50 -3.55 -57.47
N PHE I 186 -27.05 -3.30 -56.28
CA PHE I 186 -28.49 -3.31 -56.02
C PHE I 186 -28.92 -2.09 -55.22
N TYR I 187 -27.96 -1.22 -54.92
CA TYR I 187 -28.25 -0.01 -54.16
C TYR I 187 -27.59 1.23 -54.75
N PRO I 188 -28.13 1.72 -55.89
CA PRO I 188 -27.59 2.91 -56.55
C PRO I 188 -27.77 4.17 -55.72
N THR I 189 -26.91 5.17 -55.95
CA THR I 189 -26.96 6.44 -55.24
C THR I 189 -28.38 6.99 -55.26
N GLU I 190 -29.03 6.91 -56.41
CA GLU I 190 -30.41 7.37 -56.58
C GLU I 190 -31.21 6.07 -56.54
N PRO I 191 -32.12 5.91 -55.57
CA PRO I 191 -32.49 6.83 -54.50
C PRO I 191 -31.94 6.54 -53.10
N TRP I 192 -31.10 5.53 -52.96
CA TRP I 192 -30.61 5.16 -51.64
C TRP I 192 -29.83 6.20 -50.83
N LYS I 193 -29.23 7.17 -51.51
CA LYS I 193 -28.51 8.22 -50.81
C LYS I 193 -29.21 9.57 -50.96
N THR I 194 -30.18 9.63 -51.88
CA THR I 194 -30.91 10.87 -52.14
C THR I 194 -32.34 10.98 -51.64
N ASN I 195 -33.12 9.90 -51.70
CA ASN I 195 -34.51 9.96 -51.25
C ASN I 195 -34.65 9.72 -49.75
N PRO I 196 -35.23 10.70 -49.01
CA PRO I 196 -35.43 10.64 -47.56
C PRO I 196 -35.94 9.32 -46.99
N GLU I 197 -36.94 8.71 -47.64
CA GLU I 197 -37.49 7.46 -47.16
C GLU I 197 -36.45 6.34 -47.21
N HIS I 198 -35.66 6.33 -48.28
CA HIS I 198 -34.64 5.30 -48.43
C HIS I 198 -33.50 5.53 -47.44
N VAL I 199 -33.11 6.78 -47.26
CA VAL I 199 -32.04 7.11 -46.31
C VAL I 199 -32.45 6.67 -44.90
N ALA I 200 -33.70 6.93 -44.55
CA ALA I 200 -34.23 6.57 -43.24
C ALA I 200 -34.27 5.06 -43.06
N HIS I 201 -34.62 4.35 -44.13
CA HIS I 201 -34.69 2.89 -44.08
C HIS I 201 -33.31 2.30 -43.74
N VAL I 202 -32.30 2.72 -44.48
CA VAL I 202 -30.94 2.23 -44.27
C VAL I 202 -30.49 2.55 -42.84
N LYS I 203 -30.85 3.73 -42.37
CA LYS I 203 -30.50 4.18 -41.03
C LYS I 203 -31.11 3.25 -39.98
N LYS I 204 -32.28 2.71 -40.29
CA LYS I 204 -32.99 1.85 -39.37
C LYS I 204 -32.60 0.37 -39.38
N VAL I 205 -32.33 -0.18 -40.56
CA VAL I 205 -32.02 -1.60 -40.67
C VAL I 205 -30.58 -2.06 -40.57
N THR I 206 -29.63 -1.12 -40.53
CA THR I 206 -28.23 -1.50 -40.40
C THR I 206 -27.73 -0.94 -39.06
N ALA I 207 -26.79 -1.64 -38.44
CA ALA I 207 -26.26 -1.19 -37.15
C ALA I 207 -25.43 0.08 -37.32
N LEU I 208 -24.67 0.15 -38.40
CA LEU I 208 -23.84 1.33 -38.66
C LEU I 208 -24.63 2.51 -39.25
N GLN I 209 -25.90 2.27 -39.55
CA GLN I 209 -26.81 3.28 -40.09
C GLN I 209 -26.33 3.98 -41.35
N ARG I 210 -25.88 3.18 -42.31
CA ARG I 210 -25.39 3.69 -43.58
C ARG I 210 -25.20 2.53 -44.54
N LEU I 211 -25.02 2.86 -45.81
CA LEU I 211 -24.76 1.86 -46.84
C LEU I 211 -23.28 1.50 -46.73
N GLY I 212 -22.93 0.30 -47.19
CA GLY I 212 -21.54 -0.11 -47.19
C GLY I 212 -20.92 0.51 -48.41
N THR I 213 -19.59 0.69 -48.41
CA THR I 213 -18.92 1.30 -49.56
C THR I 213 -18.21 0.30 -50.47
N GLN I 214 -18.02 0.69 -51.72
CA GLN I 214 -17.33 -0.15 -52.69
C GLN I 214 -15.90 -0.36 -52.19
N LYS I 215 -15.37 0.65 -51.49
CA LYS I 215 -14.01 0.57 -50.97
C LYS I 215 -13.90 -0.52 -49.91
N GLU I 216 -14.88 -0.59 -49.00
CA GLU I 216 -14.85 -1.60 -47.94
C GLU I 216 -14.85 -3.00 -48.53
N LEU I 217 -15.76 -3.24 -49.47
CA LEU I 217 -15.84 -4.54 -50.12
C LEU I 217 -14.50 -4.80 -50.82
N GLY I 218 -13.99 -3.80 -51.53
CA GLY I 218 -12.73 -3.93 -52.23
C GLY I 218 -11.57 -4.25 -51.30
N GLU I 219 -11.54 -3.62 -50.12
CA GLU I 219 -10.48 -3.87 -49.16
C GLU I 219 -10.52 -5.33 -48.71
N LEU I 220 -11.72 -5.84 -48.46
CA LEU I 220 -11.89 -7.22 -48.02
C LEU I 220 -11.45 -8.17 -49.11
N VAL I 221 -11.86 -7.90 -50.34
CA VAL I 221 -11.47 -8.74 -51.46
C VAL I 221 -9.93 -8.79 -51.61
N ALA I 222 -9.29 -7.63 -51.54
CA ALA I 222 -7.83 -7.58 -51.67
C ALA I 222 -7.15 -8.31 -50.52
N PHE I 223 -7.69 -8.13 -49.32
CA PHE I 223 -7.15 -8.78 -48.13
C PHE I 223 -7.21 -10.30 -48.26
N LEU I 224 -8.36 -10.82 -48.65
CA LEU I 224 -8.52 -12.26 -48.80
C LEU I 224 -7.63 -12.83 -49.89
N ALA I 225 -7.47 -12.08 -50.98
CA ALA I 225 -6.64 -12.51 -52.10
C ALA I 225 -5.15 -12.28 -51.88
N SER I 226 -4.80 -11.52 -50.84
CA SER I 226 -3.41 -11.21 -50.55
C SER I 226 -2.60 -12.39 -50.01
N GLY I 227 -3.29 -13.36 -49.42
CA GLY I 227 -2.59 -14.50 -48.86
C GLY I 227 -2.18 -14.28 -47.41
N SER I 228 -2.58 -13.14 -46.86
CA SER I 228 -2.26 -12.81 -45.47
C SER I 228 -3.07 -13.63 -44.47
N CYS I 229 -4.23 -14.13 -44.88
CA CYS I 229 -5.05 -14.90 -43.96
C CYS I 229 -5.82 -16.05 -44.64
N ASP I 230 -5.09 -16.96 -45.27
CA ASP I 230 -5.72 -18.10 -45.94
C ASP I 230 -6.45 -19.02 -44.96
N TYR I 231 -6.10 -18.93 -43.68
CA TYR I 231 -6.71 -19.79 -42.66
C TYR I 231 -8.21 -19.54 -42.44
N LEU I 232 -8.75 -18.53 -43.10
CA LEU I 232 -10.17 -18.21 -43.00
C LEU I 232 -10.95 -18.99 -44.06
N THR I 233 -10.24 -19.84 -44.81
CA THR I 233 -10.90 -20.59 -45.88
C THR I 233 -12.22 -21.25 -45.46
N GLY I 234 -13.22 -21.08 -46.33
CA GLY I 234 -14.54 -21.65 -46.07
C GLY I 234 -15.48 -20.64 -45.43
N GLN I 235 -14.93 -19.50 -45.04
CA GLN I 235 -15.70 -18.45 -44.40
C GLN I 235 -16.71 -17.76 -45.31
N VAL I 236 -17.87 -17.46 -44.75
CA VAL I 236 -18.90 -16.71 -45.46
C VAL I 236 -18.90 -15.42 -44.65
N PHE I 237 -18.55 -14.33 -45.32
CA PHE I 237 -18.48 -13.01 -44.69
C PHE I 237 -19.78 -12.25 -44.92
N TRP I 238 -20.43 -11.82 -43.84
CA TRP I 238 -21.66 -11.05 -43.96
C TRP I 238 -21.26 -9.57 -43.95
N LEU I 239 -21.17 -8.99 -45.14
CA LEU I 239 -20.79 -7.58 -45.28
C LEU I 239 -22.08 -6.78 -45.33
N ALA I 240 -22.72 -6.60 -44.18
CA ALA I 240 -24.00 -5.92 -44.15
C ALA I 240 -24.18 -4.84 -43.08
N GLY I 241 -23.07 -4.36 -42.52
CA GLY I 241 -23.13 -3.30 -41.53
C GLY I 241 -23.92 -3.56 -40.26
N GLY I 242 -24.02 -4.82 -39.86
CA GLY I 242 -24.77 -5.11 -38.65
C GLY I 242 -26.20 -5.48 -38.94
N PHE I 243 -26.59 -5.49 -40.21
CA PHE I 243 -27.93 -5.89 -40.61
C PHE I 243 -28.01 -7.39 -40.25
N PRO I 244 -29.18 -7.87 -39.83
CA PRO I 244 -30.43 -7.11 -39.65
C PRO I 244 -30.61 -6.56 -38.23
N MET I 245 -31.27 -5.41 -38.14
CA MET I 245 -31.57 -4.79 -36.85
C MET I 245 -33.01 -5.23 -36.56
N ILE I 246 -33.19 -5.91 -35.45
CA ILE I 246 -34.51 -6.43 -35.11
C ILE I 246 -35.39 -5.44 -34.34
N GLU I 247 -36.63 -5.29 -34.82
CA GLU I 247 -37.61 -4.41 -34.22
C GLU I 247 -37.77 -4.73 -32.74
N ARG I 248 -37.59 -3.73 -31.89
CA ARG I 248 -37.72 -3.96 -30.46
C ARG I 248 -39.14 -3.67 -29.96
N TRP I 249 -39.40 -4.05 -28.71
CA TRP I 249 -40.70 -3.87 -28.08
C TRP I 249 -41.20 -2.43 -28.04
N PRO I 250 -42.52 -2.26 -27.89
CA PRO I 250 -43.14 -0.93 -27.83
C PRO I 250 -42.60 -0.17 -26.62
N GLY I 251 -42.47 1.14 -26.75
CA GLY I 251 -41.96 1.93 -25.64
C GLY I 251 -40.45 2.03 -25.58
N MET I 252 -39.76 1.29 -26.45
CA MET I 252 -38.30 1.32 -26.47
C MET I 252 -37.83 2.26 -27.57
N PRO I 253 -36.87 3.13 -27.25
CA PRO I 253 -36.36 4.09 -28.24
C PRO I 253 -35.69 3.40 -29.42
N SER J 2 -56.74 -35.09 -43.08
CA SER J 2 -56.68 -34.20 -44.28
C SER J 2 -56.04 -34.94 -45.46
N THR J 3 -55.67 -34.19 -46.48
CA THR J 3 -55.05 -34.79 -47.67
C THR J 3 -53.60 -34.38 -47.82
N ALA J 4 -52.72 -35.35 -48.03
CA ALA J 4 -51.31 -35.09 -48.18
C ALA J 4 -50.70 -35.68 -49.44
N ILE J 5 -49.57 -35.12 -49.85
CA ILE J 5 -48.83 -35.58 -51.01
C ILE J 5 -47.40 -35.86 -50.58
N VAL J 6 -46.90 -37.05 -50.92
CA VAL J 6 -45.53 -37.43 -50.62
C VAL J 6 -44.90 -37.85 -51.93
N THR J 7 -43.82 -37.19 -52.33
CA THR J 7 -43.16 -37.50 -53.60
C THR J 7 -42.08 -38.58 -53.46
N ASN J 8 -41.66 -39.15 -54.59
CA ASN J 8 -40.64 -40.21 -54.59
C ASN J 8 -40.84 -41.11 -53.37
N VAL J 9 -42.10 -41.53 -53.18
CA VAL J 9 -42.47 -42.34 -52.03
C VAL J 9 -41.64 -43.60 -51.77
N LYS J 10 -41.10 -44.21 -52.82
CA LYS J 10 -40.31 -45.42 -52.65
C LYS J 10 -38.88 -45.17 -52.16
N HIS J 11 -38.47 -43.90 -52.11
CA HIS J 11 -37.10 -43.61 -51.72
C HIS J 11 -36.92 -42.58 -50.60
N PHE J 12 -35.72 -42.58 -50.03
CA PHE J 12 -35.36 -41.60 -49.00
C PHE J 12 -36.38 -41.61 -47.85
N GLY J 13 -36.99 -40.47 -47.58
CA GLY J 13 -37.96 -40.40 -46.49
C GLY J 13 -39.39 -40.65 -46.93
N GLY J 14 -39.56 -41.18 -48.14
CA GLY J 14 -40.89 -41.43 -48.66
C GLY J 14 -41.82 -42.34 -47.88
N MET J 15 -41.42 -43.59 -47.70
CA MET J 15 -42.26 -44.56 -46.99
C MET J 15 -42.55 -44.17 -45.55
N GLY J 16 -41.52 -43.72 -44.83
CA GLY J 16 -41.71 -43.33 -43.45
C GLY J 16 -42.77 -42.24 -43.34
N SER J 17 -42.64 -41.23 -44.20
CA SER J 17 -43.58 -40.11 -44.22
C SER J 17 -44.98 -40.54 -44.63
N ALA J 18 -45.08 -41.22 -45.76
CA ALA J 18 -46.37 -41.65 -46.27
C ALA J 18 -47.15 -42.55 -45.30
N LEU J 19 -46.49 -43.59 -44.81
CA LEU J 19 -47.13 -44.52 -43.90
C LEU J 19 -47.54 -43.92 -42.56
N ARG J 20 -46.70 -43.07 -41.97
CA ARG J 20 -47.06 -42.46 -40.70
C ARG J 20 -48.21 -41.48 -40.86
N LEU J 21 -48.21 -40.73 -41.96
CA LEU J 21 -49.27 -39.77 -42.24
C LEU J 21 -50.58 -40.56 -42.43
N SER J 22 -50.46 -41.71 -43.09
CA SER J 22 -51.62 -42.56 -43.35
C SER J 22 -52.19 -43.06 -42.02
N GLU J 23 -51.30 -43.49 -41.13
CA GLU J 23 -51.69 -43.98 -39.83
C GLU J 23 -52.39 -42.91 -39.00
N ALA J 24 -52.07 -41.65 -39.25
CA ALA J 24 -52.66 -40.53 -38.53
C ALA J 24 -54.07 -40.21 -39.03
N GLY J 25 -54.49 -40.90 -40.09
CA GLY J 25 -55.82 -40.68 -40.64
C GLY J 25 -55.89 -39.90 -41.94
N HIS J 26 -54.75 -39.40 -42.39
CA HIS J 26 -54.70 -38.62 -43.62
C HIS J 26 -54.84 -39.46 -44.88
N THR J 27 -55.35 -38.83 -45.93
CA THR J 27 -55.46 -39.47 -47.23
C THR J 27 -54.10 -39.09 -47.81
N VAL J 28 -53.32 -40.08 -48.22
CA VAL J 28 -52.00 -39.81 -48.73
C VAL J 28 -51.81 -40.21 -50.18
N ALA J 29 -51.72 -39.20 -51.04
CA ALA J 29 -51.50 -39.42 -52.46
C ALA J 29 -49.99 -39.50 -52.61
N CYS J 30 -49.51 -40.51 -53.32
CA CYS J 30 -48.08 -40.70 -53.49
C CYS J 30 -47.61 -40.59 -54.93
N HIS J 31 -46.42 -40.01 -55.07
CA HIS J 31 -45.79 -39.85 -56.38
C HIS J 31 -44.49 -40.65 -56.38
N ASP J 32 -44.08 -41.09 -57.56
CA ASP J 32 -42.84 -41.83 -57.73
C ASP J 32 -42.61 -41.99 -59.22
N GLU J 33 -41.35 -41.94 -59.64
CA GLU J 33 -41.01 -42.07 -61.06
C GLU J 33 -41.48 -43.39 -61.63
N SER J 34 -41.51 -44.44 -60.81
CA SER J 34 -41.94 -45.75 -61.27
C SER J 34 -43.44 -45.79 -61.57
N PHE J 35 -44.21 -44.90 -60.95
CA PHE J 35 -45.64 -44.87 -61.18
C PHE J 35 -45.99 -44.45 -62.60
N LYS J 36 -44.95 -44.23 -63.42
CA LYS J 36 -45.13 -43.88 -64.82
C LYS J 36 -45.71 -45.16 -65.46
N GLN J 37 -45.24 -46.31 -64.99
CA GLN J 37 -45.69 -47.61 -65.48
C GLN J 37 -46.95 -48.03 -64.75
N LYS J 38 -48.02 -48.31 -65.50
CA LYS J 38 -49.27 -48.73 -64.90
C LYS J 38 -49.07 -49.97 -64.02
N ASP J 39 -48.14 -50.81 -64.43
CA ASP J 39 -47.85 -52.05 -63.68
C ASP J 39 -47.32 -51.73 -62.29
N GLU J 40 -46.39 -50.79 -62.19
CA GLU J 40 -45.80 -50.40 -60.92
C GLU J 40 -46.81 -49.75 -59.98
N LEU J 41 -47.63 -48.86 -60.52
CA LEU J 41 -48.63 -48.17 -59.72
C LEU J 41 -49.63 -49.15 -59.13
N GLU J 42 -50.12 -50.07 -59.96
CA GLU J 42 -51.11 -51.04 -59.50
C GLU J 42 -50.56 -51.95 -58.41
N ALA J 43 -49.30 -52.38 -58.58
CA ALA J 43 -48.67 -53.25 -57.58
C ALA J 43 -48.53 -52.50 -56.26
N PHE J 44 -48.20 -51.22 -56.35
CA PHE J 44 -48.04 -50.40 -55.16
C PHE J 44 -49.40 -50.21 -54.50
N ALA J 45 -50.41 -49.92 -55.32
CA ALA J 45 -51.76 -49.71 -54.82
C ALA J 45 -52.29 -50.94 -54.10
N GLU J 46 -51.93 -52.11 -54.63
CA GLU J 46 -52.37 -53.36 -54.04
C GLU J 46 -51.64 -53.61 -52.72
N THR J 47 -50.33 -53.39 -52.71
CA THR J 47 -49.54 -53.60 -51.51
C THR J 47 -49.93 -52.63 -50.38
N TYR J 48 -50.29 -51.39 -50.73
CA TYR J 48 -50.68 -50.41 -49.73
C TYR J 48 -52.03 -49.78 -50.03
N PRO J 49 -53.12 -50.45 -49.64
CA PRO J 49 -54.46 -49.91 -49.89
C PRO J 49 -54.72 -48.61 -49.10
N GLN J 50 -53.87 -48.32 -48.13
CA GLN J 50 -54.02 -47.10 -47.35
C GLN J 50 -53.51 -45.89 -48.13
N LEU J 51 -52.54 -46.12 -49.02
CA LEU J 51 -51.95 -45.07 -49.84
C LEU J 51 -52.63 -44.92 -51.20
N LYS J 52 -52.52 -43.73 -51.78
CA LYS J 52 -53.13 -43.46 -53.09
C LYS J 52 -52.04 -43.06 -54.08
N PRO J 53 -51.46 -44.04 -54.79
CA PRO J 53 -50.42 -43.72 -55.76
C PRO J 53 -50.99 -42.99 -56.98
N MET J 54 -50.25 -42.00 -57.47
CA MET J 54 -50.66 -41.22 -58.62
C MET J 54 -49.69 -41.48 -59.78
N SER J 55 -50.16 -41.32 -61.01
CA SER J 55 -49.30 -41.53 -62.17
C SER J 55 -48.61 -40.24 -62.61
N GLU J 56 -49.21 -39.10 -62.25
CA GLU J 56 -48.66 -37.80 -62.61
C GLU J 56 -47.21 -37.61 -62.18
N GLN J 57 -46.42 -37.06 -63.08
CA GLN J 57 -45.00 -36.85 -62.84
C GLN J 57 -44.62 -35.38 -62.63
N GLU J 58 -45.27 -34.48 -63.36
CA GLU J 58 -44.98 -33.06 -63.24
C GLU J 58 -45.68 -32.43 -62.03
N PRO J 59 -45.01 -31.48 -61.34
CA PRO J 59 -45.51 -30.78 -60.16
C PRO J 59 -46.94 -30.24 -60.26
N ALA J 60 -47.17 -29.37 -61.23
CA ALA J 60 -48.49 -28.77 -61.40
C ALA J 60 -49.58 -29.80 -61.66
N GLU J 61 -49.32 -30.74 -62.55
CA GLU J 61 -50.34 -31.74 -62.86
C GLU J 61 -50.60 -32.66 -61.66
N LEU J 62 -49.56 -32.91 -60.87
CA LEU J 62 -49.68 -33.75 -59.68
C LEU J 62 -50.60 -33.05 -58.68
N ILE J 63 -50.31 -31.78 -58.41
CA ILE J 63 -51.10 -31.01 -57.48
C ILE J 63 -52.55 -30.97 -57.98
N GLU J 64 -52.72 -30.75 -59.27
CA GLU J 64 -54.06 -30.69 -59.86
C GLU J 64 -54.78 -32.03 -59.74
N ALA J 65 -54.07 -33.13 -59.99
CA ALA J 65 -54.68 -34.46 -59.92
C ALA J 65 -55.16 -34.80 -58.52
N VAL J 66 -54.32 -34.56 -57.51
CA VAL J 66 -54.68 -34.84 -56.13
C VAL J 66 -55.84 -33.97 -55.68
N THR J 67 -55.81 -32.70 -56.05
CA THR J 67 -56.87 -31.78 -55.68
C THR J 67 -58.19 -32.23 -56.30
N SER J 68 -58.15 -32.64 -57.57
CA SER J 68 -59.35 -33.11 -58.26
C SER J 68 -59.92 -34.37 -57.65
N ALA J 69 -59.05 -35.33 -57.34
CA ALA J 69 -59.48 -36.61 -56.78
C ALA J 69 -59.86 -36.59 -55.31
N TYR J 70 -59.14 -35.81 -54.50
CA TYR J 70 -59.41 -35.80 -53.07
C TYR J 70 -59.87 -34.49 -52.44
N GLY J 71 -60.15 -33.49 -53.27
CA GLY J 71 -60.64 -32.22 -52.74
C GLY J 71 -59.62 -31.11 -52.65
N GLN J 72 -58.50 -31.38 -52.00
CA GLN J 72 -57.47 -30.37 -51.86
C GLN J 72 -56.17 -31.01 -51.40
N VAL J 73 -55.13 -30.19 -51.28
CA VAL J 73 -53.83 -30.67 -50.81
C VAL J 73 -53.55 -29.86 -49.55
N ASP J 74 -53.64 -30.51 -48.40
CA ASP J 74 -53.40 -29.84 -47.11
C ASP J 74 -51.96 -29.92 -46.65
N VAL J 75 -51.30 -31.01 -46.98
CA VAL J 75 -49.93 -31.21 -46.58
C VAL J 75 -49.07 -31.63 -47.76
N LEU J 76 -47.96 -30.91 -47.95
CA LEU J 76 -47.04 -31.24 -49.03
C LEU J 76 -45.71 -31.67 -48.42
N VAL J 77 -45.28 -32.89 -48.75
CA VAL J 77 -44.01 -33.41 -48.28
C VAL J 77 -43.16 -33.58 -49.53
N SER J 78 -42.23 -32.66 -49.75
CA SER J 78 -41.38 -32.76 -50.92
C SER J 78 -40.17 -33.59 -50.55
N ASN J 79 -40.24 -34.87 -50.91
CA ASN J 79 -39.19 -35.84 -50.62
C ASN J 79 -38.30 -35.89 -51.86
N ASP J 80 -37.36 -34.94 -51.94
CA ASP J 80 -36.50 -34.86 -53.10
C ASP J 80 -35.24 -35.70 -53.07
N ILE J 81 -34.92 -36.28 -54.21
CA ILE J 81 -33.74 -37.13 -54.31
C ILE J 81 -32.98 -36.85 -55.60
N PHE J 82 -31.73 -37.31 -55.62
CA PHE J 82 -30.86 -37.16 -56.78
C PHE J 82 -29.72 -38.13 -56.56
N ALA J 83 -29.17 -38.65 -57.65
CA ALA J 83 -28.06 -39.59 -57.57
C ALA J 83 -26.77 -38.91 -58.06
N PRO J 84 -26.05 -38.25 -57.14
CA PRO J 84 -24.81 -37.57 -57.51
C PRO J 84 -23.58 -38.45 -57.36
N GLU J 85 -22.49 -38.05 -58.00
CA GLU J 85 -21.24 -38.77 -57.87
C GLU J 85 -20.34 -37.84 -57.07
N PHE J 86 -19.39 -38.40 -56.34
CA PHE J 86 -18.44 -37.60 -55.60
C PHE J 86 -17.38 -37.31 -56.66
N GLN J 87 -17.06 -36.04 -56.87
CA GLN J 87 -16.05 -35.68 -57.87
C GLN J 87 -15.34 -34.39 -57.51
N PRO J 88 -14.07 -34.27 -57.90
CA PRO J 88 -13.34 -33.03 -57.59
C PRO J 88 -14.09 -32.02 -58.44
N ILE J 89 -14.11 -30.75 -58.03
CA ILE J 89 -14.84 -29.74 -58.78
C ILE J 89 -14.56 -29.68 -60.29
N ASP J 90 -13.29 -29.82 -60.69
CA ASP J 90 -12.96 -29.75 -62.11
C ASP J 90 -13.32 -31.00 -62.92
N LYS J 91 -13.69 -32.09 -62.23
CA LYS J 91 -14.05 -33.33 -62.91
C LYS J 91 -15.55 -33.40 -63.19
N TYR J 92 -16.33 -32.54 -62.53
CA TYR J 92 -17.76 -32.49 -62.76
C TYR J 92 -18.01 -31.83 -64.11
N ALA J 93 -19.21 -32.01 -64.64
CA ALA J 93 -19.60 -31.36 -65.87
C ALA J 93 -20.58 -30.33 -65.32
N VAL J 94 -20.71 -29.18 -65.97
CA VAL J 94 -21.63 -28.19 -65.46
C VAL J 94 -23.02 -28.81 -65.42
N GLU J 95 -23.28 -29.74 -66.33
CA GLU J 95 -24.57 -30.42 -66.38
C GLU J 95 -24.82 -31.23 -65.12
N ASP J 96 -23.76 -31.71 -64.48
CA ASP J 96 -23.92 -32.49 -63.25
C ASP J 96 -24.52 -31.61 -62.16
N TYR J 97 -24.18 -30.32 -62.19
CA TYR J 97 -24.72 -29.39 -61.20
C TYR J 97 -26.14 -28.99 -61.59
N ARG J 98 -26.36 -28.78 -62.88
CA ARG J 98 -27.71 -28.41 -63.32
C ARG J 98 -28.67 -29.52 -62.93
N GLY J 99 -28.23 -30.76 -63.08
CA GLY J 99 -29.07 -31.89 -62.71
C GLY J 99 -29.39 -31.87 -61.23
N ALA J 100 -28.39 -31.59 -60.40
CA ALA J 100 -28.58 -31.55 -58.95
C ALA J 100 -29.57 -30.46 -58.57
N VAL J 101 -29.33 -29.26 -59.08
CA VAL J 101 -30.19 -28.12 -58.80
C VAL J 101 -31.62 -28.39 -59.29
N GLU J 102 -31.74 -28.94 -60.49
CA GLU J 102 -33.03 -29.25 -61.05
C GLU J 102 -33.85 -30.18 -60.15
N ALA J 103 -33.20 -31.23 -59.66
CA ALA J 103 -33.88 -32.20 -58.82
C ALA J 103 -34.07 -31.80 -57.36
N LEU J 104 -33.11 -31.04 -56.83
CA LEU J 104 -33.17 -30.68 -55.41
C LEU J 104 -33.67 -29.28 -55.05
N GLN J 105 -33.79 -28.39 -56.03
CA GLN J 105 -34.28 -27.04 -55.75
C GLN J 105 -35.49 -26.68 -56.60
N ILE J 106 -35.33 -26.79 -57.92
CA ILE J 106 -36.43 -26.45 -58.81
C ILE J 106 -37.68 -27.28 -58.55
N ARG J 107 -37.52 -28.57 -58.33
CA ARG J 107 -38.67 -29.44 -58.06
C ARG J 107 -39.48 -29.03 -56.83
N PRO J 108 -38.84 -28.93 -55.64
CA PRO J 108 -39.67 -28.52 -54.50
C PRO J 108 -40.27 -27.11 -54.72
N PHE J 109 -39.52 -26.25 -55.39
CA PHE J 109 -40.02 -24.90 -55.66
C PHE J 109 -41.25 -25.00 -56.56
N ALA J 110 -41.15 -25.83 -57.60
CA ALA J 110 -42.26 -26.01 -58.53
C ALA J 110 -43.48 -26.56 -57.80
N LEU J 111 -43.27 -27.47 -56.87
CA LEU J 111 -44.39 -28.03 -56.12
C LEU J 111 -45.08 -26.97 -55.27
N VAL J 112 -44.31 -26.19 -54.53
CA VAL J 112 -44.90 -25.13 -53.70
C VAL J 112 -45.56 -24.06 -54.59
N ASN J 113 -44.91 -23.71 -55.68
CA ASN J 113 -45.43 -22.72 -56.61
C ASN J 113 -46.83 -23.12 -57.12
N ALA J 114 -47.04 -24.43 -57.28
CA ALA J 114 -48.32 -24.95 -57.77
C ALA J 114 -49.42 -25.07 -56.72
N VAL J 115 -49.05 -25.38 -55.48
CA VAL J 115 -50.04 -25.55 -54.42
C VAL J 115 -50.24 -24.35 -53.50
N ALA J 116 -49.26 -23.43 -53.49
CA ALA J 116 -49.34 -22.27 -52.60
C ALA J 116 -50.63 -21.48 -52.65
N SER J 117 -51.12 -21.21 -53.85
CA SER J 117 -52.34 -20.43 -53.98
C SER J 117 -53.55 -21.04 -53.26
N GLN J 118 -53.79 -22.33 -53.43
CA GLN J 118 -54.94 -22.91 -52.74
C GLN J 118 -54.77 -22.85 -51.24
N MET J 119 -53.56 -23.10 -50.74
CA MET J 119 -53.32 -23.02 -49.30
C MET J 119 -53.54 -21.62 -48.76
N LYS J 120 -53.08 -20.61 -49.48
CA LYS J 120 -53.24 -19.23 -49.05
C LYS J 120 -54.70 -18.76 -49.04
N LYS J 121 -55.46 -19.15 -50.06
CA LYS J 121 -56.86 -18.75 -50.14
C LYS J 121 -57.67 -19.19 -48.91
N ARG J 122 -57.43 -20.40 -48.44
CA ARG J 122 -58.16 -20.91 -47.28
C ARG J 122 -57.38 -20.70 -45.98
N LYS J 123 -56.17 -20.18 -46.09
CA LYS J 123 -55.32 -19.94 -44.94
C LYS J 123 -55.07 -21.18 -44.09
N SER J 124 -54.65 -22.26 -44.74
CA SER J 124 -54.37 -23.50 -44.03
C SER J 124 -53.52 -24.40 -44.91
N GLY J 125 -52.57 -25.08 -44.30
CA GLY J 125 -51.70 -25.98 -45.04
C GLY J 125 -50.37 -26.12 -44.33
N HIS J 126 -49.61 -27.13 -44.73
CA HIS J 126 -48.29 -27.36 -44.15
C HIS J 126 -47.36 -27.79 -45.26
N ILE J 127 -46.18 -27.20 -45.30
CA ILE J 127 -45.21 -27.54 -46.32
C ILE J 127 -43.95 -28.08 -45.65
N ILE J 128 -43.52 -29.26 -46.09
CA ILE J 128 -42.33 -29.90 -45.54
C ILE J 128 -41.40 -30.35 -46.67
N PHE J 129 -40.15 -29.89 -46.63
CA PHE J 129 -39.15 -30.28 -47.61
C PHE J 129 -38.24 -31.29 -46.94
N ILE J 130 -37.97 -32.41 -47.60
CA ILE J 130 -37.03 -33.36 -47.02
C ILE J 130 -35.77 -33.00 -47.80
N THR J 131 -34.79 -32.42 -47.12
CA THR J 131 -33.57 -32.00 -47.78
C THR J 131 -32.39 -32.89 -47.41
N SER J 132 -31.43 -32.34 -46.68
CA SER J 132 -30.24 -33.09 -46.28
C SER J 132 -29.47 -32.33 -45.23
N ALA J 133 -28.70 -33.06 -44.43
CA ALA J 133 -27.88 -32.45 -43.40
C ALA J 133 -26.46 -32.20 -43.91
N THR J 134 -26.20 -32.56 -45.16
CA THR J 134 -24.86 -32.35 -45.70
C THR J 134 -24.41 -30.89 -45.61
N PRO J 135 -25.33 -29.93 -45.77
CA PRO J 135 -24.89 -28.53 -45.66
C PRO J 135 -24.30 -28.21 -44.29
N PHE J 136 -24.82 -28.87 -43.25
CA PHE J 136 -24.34 -28.63 -41.90
C PHE J 136 -22.89 -29.08 -41.73
N GLY J 137 -22.51 -30.12 -42.48
CA GLY J 137 -21.15 -30.62 -42.42
C GLY J 137 -20.78 -31.24 -43.75
N PRO J 138 -20.32 -30.43 -44.72
CA PRO J 138 -19.95 -30.93 -46.04
C PRO J 138 -18.74 -31.86 -46.08
N TRP J 139 -18.84 -32.90 -46.90
CA TRP J 139 -17.73 -33.82 -47.11
C TRP J 139 -16.98 -33.24 -48.30
N LYS J 140 -15.72 -33.59 -48.47
CA LYS J 140 -14.97 -33.10 -49.63
C LYS J 140 -15.54 -33.80 -50.86
N GLU J 141 -15.53 -33.08 -52.00
CA GLU J 141 -15.96 -33.62 -53.27
C GLU J 141 -17.42 -33.95 -53.52
N LEU J 142 -18.33 -33.23 -52.87
CA LEU J 142 -19.76 -33.43 -53.09
C LEU J 142 -20.38 -32.05 -53.18
N SER J 143 -19.68 -31.15 -53.88
CA SER J 143 -20.13 -29.76 -54.00
C SER J 143 -21.48 -29.53 -54.66
N THR J 144 -21.80 -30.30 -55.69
CA THR J 144 -23.07 -30.13 -56.39
C THR J 144 -24.27 -30.42 -55.50
N TYR J 145 -24.35 -31.65 -55.02
CA TYR J 145 -25.42 -32.10 -54.15
C TYR J 145 -25.59 -31.25 -52.88
N THR J 146 -24.49 -31.01 -52.18
CA THR J 146 -24.51 -30.24 -50.95
C THR J 146 -25.02 -28.81 -51.11
N SER J 147 -24.51 -28.08 -52.08
CA SER J 147 -24.95 -26.69 -52.27
C SER J 147 -26.41 -26.65 -52.73
N ALA J 148 -26.83 -27.63 -53.53
CA ALA J 148 -28.20 -27.69 -54.01
C ALA J 148 -29.14 -27.89 -52.81
N ARG J 149 -28.75 -28.79 -51.92
CA ARG J 149 -29.56 -29.05 -50.72
C ARG J 149 -29.63 -27.81 -49.83
N ALA J 150 -28.55 -27.04 -49.79
CA ALA J 150 -28.56 -25.82 -48.98
C ALA J 150 -29.56 -24.82 -49.57
N GLY J 151 -29.62 -24.76 -50.89
CA GLY J 151 -30.55 -23.86 -51.54
C GLY J 151 -31.97 -24.23 -51.14
N ALA J 152 -32.26 -25.52 -51.06
CA ALA J 152 -33.58 -25.98 -50.69
C ALA J 152 -33.90 -25.63 -49.23
N CYS J 153 -32.93 -25.81 -48.34
CA CYS J 153 -33.13 -25.51 -46.93
C CYS J 153 -33.49 -24.04 -46.74
N THR J 154 -32.75 -23.17 -47.42
CA THR J 154 -33.01 -21.73 -47.32
C THR J 154 -34.34 -21.39 -47.99
N LEU J 155 -34.69 -22.10 -49.04
CA LEU J 155 -35.95 -21.87 -49.74
C LEU J 155 -37.09 -22.04 -48.73
N ALA J 156 -37.02 -23.11 -47.95
CA ALA J 156 -38.04 -23.39 -46.96
C ALA J 156 -38.10 -22.29 -45.90
N ASN J 157 -36.95 -21.91 -45.36
CA ASN J 157 -36.94 -20.86 -44.35
C ASN J 157 -37.48 -19.55 -44.92
N ALA J 158 -37.06 -19.19 -46.13
CA ALA J 158 -37.54 -17.96 -46.74
C ALA J 158 -39.06 -18.02 -46.96
N LEU J 159 -39.56 -19.17 -47.40
CA LEU J 159 -41.00 -19.32 -47.63
C LEU J 159 -41.80 -19.18 -46.35
N SER J 160 -41.21 -19.59 -45.22
CA SER J 160 -41.91 -19.48 -43.95
C SER J 160 -42.24 -18.03 -43.64
N LYS J 161 -41.36 -17.11 -44.04
CA LYS J 161 -41.56 -15.70 -43.78
C LYS J 161 -42.80 -15.11 -44.44
N GLU J 162 -43.11 -15.54 -45.66
CA GLU J 162 -44.29 -15.01 -46.37
C GLU J 162 -45.57 -15.83 -46.16
N LEU J 163 -45.42 -17.13 -45.99
CA LEU J 163 -46.60 -17.97 -45.81
C LEU J 163 -47.17 -17.94 -44.41
N GLY J 164 -46.40 -17.43 -43.45
CA GLY J 164 -46.89 -17.37 -42.09
C GLY J 164 -48.14 -16.50 -41.99
N GLU J 165 -48.17 -15.44 -42.80
CA GLU J 165 -49.30 -14.53 -42.80
C GLU J 165 -50.59 -15.26 -43.16
N TYR J 166 -50.45 -16.39 -43.85
CA TYR J 166 -51.59 -17.19 -44.28
C TYR J 166 -51.75 -18.45 -43.43
N ASN J 167 -51.06 -18.47 -42.29
CA ASN J 167 -51.13 -19.61 -41.37
C ASN J 167 -50.61 -20.90 -41.99
N ILE J 168 -49.58 -20.79 -42.82
CA ILE J 168 -49.00 -21.97 -43.47
C ILE J 168 -47.58 -22.16 -42.97
N PRO J 169 -47.36 -23.14 -42.08
CA PRO J 169 -46.01 -23.38 -41.57
C PRO J 169 -45.17 -24.04 -42.66
N VAL J 170 -43.87 -23.72 -42.69
CA VAL J 170 -42.97 -24.30 -43.67
C VAL J 170 -41.74 -24.81 -42.94
N PHE J 171 -41.40 -26.07 -43.19
CA PHE J 171 -40.24 -26.67 -42.55
C PHE J 171 -39.34 -27.41 -43.52
N ALA J 172 -38.11 -27.64 -43.08
CA ALA J 172 -37.15 -28.39 -43.87
C ALA J 172 -36.57 -29.43 -42.93
N ILE J 173 -36.54 -30.69 -43.35
CA ILE J 173 -35.97 -31.75 -42.53
C ILE J 173 -34.76 -32.23 -43.31
N GLY J 174 -33.58 -32.05 -42.72
CA GLY J 174 -32.34 -32.45 -43.38
C GLY J 174 -31.76 -33.67 -42.73
N PRO J 175 -32.00 -34.85 -43.31
CA PRO J 175 -31.46 -36.07 -42.73
C PRO J 175 -30.06 -36.41 -43.21
N ASN J 176 -29.46 -37.36 -42.51
CA ASN J 176 -28.18 -37.94 -42.87
C ASN J 176 -28.13 -39.25 -42.11
N TYR J 177 -27.60 -40.28 -42.76
CA TYR J 177 -27.52 -41.62 -42.17
C TYR J 177 -28.91 -42.13 -41.84
N LEU J 178 -29.87 -41.78 -42.67
CA LEU J 178 -31.24 -42.25 -42.51
C LEU J 178 -31.37 -43.59 -43.23
N HIS J 179 -31.62 -44.66 -42.47
CA HIS J 179 -31.79 -46.00 -43.02
C HIS J 179 -32.89 -45.97 -44.08
N SER J 180 -32.53 -46.26 -45.33
CA SER J 180 -33.47 -46.25 -46.43
C SER J 180 -33.85 -47.66 -46.87
N GLU J 181 -33.47 -48.64 -46.05
CA GLU J 181 -33.76 -50.04 -46.30
C GLU J 181 -33.39 -50.59 -47.67
N ASP J 182 -34.36 -50.75 -48.57
CA ASP J 182 -34.07 -51.29 -49.89
C ASP J 182 -33.81 -50.23 -50.95
N SER J 183 -34.09 -48.97 -50.61
CA SER J 183 -33.87 -47.88 -51.54
C SER J 183 -32.40 -47.48 -51.49
N PRO J 184 -31.80 -47.17 -52.64
CA PRO J 184 -30.39 -46.77 -52.65
C PRO J 184 -30.19 -45.31 -52.23
N TYR J 185 -31.30 -44.61 -51.98
CA TYR J 185 -31.27 -43.20 -51.56
C TYR J 185 -31.63 -43.11 -50.07
N PHE J 186 -30.64 -43.06 -49.18
CA PHE J 186 -29.22 -43.07 -49.54
C PHE J 186 -28.42 -44.02 -48.66
N TYR J 187 -29.10 -44.72 -47.75
CA TYR J 187 -28.43 -45.66 -46.85
C TYR J 187 -29.15 -47.00 -46.76
N PRO J 188 -29.05 -47.83 -47.82
CA PRO J 188 -29.70 -49.14 -47.83
C PRO J 188 -29.12 -50.12 -46.82
N THR J 189 -29.93 -51.10 -46.41
CA THR J 189 -29.53 -52.10 -45.44
C THR J 189 -28.17 -52.68 -45.81
N GLU J 190 -28.00 -52.96 -47.10
CA GLU J 190 -26.73 -53.48 -47.60
C GLU J 190 -26.10 -52.27 -48.27
N PRO J 191 -24.90 -51.85 -47.81
CA PRO J 191 -24.09 -52.44 -46.75
C PRO J 191 -24.13 -51.76 -45.38
N TRP J 192 -24.80 -50.62 -45.26
CA TRP J 192 -24.81 -49.87 -44.01
C TRP J 192 -25.18 -50.61 -42.73
N LYS J 193 -25.86 -51.74 -42.85
CA LYS J 193 -26.22 -52.50 -41.68
C LYS J 193 -25.55 -53.86 -41.62
N THR J 194 -25.01 -54.30 -42.75
CA THR J 194 -24.37 -55.60 -42.85
C THR J 194 -22.84 -55.62 -42.95
N ASN J 195 -22.25 -54.57 -43.51
CA ASN J 195 -20.80 -54.53 -43.64
C ASN J 195 -20.13 -53.91 -42.43
N PRO J 196 -19.23 -54.66 -41.75
CA PRO J 196 -18.49 -54.20 -40.57
C PRO J 196 -17.90 -52.80 -40.69
N GLU J 197 -17.29 -52.49 -41.83
CA GLU J 197 -16.69 -51.17 -42.00
C GLU J 197 -17.73 -50.05 -42.03
N HIS J 198 -18.86 -50.30 -42.69
CA HIS J 198 -19.92 -49.30 -42.75
C HIS J 198 -20.60 -49.15 -41.40
N VAL J 199 -20.79 -50.27 -40.70
CA VAL J 199 -21.40 -50.23 -39.38
C VAL J 199 -20.49 -49.43 -38.45
N ALA J 200 -19.18 -49.65 -38.55
CA ALA J 200 -18.20 -48.95 -37.72
C ALA J 200 -18.18 -47.45 -38.04
N HIS J 201 -18.30 -47.12 -39.32
CA HIS J 201 -18.31 -45.72 -39.75
C HIS J 201 -19.44 -44.96 -39.08
N VAL J 202 -20.65 -45.51 -39.20
CA VAL J 202 -21.84 -44.88 -38.60
C VAL J 202 -21.67 -44.72 -37.10
N LYS J 203 -21.08 -45.72 -36.46
CA LYS J 203 -20.87 -45.66 -35.01
C LYS J 203 -19.90 -44.53 -34.65
N LYS J 204 -18.99 -44.24 -35.56
CA LYS J 204 -17.99 -43.20 -35.34
C LYS J 204 -18.49 -41.77 -35.57
N VAL J 205 -19.21 -41.58 -36.67
CA VAL J 205 -19.67 -40.26 -37.06
C VAL J 205 -21.00 -39.72 -36.54
N THR J 206 -21.77 -40.56 -35.86
CA THR J 206 -23.04 -40.08 -35.29
C THR J 206 -22.94 -40.19 -33.77
N ALA J 207 -23.59 -39.26 -33.07
CA ALA J 207 -23.54 -39.27 -31.60
C ALA J 207 -24.30 -40.48 -31.05
N LEU J 208 -25.40 -40.83 -31.68
CA LEU J 208 -26.21 -41.98 -31.22
C LEU J 208 -25.65 -43.31 -31.71
N GLN J 209 -24.59 -43.23 -32.51
CA GLN J 209 -23.91 -44.42 -33.05
C GLN J 209 -24.83 -45.41 -33.78
N ARG J 210 -25.67 -44.90 -34.66
CA ARG J 210 -26.59 -45.75 -35.42
C ARG J 210 -27.24 -44.97 -36.55
N LEU J 211 -27.92 -45.67 -37.44
CA LEU J 211 -28.62 -45.03 -38.53
C LEU J 211 -29.97 -44.55 -37.98
N GLY J 212 -30.54 -43.55 -38.64
CA GLY J 212 -31.85 -43.05 -38.22
C GLY J 212 -32.89 -43.97 -38.81
N THR J 213 -34.08 -44.01 -38.23
CA THR J 213 -35.11 -44.90 -38.75
C THR J 213 -36.20 -44.17 -39.51
N GLN J 214 -36.85 -44.89 -40.41
CA GLN J 214 -37.96 -44.33 -41.18
C GLN J 214 -39.04 -43.92 -40.19
N LYS J 215 -39.15 -44.67 -39.11
CA LYS J 215 -40.15 -44.40 -38.08
C LYS J 215 -39.94 -43.01 -37.48
N GLU J 216 -38.69 -42.67 -37.21
CA GLU J 216 -38.36 -41.36 -36.63
C GLU J 216 -38.67 -40.23 -37.61
N LEU J 217 -38.31 -40.39 -38.87
CA LEU J 217 -38.59 -39.34 -39.85
C LEU J 217 -40.10 -39.20 -39.96
N GLY J 218 -40.79 -40.33 -40.03
CA GLY J 218 -42.25 -40.31 -40.14
C GLY J 218 -42.92 -39.63 -38.96
N GLU J 219 -42.41 -39.88 -37.76
CA GLU J 219 -42.97 -39.28 -36.56
C GLU J 219 -42.86 -37.76 -36.63
N LEU J 220 -41.69 -37.28 -37.03
CA LEU J 220 -41.47 -35.84 -37.14
C LEU J 220 -42.41 -35.22 -38.18
N VAL J 221 -42.52 -35.85 -39.34
CA VAL J 221 -43.39 -35.37 -40.41
C VAL J 221 -44.86 -35.28 -39.95
N ALA J 222 -45.35 -36.33 -39.30
CA ALA J 222 -46.73 -36.35 -38.82
C ALA J 222 -46.94 -35.28 -37.76
N PHE J 223 -45.98 -35.15 -36.85
CA PHE J 223 -46.05 -34.14 -35.78
C PHE J 223 -46.19 -32.73 -36.36
N LEU J 224 -45.32 -32.40 -37.32
CA LEU J 224 -45.34 -31.08 -37.96
C LEU J 224 -46.62 -30.85 -38.77
N ALA J 225 -47.05 -31.86 -39.49
CA ALA J 225 -48.25 -31.77 -40.31
C ALA J 225 -49.54 -31.77 -39.50
N SER J 226 -49.44 -32.18 -38.24
CA SER J 226 -50.60 -32.27 -37.34
C SER J 226 -51.13 -30.93 -36.88
N GLY J 227 -50.32 -29.88 -37.00
CA GLY J 227 -50.76 -28.57 -36.56
C GLY J 227 -50.62 -28.41 -35.05
N SER J 228 -49.82 -29.28 -34.44
CA SER J 228 -49.58 -29.24 -32.99
C SER J 228 -48.53 -28.22 -32.58
N CYS J 229 -47.61 -27.90 -33.49
CA CYS J 229 -46.57 -26.94 -33.17
C CYS J 229 -46.19 -26.09 -34.39
N ASP J 230 -47.18 -25.36 -34.90
CA ASP J 230 -46.95 -24.50 -36.07
C ASP J 230 -45.95 -23.40 -35.77
N TYR J 231 -45.76 -23.10 -34.49
CA TYR J 231 -44.85 -22.01 -34.11
C TYR J 231 -43.37 -22.29 -34.45
N LEU J 232 -43.09 -23.51 -34.89
CA LEU J 232 -41.72 -23.86 -35.28
C LEU J 232 -41.47 -23.48 -36.73
N THR J 233 -42.44 -22.85 -37.37
CA THR J 233 -42.28 -22.51 -38.78
C THR J 233 -40.94 -21.85 -39.11
N GLY J 234 -40.34 -22.29 -40.21
CA GLY J 234 -39.06 -21.76 -40.65
C GLY J 234 -37.89 -22.64 -40.22
N GLN J 235 -38.15 -23.55 -39.29
CA GLN J 235 -37.12 -24.44 -38.76
C GLN J 235 -36.51 -25.41 -39.78
N VAL J 236 -35.19 -25.59 -39.68
CA VAL J 236 -34.51 -26.58 -40.50
C VAL J 236 -34.12 -27.59 -39.43
N PHE J 237 -34.65 -28.80 -39.55
CA PHE J 237 -34.37 -29.87 -38.58
C PHE J 237 -33.24 -30.75 -39.08
N TRP J 238 -32.17 -30.86 -38.30
CA TRP J 238 -31.05 -31.72 -38.68
C TRP J 238 -31.32 -33.10 -38.08
N LEU J 239 -31.91 -33.99 -38.88
CA LEU J 239 -32.23 -35.34 -38.45
C LEU J 239 -31.02 -36.21 -38.77
N ALA J 240 -29.94 -36.05 -38.01
CA ALA J 240 -28.73 -36.83 -38.29
C ALA J 240 -28.08 -37.50 -37.09
N GLY J 241 -28.87 -37.76 -36.06
CA GLY J 241 -28.37 -38.45 -34.88
C GLY J 241 -27.12 -37.91 -34.20
N GLY J 242 -26.93 -36.60 -34.25
CA GLY J 242 -25.75 -36.04 -33.61
C GLY J 242 -24.62 -35.76 -34.56
N PHE J 243 -24.73 -36.23 -35.79
CA PHE J 243 -23.71 -35.99 -36.80
C PHE J 243 -23.59 -34.48 -36.97
N PRO J 244 -22.39 -33.96 -37.23
CA PRO J 244 -21.13 -34.71 -37.34
C PRO J 244 -20.35 -34.82 -36.04
N MET J 245 -19.76 -35.98 -35.81
CA MET J 245 -18.94 -36.17 -34.61
C MET J 245 -17.56 -35.72 -35.08
N ILE J 246 -16.95 -34.83 -34.31
CA ILE J 246 -15.64 -34.32 -34.70
C ILE J 246 -14.45 -35.02 -34.08
N GLU J 247 -13.51 -35.40 -34.94
CA GLU J 247 -12.27 -36.08 -34.56
C GLU J 247 -11.57 -35.35 -33.42
N ARG J 248 -11.28 -36.07 -32.34
CA ARG J 248 -10.60 -35.47 -31.19
C ARG J 248 -9.08 -35.66 -31.23
N TRP J 249 -8.38 -34.95 -30.34
CA TRP J 249 -6.92 -35.02 -30.27
C TRP J 249 -6.35 -36.41 -30.05
N PRO J 250 -5.08 -36.61 -30.44
CA PRO J 250 -4.42 -37.91 -30.28
C PRO J 250 -4.38 -38.29 -28.80
N GLY J 251 -4.63 -39.56 -28.51
CA GLY J 251 -4.61 -40.00 -27.13
C GLY J 251 -5.99 -40.10 -26.49
N MET J 252 -7.00 -39.57 -27.16
CA MET J 252 -8.36 -39.61 -26.63
C MET J 252 -9.14 -40.74 -27.33
N PRO J 253 -9.92 -41.52 -26.57
CA PRO J 253 -10.69 -42.61 -27.17
C PRO J 253 -11.82 -42.16 -28.09
N SER K 2 -43.05 -42.44 -17.42
CA SER K 2 -41.76 -42.23 -16.70
C SER K 2 -41.88 -41.04 -15.75
N THR K 3 -40.75 -40.58 -15.24
CA THR K 3 -40.73 -39.45 -14.33
C THR K 3 -39.97 -38.28 -14.94
N ALA K 4 -40.58 -37.11 -14.88
CA ALA K 4 -39.97 -35.91 -15.44
C ALA K 4 -39.88 -34.79 -14.42
N ILE K 5 -38.90 -33.93 -14.60
CA ILE K 5 -38.71 -32.78 -13.74
C ILE K 5 -38.84 -31.52 -14.60
N VAL K 6 -39.65 -30.57 -14.14
CA VAL K 6 -39.81 -29.29 -14.84
C VAL K 6 -39.52 -28.21 -13.80
N THR K 7 -38.54 -27.37 -14.08
CA THR K 7 -38.16 -26.30 -13.17
C THR K 7 -38.92 -25.01 -13.44
N ASN K 8 -38.93 -24.11 -12.45
CA ASN K 8 -39.62 -22.82 -12.56
C ASN K 8 -40.94 -23.02 -13.28
N VAL K 9 -41.68 -24.04 -12.84
CA VAL K 9 -42.96 -24.41 -13.45
C VAL K 9 -44.01 -23.32 -13.59
N LYS K 10 -43.98 -22.31 -12.72
CA LYS K 10 -44.96 -21.24 -12.81
C LYS K 10 -44.61 -20.19 -13.86
N HIS K 11 -43.46 -20.33 -14.51
CA HIS K 11 -43.04 -19.31 -15.46
C HIS K 11 -42.55 -19.83 -16.80
N PHE K 12 -42.44 -18.90 -17.76
CA PHE K 12 -41.90 -19.21 -19.08
C PHE K 12 -42.57 -20.46 -19.70
N GLY K 13 -41.78 -21.47 -20.03
CA GLY K 13 -42.38 -22.67 -20.62
C GLY K 13 -42.76 -23.73 -19.61
N GLY K 14 -42.79 -23.36 -18.34
CA GLY K 14 -43.13 -24.30 -17.29
C GLY K 14 -44.45 -25.04 -17.35
N MET K 15 -45.55 -24.30 -17.29
CA MET K 15 -46.88 -24.92 -17.30
C MET K 15 -47.15 -25.72 -18.56
N GLY K 16 -46.81 -25.16 -19.71
CA GLY K 16 -47.02 -25.88 -20.96
C GLY K 16 -46.30 -27.20 -20.95
N SER K 17 -45.05 -27.19 -20.49
CA SER K 17 -44.24 -28.39 -20.43
C SER K 17 -44.81 -29.42 -19.45
N ALA K 18 -45.03 -28.99 -18.22
CA ALA K 18 -45.57 -29.86 -17.18
C ALA K 18 -46.92 -30.47 -17.51
N LEU K 19 -47.87 -29.63 -17.91
CA LEU K 19 -49.21 -30.12 -18.25
C LEU K 19 -49.25 -31.13 -19.39
N ARG K 20 -48.55 -30.83 -20.49
CA ARG K 20 -48.55 -31.75 -21.62
C ARG K 20 -47.78 -33.04 -21.31
N LEU K 21 -46.71 -32.90 -20.53
CA LEU K 21 -45.89 -34.04 -20.15
C LEU K 21 -46.79 -34.93 -19.28
N SER K 22 -47.57 -34.30 -18.41
CA SER K 22 -48.47 -35.04 -17.55
C SER K 22 -49.55 -35.73 -18.39
N GLU K 23 -50.08 -35.01 -19.37
CA GLU K 23 -51.11 -35.58 -20.23
C GLU K 23 -50.57 -36.77 -21.02
N ALA K 24 -49.26 -36.76 -21.28
CA ALA K 24 -48.63 -37.84 -22.03
C ALA K 24 -48.42 -39.07 -21.14
N GLY K 25 -48.67 -38.91 -19.85
CA GLY K 25 -48.51 -40.04 -18.93
C GLY K 25 -47.38 -39.96 -17.92
N HIS K 26 -46.51 -38.99 -18.08
CA HIS K 26 -45.37 -38.82 -17.18
C HIS K 26 -45.81 -38.40 -15.78
N THR K 27 -45.00 -38.77 -14.79
CA THR K 27 -45.22 -38.34 -13.42
C THR K 27 -44.34 -37.08 -13.46
N VAL K 28 -44.96 -35.91 -13.26
CA VAL K 28 -44.20 -34.67 -13.34
C VAL K 28 -43.88 -33.98 -12.03
N ALA K 29 -42.62 -34.09 -11.60
CA ALA K 29 -42.18 -33.43 -10.38
C ALA K 29 -41.87 -31.99 -10.79
N CYS K 30 -42.43 -31.02 -10.07
CA CYS K 30 -42.23 -29.62 -10.42
C CYS K 30 -41.47 -28.79 -9.39
N HIS K 31 -40.54 -27.98 -9.88
CA HIS K 31 -39.75 -27.10 -9.04
C HIS K 31 -40.19 -25.66 -9.30
N ASP K 32 -40.02 -24.81 -8.29
CA ASP K 32 -40.35 -23.40 -8.42
C ASP K 32 -39.90 -22.66 -7.18
N GLU K 33 -39.45 -21.44 -7.36
CA GLU K 33 -38.97 -20.61 -6.27
C GLU K 33 -40.00 -20.46 -5.15
N SER K 34 -41.27 -20.39 -5.53
CA SER K 34 -42.35 -20.22 -4.55
C SER K 34 -42.60 -21.45 -3.69
N PHE K 35 -42.22 -22.62 -4.20
CA PHE K 35 -42.43 -23.87 -3.47
C PHE K 35 -41.59 -23.98 -2.20
N LYS K 36 -40.70 -23.02 -1.96
CA LYS K 36 -39.87 -23.03 -0.77
C LYS K 36 -40.77 -22.80 0.44
N GLN K 37 -42.01 -22.42 0.16
CA GLN K 37 -43.00 -22.17 1.21
C GLN K 37 -44.16 -23.15 1.07
N LYS K 38 -44.43 -23.91 2.13
CA LYS K 38 -45.49 -24.91 2.12
C LYS K 38 -46.81 -24.39 1.58
N ASP K 39 -47.17 -23.16 1.94
CA ASP K 39 -48.43 -22.56 1.50
C ASP K 39 -48.55 -22.55 -0.02
N GLU K 40 -47.51 -22.07 -0.70
CA GLU K 40 -47.49 -22.01 -2.14
C GLU K 40 -47.49 -23.41 -2.75
N LEU K 41 -46.67 -24.31 -2.19
CA LEU K 41 -46.58 -25.67 -2.70
C LEU K 41 -47.92 -26.40 -2.60
N GLU K 42 -48.58 -26.29 -1.44
CA GLU K 42 -49.86 -26.97 -1.24
C GLU K 42 -50.94 -26.40 -2.16
N ALA K 43 -50.98 -25.09 -2.32
CA ALA K 43 -51.97 -24.46 -3.18
C ALA K 43 -51.80 -24.97 -4.62
N PHE K 44 -50.54 -25.13 -5.04
CA PHE K 44 -50.24 -25.61 -6.38
C PHE K 44 -50.66 -27.06 -6.50
N ALA K 45 -50.33 -27.85 -5.47
CA ALA K 45 -50.66 -29.26 -5.44
C ALA K 45 -52.17 -29.48 -5.49
N GLU K 46 -52.90 -28.57 -4.84
CA GLU K 46 -54.35 -28.67 -4.82
C GLU K 46 -54.95 -28.29 -6.17
N THR K 47 -54.40 -27.26 -6.79
CA THR K 47 -54.89 -26.79 -8.10
C THR K 47 -54.55 -27.73 -9.24
N TYR K 48 -53.38 -28.37 -9.17
CA TYR K 48 -52.97 -29.30 -10.24
C TYR K 48 -52.62 -30.65 -9.62
N PRO K 49 -53.63 -31.45 -9.29
CA PRO K 49 -53.42 -32.77 -8.69
C PRO K 49 -52.59 -33.73 -9.54
N GLN K 50 -52.55 -33.50 -10.86
CA GLN K 50 -51.78 -34.37 -11.73
C GLN K 50 -50.27 -34.08 -11.63
N LEU K 51 -49.94 -32.93 -11.04
CA LEU K 51 -48.54 -32.52 -10.87
C LEU K 51 -48.02 -32.80 -9.46
N LYS K 52 -46.70 -32.95 -9.33
CA LYS K 52 -46.08 -33.22 -8.04
C LYS K 52 -45.09 -32.13 -7.66
N PRO K 53 -45.55 -31.05 -7.01
CA PRO K 53 -44.63 -29.97 -6.62
C PRO K 53 -43.63 -30.45 -5.56
N MET K 54 -42.38 -30.04 -5.74
CA MET K 54 -41.30 -30.39 -4.81
C MET K 54 -40.88 -29.08 -4.14
N SER K 55 -40.33 -29.15 -2.93
CA SER K 55 -39.92 -27.93 -2.25
C SER K 55 -38.43 -27.65 -2.50
N GLU K 56 -37.69 -28.69 -2.82
CA GLU K 56 -36.25 -28.58 -3.08
C GLU K 56 -35.91 -27.48 -4.06
N GLN K 57 -34.85 -26.73 -3.78
CA GLN K 57 -34.45 -25.62 -4.63
C GLN K 57 -33.15 -25.85 -5.41
N GLU K 58 -32.14 -26.41 -4.77
CA GLU K 58 -30.87 -26.66 -5.44
C GLU K 58 -30.87 -27.94 -6.29
N PRO K 59 -30.07 -27.93 -7.38
CA PRO K 59 -29.92 -29.05 -8.33
C PRO K 59 -29.73 -30.45 -7.74
N ALA K 60 -28.61 -30.66 -7.07
CA ALA K 60 -28.32 -31.97 -6.46
C ALA K 60 -29.48 -32.40 -5.56
N GLU K 61 -29.88 -31.48 -4.69
CA GLU K 61 -30.97 -31.69 -3.75
C GLU K 61 -32.26 -32.11 -4.47
N LEU K 62 -32.61 -31.37 -5.51
CA LEU K 62 -33.82 -31.65 -6.27
C LEU K 62 -33.78 -33.02 -6.95
N ILE K 63 -32.70 -33.29 -7.67
CA ILE K 63 -32.55 -34.56 -8.37
C ILE K 63 -32.65 -35.73 -7.39
N GLU K 64 -31.97 -35.62 -6.25
CA GLU K 64 -31.99 -36.68 -5.25
C GLU K 64 -33.41 -36.87 -4.70
N ALA K 65 -34.08 -35.76 -4.42
CA ALA K 65 -35.44 -35.81 -3.89
C ALA K 65 -36.42 -36.49 -4.83
N VAL K 66 -36.30 -36.22 -6.13
CA VAL K 66 -37.21 -36.82 -7.10
C VAL K 66 -36.90 -38.31 -7.29
N THR K 67 -35.61 -38.65 -7.24
CA THR K 67 -35.20 -40.04 -7.42
C THR K 67 -35.72 -40.90 -6.25
N SER K 68 -35.67 -40.34 -5.04
CA SER K 68 -36.14 -41.06 -3.86
C SER K 68 -37.65 -41.27 -3.94
N ALA K 69 -38.36 -40.17 -4.17
CA ALA K 69 -39.81 -40.18 -4.25
C ALA K 69 -40.42 -40.91 -5.43
N TYR K 70 -39.83 -40.78 -6.62
CA TYR K 70 -40.41 -41.41 -7.80
C TYR K 70 -39.54 -42.38 -8.58
N GLY K 71 -38.58 -43.01 -7.90
CA GLY K 71 -37.73 -43.99 -8.55
C GLY K 71 -36.52 -43.49 -9.31
N GLN K 72 -36.75 -42.67 -10.31
CA GLN K 72 -35.65 -42.14 -11.12
C GLN K 72 -36.09 -40.88 -11.86
N VAL K 73 -35.17 -40.30 -12.63
CA VAL K 73 -35.45 -39.10 -13.42
C VAL K 73 -35.21 -39.48 -14.88
N ASP K 74 -36.30 -39.63 -15.63
CA ASP K 74 -36.21 -40.01 -17.03
C ASP K 74 -36.13 -38.81 -17.95
N VAL K 75 -36.82 -37.75 -17.59
CA VAL K 75 -36.83 -36.55 -18.40
C VAL K 75 -36.52 -35.31 -17.58
N LEU K 76 -35.58 -34.50 -18.06
CA LEU K 76 -35.22 -33.27 -17.36
C LEU K 76 -35.55 -32.09 -18.27
N VAL K 77 -36.44 -31.22 -17.81
CA VAL K 77 -36.79 -30.04 -18.58
C VAL K 77 -36.30 -28.84 -17.79
N SER K 78 -35.15 -28.30 -18.19
CA SER K 78 -34.60 -27.15 -17.51
C SER K 78 -35.24 -25.90 -18.08
N ASN K 79 -36.29 -25.44 -17.41
CA ASN K 79 -37.02 -24.24 -17.82
C ASN K 79 -36.37 -23.08 -17.05
N ASP K 80 -35.29 -22.55 -17.62
CA ASP K 80 -34.55 -21.47 -16.97
C ASP K 80 -35.04 -20.07 -17.25
N ILE K 81 -35.04 -19.25 -16.20
CA ILE K 81 -35.49 -17.87 -16.29
C ILE K 81 -34.53 -16.88 -15.64
N PHE K 82 -34.73 -15.61 -15.97
CA PHE K 82 -33.91 -14.52 -15.45
C PHE K 82 -34.63 -13.22 -15.81
N ALA K 83 -34.53 -12.22 -14.94
CA ALA K 83 -35.19 -10.94 -15.17
C ALA K 83 -34.14 -9.89 -15.56
N PRO K 84 -33.84 -9.79 -16.85
CA PRO K 84 -32.84 -8.83 -17.31
C PRO K 84 -33.44 -7.47 -17.60
N GLU K 85 -32.57 -6.46 -17.65
CA GLU K 85 -32.97 -5.11 -17.97
C GLU K 85 -32.32 -4.88 -19.32
N PHE K 86 -32.94 -4.07 -20.18
CA PHE K 86 -32.32 -3.73 -21.45
C PHE K 86 -31.36 -2.64 -20.99
N GLN K 87 -30.12 -2.67 -21.47
CA GLN K 87 -29.17 -1.68 -21.01
C GLN K 87 -28.04 -1.51 -22.03
N PRO K 88 -27.60 -0.25 -22.27
CA PRO K 88 -26.50 -0.07 -23.22
C PRO K 88 -25.38 -0.78 -22.47
N ILE K 89 -24.43 -1.41 -23.15
CA ILE K 89 -23.39 -2.15 -22.45
C ILE K 89 -22.68 -1.43 -21.28
N ASP K 90 -22.38 -0.15 -21.44
CA ASP K 90 -21.69 0.57 -20.38
C ASP K 90 -22.55 0.82 -19.12
N LYS K 91 -23.85 0.60 -19.22
CA LYS K 91 -24.72 0.84 -18.08
C LYS K 91 -25.06 -0.43 -17.27
N TYR K 92 -24.54 -1.57 -17.72
CA TYR K 92 -24.74 -2.81 -16.99
C TYR K 92 -23.64 -2.84 -15.93
N ALA K 93 -23.85 -3.64 -14.90
CA ALA K 93 -22.83 -3.84 -13.89
C ALA K 93 -22.29 -5.18 -14.35
N VAL K 94 -21.03 -5.48 -14.12
CA VAL K 94 -20.52 -6.77 -14.55
C VAL K 94 -21.36 -7.85 -13.87
N GLU K 95 -21.84 -7.56 -12.66
CA GLU K 95 -22.65 -8.51 -11.91
C GLU K 95 -23.96 -8.83 -12.64
N ASP K 96 -24.43 -7.91 -13.48
CA ASP K 96 -25.65 -8.16 -14.22
C ASP K 96 -25.45 -9.30 -15.21
N TYR K 97 -24.23 -9.43 -15.73
CA TYR K 97 -23.93 -10.50 -16.66
C TYR K 97 -23.70 -11.80 -15.89
N ARG K 98 -22.99 -11.71 -14.77
CA ARG K 98 -22.76 -12.92 -13.97
C ARG K 98 -24.08 -13.54 -13.55
N GLY K 99 -25.02 -12.68 -13.17
CA GLY K 99 -26.34 -13.14 -12.75
C GLY K 99 -27.06 -13.88 -13.86
N ALA K 100 -26.99 -13.33 -15.07
CA ALA K 100 -27.64 -13.94 -16.22
C ALA K 100 -26.99 -15.28 -16.52
N VAL K 101 -25.66 -15.31 -16.52
CA VAL K 101 -24.97 -16.56 -16.79
C VAL K 101 -25.27 -17.59 -15.70
N GLU K 102 -25.30 -17.15 -14.45
CA GLU K 102 -25.58 -18.08 -13.36
C GLU K 102 -26.97 -18.70 -13.53
N ALA K 103 -27.95 -17.87 -13.82
CA ALA K 103 -29.32 -18.33 -13.98
C ALA K 103 -29.60 -19.06 -15.28
N LEU K 104 -28.96 -18.64 -16.37
CA LEU K 104 -29.22 -19.24 -17.67
C LEU K 104 -28.24 -20.29 -18.20
N GLN K 105 -27.04 -20.37 -17.62
CA GLN K 105 -26.04 -21.35 -18.04
C GLN K 105 -25.62 -22.29 -16.93
N ILE K 106 -25.19 -21.72 -15.81
CA ILE K 106 -24.73 -22.54 -14.70
C ILE K 106 -25.84 -23.43 -14.16
N ARG K 107 -27.07 -22.91 -14.05
CA ARG K 107 -28.15 -23.73 -13.53
C ARG K 107 -28.44 -24.98 -14.38
N PRO K 108 -28.70 -24.82 -15.69
CA PRO K 108 -28.94 -26.05 -16.45
C PRO K 108 -27.74 -27.01 -16.41
N PHE K 109 -26.54 -26.45 -16.42
CA PHE K 109 -25.32 -27.27 -16.35
C PHE K 109 -25.32 -28.08 -15.05
N ALA K 110 -25.67 -27.42 -13.96
CA ALA K 110 -25.69 -28.06 -12.65
C ALA K 110 -26.73 -29.19 -12.60
N LEU K 111 -27.89 -28.97 -13.19
CA LEU K 111 -28.93 -29.99 -13.20
C LEU K 111 -28.47 -31.24 -13.95
N VAL K 112 -27.89 -31.06 -15.14
CA VAL K 112 -27.42 -32.20 -15.92
C VAL K 112 -26.25 -32.87 -15.19
N ASN K 113 -25.38 -32.06 -14.61
CA ASN K 113 -24.24 -32.58 -13.88
C ASN K 113 -24.71 -33.48 -12.75
N ALA K 114 -25.89 -33.19 -12.21
CA ALA K 114 -26.45 -33.96 -11.11
C ALA K 114 -27.25 -35.19 -11.53
N VAL K 115 -27.84 -35.17 -12.73
CA VAL K 115 -28.64 -36.31 -13.18
C VAL K 115 -27.99 -37.23 -14.24
N ALA K 116 -26.93 -36.74 -14.88
CA ALA K 116 -26.26 -37.51 -15.93
C ALA K 116 -25.84 -38.91 -15.54
N SER K 117 -25.26 -39.07 -14.35
CA SER K 117 -24.80 -40.37 -13.90
C SER K 117 -25.88 -41.46 -13.93
N GLN K 118 -27.04 -41.21 -13.33
CA GLN K 118 -28.07 -42.24 -13.35
C GLN K 118 -28.61 -42.53 -14.74
N MET K 119 -28.65 -41.50 -15.59
CA MET K 119 -29.13 -41.71 -16.95
C MET K 119 -28.12 -42.55 -17.74
N LYS K 120 -26.84 -42.22 -17.60
CA LYS K 120 -25.78 -42.92 -18.31
C LYS K 120 -25.71 -44.38 -17.86
N LYS K 121 -25.85 -44.60 -16.56
CA LYS K 121 -25.80 -45.95 -16.02
C LYS K 121 -26.83 -46.89 -16.64
N ARG K 122 -28.06 -46.41 -16.80
CA ARG K 122 -29.12 -47.24 -17.38
C ARG K 122 -29.28 -47.02 -18.89
N LYS K 123 -28.50 -46.11 -19.45
CA LYS K 123 -28.56 -45.81 -20.88
C LYS K 123 -29.93 -45.40 -21.40
N SER K 124 -30.57 -44.48 -20.68
CA SER K 124 -31.88 -43.99 -21.10
C SER K 124 -32.12 -42.65 -20.44
N GLY K 125 -32.87 -41.78 -21.13
CA GLY K 125 -33.16 -40.48 -20.58
C GLY K 125 -33.26 -39.42 -21.67
N HIS K 126 -33.82 -38.27 -21.30
CA HIS K 126 -33.97 -37.17 -22.23
C HIS K 126 -33.69 -35.87 -21.48
N ILE K 127 -32.95 -34.97 -22.12
CA ILE K 127 -32.64 -33.69 -21.51
C ILE K 127 -33.08 -32.57 -22.45
N ILE K 128 -33.86 -31.66 -21.90
CA ILE K 128 -34.38 -30.54 -22.69
C ILE K 128 -34.14 -29.22 -21.96
N PHE K 129 -33.45 -28.31 -22.64
CA PHE K 129 -33.22 -26.97 -22.07
C PHE K 129 -34.19 -26.03 -22.76
N ILE K 130 -34.88 -25.18 -22.00
CA ILE K 130 -35.73 -24.19 -22.64
C ILE K 130 -34.85 -22.95 -22.53
N THR K 131 -34.37 -22.47 -23.67
CA THR K 131 -33.48 -21.33 -23.70
C THR K 131 -34.15 -20.08 -24.25
N SER K 132 -33.73 -19.63 -25.42
CA SER K 132 -34.31 -18.44 -26.03
C SER K 132 -33.94 -18.34 -27.50
N ALA K 133 -34.78 -17.65 -28.28
CA ALA K 133 -34.50 -17.45 -29.70
C ALA K 133 -33.77 -16.10 -29.89
N THR K 134 -33.53 -15.37 -28.81
CA THR K 134 -32.85 -14.09 -28.94
C THR K 134 -31.47 -14.18 -29.60
N PRO K 135 -30.75 -15.29 -29.37
CA PRO K 135 -29.44 -15.40 -30.02
C PRO K 135 -29.57 -15.39 -31.54
N PHE K 136 -30.71 -15.89 -32.02
CA PHE K 136 -30.95 -15.95 -33.46
C PHE K 136 -31.18 -14.58 -34.10
N GLY K 137 -31.76 -13.66 -33.34
CA GLY K 137 -32.03 -12.32 -33.84
C GLY K 137 -31.89 -11.35 -32.68
N PRO K 138 -30.66 -11.02 -32.29
CA PRO K 138 -30.41 -10.10 -31.17
C PRO K 138 -30.97 -8.70 -31.29
N TRP K 139 -31.60 -8.24 -30.21
CA TRP K 139 -32.10 -6.88 -30.16
C TRP K 139 -30.93 -6.10 -29.62
N LYS K 140 -30.85 -4.82 -29.93
CA LYS K 140 -29.76 -4.03 -29.39
C LYS K 140 -30.05 -3.82 -27.90
N GLU K 141 -28.99 -3.74 -27.09
CA GLU K 141 -29.10 -3.51 -25.66
C GLU K 141 -29.63 -4.59 -24.74
N LEU K 142 -29.40 -5.86 -25.10
CA LEU K 142 -29.81 -6.97 -24.24
C LEU K 142 -28.69 -7.98 -24.36
N SER K 143 -27.46 -7.48 -24.31
CA SER K 143 -26.28 -8.31 -24.48
C SER K 143 -26.06 -9.41 -23.44
N THR K 144 -26.42 -9.17 -22.19
CA THR K 144 -26.22 -10.17 -21.14
C THR K 144 -27.10 -11.39 -21.35
N TYR K 145 -28.41 -11.16 -21.35
CA TYR K 145 -29.38 -12.22 -21.51
C TYR K 145 -29.19 -13.01 -22.81
N THR K 146 -29.00 -12.29 -23.90
CA THR K 146 -28.84 -12.93 -25.20
C THR K 146 -27.62 -13.84 -25.28
N SER K 147 -26.47 -13.37 -24.85
CA SER K 147 -25.28 -14.20 -24.93
C SER K 147 -25.34 -15.39 -23.96
N ALA K 148 -25.93 -15.18 -22.78
CA ALA K 148 -26.03 -16.28 -21.83
C ALA K 148 -26.90 -17.38 -22.46
N ARG K 149 -28.01 -16.98 -23.09
CA ARG K 149 -28.89 -17.97 -23.72
C ARG K 149 -28.17 -18.75 -24.83
N ALA K 150 -27.26 -18.08 -25.53
CA ALA K 150 -26.52 -18.75 -26.60
C ALA K 150 -25.60 -19.78 -25.96
N GLY K 151 -25.01 -19.42 -24.84
CA GLY K 151 -24.15 -20.36 -24.14
C GLY K 151 -24.93 -21.61 -23.78
N ALA K 152 -26.17 -21.43 -23.35
CA ALA K 152 -27.03 -22.56 -22.98
C ALA K 152 -27.38 -23.42 -24.20
N CYS K 153 -27.60 -22.78 -25.34
CA CYS K 153 -27.92 -23.51 -26.57
C CYS K 153 -26.74 -24.41 -26.98
N THR K 154 -25.55 -23.83 -26.97
CA THR K 154 -24.36 -24.60 -27.35
C THR K 154 -24.07 -25.69 -26.33
N LEU K 155 -24.40 -25.42 -25.06
CA LEU K 155 -24.19 -26.40 -24.01
C LEU K 155 -25.04 -27.64 -24.35
N ALA K 156 -26.28 -27.43 -24.78
CA ALA K 156 -27.14 -28.55 -25.15
C ALA K 156 -26.55 -29.32 -26.33
N ASN K 157 -26.13 -28.60 -27.37
CA ASN K 157 -25.56 -29.28 -28.53
C ASN K 157 -24.28 -30.05 -28.18
N ALA K 158 -23.41 -29.44 -27.39
CA ALA K 158 -22.17 -30.07 -26.98
C ALA K 158 -22.47 -31.34 -26.17
N LEU K 159 -23.42 -31.22 -25.25
CA LEU K 159 -23.79 -32.37 -24.42
C LEU K 159 -24.34 -33.53 -25.24
N SER K 160 -25.06 -33.24 -26.32
CA SER K 160 -25.61 -34.32 -27.14
C SER K 160 -24.49 -35.17 -27.72
N LYS K 161 -23.33 -34.58 -27.96
CA LYS K 161 -22.19 -35.30 -28.53
C LYS K 161 -21.65 -36.41 -27.62
N GLU K 162 -21.63 -36.17 -26.31
CA GLU K 162 -21.12 -37.17 -25.38
C GLU K 162 -22.19 -38.12 -24.85
N LEU K 163 -23.40 -37.61 -24.65
CA LEU K 163 -24.47 -38.43 -24.13
C LEU K 163 -25.14 -39.34 -25.16
N GLY K 164 -24.88 -39.10 -26.44
CA GLY K 164 -25.48 -39.93 -27.46
C GLY K 164 -25.04 -41.37 -27.30
N GLU K 165 -23.78 -41.56 -26.95
CA GLU K 165 -23.22 -42.90 -26.75
C GLU K 165 -24.00 -43.67 -25.69
N TYR K 166 -24.70 -42.95 -24.82
CA TYR K 166 -25.49 -43.56 -23.75
C TYR K 166 -26.99 -43.53 -24.05
N ASN K 167 -27.32 -43.29 -25.32
CA ASN K 167 -28.71 -43.25 -25.78
C ASN K 167 -29.52 -42.15 -25.09
N ILE K 168 -28.87 -41.02 -24.80
CA ILE K 168 -29.54 -39.90 -24.15
C ILE K 168 -29.58 -38.67 -25.05
N PRO K 169 -30.74 -38.39 -25.65
CA PRO K 169 -30.91 -37.22 -26.54
C PRO K 169 -30.89 -35.95 -25.71
N VAL K 170 -30.33 -34.89 -26.29
CA VAL K 170 -30.26 -33.60 -25.63
C VAL K 170 -30.73 -32.54 -26.62
N PHE K 171 -31.68 -31.72 -26.19
CA PHE K 171 -32.22 -30.68 -27.06
C PHE K 171 -32.31 -29.33 -26.36
N ALA K 172 -32.44 -28.29 -27.18
CA ALA K 172 -32.61 -26.93 -26.69
C ALA K 172 -33.79 -26.34 -27.44
N ILE K 173 -34.75 -25.78 -26.70
CA ILE K 173 -35.91 -25.15 -27.33
C ILE K 173 -35.76 -23.67 -27.00
N GLY K 174 -35.55 -22.85 -28.04
CA GLY K 174 -35.39 -21.42 -27.86
C GLY K 174 -36.62 -20.65 -28.29
N PRO K 175 -37.48 -20.27 -27.33
CA PRO K 175 -38.67 -19.54 -27.73
C PRO K 175 -38.52 -18.02 -27.74
N ASN K 176 -39.52 -17.37 -28.30
CA ASN K 176 -39.63 -15.92 -28.27
C ASN K 176 -41.10 -15.66 -28.57
N TYR K 177 -41.63 -14.62 -27.96
CA TYR K 177 -43.03 -14.28 -28.11
C TYR K 177 -43.92 -15.44 -27.67
N LEU K 178 -43.47 -16.14 -26.63
CA LEU K 178 -44.24 -17.26 -26.08
C LEU K 178 -45.19 -16.70 -25.02
N HIS K 179 -46.48 -16.80 -25.26
CA HIS K 179 -47.47 -16.31 -24.30
C HIS K 179 -47.20 -17.00 -22.97
N SER K 180 -46.98 -16.20 -21.92
CA SER K 180 -46.70 -16.76 -20.60
C SER K 180 -47.83 -16.57 -19.61
N GLU K 181 -48.99 -16.15 -20.13
CA GLU K 181 -50.20 -15.95 -19.33
C GLU K 181 -50.07 -15.04 -18.11
N ASP K 182 -50.12 -15.61 -16.91
CA ASP K 182 -50.01 -14.82 -15.68
C ASP K 182 -48.57 -14.54 -15.25
N SER K 183 -47.61 -15.21 -15.89
CA SER K 183 -46.21 -15.03 -15.56
C SER K 183 -45.59 -13.85 -16.28
N PRO K 184 -44.72 -13.10 -15.59
CA PRO K 184 -44.06 -11.94 -16.20
C PRO K 184 -42.90 -12.38 -17.11
N TYR K 185 -42.59 -13.67 -17.10
CA TYR K 185 -41.51 -14.22 -17.92
C TYR K 185 -42.09 -15.02 -19.10
N PHE K 186 -42.20 -14.43 -20.29
CA PHE K 186 -41.79 -13.05 -20.55
C PHE K 186 -42.84 -12.31 -21.37
N TYR K 187 -43.95 -12.98 -21.70
CA TYR K 187 -45.02 -12.35 -22.48
C TYR K 187 -46.39 -12.55 -21.86
N PRO K 188 -46.66 -11.87 -20.73
CA PRO K 188 -47.95 -11.97 -20.03
C PRO K 188 -49.12 -11.47 -20.87
N THR K 189 -50.31 -12.03 -20.62
CA THR K 189 -51.52 -11.66 -21.35
C THR K 189 -51.61 -10.13 -21.42
N GLU K 190 -51.33 -9.50 -20.29
CA GLU K 190 -51.33 -8.05 -20.19
C GLU K 190 -49.84 -7.67 -20.17
N PRO K 191 -49.41 -6.82 -21.12
CA PRO K 191 -50.14 -6.16 -22.21
C PRO K 191 -50.10 -6.82 -23.59
N TRP K 192 -49.39 -7.93 -23.75
CA TRP K 192 -49.25 -8.56 -25.05
C TRP K 192 -50.48 -9.01 -25.84
N LYS K 193 -51.57 -9.30 -25.15
CA LYS K 193 -52.79 -9.72 -25.83
C LYS K 193 -53.89 -8.66 -25.75
N THR K 194 -53.69 -7.67 -24.89
CA THR K 194 -54.69 -6.64 -24.68
C THR K 194 -54.37 -5.23 -25.20
N ASN K 195 -53.09 -4.85 -25.19
CA ASN K 195 -52.73 -3.51 -25.65
C ASN K 195 -52.47 -3.48 -27.15
N PRO K 196 -53.15 -2.58 -27.87
CA PRO K 196 -53.03 -2.40 -29.32
C PRO K 196 -51.62 -2.32 -29.87
N GLU K 197 -50.76 -1.50 -29.25
CA GLU K 197 -49.39 -1.36 -29.72
C GLU K 197 -48.62 -2.66 -29.61
N HIS K 198 -48.83 -3.38 -28.51
CA HIS K 198 -48.16 -4.65 -28.29
C HIS K 198 -48.70 -5.69 -29.26
N VAL K 199 -50.01 -5.71 -29.43
CA VAL K 199 -50.64 -6.65 -30.36
C VAL K 199 -50.10 -6.41 -31.77
N ALA K 200 -50.00 -5.13 -32.13
CA ALA K 200 -49.49 -4.73 -33.45
C ALA K 200 -48.02 -5.13 -33.61
N HIS K 201 -47.24 -4.96 -32.55
CA HIS K 201 -45.82 -5.31 -32.59
C HIS K 201 -45.64 -6.79 -32.93
N VAL K 202 -46.40 -7.64 -32.23
CA VAL K 202 -46.31 -9.08 -32.46
C VAL K 202 -46.69 -9.44 -33.90
N LYS K 203 -47.72 -8.80 -34.42
CA LYS K 203 -48.17 -9.08 -35.79
C LYS K 203 -47.10 -8.71 -36.82
N LYS K 204 -46.26 -7.74 -36.46
CA LYS K 204 -45.21 -7.29 -37.35
C LYS K 204 -43.91 -8.08 -37.30
N VAL K 205 -43.51 -8.50 -36.10
CA VAL K 205 -42.24 -9.20 -35.91
C VAL K 205 -42.24 -10.72 -36.06
N THR K 206 -43.42 -11.34 -36.08
CA THR K 206 -43.47 -12.79 -36.25
C THR K 206 -44.11 -13.11 -37.59
N ALA K 207 -43.72 -14.23 -38.17
CA ALA K 207 -44.29 -14.63 -39.45
C ALA K 207 -45.76 -15.04 -39.28
N LEU K 208 -46.07 -15.75 -38.20
CA LEU K 208 -47.45 -16.21 -37.96
C LEU K 208 -48.35 -15.10 -37.41
N GLN K 209 -47.73 -13.96 -37.10
CA GLN K 209 -48.43 -12.78 -36.60
C GLN K 209 -49.27 -13.03 -35.35
N ARG K 210 -48.68 -13.68 -34.36
CA ARG K 210 -49.35 -13.97 -33.10
C ARG K 210 -48.30 -14.49 -32.14
N LEU K 211 -48.68 -14.59 -30.87
CA LEU K 211 -47.80 -15.12 -29.84
C LEU K 211 -47.88 -16.64 -29.92
N GLY K 212 -46.87 -17.31 -29.38
CA GLY K 212 -46.87 -18.75 -29.38
C GLY K 212 -47.67 -19.17 -28.16
N THR K 213 -48.25 -20.37 -28.18
CA THR K 213 -49.05 -20.82 -27.05
C THR K 213 -48.29 -21.79 -26.15
N GLN K 214 -48.73 -21.91 -24.90
CA GLN K 214 -48.08 -22.85 -23.98
C GLN K 214 -48.31 -24.27 -24.50
N LYS K 215 -49.47 -24.50 -25.13
CA LYS K 215 -49.77 -25.83 -25.66
C LYS K 215 -48.77 -26.24 -26.76
N GLU K 216 -48.40 -25.28 -27.61
CA GLU K 216 -47.43 -25.57 -28.68
C GLU K 216 -46.09 -25.95 -28.06
N LEU K 217 -45.65 -25.19 -27.06
CA LEU K 217 -44.38 -25.49 -26.41
C LEU K 217 -44.48 -26.87 -25.78
N GLY K 218 -45.58 -27.08 -25.04
CA GLY K 218 -45.79 -28.36 -24.37
C GLY K 218 -45.80 -29.54 -25.32
N GLU K 219 -46.46 -29.38 -26.46
CA GLU K 219 -46.53 -30.46 -27.45
C GLU K 219 -45.14 -30.81 -27.94
N LEU K 220 -44.30 -29.79 -28.14
CA LEU K 220 -42.93 -30.05 -28.61
C LEU K 220 -42.13 -30.76 -27.54
N VAL K 221 -42.26 -30.31 -26.30
CA VAL K 221 -41.53 -30.94 -25.19
C VAL K 221 -41.92 -32.41 -25.07
N ALA K 222 -43.22 -32.68 -25.08
CA ALA K 222 -43.71 -34.05 -24.96
C ALA K 222 -43.24 -34.91 -26.14
N PHE K 223 -43.23 -34.33 -27.33
CA PHE K 223 -42.79 -35.03 -28.53
C PHE K 223 -41.34 -35.45 -28.39
N LEU K 224 -40.50 -34.51 -28.00
CA LEU K 224 -39.08 -34.78 -27.85
C LEU K 224 -38.79 -35.77 -26.72
N ALA K 225 -39.58 -35.73 -25.66
CA ALA K 225 -39.39 -36.62 -24.52
C ALA K 225 -40.03 -38.00 -24.72
N SER K 226 -40.88 -38.13 -25.75
CA SER K 226 -41.57 -39.39 -26.01
C SER K 226 -40.69 -40.50 -26.57
N GLY K 227 -39.54 -40.14 -27.11
CA GLY K 227 -38.65 -41.13 -27.70
C GLY K 227 -39.04 -41.43 -29.13
N SER K 228 -39.94 -40.61 -29.67
CA SER K 228 -40.42 -40.75 -31.04
C SER K 228 -39.38 -40.29 -32.07
N CYS K 229 -38.53 -39.35 -31.68
CA CYS K 229 -37.55 -38.82 -32.61
C CYS K 229 -36.22 -38.46 -31.94
N ASP K 230 -35.57 -39.45 -31.34
CA ASP K 230 -34.29 -39.22 -30.67
C ASP K 230 -33.21 -38.77 -31.65
N TYR K 231 -33.39 -39.11 -32.93
CA TYR K 231 -32.39 -38.77 -33.95
C TYR K 231 -32.20 -37.27 -34.16
N LEU K 232 -33.00 -36.46 -33.48
CA LEU K 232 -32.88 -34.99 -33.58
C LEU K 232 -31.92 -34.47 -32.52
N THR K 233 -31.31 -35.38 -31.75
CA THR K 233 -30.40 -34.97 -30.69
C THR K 233 -29.40 -33.89 -31.14
N GLY K 234 -29.20 -32.90 -30.27
CA GLY K 234 -28.29 -31.81 -30.56
C GLY K 234 -28.98 -30.60 -31.15
N GLN K 235 -30.21 -30.79 -31.59
CA GLN K 235 -31.02 -29.75 -32.21
C GLN K 235 -31.39 -28.56 -31.33
N VAL K 236 -31.28 -27.36 -31.88
CA VAL K 236 -31.73 -26.18 -31.16
C VAL K 236 -32.99 -25.82 -31.95
N PHE K 237 -34.13 -25.78 -31.26
CA PHE K 237 -35.41 -25.47 -31.91
C PHE K 237 -35.80 -24.01 -31.73
N TRP K 238 -35.98 -23.29 -32.83
CA TRP K 238 -36.37 -21.89 -32.75
C TRP K 238 -37.91 -21.83 -32.75
N LEU K 239 -38.48 -21.74 -31.55
CA LEU K 239 -39.93 -21.71 -31.36
C LEU K 239 -40.34 -20.25 -31.28
N ALA K 240 -40.27 -19.54 -32.41
CA ALA K 240 -40.57 -18.12 -32.42
C ALA K 240 -41.52 -17.65 -33.52
N GLY K 241 -42.32 -18.57 -34.03
CA GLY K 241 -43.29 -18.24 -35.05
C GLY K 241 -42.82 -17.52 -36.29
N GLY K 242 -41.59 -17.75 -36.71
CA GLY K 242 -41.10 -17.08 -37.90
C GLY K 242 -40.24 -15.87 -37.59
N PHE K 243 -40.19 -15.47 -36.32
CA PHE K 243 -39.35 -14.35 -35.90
C PHE K 243 -37.92 -14.74 -36.26
N PRO K 244 -37.10 -13.78 -36.69
CA PRO K 244 -37.46 -12.36 -36.85
C PRO K 244 -37.88 -12.03 -38.27
N MET K 245 -38.85 -11.13 -38.39
CA MET K 245 -39.30 -10.66 -39.69
C MET K 245 -38.42 -9.44 -39.95
N ILE K 246 -37.81 -9.41 -41.12
CA ILE K 246 -36.91 -8.33 -41.48
C ILE K 246 -37.57 -7.17 -42.24
N GLU K 247 -37.35 -5.96 -41.73
CA GLU K 247 -37.88 -4.75 -42.33
C GLU K 247 -37.60 -4.66 -43.84
N ARG K 248 -38.65 -4.57 -44.65
CA ARG K 248 -38.46 -4.49 -46.10
C ARG K 248 -38.29 -3.06 -46.62
N TRP K 249 -37.92 -2.95 -47.89
CA TRP K 249 -37.70 -1.64 -48.53
C TRP K 249 -38.93 -0.72 -48.50
N PRO K 250 -38.69 0.61 -48.61
CA PRO K 250 -39.80 1.59 -48.60
C PRO K 250 -40.83 1.30 -49.67
N GLY K 251 -42.10 1.54 -49.34
CA GLY K 251 -43.16 1.32 -50.31
C GLY K 251 -43.77 -0.06 -50.29
N MET K 252 -43.03 -1.06 -49.81
CA MET K 252 -43.54 -2.42 -49.75
C MET K 252 -44.52 -2.56 -48.58
N PRO K 253 -45.65 -3.24 -48.80
CA PRO K 253 -46.64 -3.40 -47.73
C PRO K 253 -46.10 -4.24 -46.55
N SER L 2 -3.22 4.93 -33.36
CA SER L 2 -4.08 4.93 -32.15
C SER L 2 -3.51 4.03 -31.06
N THR L 3 -4.29 3.85 -29.99
CA THR L 3 -3.86 3.04 -28.86
C THR L 3 -4.69 1.77 -28.76
N ALA L 4 -4.00 0.65 -28.56
CA ALA L 4 -4.69 -0.62 -28.44
C ALA L 4 -4.29 -1.36 -27.19
N ILE L 5 -5.18 -2.25 -26.75
CA ILE L 5 -4.93 -3.08 -25.59
C ILE L 5 -5.09 -4.52 -26.05
N VAL L 6 -4.14 -5.36 -25.67
CA VAL L 6 -4.19 -6.77 -26.00
C VAL L 6 -3.98 -7.48 -24.66
N THR L 7 -4.94 -8.32 -24.28
CA THR L 7 -4.87 -9.06 -23.02
C THR L 7 -4.16 -10.40 -23.16
N ASN L 8 -3.73 -10.95 -22.03
CA ASN L 8 -3.02 -12.25 -21.99
C ASN L 8 -2.06 -12.34 -23.17
N VAL L 9 -1.36 -11.23 -23.39
CA VAL L 9 -0.45 -11.09 -24.51
C VAL L 9 0.51 -12.23 -24.78
N LYS L 10 0.94 -12.92 -23.72
CA LYS L 10 1.88 -14.03 -23.89
C LYS L 10 1.26 -15.33 -24.39
N HIS L 11 -0.07 -15.37 -24.49
CA HIS L 11 -0.74 -16.61 -24.90
C HIS L 11 -1.77 -16.49 -26.00
N PHE L 12 -2.13 -17.65 -26.53
CA PHE L 12 -3.17 -17.76 -27.55
C PHE L 12 -2.89 -16.82 -28.73
N GLY L 13 -3.78 -15.88 -28.98
CA GLY L 13 -3.56 -14.97 -30.11
C GLY L 13 -2.93 -13.66 -29.70
N GLY L 14 -2.43 -13.60 -28.47
CA GLY L 14 -1.82 -12.38 -27.96
C GLY L 14 -0.63 -11.77 -28.70
N MET L 15 0.41 -12.56 -28.92
CA MET L 15 1.60 -12.04 -29.59
C MET L 15 1.36 -11.65 -31.05
N GLY L 16 0.66 -12.49 -31.78
CA GLY L 16 0.37 -12.19 -33.18
C GLY L 16 -0.37 -10.87 -33.29
N SER L 17 -1.38 -10.69 -32.43
CA SER L 17 -2.18 -9.46 -32.42
C SER L 17 -1.37 -8.22 -32.02
N ALA L 18 -0.68 -8.30 -30.88
CA ALA L 18 0.09 -7.18 -30.38
C ALA L 18 1.18 -6.73 -31.34
N LEU L 19 1.98 -7.67 -31.82
CA LEU L 19 3.08 -7.34 -32.72
C LEU L 19 2.58 -6.76 -34.05
N ARG L 20 1.51 -7.31 -34.59
CA ARG L 20 1.02 -6.81 -35.86
C ARG L 20 0.41 -5.41 -35.68
N LEU L 21 -0.29 -5.22 -34.57
CA LEU L 21 -0.90 -3.94 -34.29
C LEU L 21 0.20 -2.90 -34.15
N SER L 22 1.30 -3.31 -33.52
CA SER L 22 2.44 -2.43 -33.35
C SER L 22 3.04 -2.12 -34.72
N GLU L 23 3.05 -3.11 -35.60
CA GLU L 23 3.58 -2.92 -36.94
C GLU L 23 2.72 -1.93 -37.72
N ALA L 24 1.43 -1.89 -37.39
CA ALA L 24 0.49 -0.99 -38.05
C ALA L 24 0.61 0.45 -37.53
N GLY L 25 1.47 0.68 -36.56
CA GLY L 25 1.66 2.02 -36.03
C GLY L 25 0.94 2.33 -34.73
N HIS L 26 0.26 1.34 -34.15
CA HIS L 26 -0.47 1.52 -32.90
C HIS L 26 0.44 1.44 -31.68
N THR L 27 0.04 2.18 -30.64
CA THR L 27 0.75 2.10 -29.37
C THR L 27 0.00 0.93 -28.76
N VAL L 28 0.70 -0.14 -28.44
CA VAL L 28 0.03 -1.31 -27.90
C VAL L 28 0.31 -1.62 -26.44
N ALA L 29 -0.70 -1.38 -25.61
CA ALA L 29 -0.59 -1.66 -24.18
C ALA L 29 -0.93 -3.13 -24.04
N CYS L 30 -0.11 -3.84 -23.28
CA CYS L 30 -0.32 -5.27 -23.11
C CYS L 30 -0.58 -5.69 -21.67
N HIS L 31 -1.50 -6.63 -21.51
CA HIS L 31 -1.84 -7.18 -20.21
C HIS L 31 -1.48 -8.66 -20.19
N ASP L 32 -1.19 -9.17 -19.00
CA ASP L 32 -0.86 -10.58 -18.82
C ASP L 32 -0.78 -10.87 -17.32
N GLU L 33 -1.22 -12.06 -16.91
CA GLU L 33 -1.22 -12.40 -15.50
C GLU L 33 0.19 -12.38 -14.92
N SER L 34 1.19 -12.60 -15.75
CA SER L 34 2.58 -12.61 -15.30
C SER L 34 3.11 -11.21 -15.00
N PHE L 35 2.48 -10.18 -15.57
CA PHE L 35 2.92 -8.81 -15.36
C PHE L 35 2.64 -8.33 -13.93
N LYS L 36 2.08 -9.22 -13.11
CA LYS L 36 1.82 -8.90 -11.72
C LYS L 36 3.19 -8.76 -11.04
N GLN L 37 4.18 -9.45 -11.60
CA GLN L 37 5.57 -9.43 -11.11
C GLN L 37 6.38 -8.41 -11.89
N LYS L 38 7.05 -7.50 -11.18
CA LYS L 38 7.86 -6.48 -11.82
C LYS L 38 8.94 -7.05 -12.72
N ASP L 39 9.53 -8.18 -12.34
CA ASP L 39 10.59 -8.80 -13.14
C ASP L 39 10.07 -9.28 -14.51
N GLU L 40 8.88 -9.88 -14.50
CA GLU L 40 8.26 -10.38 -15.72
C GLU L 40 7.89 -9.20 -16.62
N LEU L 41 7.37 -8.14 -16.03
CA LEU L 41 6.98 -6.97 -16.80
C LEU L 41 8.21 -6.32 -17.40
N GLU L 42 9.29 -6.23 -16.61
CA GLU L 42 10.53 -5.62 -17.07
C GLU L 42 11.17 -6.42 -18.21
N ALA L 43 11.20 -7.75 -18.06
CA ALA L 43 11.80 -8.62 -19.07
C ALA L 43 11.06 -8.48 -20.39
N PHE L 44 9.74 -8.47 -20.34
CA PHE L 44 8.92 -8.35 -21.54
C PHE L 44 9.15 -7.00 -22.20
N ALA L 45 9.19 -5.94 -21.39
CA ALA L 45 9.41 -4.59 -21.89
C ALA L 45 10.76 -4.47 -22.57
N GLU L 46 11.75 -5.20 -22.04
CA GLU L 46 13.09 -5.17 -22.60
C GLU L 46 13.12 -5.85 -23.96
N THR L 47 12.53 -7.05 -24.02
CA THR L 47 12.48 -7.83 -25.25
C THR L 47 11.64 -7.17 -26.35
N TYR L 48 10.51 -6.59 -25.96
CA TYR L 48 9.64 -5.95 -26.93
C TYR L 48 9.48 -4.46 -26.64
N PRO L 49 10.49 -3.66 -26.99
CA PRO L 49 10.43 -2.21 -26.75
C PRO L 49 9.28 -1.54 -27.49
N GLN L 50 8.71 -2.23 -28.47
CA GLN L 50 7.60 -1.66 -29.24
C GLN L 50 6.25 -1.90 -28.55
N LEU L 51 6.26 -2.70 -27.50
CA LEU L 51 5.05 -3.01 -26.73
C LEU L 51 5.10 -2.32 -25.38
N LYS L 52 3.93 -2.03 -24.82
CA LYS L 52 3.87 -1.38 -23.51
C LYS L 52 3.15 -2.26 -22.48
N PRO L 53 3.89 -3.13 -21.79
CA PRO L 53 3.28 -4.01 -20.79
C PRO L 53 2.77 -3.22 -19.58
N MET L 54 1.60 -3.61 -19.08
CA MET L 54 0.98 -2.96 -17.93
C MET L 54 0.86 -4.01 -16.83
N SER L 55 0.90 -3.56 -15.58
CA SER L 55 0.79 -4.47 -14.45
C SER L 55 -0.66 -4.72 -14.02
N GLU L 56 -1.54 -3.76 -14.34
CA GLU L 56 -2.95 -3.86 -13.97
C GLU L 56 -3.61 -5.17 -14.40
N GLN L 57 -4.44 -5.72 -13.51
CA GLN L 57 -5.13 -6.99 -13.77
C GLN L 57 -6.64 -6.90 -13.93
N GLU L 58 -7.28 -6.02 -13.17
CA GLU L 58 -8.73 -5.89 -13.27
C GLU L 58 -9.09 -4.98 -14.44
N PRO L 59 -10.20 -5.27 -15.13
CA PRO L 59 -10.72 -4.53 -16.29
C PRO L 59 -10.79 -3.01 -16.20
N ALA L 60 -11.61 -2.48 -15.32
CA ALA L 60 -11.74 -1.04 -15.18
C ALA L 60 -10.39 -0.44 -14.85
N GLU L 61 -9.64 -1.14 -14.00
CA GLU L 61 -8.31 -0.71 -13.59
C GLU L 61 -7.38 -0.61 -14.80
N LEU L 62 -7.41 -1.64 -15.65
CA LEU L 62 -6.58 -1.67 -16.84
C LEU L 62 -6.95 -0.54 -17.80
N ILE L 63 -8.23 -0.45 -18.16
CA ILE L 63 -8.68 0.60 -19.07
C ILE L 63 -8.27 1.98 -18.55
N GLU L 64 -8.41 2.20 -17.25
CA GLU L 64 -8.06 3.48 -16.64
C GLU L 64 -6.56 3.77 -16.79
N ALA L 65 -5.74 2.77 -16.48
CA ALA L 65 -4.29 2.93 -16.56
C ALA L 65 -3.82 3.27 -17.98
N VAL L 66 -4.35 2.53 -18.96
CA VAL L 66 -3.97 2.77 -20.34
C VAL L 66 -4.43 4.15 -20.81
N THR L 67 -5.65 4.53 -20.43
CA THR L 67 -6.20 5.82 -20.81
C THR L 67 -5.38 6.96 -20.22
N SER L 68 -4.99 6.83 -18.95
CA SER L 68 -4.19 7.88 -18.31
C SER L 68 -2.80 7.97 -18.91
N ALA L 69 -2.20 6.82 -19.20
CA ALA L 69 -0.86 6.78 -19.76
C ALA L 69 -0.78 7.14 -21.23
N TYR L 70 -1.72 6.65 -22.03
CA TYR L 70 -1.68 6.91 -23.46
C TYR L 70 -2.82 7.75 -24.02
N GLY L 71 -3.60 8.37 -23.13
CA GLY L 71 -4.68 9.22 -23.57
C GLY L 71 -6.03 8.58 -23.82
N GLN L 72 -6.05 7.38 -24.40
CA GLN L 72 -7.31 6.74 -24.69
C GLN L 72 -7.10 5.30 -25.18
N VAL L 73 -8.21 4.60 -25.38
CA VAL L 73 -8.18 3.23 -25.86
C VAL L 73 -9.05 3.19 -27.12
N ASP L 74 -8.41 3.01 -28.27
CA ASP L 74 -9.13 2.96 -29.54
C ASP L 74 -9.46 1.55 -30.00
N VAL L 75 -8.62 0.60 -29.60
CA VAL L 75 -8.82 -0.80 -29.99
C VAL L 75 -8.69 -1.73 -28.79
N LEU L 76 -9.68 -2.58 -28.61
CA LEU L 76 -9.64 -3.55 -27.53
C LEU L 76 -9.61 -4.93 -28.16
N VAL L 77 -8.59 -5.71 -27.82
CA VAL L 77 -8.48 -7.07 -28.31
C VAL L 77 -8.53 -7.95 -27.07
N SER L 78 -9.70 -8.52 -26.81
CA SER L 78 -9.86 -9.38 -25.66
C SER L 78 -9.46 -10.79 -26.04
N ASN L 79 -8.21 -11.10 -25.73
CA ASN L 79 -7.59 -12.39 -26.01
C ASN L 79 -7.76 -13.25 -24.77
N ASP L 80 -8.94 -13.85 -24.64
CA ASP L 80 -9.27 -14.64 -23.48
C ASP L 80 -8.84 -16.10 -23.51
N ILE L 81 -8.38 -16.58 -22.36
CA ILE L 81 -7.93 -17.96 -22.24
C ILE L 81 -8.41 -18.60 -20.95
N PHE L 82 -8.37 -19.93 -20.94
CA PHE L 82 -8.77 -20.72 -19.79
C PHE L 82 -8.14 -22.08 -20.02
N ALA L 83 -7.76 -22.76 -18.94
CA ALA L 83 -7.17 -24.09 -19.07
C ALA L 83 -8.18 -25.11 -18.59
N PRO L 84 -9.00 -25.63 -19.52
CA PRO L 84 -10.03 -26.62 -19.18
C PRO L 84 -9.52 -28.05 -19.31
N GLU L 85 -10.28 -28.96 -18.68
CA GLU L 85 -9.99 -30.38 -18.73
C GLU L 85 -11.15 -30.98 -19.53
N PHE L 86 -10.89 -32.09 -20.21
CA PHE L 86 -11.94 -32.78 -20.95
C PHE L 86 -12.53 -33.69 -19.87
N GLN L 87 -13.84 -33.64 -19.70
CA GLN L 87 -14.49 -34.48 -18.68
C GLN L 87 -15.94 -34.74 -19.06
N PRO L 88 -16.46 -35.92 -18.71
CA PRO L 88 -17.85 -36.19 -19.05
C PRO L 88 -18.61 -35.21 -18.15
N ILE L 89 -19.79 -34.79 -18.56
CA ILE L 89 -20.55 -33.82 -17.77
C ILE L 89 -20.62 -34.12 -16.27
N ASP L 90 -20.91 -35.36 -15.91
CA ASP L 90 -21.03 -35.74 -14.50
C ASP L 90 -19.72 -35.68 -13.68
N LYS L 91 -18.59 -35.64 -14.38
CA LYS L 91 -17.30 -35.61 -13.71
C LYS L 91 -16.78 -34.22 -13.43
N TYR L 92 -17.38 -33.21 -14.07
CA TYR L 92 -16.98 -31.82 -13.82
C TYR L 92 -17.56 -31.45 -12.46
N ALA L 93 -17.05 -30.35 -11.92
CA ALA L 93 -17.57 -29.80 -10.67
C ALA L 93 -18.24 -28.56 -11.24
N VAL L 94 -19.32 -28.09 -10.61
CA VAL L 94 -19.98 -26.90 -11.15
C VAL L 94 -19.01 -25.72 -11.17
N GLU L 95 -18.09 -25.68 -10.22
CA GLU L 95 -17.10 -24.61 -10.17
C GLU L 95 -16.22 -24.59 -11.42
N ASP L 96 -16.08 -25.75 -12.08
CA ASP L 96 -15.28 -25.83 -13.31
C ASP L 96 -15.93 -25.02 -14.43
N TYR L 97 -17.26 -24.96 -14.42
CA TYR L 97 -17.97 -24.20 -15.44
C TYR L 97 -17.96 -22.73 -15.06
N ARG L 98 -18.10 -22.44 -13.77
CA ARG L 98 -18.07 -21.04 -13.33
C ARG L 98 -16.72 -20.44 -13.71
N GLY L 99 -15.66 -21.23 -13.52
CA GLY L 99 -14.34 -20.75 -13.87
C GLY L 99 -14.24 -20.46 -15.36
N ALA L 100 -14.76 -21.37 -16.17
CA ALA L 100 -14.73 -21.21 -17.62
C ALA L 100 -15.50 -19.95 -18.04
N VAL L 101 -16.72 -19.80 -17.54
CA VAL L 101 -17.53 -18.65 -17.87
C VAL L 101 -16.91 -17.34 -17.39
N GLU L 102 -16.32 -17.36 -16.20
CA GLU L 102 -15.71 -16.15 -15.64
C GLU L 102 -14.54 -15.70 -16.52
N ALA L 103 -13.73 -16.66 -16.96
CA ALA L 103 -12.57 -16.36 -17.79
C ALA L 103 -12.88 -16.08 -19.27
N LEU L 104 -13.86 -16.79 -19.83
CA LEU L 104 -14.17 -16.66 -21.25
C LEU L 104 -15.38 -15.79 -21.66
N GLN L 105 -16.24 -15.43 -20.71
CA GLN L 105 -17.40 -14.59 -21.01
C GLN L 105 -17.41 -13.33 -20.19
N ILE L 106 -17.35 -13.50 -18.87
CA ILE L 106 -17.38 -12.34 -17.97
C ILE L 106 -16.23 -11.37 -18.19
N ARG L 107 -15.03 -11.91 -18.35
CA ARG L 107 -13.84 -11.08 -18.56
C ARG L 107 -13.99 -10.19 -19.81
N PRO L 108 -14.30 -10.78 -20.97
CA PRO L 108 -14.44 -9.90 -22.14
C PRO L 108 -15.58 -8.89 -21.95
N PHE L 109 -16.64 -9.29 -21.26
CA PHE L 109 -17.77 -8.40 -21.01
C PHE L 109 -17.29 -7.24 -20.13
N ALA L 110 -16.51 -7.56 -19.11
CA ALA L 110 -16.02 -6.53 -18.19
C ALA L 110 -15.13 -5.49 -18.88
N LEU L 111 -14.33 -5.94 -19.85
CA LEU L 111 -13.46 -5.01 -20.56
C LEU L 111 -14.26 -4.06 -21.44
N VAL L 112 -15.22 -4.60 -22.19
CA VAL L 112 -16.04 -3.74 -23.05
C VAL L 112 -16.87 -2.80 -22.18
N ASN L 113 -17.38 -3.33 -21.08
CA ASN L 113 -18.19 -2.56 -20.14
C ASN L 113 -17.41 -1.34 -19.63
N ALA L 114 -16.09 -1.51 -19.49
CA ALA L 114 -15.21 -0.47 -18.99
C ALA L 114 -14.71 0.52 -20.06
N VAL L 115 -14.59 0.08 -21.30
CA VAL L 115 -14.07 0.96 -22.36
C VAL L 115 -15.12 1.56 -23.29
N ALA L 116 -16.33 1.02 -23.25
CA ALA L 116 -17.39 1.49 -24.15
C ALA L 116 -17.76 2.97 -24.10
N SER L 117 -17.83 3.56 -22.90
CA SER L 117 -18.22 4.96 -22.84
C SER L 117 -17.28 5.90 -23.58
N GLN L 118 -15.98 5.74 -23.39
CA GLN L 118 -15.07 6.64 -24.10
C GLN L 118 -15.14 6.43 -25.62
N MET L 119 -15.28 5.19 -26.06
CA MET L 119 -15.37 4.96 -27.50
C MET L 119 -16.67 5.58 -28.02
N LYS L 120 -17.76 5.38 -27.28
CA LYS L 120 -19.04 5.95 -27.71
C LYS L 120 -19.01 7.49 -27.76
N LYS L 121 -18.36 8.10 -26.78
CA LYS L 121 -18.27 9.57 -26.76
C LYS L 121 -17.50 10.09 -27.97
N ARG L 122 -16.48 9.35 -28.38
CA ARG L 122 -15.67 9.75 -29.53
C ARG L 122 -16.31 9.23 -30.80
N LYS L 123 -17.24 8.28 -30.67
CA LYS L 123 -17.87 7.66 -31.82
C LYS L 123 -16.80 7.06 -32.70
N SER L 124 -15.84 6.37 -32.07
CA SER L 124 -14.75 5.71 -32.78
C SER L 124 -14.13 4.65 -31.87
N GLY L 125 -13.79 3.51 -32.47
CA GLY L 125 -13.20 2.42 -31.72
C GLY L 125 -13.46 1.10 -32.40
N HIS L 126 -12.73 0.07 -32.01
CA HIS L 126 -12.91 -1.28 -32.55
C HIS L 126 -12.77 -2.27 -31.40
N ILE L 127 -13.69 -3.23 -31.34
CA ILE L 127 -13.65 -4.25 -30.30
C ILE L 127 -13.51 -5.62 -30.96
N ILE L 128 -12.48 -6.36 -30.57
CA ILE L 128 -12.23 -7.68 -31.12
C ILE L 128 -12.10 -8.70 -29.99
N PHE L 129 -12.89 -9.77 -30.05
CA PHE L 129 -12.81 -10.82 -29.06
C PHE L 129 -12.13 -12.00 -29.75
N ILE L 130 -11.14 -12.60 -29.08
CA ILE L 130 -10.52 -13.78 -29.66
C ILE L 130 -11.24 -14.88 -28.86
N THR L 131 -12.11 -15.63 -29.53
CA THR L 131 -12.84 -16.69 -28.85
C THR L 131 -12.36 -18.09 -29.22
N SER L 132 -13.16 -18.84 -29.95
CA SER L 132 -12.79 -20.20 -30.34
C SER L 132 -13.72 -20.72 -31.42
N ALA L 133 -13.23 -21.67 -32.21
CA ALA L 133 -14.04 -22.28 -33.26
C ALA L 133 -14.71 -23.55 -32.75
N THR L 134 -14.45 -23.91 -31.49
CA THR L 134 -15.05 -25.12 -30.92
C THR L 134 -16.57 -25.15 -31.00
N PRO L 135 -17.23 -23.98 -30.88
CA PRO L 135 -18.70 -24.00 -30.96
C PRO L 135 -19.18 -24.42 -32.35
N PHE L 136 -18.36 -24.15 -33.37
CA PHE L 136 -18.74 -24.50 -34.73
C PHE L 136 -18.73 -26.02 -34.90
N GLY L 137 -17.84 -26.69 -34.19
CA GLY L 137 -17.76 -28.14 -34.27
C GLY L 137 -17.31 -28.68 -32.94
N PRO L 138 -18.25 -28.83 -31.98
CA PRO L 138 -17.93 -29.33 -30.65
C PRO L 138 -17.36 -30.75 -30.56
N TRP L 139 -16.34 -30.90 -29.74
CA TRP L 139 -15.76 -32.21 -29.49
C TRP L 139 -16.56 -32.74 -28.32
N LYS L 140 -16.57 -34.06 -28.20
CA LYS L 140 -17.24 -34.73 -27.11
C LYS L 140 -16.43 -34.44 -25.83
N GLU L 141 -17.12 -34.22 -24.72
CA GLU L 141 -16.49 -33.98 -23.41
C GLU L 141 -15.73 -32.67 -23.15
N LEU L 142 -16.18 -31.57 -23.75
CA LEU L 142 -15.54 -30.29 -23.51
C LEU L 142 -16.66 -29.25 -23.43
N SER L 143 -17.78 -29.67 -22.85
CA SER L 143 -18.97 -28.81 -22.74
C SER L 143 -18.78 -27.47 -22.03
N THR L 144 -17.93 -27.42 -21.01
CA THR L 144 -17.71 -26.16 -20.29
C THR L 144 -17.06 -25.09 -21.16
N TYR L 145 -15.87 -25.40 -21.69
CA TYR L 145 -15.12 -24.48 -22.52
C TYR L 145 -15.87 -24.09 -23.80
N THR L 146 -16.43 -25.09 -24.48
CA THR L 146 -17.14 -24.86 -25.72
C THR L 146 -18.36 -23.96 -25.57
N SER L 147 -19.20 -24.23 -24.58
CA SER L 147 -20.40 -23.43 -24.37
C SER L 147 -20.04 -22.00 -23.94
N ALA L 148 -18.99 -21.87 -23.12
CA ALA L 148 -18.56 -20.54 -22.68
C ALA L 148 -18.09 -19.72 -23.89
N ARG L 149 -17.33 -20.36 -24.78
CA ARG L 149 -16.85 -19.66 -25.97
C ARG L 149 -18.01 -19.23 -26.86
N ALA L 150 -19.05 -20.05 -26.95
CA ALA L 150 -20.21 -19.70 -27.77
C ALA L 150 -20.87 -18.44 -27.19
N GLY L 151 -20.92 -18.36 -25.86
CA GLY L 151 -21.50 -17.20 -25.23
C GLY L 151 -20.75 -15.94 -25.63
N ALA L 152 -19.43 -16.02 -25.66
CA ALA L 152 -18.59 -14.88 -26.01
C ALA L 152 -18.79 -14.47 -27.47
N CYS L 153 -18.94 -15.46 -28.35
CA CYS L 153 -19.16 -15.19 -29.75
C CYS L 153 -20.46 -14.42 -29.93
N THR L 154 -21.51 -14.86 -29.26
CA THR L 154 -22.80 -14.19 -29.37
C THR L 154 -22.73 -12.81 -28.73
N LEU L 155 -21.98 -12.69 -27.64
CA LEU L 155 -21.82 -11.40 -26.96
C LEU L 155 -21.28 -10.39 -27.97
N ALA L 156 -20.28 -10.81 -28.75
CA ALA L 156 -19.68 -9.92 -29.75
C ALA L 156 -20.72 -9.50 -30.79
N ASN L 157 -21.50 -10.47 -31.29
CA ASN L 157 -22.52 -10.17 -32.27
C ASN L 157 -23.60 -9.26 -31.69
N ALA L 158 -24.06 -9.56 -30.48
CA ALA L 158 -25.08 -8.74 -29.85
C ALA L 158 -24.60 -7.29 -29.69
N LEU L 159 -23.37 -7.13 -29.22
CA LEU L 159 -22.80 -5.80 -29.02
C LEU L 159 -22.70 -4.99 -30.32
N SER L 160 -22.45 -5.67 -31.43
CA SER L 160 -22.33 -4.95 -32.70
C SER L 160 -23.62 -4.20 -33.00
N LYS L 161 -24.75 -4.74 -32.55
CA LYS L 161 -26.05 -4.13 -32.81
C LYS L 161 -26.24 -2.77 -32.16
N GLU L 162 -25.71 -2.60 -30.95
CA GLU L 162 -25.85 -1.34 -30.23
C GLU L 162 -24.71 -0.36 -30.46
N LEU L 163 -23.49 -0.87 -30.62
CA LEU L 163 -22.37 0.03 -30.81
C LEU L 163 -22.24 0.56 -32.23
N GLY L 164 -22.97 -0.07 -33.17
CA GLY L 164 -22.92 0.40 -34.55
C GLY L 164 -23.36 1.84 -34.66
N GLU L 165 -24.34 2.23 -33.85
CA GLU L 165 -24.85 3.60 -33.88
C GLU L 165 -23.76 4.61 -33.50
N TYR L 166 -22.73 4.12 -32.82
CA TYR L 166 -21.62 4.95 -32.39
C TYR L 166 -20.39 4.74 -33.26
N ASN L 167 -20.61 4.09 -34.41
CA ASN L 167 -19.54 3.85 -35.36
C ASN L 167 -18.47 2.95 -34.77
N ILE L 168 -18.88 2.00 -33.94
CA ILE L 168 -17.95 1.09 -33.28
C ILE L 168 -18.14 -0.36 -33.72
N PRO L 169 -17.27 -0.87 -34.62
CA PRO L 169 -17.42 -2.25 -35.07
C PRO L 169 -17.01 -3.25 -33.98
N VAL L 170 -17.70 -4.39 -33.92
CA VAL L 170 -17.41 -5.43 -32.95
C VAL L 170 -17.27 -6.76 -33.68
N PHE L 171 -16.18 -7.48 -33.42
CA PHE L 171 -15.94 -8.76 -34.07
C PHE L 171 -15.47 -9.83 -33.10
N ALA L 172 -15.62 -11.07 -33.53
CA ALA L 172 -15.15 -12.21 -32.75
C ALA L 172 -14.37 -13.06 -33.74
N ILE L 173 -13.15 -13.42 -33.37
CA ILE L 173 -12.30 -14.28 -34.20
C ILE L 173 -12.22 -15.57 -33.40
N GLY L 174 -12.74 -16.65 -33.96
CA GLY L 174 -12.74 -17.92 -33.27
C GLY L 174 -11.77 -18.90 -33.89
N PRO L 175 -10.56 -19.00 -33.35
CA PRO L 175 -9.60 -19.92 -33.94
C PRO L 175 -9.65 -21.33 -33.38
N ASN L 176 -8.91 -22.20 -34.06
CA ASN L 176 -8.72 -23.56 -33.63
C ASN L 176 -7.49 -23.99 -34.42
N TYR L 177 -6.64 -24.78 -33.78
CA TYR L 177 -5.40 -25.24 -34.38
C TYR L 177 -4.49 -24.07 -34.73
N LEU L 178 -4.55 -23.04 -33.91
CA LEU L 178 -3.71 -21.86 -34.08
C LEU L 178 -2.39 -22.15 -33.37
N HIS L 179 -1.30 -22.18 -34.13
CA HIS L 179 0.03 -22.43 -33.55
C HIS L 179 0.31 -21.37 -32.49
N SER L 180 0.48 -21.81 -31.24
CA SER L 180 0.75 -20.87 -30.15
C SER L 180 2.22 -20.83 -29.71
N GLU L 181 3.07 -21.56 -30.44
CA GLU L 181 4.50 -21.58 -30.19
C GLU L 181 4.95 -22.03 -28.79
N ASP L 182 5.44 -21.10 -27.98
CA ASP L 182 5.90 -21.44 -26.63
C ASP L 182 4.77 -21.48 -25.62
N SER L 183 3.62 -20.90 -25.98
CA SER L 183 2.47 -20.87 -25.07
C SER L 183 1.68 -22.18 -25.10
N PRO L 184 1.25 -22.65 -23.91
CA PRO L 184 0.48 -23.89 -23.86
C PRO L 184 -0.99 -23.66 -24.26
N TYR L 185 -1.35 -22.41 -24.55
CA TYR L 185 -2.72 -22.07 -24.95
C TYR L 185 -2.74 -21.75 -26.45
N PHE L 186 -3.09 -22.71 -27.31
CA PHE L 186 -3.46 -24.07 -26.91
C PHE L 186 -2.80 -25.09 -27.84
N TYR L 187 -1.94 -24.62 -28.73
CA TYR L 187 -1.26 -25.51 -29.68
C TYR L 187 0.23 -25.18 -29.77
N PRO L 188 1.00 -25.51 -28.71
CA PRO L 188 2.44 -25.25 -28.68
C PRO L 188 3.22 -26.11 -29.67
N THR L 189 4.37 -25.58 -30.10
CA THR L 189 5.22 -26.27 -31.06
C THR L 189 5.39 -27.73 -30.66
N GLU L 190 5.64 -27.96 -29.38
CA GLU L 190 5.78 -29.31 -28.85
C GLU L 190 4.41 -29.55 -28.22
N PRO L 191 3.67 -30.57 -28.66
CA PRO L 191 3.99 -31.53 -29.71
C PRO L 191 3.28 -31.38 -31.06
N TRP L 192 2.52 -30.30 -31.24
CA TRP L 192 1.75 -30.13 -32.48
C TRP L 192 2.52 -29.97 -33.78
N LYS L 193 3.78 -29.58 -33.69
CA LYS L 193 4.59 -29.42 -34.90
C LYS L 193 5.70 -30.45 -34.90
N THR L 194 5.87 -31.14 -33.77
CA THR L 194 6.94 -32.12 -33.64
C THR L 194 6.51 -33.59 -33.62
N ASN L 195 5.50 -33.92 -32.82
CA ASN L 195 5.04 -35.31 -32.73
C ASN L 195 4.22 -35.76 -33.93
N PRO L 196 4.66 -36.82 -34.62
CA PRO L 196 3.99 -37.40 -35.79
C PRO L 196 2.49 -37.59 -35.65
N GLU L 197 2.06 -38.09 -34.48
CA GLU L 197 0.64 -38.32 -34.25
C GLU L 197 -0.16 -37.03 -34.29
N HIS L 198 0.38 -35.98 -33.69
CA HIS L 198 -0.30 -34.68 -33.67
C HIS L 198 -0.24 -34.04 -35.04
N VAL L 199 0.89 -34.19 -35.72
CA VAL L 199 1.05 -33.63 -37.05
C VAL L 199 0.03 -34.26 -38.00
N ALA L 200 -0.19 -35.56 -37.86
CA ALA L 200 -1.14 -36.27 -38.71
C ALA L 200 -2.58 -35.87 -38.40
N HIS L 201 -2.88 -35.59 -37.12
CA HIS L 201 -4.21 -35.18 -36.71
C HIS L 201 -4.59 -33.88 -37.42
N VAL L 202 -3.71 -32.89 -37.29
CA VAL L 202 -3.92 -31.58 -37.90
C VAL L 202 -4.10 -31.72 -39.41
N LYS L 203 -3.35 -32.64 -40.01
CA LYS L 203 -3.44 -32.89 -41.44
C LYS L 203 -4.82 -33.39 -41.86
N LYS L 204 -5.41 -34.22 -41.01
CA LYS L 204 -6.72 -34.80 -41.26
C LYS L 204 -7.90 -33.87 -40.99
N VAL L 205 -7.85 -33.17 -39.87
CA VAL L 205 -8.95 -32.31 -39.42
C VAL L 205 -9.10 -30.93 -40.03
N THR L 206 -8.07 -30.42 -40.69
CA THR L 206 -8.17 -29.10 -41.31
C THR L 206 -8.11 -29.24 -42.83
N ALA L 207 -8.77 -28.33 -43.54
CA ALA L 207 -8.77 -28.38 -44.99
C ALA L 207 -7.40 -28.03 -45.55
N LEU L 208 -6.73 -27.05 -44.93
CA LEU L 208 -5.41 -26.64 -45.40
C LEU L 208 -4.29 -27.56 -44.89
N GLN L 209 -4.67 -28.53 -44.05
CA GLN L 209 -3.74 -29.51 -43.49
C GLN L 209 -2.51 -28.92 -42.78
N ARG L 210 -2.75 -27.99 -41.87
CA ARG L 210 -1.67 -27.34 -41.12
C ARG L 210 -2.26 -26.49 -40.01
N LEU L 211 -1.40 -26.04 -39.10
CA LEU L 211 -1.83 -25.18 -38.01
C LEU L 211 -1.90 -23.77 -38.59
N GLY L 212 -2.70 -22.91 -37.97
CA GLY L 212 -2.77 -21.53 -38.41
C GLY L 212 -1.59 -20.83 -37.78
N THR L 213 -1.17 -19.69 -38.32
CA THR L 213 -0.03 -18.98 -37.76
C THR L 213 -0.40 -17.70 -37.02
N GLN L 214 0.47 -17.27 -36.11
CA GLN L 214 0.22 -16.03 -35.37
C GLN L 214 0.16 -14.87 -36.35
N LYS L 215 0.93 -14.98 -37.43
CA LYS L 215 0.96 -13.93 -38.46
C LYS L 215 -0.42 -13.75 -39.09
N GLU L 216 -1.08 -14.86 -39.41
CA GLU L 216 -2.40 -14.81 -40.03
C GLU L 216 -3.42 -14.20 -39.07
N LEU L 217 -3.38 -14.62 -37.81
CA LEU L 217 -4.30 -14.06 -36.82
C LEU L 217 -4.03 -12.57 -36.69
N GLY L 218 -2.75 -12.22 -36.56
CA GLY L 218 -2.38 -10.82 -36.43
C GLY L 218 -2.78 -9.97 -37.62
N GLU L 219 -2.64 -10.52 -38.83
CA GLU L 219 -3.01 -9.79 -40.03
C GLU L 219 -4.51 -9.50 -40.02
N LEU L 220 -5.30 -10.46 -39.54
CA LEU L 220 -6.76 -10.26 -39.49
C LEU L 220 -7.09 -9.19 -38.46
N VAL L 221 -6.45 -9.27 -37.29
CA VAL L 221 -6.70 -8.29 -36.23
C VAL L 221 -6.39 -6.88 -36.69
N ALA L 222 -5.21 -6.68 -37.31
CA ALA L 222 -4.81 -5.36 -37.78
C ALA L 222 -5.73 -4.86 -38.90
N PHE L 223 -6.17 -5.77 -39.76
CA PHE L 223 -7.07 -5.41 -40.85
C PHE L 223 -8.38 -4.89 -40.27
N LEU L 224 -8.96 -5.64 -39.34
CA LEU L 224 -10.22 -5.24 -38.73
C LEU L 224 -10.08 -3.92 -37.94
N ALA L 225 -8.97 -3.76 -37.23
CA ALA L 225 -8.74 -2.55 -36.44
C ALA L 225 -8.31 -1.35 -37.26
N SER L 226 -8.02 -1.55 -38.54
CA SER L 226 -7.58 -0.46 -39.40
C SER L 226 -8.70 0.48 -39.83
N GLY L 227 -9.94 -0.03 -39.80
CA GLY L 227 -11.06 0.78 -40.21
C GLY L 227 -11.26 0.67 -41.69
N SER L 228 -10.63 -0.33 -42.30
CA SER L 228 -10.74 -0.55 -43.74
C SER L 228 -12.01 -1.32 -44.09
N CYS L 229 -12.58 -2.05 -43.13
CA CYS L 229 -13.79 -2.80 -43.41
C CYS L 229 -14.70 -2.91 -42.19
N ASP L 230 -15.18 -1.77 -41.71
CA ASP L 230 -16.06 -1.73 -40.56
C ASP L 230 -17.40 -2.37 -40.86
N TYR L 231 -17.78 -2.40 -42.15
CA TYR L 231 -19.07 -2.95 -42.53
C TYR L 231 -19.24 -4.45 -42.21
N LEU L 232 -18.16 -5.08 -41.75
CA LEU L 232 -18.18 -6.50 -41.37
C LEU L 232 -18.60 -6.63 -39.90
N THR L 233 -18.89 -5.50 -39.25
CA THR L 233 -19.26 -5.54 -37.84
C THR L 233 -20.29 -6.62 -37.52
N GLY L 234 -20.08 -7.31 -36.39
CA GLY L 234 -20.96 -8.37 -35.96
C GLY L 234 -20.50 -9.75 -36.41
N GLN L 235 -19.51 -9.76 -37.28
CA GLN L 235 -18.98 -11.00 -37.83
C GLN L 235 -18.20 -11.86 -36.84
N VAL L 236 -18.44 -13.17 -36.92
CA VAL L 236 -17.70 -14.14 -36.13
C VAL L 236 -16.87 -14.85 -37.21
N PHE L 237 -15.56 -14.69 -37.12
CA PHE L 237 -14.62 -15.27 -38.08
C PHE L 237 -14.15 -16.63 -37.59
N TRP L 238 -14.31 -17.67 -38.40
CA TRP L 238 -13.85 -19.00 -38.02
C TRP L 238 -12.44 -19.16 -38.62
N LEU L 239 -11.44 -18.89 -37.79
CA LEU L 239 -10.03 -18.97 -38.18
C LEU L 239 -9.55 -20.38 -37.86
N ALA L 240 -10.03 -21.37 -38.60
CA ALA L 240 -9.67 -22.75 -38.32
C ALA L 240 -9.21 -23.58 -39.52
N GLY L 241 -8.74 -22.91 -40.55
CA GLY L 241 -8.23 -23.60 -41.73
C GLY L 241 -9.12 -24.62 -42.42
N GLY L 242 -10.42 -24.40 -42.39
CA GLY L 242 -11.31 -25.35 -43.04
C GLY L 242 -11.85 -26.39 -42.11
N PHE L 243 -11.44 -26.35 -40.85
CA PHE L 243 -11.93 -27.28 -39.85
C PHE L 243 -13.41 -26.91 -39.67
N PRO L 244 -14.28 -27.90 -39.41
CA PRO L 244 -13.98 -29.32 -39.29
C PRO L 244 -14.11 -30.09 -40.61
N MET L 245 -13.23 -31.07 -40.79
CA MET L 245 -13.28 -31.92 -41.97
C MET L 245 -14.11 -33.11 -41.53
N ILE L 246 -15.16 -33.41 -42.27
CA ILE L 246 -16.04 -34.51 -41.88
C ILE L 246 -15.64 -35.87 -42.47
N GLU L 247 -15.60 -36.87 -41.60
CA GLU L 247 -15.25 -38.23 -41.98
C GLU L 247 -16.12 -38.72 -43.13
N ARG L 248 -15.50 -39.17 -44.22
CA ARG L 248 -16.26 -39.66 -45.36
C ARG L 248 -16.49 -41.16 -45.29
N TRP L 249 -17.40 -41.63 -46.14
CA TRP L 249 -17.75 -43.04 -46.20
C TRP L 249 -16.58 -43.99 -46.42
N PRO L 250 -16.76 -45.26 -46.01
CA PRO L 250 -15.71 -46.28 -46.17
C PRO L 250 -15.36 -46.42 -47.65
N GLY L 251 -14.07 -46.61 -47.94
CA GLY L 251 -13.64 -46.78 -49.31
C GLY L 251 -13.13 -45.50 -49.96
N MET L 252 -13.43 -44.35 -49.37
CA MET L 252 -12.99 -43.08 -49.94
C MET L 252 -11.67 -42.62 -49.34
N PRO L 253 -10.79 -42.04 -50.18
CA PRO L 253 -9.47 -41.55 -49.75
C PRO L 253 -9.56 -40.54 -48.60
N SER M 2 11.61 5.69 -60.70
CA SER M 2 10.71 4.99 -59.74
C SER M 2 10.85 5.56 -58.33
N THR M 3 10.29 4.85 -57.36
CA THR M 3 10.36 5.30 -55.97
C THR M 3 11.24 4.36 -55.14
N ALA M 4 12.26 4.95 -54.51
CA ALA M 4 13.19 4.16 -53.70
C ALA M 4 13.27 4.67 -52.26
N ILE M 5 13.71 3.77 -51.37
CA ILE M 5 13.89 4.06 -49.96
C ILE M 5 15.32 3.74 -49.58
N VAL M 6 16.01 4.71 -48.96
CA VAL M 6 17.38 4.55 -48.50
C VAL M 6 17.35 4.86 -47.00
N THR M 7 17.70 3.88 -46.17
CA THR M 7 17.68 4.06 -44.72
C THR M 7 19.00 4.63 -44.19
N ASN M 8 18.96 5.19 -42.99
CA ASN M 8 20.16 5.77 -42.36
C ASN M 8 20.94 6.57 -43.38
N VAL M 9 20.23 7.36 -44.17
CA VAL M 9 20.82 8.14 -45.24
C VAL M 9 22.04 9.00 -44.92
N LYS M 10 22.14 9.46 -43.67
CA LYS M 10 23.28 10.29 -43.29
C LYS M 10 24.54 9.49 -42.97
N HIS M 11 24.41 8.16 -42.94
CA HIS M 11 25.54 7.32 -42.59
C HIS M 11 25.84 6.20 -43.58
N PHE M 12 27.03 5.63 -43.43
CA PHE M 12 27.46 4.51 -44.26
C PHE M 12 27.33 4.80 -45.76
N GLY M 13 26.54 4.00 -46.46
CA GLY M 13 26.38 4.21 -47.90
C GLY M 13 25.10 4.97 -48.24
N GLY M 14 24.59 5.72 -47.27
CA GLY M 14 23.36 6.46 -47.48
C GLY M 14 23.36 7.55 -48.52
N MET M 15 24.23 8.54 -48.36
CA MET M 15 24.29 9.66 -49.29
C MET M 15 24.73 9.25 -50.70
N GLY M 16 25.62 8.26 -50.78
CA GLY M 16 26.07 7.81 -52.09
C GLY M 16 24.92 7.16 -52.83
N SER M 17 24.15 6.34 -52.11
CA SER M 17 23.00 5.65 -52.69
C SER M 17 21.87 6.59 -53.04
N ALA M 18 21.37 7.31 -52.04
CA ALA M 18 20.27 8.24 -52.20
C ALA M 18 20.49 9.26 -53.32
N LEU M 19 21.61 9.97 -53.28
CA LEU M 19 21.91 10.97 -54.29
C LEU M 19 22.07 10.43 -55.72
N ARG M 20 22.77 9.32 -55.89
CA ARG M 20 22.93 8.77 -57.24
C ARG M 20 21.58 8.31 -57.78
N LEU M 21 20.78 7.66 -56.93
CA LEU M 21 19.46 7.20 -57.32
C LEU M 21 18.66 8.44 -57.70
N SER M 22 18.86 9.51 -56.93
CA SER M 22 18.17 10.77 -57.17
C SER M 22 18.59 11.37 -58.51
N GLU M 23 19.90 11.39 -58.76
CA GLU M 23 20.43 11.95 -60.00
C GLU M 23 19.89 11.18 -61.20
N ALA M 24 19.50 9.94 -60.95
CA ALA M 24 18.97 9.08 -62.01
C ALA M 24 17.50 9.37 -62.32
N GLY M 25 16.89 10.27 -61.55
CA GLY M 25 15.50 10.61 -61.78
C GLY M 25 14.49 9.89 -60.88
N HIS M 26 14.99 9.11 -59.93
CA HIS M 26 14.11 8.38 -59.01
C HIS M 26 13.64 9.28 -57.87
N THR M 27 12.48 8.95 -57.31
CA THR M 27 11.96 9.68 -56.17
C THR M 27 12.57 8.91 -54.99
N VAL M 28 13.48 9.56 -54.28
CA VAL M 28 14.16 8.89 -53.18
C VAL M 28 13.73 9.35 -51.79
N ALA M 29 12.95 8.49 -51.13
CA ALA M 29 12.48 8.73 -49.77
C ALA M 29 13.61 8.30 -48.84
N CYS M 30 13.97 9.15 -47.88
CA CYS M 30 15.07 8.85 -46.99
C CYS M 30 14.71 8.75 -45.50
N HIS M 31 15.34 7.79 -44.83
CA HIS M 31 15.13 7.56 -43.41
C HIS M 31 16.44 7.79 -42.68
N ASP M 32 16.35 8.23 -41.43
CA ASP M 32 17.51 8.44 -40.60
C ASP M 32 17.05 8.74 -39.19
N GLU M 33 17.75 8.20 -38.21
CA GLU M 33 17.39 8.41 -36.81
C GLU M 33 17.21 9.89 -36.52
N SER M 34 18.07 10.72 -37.09
CA SER M 34 18.02 12.16 -36.86
C SER M 34 16.70 12.78 -37.33
N PHE M 35 16.04 12.12 -38.28
CA PHE M 35 14.77 12.63 -38.81
C PHE M 35 13.62 12.55 -37.82
N LYS M 36 13.92 12.11 -36.61
CA LYS M 36 12.89 12.03 -35.59
C LYS M 36 12.54 13.48 -35.22
N GLN M 37 13.57 14.32 -35.15
CA GLN M 37 13.41 15.73 -34.82
C GLN M 37 12.94 16.51 -36.04
N LYS M 38 11.86 17.27 -35.86
CA LYS M 38 11.31 18.08 -36.95
C LYS M 38 12.38 19.01 -37.51
N ASP M 39 13.16 19.61 -36.62
CA ASP M 39 14.22 20.53 -37.02
C ASP M 39 15.21 19.85 -37.97
N GLU M 40 15.62 18.64 -37.61
CA GLU M 40 16.57 17.86 -38.40
C GLU M 40 16.02 17.51 -39.78
N LEU M 41 14.80 17.01 -39.83
CA LEU M 41 14.17 16.64 -41.08
C LEU M 41 13.99 17.85 -42.00
N GLU M 42 13.64 18.99 -41.43
CA GLU M 42 13.44 20.21 -42.21
C GLU M 42 14.74 20.72 -42.80
N ALA M 43 15.80 20.70 -42.01
CA ALA M 43 17.10 21.16 -42.46
C ALA M 43 17.56 20.28 -43.62
N PHE M 44 17.22 19.00 -43.54
CA PHE M 44 17.61 18.05 -44.58
C PHE M 44 16.76 18.23 -45.84
N ALA M 45 15.47 18.50 -45.64
CA ALA M 45 14.55 18.69 -46.75
C ALA M 45 14.93 19.93 -47.54
N GLU M 46 15.41 20.94 -46.83
CA GLU M 46 15.81 22.20 -47.45
C GLU M 46 17.16 22.06 -48.17
N THR M 47 18.09 21.32 -47.57
CA THR M 47 19.41 21.13 -48.17
C THR M 47 19.32 20.20 -49.38
N TYR M 48 18.41 19.23 -49.33
CA TYR M 48 18.26 18.30 -50.44
C TYR M 48 16.83 18.21 -50.95
N PRO M 49 16.43 19.17 -51.80
CA PRO M 49 15.07 19.15 -52.35
C PRO M 49 14.88 17.95 -53.27
N GLN M 50 15.99 17.37 -53.73
CA GLN M 50 15.94 16.22 -54.62
C GLN M 50 15.71 14.92 -53.85
N LEU M 51 15.58 15.02 -52.53
CA LEU M 51 15.35 13.86 -51.69
C LEU M 51 14.10 14.10 -50.86
N LYS M 52 13.48 13.02 -50.39
CA LYS M 52 12.28 13.12 -49.58
C LYS M 52 12.45 12.50 -48.19
N PRO M 53 13.04 13.24 -47.25
CA PRO M 53 13.25 12.70 -45.89
C PRO M 53 11.92 12.37 -45.21
N MET M 54 11.85 11.19 -44.61
CA MET M 54 10.66 10.73 -43.90
C MET M 54 10.94 10.76 -42.41
N SER M 55 9.92 10.99 -41.60
CA SER M 55 10.11 11.03 -40.15
C SER M 55 9.99 9.64 -39.54
N GLU M 56 9.22 8.77 -40.19
CA GLU M 56 9.02 7.41 -39.71
C GLU M 56 10.35 6.72 -39.39
N GLN M 57 10.33 5.94 -38.31
CA GLN M 57 11.53 5.24 -37.84
C GLN M 57 11.41 3.71 -37.93
N GLU M 58 10.21 3.19 -37.71
CA GLU M 58 10.01 1.74 -37.75
C GLU M 58 9.82 1.22 -39.17
N PRO M 59 10.32 0.01 -39.44
CA PRO M 59 10.24 -0.66 -40.74
C PRO M 59 8.90 -0.56 -41.46
N ALA M 60 7.88 -1.25 -40.95
CA ALA M 60 6.56 -1.22 -41.58
C ALA M 60 6.00 0.20 -41.70
N GLU M 61 6.24 1.02 -40.68
CA GLU M 61 5.74 2.39 -40.69
C GLU M 61 6.37 3.20 -41.82
N LEU M 62 7.67 3.05 -41.98
CA LEU M 62 8.40 3.75 -43.04
C LEU M 62 7.85 3.36 -44.40
N ILE M 63 7.69 2.05 -44.60
CA ILE M 63 7.17 1.53 -45.86
C ILE M 63 5.80 2.10 -46.20
N GLU M 64 4.93 2.17 -45.20
CA GLU M 64 3.58 2.69 -45.41
C GLU M 64 3.59 4.18 -45.74
N ALA M 65 4.38 4.93 -45.00
CA ALA M 65 4.50 6.39 -45.20
C ALA M 65 4.93 6.72 -46.62
N VAL M 66 5.92 5.99 -47.12
CA VAL M 66 6.42 6.21 -48.46
C VAL M 66 5.39 5.79 -49.52
N THR M 67 4.81 4.60 -49.33
CA THR M 67 3.82 4.08 -50.27
C THR M 67 2.65 5.04 -50.43
N SER M 68 2.12 5.53 -49.30
CA SER M 68 1.00 6.47 -49.35
C SER M 68 1.42 7.78 -49.99
N ALA M 69 2.59 8.26 -49.58
CA ALA M 69 3.12 9.53 -50.08
C ALA M 69 3.54 9.54 -51.55
N TYR M 70 4.14 8.45 -52.02
CA TYR M 70 4.59 8.44 -53.41
C TYR M 70 4.08 7.30 -54.28
N GLY M 71 3.02 6.65 -53.84
CA GLY M 71 2.43 5.59 -54.62
C GLY M 71 2.86 4.17 -54.33
N GLN M 72 4.17 3.96 -54.24
CA GLN M 72 4.68 2.61 -53.99
C GLN M 72 6.17 2.64 -53.73
N VAL M 73 6.71 1.45 -53.44
CA VAL M 73 8.13 1.30 -53.19
C VAL M 73 8.67 0.33 -54.25
N ASP M 74 9.52 0.84 -55.12
CA ASP M 74 10.08 0.05 -56.19
C ASP M 74 11.44 -0.53 -55.83
N VAL M 75 12.23 0.25 -55.12
CA VAL M 75 13.57 -0.17 -54.73
C VAL M 75 13.83 0.06 -53.25
N LEU M 76 14.34 -0.96 -52.58
CA LEU M 76 14.65 -0.85 -51.17
C LEU M 76 16.15 -0.98 -50.96
N VAL M 77 16.76 0.04 -50.36
CA VAL M 77 18.19 0.02 -50.07
C VAL M 77 18.31 0.04 -48.55
N SER M 78 18.51 -1.14 -47.97
CA SER M 78 18.64 -1.24 -46.51
C SER M 78 20.09 -0.97 -46.14
N ASN M 79 20.36 0.29 -45.79
CA ASN M 79 21.68 0.79 -45.40
C ASN M 79 21.78 0.64 -43.89
N ASP M 80 22.02 -0.60 -43.45
CA ASP M 80 22.08 -0.90 -42.02
C ASP M 80 23.39 -0.58 -41.32
N ILE M 81 23.26 -0.04 -40.11
CA ILE M 81 24.43 0.32 -39.32
C ILE M 81 24.31 -0.10 -37.86
N PHE M 82 25.43 -0.09 -37.17
CA PHE M 82 25.49 -0.45 -35.77
C PHE M 82 26.86 -0.01 -35.25
N ALA M 83 26.92 0.36 -33.98
CA ALA M 83 28.17 0.79 -33.39
C ALA M 83 28.66 -0.29 -32.43
N PRO M 84 29.51 -1.20 -32.93
CA PRO M 84 30.03 -2.29 -32.10
C PRO M 84 31.38 -1.94 -31.48
N GLU M 85 31.67 -2.58 -30.35
CA GLU M 85 32.93 -2.39 -29.68
C GLU M 85 33.72 -3.64 -30.02
N PHE M 86 35.04 -3.50 -30.16
CA PHE M 86 35.89 -4.66 -30.41
C PHE M 86 36.07 -5.24 -29.01
N GLN M 87 36.00 -6.56 -28.87
CA GLN M 87 36.18 -7.16 -27.55
C GLN M 87 36.23 -8.67 -27.52
N PRO M 88 37.04 -9.23 -26.61
CA PRO M 88 37.16 -10.67 -26.48
C PRO M 88 35.76 -11.19 -26.24
N ILE M 89 35.48 -12.38 -26.75
CA ILE M 89 34.15 -12.98 -26.62
C ILE M 89 33.62 -13.04 -25.18
N ASP M 90 34.50 -13.24 -24.21
CA ASP M 90 34.06 -13.31 -22.81
C ASP M 90 33.80 -11.94 -22.20
N LYS M 91 34.25 -10.89 -22.88
CA LYS M 91 34.06 -9.53 -22.38
C LYS M 91 32.77 -8.87 -22.87
N TYR M 92 32.20 -9.41 -23.94
CA TYR M 92 30.94 -8.89 -24.47
C TYR M 92 29.86 -9.31 -23.49
N ALA M 93 28.71 -8.63 -23.57
CA ALA M 93 27.55 -8.99 -22.77
C ALA M 93 26.71 -9.66 -23.86
N VAL M 94 25.80 -10.55 -23.49
CA VAL M 94 25.00 -11.19 -24.52
C VAL M 94 24.14 -10.14 -25.23
N GLU M 95 23.82 -9.07 -24.51
CA GLU M 95 23.02 -7.99 -25.06
C GLU M 95 23.76 -7.28 -26.18
N ASP M 96 25.08 -7.35 -26.18
CA ASP M 96 25.87 -6.71 -27.22
C ASP M 96 25.67 -7.44 -28.54
N TYR M 97 25.44 -8.75 -28.47
CA TYR M 97 25.21 -9.53 -29.67
C TYR M 97 23.77 -9.30 -30.12
N ARG M 98 22.84 -9.29 -29.18
CA ARG M 98 21.44 -9.05 -29.53
C ARG M 98 21.30 -7.69 -30.21
N GLY M 99 22.07 -6.71 -29.74
CA GLY M 99 22.02 -5.38 -30.33
C GLY M 99 22.49 -5.38 -31.78
N ALA M 100 23.61 -6.06 -32.03
CA ALA M 100 24.16 -6.16 -33.37
C ALA M 100 23.18 -6.88 -34.29
N VAL M 101 22.67 -8.01 -33.83
CA VAL M 101 21.72 -8.78 -34.63
C VAL M 101 20.46 -7.98 -34.92
N GLU M 102 19.94 -7.30 -33.92
CA GLU M 102 18.74 -6.50 -34.08
C GLU M 102 18.92 -5.43 -35.16
N ALA M 103 20.04 -4.73 -35.12
CA ALA M 103 20.33 -3.67 -36.08
C ALA M 103 20.80 -4.14 -37.45
N LEU M 104 21.51 -5.26 -37.49
CA LEU M 104 22.07 -5.74 -38.76
C LEU M 104 21.36 -6.90 -39.46
N GLN M 105 20.47 -7.61 -38.76
CA GLN M 105 19.75 -8.71 -39.38
C GLN M 105 18.24 -8.49 -39.33
N ILE M 106 17.73 -8.29 -38.12
CA ILE M 106 16.29 -8.09 -37.95
C ILE M 106 15.77 -6.85 -38.70
N ARG M 107 16.52 -5.76 -38.70
CA ARG M 107 16.07 -4.55 -39.38
C ARG M 107 15.87 -4.81 -40.89
N PRO M 108 16.92 -5.28 -41.60
CA PRO M 108 16.68 -5.52 -43.02
C PRO M 108 15.59 -6.56 -43.28
N PHE M 109 15.50 -7.56 -42.41
CA PHE M 109 14.48 -8.59 -42.56
C PHE M 109 13.09 -7.96 -42.43
N ALA M 110 12.94 -7.08 -41.46
CA ALA M 110 11.68 -6.40 -41.22
C ALA M 110 11.26 -5.53 -42.40
N LEU M 111 12.22 -4.81 -42.99
CA LEU M 111 11.91 -3.96 -44.14
C LEU M 111 11.40 -4.82 -45.29
N VAL M 112 12.11 -5.90 -45.61
CA VAL M 112 11.71 -6.80 -46.69
C VAL M 112 10.37 -7.46 -46.34
N ASN M 113 10.20 -7.80 -45.07
CA ASN M 113 8.96 -8.45 -44.63
C ASN M 113 7.75 -7.55 -44.85
N ALA M 114 7.97 -6.25 -44.81
CA ALA M 114 6.88 -5.29 -44.98
C ALA M 114 6.66 -4.81 -46.42
N VAL M 115 7.62 -5.00 -47.31
CA VAL M 115 7.46 -4.54 -48.68
C VAL M 115 7.32 -5.64 -49.73
N ALA M 116 7.70 -6.87 -49.37
CA ALA M 116 7.63 -7.99 -50.31
C ALA M 116 6.25 -8.20 -50.89
N SER M 117 5.22 -7.94 -50.09
CA SER M 117 3.84 -8.12 -50.55
C SER M 117 3.54 -7.28 -51.78
N GLN M 118 3.79 -5.97 -51.71
CA GLN M 118 3.48 -5.12 -52.86
C GLN M 118 4.34 -5.45 -54.09
N MET M 119 5.62 -5.78 -53.86
CA MET M 119 6.48 -6.12 -54.98
C MET M 119 6.08 -7.42 -55.67
N LYS M 120 5.68 -8.41 -54.89
CA LYS M 120 5.30 -9.70 -55.45
C LYS M 120 4.00 -9.68 -56.24
N LYS M 121 3.06 -8.82 -55.83
CA LYS M 121 1.80 -8.72 -56.54
C LYS M 121 2.00 -8.07 -57.91
N ARG M 122 2.86 -7.05 -57.99
CA ARG M 122 3.17 -6.37 -59.26
C ARG M 122 4.22 -7.16 -60.05
N LYS M 123 4.90 -8.06 -59.36
CA LYS M 123 5.98 -8.84 -59.98
C LYS M 123 7.09 -7.90 -60.48
N SER M 124 7.44 -6.93 -59.66
CA SER M 124 8.51 -5.99 -59.99
C SER M 124 9.04 -5.31 -58.73
N GLY M 125 10.36 -5.19 -58.67
CA GLY M 125 10.99 -4.55 -57.52
C GLY M 125 12.43 -4.98 -57.38
N HIS M 126 13.21 -4.21 -56.62
CA HIS M 126 14.61 -4.51 -56.39
C HIS M 126 14.95 -4.36 -54.90
N ILE M 127 15.65 -5.34 -54.34
CA ILE M 127 16.03 -5.29 -52.92
C ILE M 127 17.55 -5.27 -52.82
N ILE M 128 18.08 -4.31 -52.08
CA ILE M 128 19.53 -4.18 -51.90
C ILE M 128 19.88 -3.99 -50.42
N PHE M 129 20.69 -4.90 -49.89
CA PHE M 129 21.14 -4.79 -48.50
C PHE M 129 22.57 -4.27 -48.54
N ILE M 130 22.87 -3.27 -47.70
CA ILE M 130 24.24 -2.80 -47.63
C ILE M 130 24.69 -3.45 -46.34
N THR M 131 25.53 -4.47 -46.48
CA THR M 131 26.02 -5.21 -45.34
C THR M 131 27.45 -4.86 -44.98
N SER M 132 28.34 -5.83 -45.07
CA SER M 132 29.74 -5.62 -44.73
C SER M 132 30.63 -6.70 -45.34
N ALA M 133 31.88 -6.36 -45.58
CA ALA M 133 32.84 -7.32 -46.14
C ALA M 133 33.63 -8.00 -45.01
N THR M 134 33.32 -7.67 -43.76
CA THR M 134 34.03 -8.28 -42.63
C THR M 134 33.90 -9.81 -42.61
N PRO M 135 32.74 -10.34 -43.02
CA PRO M 135 32.59 -11.80 -43.01
C PRO M 135 33.60 -12.45 -43.95
N PHE M 136 33.95 -11.76 -45.02
CA PHE M 136 34.90 -12.32 -45.98
C PHE M 136 36.29 -12.42 -45.38
N GLY M 137 36.59 -11.55 -44.44
CA GLY M 137 37.89 -11.56 -43.79
C GLY M 137 37.77 -10.98 -42.39
N PRO M 138 37.30 -11.78 -41.42
CA PRO M 138 37.12 -11.36 -40.02
C PRO M 138 38.37 -10.89 -39.28
N TRP M 139 38.20 -9.83 -38.49
CA TRP M 139 39.29 -9.32 -37.66
C TRP M 139 39.00 -10.00 -36.33
N LYS M 140 40.01 -10.22 -35.51
CA LYS M 140 39.73 -10.84 -34.22
C LYS M 140 39.08 -9.82 -33.30
N GLU M 141 38.24 -10.30 -32.40
CA GLU M 141 37.54 -9.46 -31.42
C GLU M 141 36.42 -8.56 -31.94
N LEU M 142 35.74 -9.00 -33.01
CA LEU M 142 34.62 -8.25 -33.57
C LEU M 142 33.60 -9.31 -34.00
N SER M 143 33.44 -10.32 -33.15
CA SER M 143 32.54 -11.43 -33.43
C SER M 143 31.05 -11.12 -33.53
N THR M 144 30.56 -10.15 -32.77
CA THR M 144 29.14 -9.81 -32.82
C THR M 144 28.77 -9.19 -34.16
N TYR M 145 29.45 -8.11 -34.50
CA TYR M 145 29.22 -7.39 -35.75
C TYR M 145 29.44 -8.24 -36.99
N THR M 146 30.59 -8.91 -37.04
CA THR M 146 30.93 -9.74 -38.19
C THR M 146 29.92 -10.86 -38.46
N SER M 147 29.53 -11.62 -37.43
CA SER M 147 28.58 -12.71 -37.65
C SER M 147 27.18 -12.21 -37.99
N ALA M 148 26.79 -11.05 -37.47
CA ALA M 148 25.47 -10.50 -37.77
C ALA M 148 25.45 -10.09 -39.23
N ARG M 149 26.53 -9.50 -39.72
CA ARG M 149 26.61 -9.09 -41.12
C ARG M 149 26.55 -10.32 -42.05
N ALA M 150 27.14 -11.42 -41.61
CA ALA M 150 27.11 -12.63 -42.41
C ALA M 150 25.66 -13.11 -42.51
N GLY M 151 24.93 -13.01 -41.41
CA GLY M 151 23.53 -13.42 -41.42
C GLY M 151 22.75 -12.61 -42.44
N ALA M 152 23.04 -11.32 -42.53
CA ALA M 152 22.33 -10.45 -43.47
C ALA M 152 22.71 -10.80 -44.91
N CYS M 153 23.99 -11.10 -45.13
CA CYS M 153 24.44 -11.47 -46.48
C CYS M 153 23.72 -12.72 -46.96
N THR M 154 23.61 -13.72 -46.10
CA THR M 154 22.94 -14.96 -46.47
C THR M 154 21.45 -14.74 -46.62
N LEU M 155 20.92 -13.82 -45.81
CA LEU M 155 19.49 -13.51 -45.88
C LEU M 155 19.18 -13.05 -47.30
N ALA M 156 20.00 -12.13 -47.81
CA ALA M 156 19.81 -11.62 -49.18
C ALA M 156 19.86 -12.74 -50.21
N ASN M 157 20.89 -13.59 -50.13
CA ASN M 157 21.01 -14.68 -51.08
C ASN M 157 19.82 -15.64 -51.00
N ALA M 158 19.39 -15.96 -49.78
CA ALA M 158 18.26 -16.86 -49.62
C ALA M 158 17.00 -16.22 -50.19
N LEU M 159 16.85 -14.92 -50.00
CA LEU M 159 15.67 -14.21 -50.51
C LEU M 159 15.61 -14.21 -52.04
N SER M 160 16.76 -14.11 -52.69
CA SER M 160 16.81 -14.10 -54.15
C SER M 160 16.17 -15.38 -54.70
N LYS M 161 16.34 -16.49 -53.99
CA LYS M 161 15.79 -17.77 -54.43
C LYS M 161 14.27 -17.77 -54.56
N GLU M 162 13.58 -17.12 -53.62
CA GLU M 162 12.13 -17.09 -53.67
C GLU M 162 11.53 -15.89 -54.40
N LEU M 163 12.20 -14.75 -54.37
CA LEU M 163 11.67 -13.57 -55.03
C LEU M 163 11.91 -13.55 -56.54
N GLY M 164 12.83 -14.37 -57.01
CA GLY M 164 13.13 -14.42 -58.43
C GLY M 164 11.91 -14.86 -59.24
N GLU M 165 11.08 -15.71 -58.64
CA GLU M 165 9.88 -16.23 -59.28
C GLU M 165 8.89 -15.10 -59.54
N TYR M 166 9.09 -13.99 -58.82
CA TYR M 166 8.24 -12.82 -58.93
C TYR M 166 9.00 -11.68 -59.60
N ASN M 167 10.09 -12.05 -60.28
CA ASN M 167 10.92 -11.09 -60.98
C ASN M 167 11.47 -10.01 -60.06
N ILE M 168 11.88 -10.41 -58.86
CA ILE M 168 12.43 -9.47 -57.90
C ILE M 168 13.87 -9.85 -57.56
N PRO M 169 14.84 -9.09 -58.10
CA PRO M 169 16.26 -9.38 -57.82
C PRO M 169 16.59 -8.90 -56.39
N VAL M 170 17.48 -9.63 -55.72
CA VAL M 170 17.89 -9.27 -54.37
C VAL M 170 19.42 -9.32 -54.33
N PHE M 171 20.03 -8.28 -53.81
CA PHE M 171 21.48 -8.22 -53.74
C PHE M 171 21.98 -7.79 -52.37
N ALA M 172 23.25 -8.06 -52.10
CA ALA M 172 23.88 -7.65 -50.87
C ALA M 172 25.21 -7.02 -51.28
N ILE M 173 25.46 -5.81 -50.79
CA ILE M 173 26.72 -5.12 -51.08
C ILE M 173 27.43 -5.02 -49.74
N GLY M 174 28.55 -5.71 -49.60
CA GLY M 174 29.30 -5.68 -48.36
C GLY M 174 30.55 -4.87 -48.53
N PRO M 175 30.54 -3.60 -48.09
CA PRO M 175 31.76 -2.80 -48.26
C PRO M 175 32.70 -2.86 -47.06
N ASN M 176 33.87 -2.27 -47.25
CA ASN M 176 34.85 -2.12 -46.18
C ASN M 176 35.76 -1.03 -46.69
N TYR M 177 36.25 -0.19 -45.79
CA TYR M 177 37.13 0.91 -46.15
C TYR M 177 36.41 1.86 -47.12
N LEU M 178 35.10 1.99 -46.92
CA LEU M 178 34.27 2.88 -47.71
C LEU M 178 34.31 4.25 -47.03
N HIS M 179 34.92 5.24 -47.70
CA HIS M 179 35.00 6.58 -47.13
C HIS M 179 33.61 7.05 -46.74
N SER M 180 33.40 7.34 -45.46
CA SER M 180 32.10 7.79 -44.97
C SER M 180 32.06 9.31 -44.73
N GLU M 181 33.15 9.99 -45.07
CA GLU M 181 33.24 11.44 -44.93
C GLU M 181 33.05 11.99 -43.52
N ASP M 182 31.88 12.53 -43.21
CA ASP M 182 31.64 13.09 -41.88
C ASP M 182 30.97 12.10 -40.94
N SER M 183 30.41 11.03 -41.51
CA SER M 183 29.74 10.00 -40.72
C SER M 183 30.77 9.11 -40.06
N PRO M 184 30.54 8.73 -38.78
CA PRO M 184 31.47 7.86 -38.05
C PRO M 184 31.33 6.40 -38.48
N TYR M 185 30.36 6.13 -39.34
CA TYR M 185 30.12 4.77 -39.85
C TYR M 185 30.58 4.69 -41.31
N PHE M 186 31.79 4.18 -41.56
CA PHE M 186 32.68 3.68 -40.53
C PHE M 186 34.10 4.16 -40.77
N TYR M 187 34.29 4.95 -41.83
CA TYR M 187 35.61 5.46 -42.17
C TYR M 187 35.60 6.94 -42.48
N PRO M 188 35.39 7.79 -41.46
CA PRO M 188 35.35 9.24 -41.63
C PRO M 188 36.68 9.84 -42.09
N THR M 189 36.59 11.00 -42.73
CA THR M 189 37.77 11.69 -43.23
C THR M 189 38.83 11.78 -42.14
N GLU M 190 38.39 12.04 -40.90
CA GLU M 190 39.33 12.10 -39.78
C GLU M 190 39.08 10.79 -39.04
N PRO M 191 40.12 9.96 -38.87
CA PRO M 191 41.51 10.15 -39.31
C PRO M 191 41.89 9.33 -40.54
N TRP M 192 40.91 8.68 -41.16
CA TRP M 192 41.20 7.82 -42.30
C TRP M 192 41.86 8.45 -43.52
N LYS M 193 41.70 9.76 -43.70
CA LYS M 193 42.34 10.41 -44.84
C LYS M 193 43.37 11.42 -44.36
N THR M 194 43.29 11.77 -43.09
CA THR M 194 44.20 12.75 -42.50
C THR M 194 45.42 12.21 -41.74
N ASN M 195 45.25 11.11 -41.03
CA ASN M 195 46.34 10.55 -40.24
C ASN M 195 47.25 9.59 -41.00
N PRO M 196 48.55 9.93 -41.10
CA PRO M 196 49.56 9.13 -41.80
C PRO M 196 49.49 7.64 -41.47
N GLU M 197 49.24 7.32 -40.20
CA GLU M 197 49.15 5.93 -39.77
C GLU M 197 47.95 5.21 -40.38
N HIS M 198 46.80 5.86 -40.39
CA HIS M 198 45.59 5.26 -40.97
C HIS M 198 45.70 5.20 -42.48
N VAL M 199 46.29 6.24 -43.08
CA VAL M 199 46.47 6.26 -44.52
C VAL M 199 47.38 5.12 -44.94
N ALA M 200 48.42 4.86 -44.14
CA ALA M 200 49.36 3.79 -44.42
C ALA M 200 48.65 2.45 -44.28
N HIS M 201 47.72 2.38 -43.33
CA HIS M 201 46.95 1.16 -43.08
C HIS M 201 46.13 0.80 -44.31
N VAL M 202 45.29 1.73 -44.74
CA VAL M 202 44.45 1.52 -45.90
C VAL M 202 45.32 1.13 -47.10
N LYS M 203 46.48 1.76 -47.20
CA LYS M 203 47.41 1.48 -48.30
C LYS M 203 47.89 0.03 -48.28
N LYS M 204 48.07 -0.49 -47.08
CA LYS M 204 48.57 -1.85 -46.88
C LYS M 204 47.52 -2.94 -47.05
N VAL M 205 46.32 -2.71 -46.51
CA VAL M 205 45.26 -3.72 -46.55
C VAL M 205 44.35 -3.80 -47.77
N THR M 206 44.37 -2.80 -48.64
CA THR M 206 43.54 -2.84 -49.85
C THR M 206 44.42 -2.98 -51.07
N ALA M 207 43.93 -3.67 -52.10
CA ALA M 207 44.74 -3.84 -53.31
C ALA M 207 44.84 -2.53 -54.09
N LEU M 208 43.78 -1.74 -54.06
CA LEU M 208 43.81 -0.46 -54.78
C LEU M 208 44.50 0.62 -53.95
N GLN M 209 44.92 0.24 -52.73
CA GLN M 209 45.63 1.13 -51.81
C GLN M 209 44.94 2.47 -51.57
N ARG M 210 43.65 2.43 -51.26
CA ARG M 210 42.87 3.64 -51.01
C ARG M 210 41.51 3.26 -50.45
N LEU M 211 40.77 4.26 -49.97
CA LEU M 211 39.43 4.04 -49.45
C LEU M 211 38.47 4.01 -50.65
N GLY M 212 37.30 3.39 -50.47
CA GLY M 212 36.32 3.34 -51.53
C GLY M 212 35.59 4.66 -51.46
N THR M 213 34.88 5.02 -52.54
CA THR M 213 34.17 6.30 -52.54
C THR M 213 32.66 6.12 -52.54
N GLN M 214 31.94 7.12 -52.04
CA GLN M 214 30.49 7.09 -52.02
C GLN M 214 29.96 7.01 -53.44
N LYS M 215 30.69 7.61 -54.37
CA LYS M 215 30.30 7.61 -55.77
C LYS M 215 30.28 6.18 -56.30
N GLU M 216 31.32 5.41 -55.96
CA GLU M 216 31.40 4.02 -56.39
C GLU M 216 30.23 3.19 -55.86
N LEU M 217 29.92 3.35 -54.58
CA LEU M 217 28.81 2.62 -53.98
C LEU M 217 27.53 3.07 -54.66
N GLY M 218 27.41 4.37 -54.87
CA GLY M 218 26.23 4.91 -55.52
C GLY M 218 26.03 4.33 -56.92
N GLU M 219 27.11 4.25 -57.67
CA GLU M 219 27.06 3.72 -59.03
C GLU M 219 26.58 2.28 -59.06
N LEU M 220 27.00 1.49 -58.10
CA LEU M 220 26.59 0.08 -58.06
C LEU M 220 25.12 -0.03 -57.69
N VAL M 221 24.68 0.73 -56.69
CA VAL M 221 23.30 0.69 -56.27
C VAL M 221 22.37 1.14 -57.40
N ALA M 222 22.74 2.21 -58.09
CA ALA M 222 21.92 2.71 -59.20
C ALA M 222 21.87 1.68 -60.34
N PHE M 223 23.01 1.07 -60.62
CA PHE M 223 23.10 0.06 -61.67
C PHE M 223 22.19 -1.12 -61.37
N LEU M 224 22.27 -1.64 -60.15
CA LEU M 224 21.47 -2.78 -59.73
C LEU M 224 19.96 -2.46 -59.72
N ALA M 225 19.63 -1.26 -59.26
CA ALA M 225 18.23 -0.83 -59.19
C ALA M 225 17.61 -0.48 -60.54
N SER M 226 18.45 -0.16 -61.52
CA SER M 226 18.00 0.22 -62.85
C SER M 226 17.38 -0.92 -63.63
N GLY M 227 17.67 -2.15 -63.23
CA GLY M 227 17.12 -3.30 -63.92
C GLY M 227 17.98 -3.69 -65.13
N SER M 228 19.19 -3.14 -65.19
CA SER M 228 20.10 -3.43 -66.29
C SER M 228 20.72 -4.82 -66.22
N CYS M 229 20.79 -5.39 -65.02
CA CYS M 229 21.38 -6.70 -64.87
C CYS M 229 20.76 -7.49 -63.73
N ASP M 230 19.46 -7.80 -63.86
CA ASP M 230 18.77 -8.57 -62.83
C ASP M 230 19.29 -9.99 -62.72
N TYR M 231 19.92 -10.49 -63.78
CA TYR M 231 20.41 -11.86 -63.76
C TYR M 231 21.50 -12.10 -62.70
N LEU M 232 21.94 -11.03 -62.06
CA LEU M 232 22.96 -11.15 -60.99
C LEU M 232 22.28 -11.42 -59.66
N THR M 233 20.96 -11.60 -59.66
CA THR M 233 20.25 -11.82 -58.40
C THR M 233 20.88 -12.87 -57.49
N GLY M 234 20.94 -12.55 -56.20
CA GLY M 234 21.52 -13.46 -55.22
C GLY M 234 22.99 -13.16 -54.94
N GLN M 235 23.56 -12.28 -55.75
CA GLN M 235 24.97 -11.90 -55.62
C GLN M 235 25.29 -11.08 -54.38
N VAL M 236 26.43 -11.39 -53.76
CA VAL M 236 26.94 -10.64 -52.62
C VAL M 236 28.16 -9.97 -53.24
N PHE M 237 28.16 -8.65 -53.26
CA PHE M 237 29.26 -7.88 -53.83
C PHE M 237 30.22 -7.44 -52.74
N TRP M 238 31.50 -7.79 -52.88
CA TRP M 238 32.48 -7.36 -51.90
C TRP M 238 33.09 -6.06 -52.42
N LEU M 239 32.58 -4.95 -51.89
CA LEU M 239 33.04 -3.61 -52.27
C LEU M 239 34.14 -3.23 -51.29
N ALA M 240 35.31 -3.82 -51.42
CA ALA M 240 36.39 -3.53 -50.49
C ALA M 240 37.75 -3.30 -51.13
N GLY M 241 37.74 -2.94 -52.42
CA GLY M 241 38.96 -2.64 -53.14
C GLY M 241 40.12 -3.64 -53.10
N GLY M 242 39.82 -4.92 -53.12
CA GLY M 242 40.88 -5.91 -53.10
C GLY M 242 41.14 -6.44 -51.70
N PHE M 243 40.57 -5.80 -50.69
CA PHE M 243 40.75 -6.27 -49.32
C PHE M 243 40.18 -7.69 -49.27
N PRO M 244 40.83 -8.59 -48.51
CA PRO M 244 42.03 -8.36 -47.71
C PRO M 244 43.34 -8.68 -48.43
N MET M 245 44.36 -7.87 -48.17
CA MET M 245 45.67 -8.10 -48.77
C MET M 245 46.34 -8.97 -47.71
N ILE M 246 46.97 -10.06 -48.13
CA ILE M 246 47.58 -10.96 -47.17
C ILE M 246 49.09 -10.81 -47.02
N GLU M 247 49.51 -10.64 -45.76
CA GLU M 247 50.92 -10.48 -45.39
C GLU M 247 51.78 -11.53 -46.09
N ARG M 248 52.79 -11.08 -46.83
CA ARG M 248 53.66 -12.03 -47.52
C ARG M 248 54.87 -12.38 -46.66
N TRP M 249 55.60 -13.40 -47.08
CA TRP M 249 56.77 -13.86 -46.36
C TRP M 249 57.82 -12.77 -46.16
N PRO M 250 58.78 -13.02 -45.25
CA PRO M 250 59.83 -12.03 -44.99
C PRO M 250 60.70 -11.96 -46.25
N GLY M 251 61.23 -10.80 -46.55
CA GLY M 251 62.06 -10.67 -47.74
C GLY M 251 61.31 -10.15 -48.94
N MET M 252 59.98 -10.20 -48.88
CA MET M 252 59.16 -9.72 -50.00
C MET M 252 58.72 -8.29 -49.71
N PRO M 253 58.76 -7.41 -50.72
CA PRO M 253 58.37 -6.01 -50.60
C PRO M 253 56.90 -5.74 -50.27
N SER N 2 38.99 -35.78 -20.04
CA SER N 2 38.44 -34.40 -20.00
C SER N 2 36.92 -34.39 -19.93
N THR N 3 36.34 -33.20 -19.80
CA THR N 3 34.90 -33.05 -19.69
C THR N 3 34.31 -32.32 -20.90
N ALA N 4 33.24 -32.87 -21.44
CA ALA N 4 32.58 -32.25 -22.57
C ALA N 4 31.13 -31.93 -22.25
N ILE N 5 30.58 -30.93 -22.93
CA ILE N 5 29.19 -30.56 -22.75
C ILE N 5 28.52 -30.68 -24.12
N VAL N 6 27.40 -31.38 -24.16
CA VAL N 6 26.64 -31.53 -25.39
C VAL N 6 25.23 -31.03 -25.09
N THR N 7 24.79 -30.00 -25.80
CA THR N 7 23.46 -29.44 -25.57
C THR N 7 22.38 -30.09 -26.43
N ASN N 8 21.13 -29.95 -26.00
CA ASN N 8 19.99 -30.54 -26.73
C ASN N 8 20.34 -31.97 -27.14
N VAL N 9 20.98 -32.70 -26.23
CA VAL N 9 21.43 -34.05 -26.49
C VAL N 9 20.43 -35.01 -27.13
N LYS N 10 19.14 -34.84 -26.87
CA LYS N 10 18.18 -35.76 -27.45
C LYS N 10 17.83 -35.48 -28.91
N HIS N 11 18.35 -34.39 -29.46
CA HIS N 11 18.01 -34.04 -30.84
C HIS N 11 19.19 -33.69 -31.74
N PHE N 12 18.89 -33.59 -33.03
CA PHE N 12 19.87 -33.19 -34.04
C PHE N 12 21.16 -34.00 -33.93
N GLY N 13 22.29 -33.34 -33.67
CA GLY N 13 23.55 -34.05 -33.57
C GLY N 13 23.93 -34.43 -32.15
N GLY N 14 22.97 -34.27 -31.24
CA GLY N 14 23.22 -34.55 -29.84
C GLY N 14 23.65 -35.95 -29.45
N MET N 15 22.86 -36.96 -29.80
CA MET N 15 23.19 -38.32 -29.42
C MET N 15 24.48 -38.82 -30.05
N GLY N 16 24.68 -38.54 -31.33
CA GLY N 16 25.89 -38.98 -32.00
C GLY N 16 27.13 -38.42 -31.33
N SER N 17 27.09 -37.12 -31.02
CA SER N 17 28.19 -36.43 -30.39
C SER N 17 28.50 -36.93 -28.98
N ALA N 18 27.46 -37.03 -28.15
CA ALA N 18 27.64 -37.48 -26.77
C ALA N 18 28.14 -38.92 -26.67
N LEU N 19 27.53 -39.82 -27.42
CA LEU N 19 27.92 -41.22 -27.40
C LEU N 19 29.36 -41.46 -27.84
N ARG N 20 29.77 -40.84 -28.94
CA ARG N 20 31.14 -41.04 -29.43
C ARG N 20 32.17 -40.34 -28.55
N LEU N 21 31.80 -39.18 -28.01
CA LEU N 21 32.70 -38.46 -27.13
C LEU N 21 32.92 -39.32 -25.87
N SER N 22 31.86 -39.93 -25.38
CA SER N 22 31.96 -40.78 -24.19
C SER N 22 32.89 -41.96 -24.45
N GLU N 23 32.73 -42.59 -25.61
CA GLU N 23 33.57 -43.73 -25.99
C GLU N 23 35.04 -43.33 -26.05
N ALA N 24 35.30 -42.08 -26.43
CA ALA N 24 36.66 -41.58 -26.53
C ALA N 24 37.28 -41.37 -25.15
N GLY N 25 36.46 -41.42 -24.11
CA GLY N 25 36.99 -41.25 -22.77
C GLY N 25 36.50 -40.01 -22.02
N HIS N 26 35.84 -39.11 -22.73
CA HIS N 26 35.34 -37.89 -22.12
C HIS N 26 34.20 -38.15 -21.14
N THR N 27 34.12 -37.31 -20.13
CA THR N 27 33.02 -37.36 -19.19
C THR N 27 32.07 -36.40 -19.91
N VAL N 28 30.90 -36.88 -20.30
CA VAL N 28 30.00 -36.02 -21.05
C VAL N 28 28.78 -35.53 -20.30
N ALA N 29 28.77 -34.23 -20.01
CA ALA N 29 27.64 -33.61 -19.32
C ALA N 29 26.65 -33.31 -20.44
N CYS N 30 25.40 -33.71 -20.24
CA CYS N 30 24.39 -33.51 -21.27
C CYS N 30 23.27 -32.56 -20.88
N HIS N 31 22.96 -31.65 -21.79
CA HIS N 31 21.88 -30.71 -21.57
C HIS N 31 20.74 -31.01 -22.52
N ASP N 32 19.52 -30.77 -22.05
CA ASP N 32 18.32 -30.97 -22.86
C ASP N 32 17.17 -30.25 -22.18
N GLU N 33 16.27 -29.69 -22.98
CA GLU N 33 15.12 -28.96 -22.45
C GLU N 33 14.27 -29.84 -21.55
N SER N 34 14.18 -31.12 -21.90
CA SER N 34 13.38 -32.06 -21.13
C SER N 34 13.98 -32.35 -19.74
N PHE N 35 15.26 -32.05 -19.57
CA PHE N 35 15.91 -32.30 -18.29
C PHE N 35 15.45 -31.36 -17.17
N LYS N 36 14.60 -30.40 -17.53
CA LYS N 36 14.05 -29.46 -16.54
C LYS N 36 13.25 -30.33 -15.58
N GLN N 37 12.79 -31.48 -16.08
CA GLN N 37 12.00 -32.42 -15.30
C GLN N 37 12.85 -33.57 -14.77
N LYS N 38 12.80 -33.77 -13.45
CA LYS N 38 13.56 -34.83 -12.79
C LYS N 38 13.28 -36.20 -13.38
N ASP N 39 12.04 -36.45 -13.76
CA ASP N 39 11.65 -37.73 -14.33
C ASP N 39 12.34 -37.98 -15.66
N GLU N 40 12.52 -36.91 -16.44
CA GLU N 40 13.17 -37.02 -17.74
C GLU N 40 14.68 -37.20 -17.59
N LEU N 41 15.27 -36.48 -16.64
CA LEU N 41 16.70 -36.57 -16.40
C LEU N 41 17.08 -37.95 -15.87
N GLU N 42 16.33 -38.44 -14.89
CA GLU N 42 16.62 -39.75 -14.31
C GLU N 42 16.41 -40.91 -15.30
N ALA N 43 15.48 -40.74 -16.23
CA ALA N 43 15.24 -41.78 -17.23
C ALA N 43 16.45 -41.87 -18.17
N PHE N 44 16.92 -40.72 -18.61
CA PHE N 44 18.07 -40.63 -19.51
C PHE N 44 19.29 -41.22 -18.80
N ALA N 45 19.51 -40.77 -17.57
CA ALA N 45 20.64 -41.23 -16.77
C ALA N 45 20.65 -42.75 -16.65
N GLU N 46 19.46 -43.34 -16.61
CA GLU N 46 19.33 -44.79 -16.48
C GLU N 46 19.58 -45.52 -17.79
N THR N 47 19.13 -44.94 -18.90
CA THR N 47 19.31 -45.56 -20.20
C THR N 47 20.76 -45.44 -20.65
N TYR N 48 21.36 -44.28 -20.38
CA TYR N 48 22.74 -44.03 -20.77
C TYR N 48 23.61 -43.76 -19.56
N PRO N 49 24.01 -44.81 -18.85
CA PRO N 49 24.85 -44.67 -17.65
C PRO N 49 26.21 -44.03 -17.93
N GLN N 50 26.65 -44.06 -19.18
CA GLN N 50 27.94 -43.46 -19.52
C GLN N 50 27.84 -41.94 -19.62
N LEU N 51 26.63 -41.44 -19.81
CA LEU N 51 26.38 -40.00 -19.94
C LEU N 51 26.00 -39.37 -18.61
N LYS N 52 26.19 -38.06 -18.51
CA LYS N 52 25.87 -37.32 -17.29
C LYS N 52 24.89 -36.19 -17.56
N PRO N 53 23.58 -36.48 -17.57
CA PRO N 53 22.57 -35.45 -17.83
C PRO N 53 22.51 -34.39 -16.73
N MET N 54 22.44 -33.12 -17.14
CA MET N 54 22.36 -31.99 -16.22
C MET N 54 20.95 -31.41 -16.32
N SER N 55 20.51 -30.71 -15.26
CA SER N 55 19.18 -30.11 -15.28
C SER N 55 19.25 -28.63 -15.66
N GLU N 56 20.43 -28.04 -15.52
CA GLU N 56 20.62 -26.62 -15.83
C GLU N 56 20.21 -26.29 -17.26
N GLN N 57 19.45 -25.20 -17.42
CA GLN N 57 18.95 -24.79 -18.73
C GLN N 57 19.61 -23.57 -19.35
N GLU N 58 20.08 -22.63 -18.54
CA GLU N 58 20.72 -21.44 -19.07
C GLU N 58 22.24 -21.61 -19.19
N PRO N 59 22.83 -21.00 -20.24
CA PRO N 59 24.26 -21.05 -20.53
C PRO N 59 25.20 -20.84 -19.35
N ALA N 60 25.02 -19.73 -18.64
CA ALA N 60 25.85 -19.42 -17.49
C ALA N 60 25.78 -20.50 -16.40
N GLU N 61 24.57 -20.83 -15.97
CA GLU N 61 24.41 -21.82 -14.92
C GLU N 61 24.85 -23.22 -15.35
N LEU N 62 24.70 -23.53 -16.64
CA LEU N 62 25.10 -24.84 -17.14
C LEU N 62 26.61 -25.02 -17.02
N ILE N 63 27.35 -24.04 -17.52
CA ILE N 63 28.80 -24.10 -17.46
C ILE N 63 29.30 -24.13 -16.02
N GLU N 64 28.66 -23.35 -15.15
CA GLU N 64 29.04 -23.33 -13.74
C GLU N 64 28.77 -24.69 -13.10
N ALA N 65 27.60 -25.24 -13.38
CA ALA N 65 27.20 -26.54 -12.84
C ALA N 65 28.14 -27.67 -13.27
N VAL N 66 28.47 -27.71 -14.56
CA VAL N 66 29.36 -28.75 -15.06
C VAL N 66 30.75 -28.57 -14.47
N THR N 67 31.14 -27.31 -14.28
CA THR N 67 32.44 -26.99 -13.72
C THR N 67 32.58 -27.44 -12.27
N SER N 68 31.53 -27.25 -11.47
CA SER N 68 31.57 -27.67 -10.07
C SER N 68 31.62 -29.19 -9.98
N ALA N 69 30.70 -29.84 -10.69
CA ALA N 69 30.61 -31.29 -10.68
C ALA N 69 31.80 -32.02 -11.29
N TYR N 70 32.33 -31.50 -12.39
CA TYR N 70 33.43 -32.19 -13.07
C TYR N 70 34.73 -31.41 -13.22
N GLY N 71 34.92 -30.40 -12.38
CA GLY N 71 36.15 -29.62 -12.42
C GLY N 71 36.27 -28.54 -13.47
N GLN N 72 36.00 -28.88 -14.73
CA GLN N 72 36.11 -27.91 -15.80
C GLN N 72 35.42 -28.35 -17.07
N VAL N 73 35.37 -27.45 -18.05
CA VAL N 73 34.76 -27.74 -19.34
C VAL N 73 35.85 -27.68 -20.41
N ASP N 74 36.22 -28.85 -20.92
CA ASP N 74 37.27 -28.93 -21.94
C ASP N 74 36.74 -28.84 -23.35
N VAL N 75 35.53 -29.36 -23.56
CA VAL N 75 34.94 -29.37 -24.89
C VAL N 75 33.49 -28.88 -24.84
N LEU N 76 33.17 -27.94 -25.72
CA LEU N 76 31.80 -27.44 -25.81
C LEU N 76 31.22 -27.78 -27.18
N VAL N 77 30.13 -28.55 -27.18
CA VAL N 77 29.45 -28.89 -28.41
C VAL N 77 28.08 -28.21 -28.35
N SER N 78 27.96 -27.10 -29.05
CA SER N 78 26.72 -26.34 -29.08
C SER N 78 25.85 -26.93 -30.18
N ASN N 79 25.02 -27.90 -29.81
CA ASN N 79 24.12 -28.57 -30.73
C ASN N 79 22.82 -27.76 -30.72
N ASP N 80 22.78 -26.71 -31.52
CA ASP N 80 21.61 -25.85 -31.53
C ASP N 80 20.49 -26.27 -32.47
N ILE N 81 19.26 -26.10 -32.00
CA ILE N 81 18.10 -26.45 -32.79
C ILE N 81 17.02 -25.38 -32.70
N PHE N 82 16.07 -25.45 -33.62
CA PHE N 82 14.97 -24.51 -33.71
C PHE N 82 13.93 -25.20 -34.57
N ALA N 83 12.66 -24.91 -34.34
CA ALA N 83 11.60 -25.52 -35.13
C ALA N 83 11.05 -24.48 -36.09
N PRO N 84 11.65 -24.37 -37.29
CA PRO N 84 11.18 -23.37 -38.25
C PRO N 84 10.13 -23.97 -39.19
N GLU N 85 9.45 -23.09 -39.90
CA GLU N 85 8.45 -23.50 -40.87
C GLU N 85 8.90 -22.84 -42.15
N PHE N 86 8.58 -23.46 -43.28
CA PHE N 86 8.91 -22.87 -44.58
C PHE N 86 7.84 -21.81 -44.79
N GLN N 87 8.24 -20.60 -45.15
CA GLN N 87 7.29 -19.52 -45.38
C GLN N 87 7.86 -18.46 -46.33
N PRO N 88 7.01 -17.93 -47.21
CA PRO N 88 7.49 -16.88 -48.12
C PRO N 88 7.81 -15.75 -47.15
N ILE N 89 8.82 -14.96 -47.45
CA ILE N 89 9.21 -13.88 -46.56
C ILE N 89 8.05 -13.03 -46.00
N ASP N 90 7.06 -12.73 -46.83
CA ASP N 90 5.94 -11.91 -46.35
C ASP N 90 4.98 -12.64 -45.42
N LYS N 91 5.07 -13.97 -45.37
CA LYS N 91 4.20 -14.78 -44.50
C LYS N 91 4.83 -15.03 -43.12
N TYR N 92 6.09 -14.63 -42.96
CA TYR N 92 6.79 -14.78 -41.68
C TYR N 92 6.43 -13.56 -40.85
N ALA N 93 6.59 -13.68 -39.54
CA ALA N 93 6.38 -12.56 -38.65
C ALA N 93 7.81 -12.18 -38.28
N VAL N 94 8.08 -10.90 -38.07
CA VAL N 94 9.44 -10.52 -37.70
C VAL N 94 9.86 -11.33 -36.47
N GLU N 95 8.87 -11.68 -35.65
CA GLU N 95 9.12 -12.46 -34.44
C GLU N 95 9.70 -13.84 -34.75
N ASP N 96 9.36 -14.38 -35.92
CA ASP N 96 9.85 -15.71 -36.31
C ASP N 96 11.34 -15.71 -36.61
N TYR N 97 11.88 -14.55 -37.00
CA TYR N 97 13.29 -14.44 -37.30
C TYR N 97 14.01 -14.16 -35.99
N ARG N 98 13.40 -13.35 -35.12
CA ARG N 98 14.01 -13.06 -33.83
C ARG N 98 14.16 -14.39 -33.09
N GLY N 99 13.16 -15.25 -33.24
CA GLY N 99 13.19 -16.55 -32.59
C GLY N 99 14.30 -17.44 -33.13
N ALA N 100 14.43 -17.49 -34.45
CA ALA N 100 15.45 -18.32 -35.07
C ALA N 100 16.86 -17.84 -34.67
N VAL N 101 17.06 -16.53 -34.68
CA VAL N 101 18.36 -15.97 -34.32
C VAL N 101 18.67 -16.18 -32.85
N GLU N 102 17.66 -16.08 -32.00
CA GLU N 102 17.86 -16.27 -30.57
C GLU N 102 18.30 -17.71 -30.30
N ALA N 103 17.66 -18.66 -30.99
CA ALA N 103 17.99 -20.06 -30.81
C ALA N 103 19.24 -20.53 -31.53
N LEU N 104 19.52 -19.96 -32.69
CA LEU N 104 20.66 -20.41 -33.48
C LEU N 104 21.94 -19.56 -33.45
N GLN N 105 21.83 -18.33 -32.96
CA GLN N 105 23.00 -17.45 -32.89
C GLN N 105 23.28 -16.97 -31.46
N ILE N 106 22.27 -16.43 -30.81
CA ILE N 106 22.44 -15.93 -29.45
C ILE N 106 22.86 -17.01 -28.46
N ARG N 107 22.22 -18.18 -28.55
CA ARG N 107 22.51 -19.29 -27.65
C ARG N 107 23.97 -19.76 -27.71
N PRO N 108 24.46 -20.14 -28.89
CA PRO N 108 25.87 -20.59 -28.92
C PRO N 108 26.81 -19.47 -28.49
N PHE N 109 26.48 -18.23 -28.86
CA PHE N 109 27.30 -17.10 -28.47
C PHE N 109 27.33 -17.01 -26.95
N ALA N 110 26.17 -17.22 -26.33
CA ALA N 110 26.07 -17.14 -24.87
C ALA N 110 26.88 -18.23 -24.17
N LEU N 111 26.91 -19.43 -24.75
CA LEU N 111 27.68 -20.53 -24.17
C LEU N 111 29.18 -20.26 -24.24
N VAL N 112 29.66 -19.81 -25.39
CA VAL N 112 31.08 -19.50 -25.54
C VAL N 112 31.43 -18.33 -24.62
N ASN N 113 30.55 -17.34 -24.59
CA ASN N 113 30.75 -16.16 -23.76
C ASN N 113 30.90 -16.56 -22.29
N ALA N 114 30.21 -17.63 -21.90
CA ALA N 114 30.23 -18.11 -20.52
C ALA N 114 31.38 -19.07 -20.21
N VAL N 115 31.92 -19.73 -21.23
CA VAL N 115 33.00 -20.68 -20.99
C VAL N 115 34.38 -20.23 -21.46
N ALA N 116 34.43 -19.25 -22.35
CA ALA N 116 35.70 -18.77 -22.88
C ALA N 116 36.72 -18.36 -21.82
N SER N 117 36.25 -17.73 -20.75
CA SER N 117 37.15 -17.28 -19.69
C SER N 117 38.00 -18.41 -19.12
N GLN N 118 37.38 -19.50 -18.67
CA GLN N 118 38.15 -20.59 -18.11
C GLN N 118 39.06 -21.27 -19.12
N MET N 119 38.61 -21.38 -20.37
CA MET N 119 39.44 -22.01 -21.39
C MET N 119 40.68 -21.16 -21.69
N LYS N 120 40.49 -19.84 -21.75
CA LYS N 120 41.60 -18.94 -22.03
C LYS N 120 42.60 -18.89 -20.88
N LYS N 121 42.09 -18.94 -19.66
CA LYS N 121 42.94 -18.90 -18.46
C LYS N 121 43.96 -20.04 -18.45
N ARG N 122 43.53 -21.23 -18.86
CA ARG N 122 44.42 -22.39 -18.88
C ARG N 122 44.99 -22.66 -20.28
N LYS N 123 44.54 -21.88 -21.25
CA LYS N 123 44.99 -22.03 -22.63
C LYS N 123 44.74 -23.42 -23.26
N SER N 124 43.54 -23.94 -23.08
CA SER N 124 43.19 -25.23 -23.67
C SER N 124 41.68 -25.36 -23.76
N GLY N 125 41.23 -26.10 -24.76
CA GLY N 125 39.80 -26.29 -24.95
C GLY N 125 39.43 -26.41 -26.41
N HIS N 126 38.22 -26.86 -26.66
CA HIS N 126 37.73 -27.00 -28.03
C HIS N 126 36.26 -26.56 -28.06
N ILE N 127 35.89 -25.84 -29.10
CA ILE N 127 34.52 -25.37 -29.24
C ILE N 127 33.98 -25.83 -30.60
N ILE N 128 32.83 -26.50 -30.57
CA ILE N 128 32.22 -27.00 -31.78
C ILE N 128 30.76 -26.58 -31.85
N PHE N 129 30.38 -25.94 -32.95
CA PHE N 129 29.01 -25.53 -33.18
C PHE N 129 28.42 -26.48 -34.20
N ILE N 130 27.24 -27.01 -33.92
CA ILE N 130 26.59 -27.87 -34.90
C ILE N 130 25.56 -26.91 -35.48
N THR N 131 25.83 -26.48 -36.71
CA THR N 131 24.99 -25.52 -37.40
C THR N 131 24.10 -26.16 -38.45
N SER N 132 24.34 -25.83 -39.72
CA SER N 132 23.54 -26.36 -40.80
C SER N 132 24.23 -26.14 -42.15
N ALA N 133 23.93 -26.99 -43.12
CA ALA N 133 24.51 -26.86 -44.45
C ALA N 133 23.55 -26.08 -45.38
N THR N 134 22.40 -25.68 -44.84
CA THR N 134 21.44 -24.94 -45.66
C THR N 134 22.03 -23.66 -46.26
N PRO N 135 22.95 -23.00 -45.54
CA PRO N 135 23.53 -21.78 -46.10
C PRO N 135 24.31 -22.07 -47.39
N PHE N 136 24.87 -23.28 -47.48
CA PHE N 136 25.64 -23.67 -48.66
C PHE N 136 24.73 -23.73 -49.89
N GLY N 137 23.52 -24.26 -49.69
CA GLY N 137 22.57 -24.37 -50.78
C GLY N 137 21.18 -24.14 -50.26
N PRO N 138 20.74 -22.88 -50.16
CA PRO N 138 19.41 -22.53 -49.65
C PRO N 138 18.24 -22.97 -50.51
N TRP N 139 17.15 -23.34 -49.83
CA TRP N 139 15.91 -23.73 -50.50
C TRP N 139 15.07 -22.46 -50.49
N LYS N 140 14.08 -22.38 -51.37
CA LYS N 140 13.22 -21.22 -51.37
C LYS N 140 12.38 -21.29 -50.10
N GLU N 141 12.04 -20.14 -49.55
CA GLU N 141 11.17 -20.03 -48.38
C GLU N 141 11.60 -20.59 -47.02
N LEU N 142 12.86 -20.37 -46.66
CA LEU N 142 13.39 -20.79 -45.36
C LEU N 142 14.48 -19.79 -45.01
N SER N 143 14.23 -18.52 -45.34
CA SER N 143 15.20 -17.45 -45.12
C SER N 143 15.57 -17.18 -43.67
N THR N 144 14.65 -17.39 -42.75
CA THR N 144 14.92 -17.14 -41.33
C THR N 144 15.98 -18.12 -40.81
N TYR N 145 15.62 -19.40 -40.84
CA TYR N 145 16.51 -20.47 -40.38
C TYR N 145 17.87 -20.48 -41.10
N THR N 146 17.83 -20.37 -42.42
CA THR N 146 19.05 -20.40 -43.20
C THR N 146 20.02 -19.25 -42.90
N SER N 147 19.51 -18.03 -42.83
CA SER N 147 20.38 -16.89 -42.55
C SER N 147 20.94 -16.94 -41.13
N ALA N 148 20.14 -17.43 -40.18
CA ALA N 148 20.57 -17.53 -38.80
C ALA N 148 21.70 -18.55 -38.67
N ARG N 149 21.57 -19.68 -39.37
CA ARG N 149 22.61 -20.71 -39.33
C ARG N 149 23.90 -20.15 -39.91
N ALA N 150 23.78 -19.29 -40.91
CA ALA N 150 24.94 -18.67 -41.54
C ALA N 150 25.63 -17.76 -40.52
N GLY N 151 24.82 -17.08 -39.71
CA GLY N 151 25.38 -16.20 -38.70
C GLY N 151 26.20 -17.02 -37.72
N ALA N 152 25.70 -18.20 -37.36
CA ALA N 152 26.43 -19.06 -36.42
C ALA N 152 27.74 -19.58 -37.02
N CYS N 153 27.71 -19.95 -38.30
CA CYS N 153 28.91 -20.45 -38.97
C CYS N 153 30.00 -19.40 -38.96
N THR N 154 29.64 -18.17 -39.29
CA THR N 154 30.62 -17.08 -39.31
C THR N 154 31.07 -16.75 -37.90
N LEU N 155 30.18 -16.94 -36.93
CA LEU N 155 30.51 -16.67 -35.53
C LEU N 155 31.65 -17.61 -35.18
N ALA N 156 31.51 -18.88 -35.56
CA ALA N 156 32.55 -19.87 -35.26
C ALA N 156 33.88 -19.46 -35.90
N ASN N 157 33.87 -19.14 -37.18
CA ASN N 157 35.08 -18.75 -37.88
C ASN N 157 35.70 -17.49 -37.26
N ALA N 158 34.85 -16.52 -36.92
CA ALA N 158 35.34 -15.29 -36.32
C ALA N 158 36.01 -15.57 -34.98
N LEU N 159 35.36 -16.40 -34.17
CA LEU N 159 35.88 -16.76 -32.85
C LEU N 159 37.24 -17.46 -32.95
N SER N 160 37.42 -18.28 -33.98
CA SER N 160 38.68 -18.99 -34.17
C SER N 160 39.86 -18.01 -34.28
N LYS N 161 39.61 -16.82 -34.81
CA LYS N 161 40.67 -15.83 -34.98
C LYS N 161 41.23 -15.30 -33.67
N GLU N 162 40.37 -15.10 -32.68
CA GLU N 162 40.83 -14.58 -31.39
C GLU N 162 41.24 -15.66 -30.40
N LEU N 163 40.52 -16.79 -30.41
CA LEU N 163 40.83 -17.86 -29.48
C LEU N 163 42.06 -18.69 -29.83
N GLY N 164 42.49 -18.63 -31.08
CA GLY N 164 43.67 -19.37 -31.49
C GLY N 164 44.91 -18.94 -30.72
N GLU N 165 44.90 -17.70 -30.25
CA GLU N 165 46.02 -17.16 -29.48
C GLU N 165 46.12 -17.91 -28.16
N TYR N 166 44.97 -18.43 -27.70
CA TYR N 166 44.90 -19.18 -26.46
C TYR N 166 44.86 -20.69 -26.67
N ASN N 167 45.27 -21.12 -27.87
CA ASN N 167 45.32 -22.53 -28.23
C ASN N 167 43.95 -23.20 -28.16
N ILE N 168 42.90 -22.44 -28.47
CA ILE N 168 41.54 -22.99 -28.44
C ILE N 168 40.99 -23.03 -29.86
N PRO N 169 40.85 -24.23 -30.44
CA PRO N 169 40.32 -24.34 -31.80
C PRO N 169 38.80 -24.18 -31.80
N VAL N 170 38.25 -23.65 -32.89
CA VAL N 170 36.80 -23.45 -32.98
C VAL N 170 36.35 -23.96 -34.34
N PHE N 171 35.30 -24.78 -34.35
CA PHE N 171 34.78 -25.34 -35.59
C PHE N 171 33.25 -25.28 -35.68
N ALA N 172 32.75 -25.37 -36.91
CA ALA N 172 31.32 -25.41 -37.14
C ALA N 172 31.05 -26.60 -38.06
N ILE N 173 30.10 -27.44 -37.67
CA ILE N 173 29.72 -28.60 -38.48
C ILE N 173 28.31 -28.29 -38.97
N GLY N 174 28.15 -28.13 -40.28
CA GLY N 174 26.84 -27.83 -40.85
C GLY N 174 26.28 -29.04 -41.55
N PRO N 175 25.39 -29.80 -40.88
CA PRO N 175 24.85 -30.98 -41.54
C PRO N 175 23.58 -30.70 -42.32
N ASN N 176 23.17 -31.71 -43.06
CA ASN N 176 21.90 -31.70 -43.79
C ASN N 176 21.67 -33.17 -44.12
N TYR N 177 20.41 -33.57 -44.07
CA TYR N 177 20.03 -34.94 -44.33
C TYR N 177 20.70 -35.88 -43.32
N LEU N 178 20.86 -35.38 -42.09
CA LEU N 178 21.44 -36.17 -41.02
C LEU N 178 20.32 -36.91 -40.30
N HIS N 179 20.34 -38.23 -40.39
CA HIS N 179 19.34 -39.08 -39.75
C HIS N 179 19.29 -38.71 -38.27
N SER N 180 18.12 -38.32 -37.80
CA SER N 180 17.95 -37.94 -36.40
C SER N 180 17.18 -38.98 -35.59
N GLU N 181 16.98 -40.14 -36.20
CA GLU N 181 16.29 -41.27 -35.57
C GLU N 181 14.89 -40.95 -35.00
N ASP N 182 14.76 -40.81 -33.69
CA ASP N 182 13.45 -40.50 -33.10
C ASP N 182 13.22 -39.01 -32.93
N SER N 183 14.26 -38.22 -33.12
CA SER N 183 14.14 -36.78 -32.96
C SER N 183 13.57 -36.16 -34.23
N PRO N 184 12.65 -35.20 -34.08
CA PRO N 184 12.04 -34.54 -35.23
C PRO N 184 12.97 -33.49 -35.84
N TYR N 185 14.14 -33.31 -35.24
CA TYR N 185 15.13 -32.35 -35.72
C TYR N 185 16.34 -33.10 -36.29
N PHE N 186 16.40 -33.24 -37.62
CA PHE N 186 15.39 -32.73 -38.53
C PHE N 186 15.00 -33.78 -39.57
N TYR N 187 15.60 -34.96 -39.47
CA TYR N 187 15.31 -36.05 -40.39
C TYR N 187 15.03 -37.37 -39.68
N PRO N 188 13.87 -37.48 -39.03
CA PRO N 188 13.48 -38.69 -38.32
C PRO N 188 13.35 -39.91 -39.23
N THR N 189 13.62 -41.09 -38.68
CA THR N 189 13.54 -42.35 -39.42
C THR N 189 12.26 -42.45 -40.22
N GLU N 190 11.20 -41.89 -39.67
CA GLU N 190 9.89 -41.87 -40.30
C GLU N 190 9.60 -40.40 -40.55
N PRO N 191 9.32 -40.02 -41.82
CA PRO N 191 9.24 -40.80 -43.05
C PRO N 191 10.52 -40.91 -43.87
N TRP N 192 11.55 -40.16 -43.50
CA TRP N 192 12.80 -40.16 -44.25
C TRP N 192 13.44 -41.49 -44.61
N LYS N 193 13.12 -42.55 -43.88
CA LYS N 193 13.67 -43.86 -44.20
C LYS N 193 12.58 -44.87 -44.54
N THR N 194 11.32 -44.42 -44.54
CA THR N 194 10.22 -45.33 -44.82
C THR N 194 9.19 -44.92 -45.88
N ASN N 195 9.12 -43.62 -46.20
CA ASN N 195 8.16 -43.19 -47.21
C ASN N 195 8.82 -43.04 -48.58
N PRO N 196 8.33 -43.77 -49.59
CA PRO N 196 8.82 -43.76 -50.97
C PRO N 196 9.29 -42.41 -51.51
N GLU N 197 8.47 -41.38 -51.36
CA GLU N 197 8.83 -40.06 -51.88
C GLU N 197 10.02 -39.43 -51.16
N HIS N 198 10.07 -39.54 -49.84
CA HIS N 198 11.19 -38.98 -49.08
C HIS N 198 12.47 -39.73 -49.37
N VAL N 199 12.40 -41.06 -49.35
CA VAL N 199 13.55 -41.91 -49.61
C VAL N 199 14.15 -41.59 -50.98
N ALA N 200 13.28 -41.38 -51.96
CA ALA N 200 13.72 -41.09 -53.32
C ALA N 200 14.36 -39.71 -53.36
N HIS N 201 13.78 -38.78 -52.61
CA HIS N 201 14.29 -37.42 -52.54
C HIS N 201 15.74 -37.41 -52.09
N VAL N 202 16.03 -38.19 -51.04
CA VAL N 202 17.38 -38.26 -50.49
C VAL N 202 18.38 -38.85 -51.48
N LYS N 203 17.95 -39.86 -52.23
CA LYS N 203 18.83 -40.49 -53.20
C LYS N 203 19.12 -39.51 -54.33
N LYS N 204 18.21 -38.57 -54.53
CA LYS N 204 18.35 -37.57 -55.59
C LYS N 204 19.23 -36.37 -55.22
N VAL N 205 18.98 -35.79 -54.04
CA VAL N 205 19.70 -34.59 -53.63
C VAL N 205 21.09 -34.72 -52.99
N THR N 206 21.48 -35.92 -52.59
CA THR N 206 22.80 -36.11 -51.99
C THR N 206 23.67 -36.96 -52.92
N ALA N 207 24.98 -36.71 -52.94
CA ALA N 207 25.88 -37.47 -53.80
C ALA N 207 25.96 -38.93 -53.37
N LEU N 208 26.02 -39.15 -52.07
CA LEU N 208 26.11 -40.51 -51.54
C LEU N 208 24.77 -41.25 -51.58
N GLN N 209 23.72 -40.50 -51.93
CA GLN N 209 22.37 -41.05 -52.06
C GLN N 209 21.88 -41.77 -50.82
N ARG N 210 22.02 -41.12 -49.67
CA ARG N 210 21.58 -41.68 -48.40
C ARG N 210 21.61 -40.59 -47.35
N LEU N 211 21.06 -40.88 -46.17
CA LEU N 211 21.06 -39.93 -45.07
C LEU N 211 22.38 -40.08 -44.33
N GLY N 212 22.81 -39.02 -43.66
CA GLY N 212 24.03 -39.10 -42.89
C GLY N 212 23.68 -39.81 -41.61
N THR N 213 24.66 -40.48 -40.99
CA THR N 213 24.38 -41.20 -39.75
C THR N 213 24.87 -40.45 -38.52
N GLN N 214 24.28 -40.75 -37.38
CA GLN N 214 24.69 -40.13 -36.13
C GLN N 214 26.12 -40.53 -35.82
N LYS N 215 26.52 -41.72 -36.25
CA LYS N 215 27.88 -42.21 -36.01
C LYS N 215 28.93 -41.37 -36.73
N GLU N 216 28.66 -41.00 -37.98
CA GLU N 216 29.58 -40.19 -38.77
C GLU N 216 29.74 -38.83 -38.11
N LEU N 217 28.62 -38.22 -37.70
CA LEU N 217 28.68 -36.92 -37.05
C LEU N 217 29.50 -37.05 -35.77
N GLY N 218 29.22 -38.08 -34.97
CA GLY N 218 29.93 -38.30 -33.73
C GLY N 218 31.41 -38.55 -33.93
N GLU N 219 31.76 -39.22 -35.02
CA GLU N 219 33.16 -39.50 -35.33
C GLU N 219 33.89 -38.18 -35.57
N LEU N 220 33.25 -37.29 -36.32
CA LEU N 220 33.82 -35.98 -36.62
C LEU N 220 33.98 -35.16 -35.35
N VAL N 221 32.93 -35.12 -34.53
CA VAL N 221 33.00 -34.37 -33.28
C VAL N 221 34.16 -34.84 -32.39
N ALA N 222 34.25 -36.16 -32.20
CA ALA N 222 35.31 -36.75 -31.37
C ALA N 222 36.69 -36.45 -31.95
N PHE N 223 36.81 -36.54 -33.26
CA PHE N 223 38.07 -36.28 -33.94
C PHE N 223 38.51 -34.83 -33.73
N LEU N 224 37.59 -33.89 -33.89
CA LEU N 224 37.91 -32.48 -33.73
C LEU N 224 38.23 -32.11 -32.29
N ALA N 225 37.59 -32.81 -31.34
CA ALA N 225 37.81 -32.52 -29.93
C ALA N 225 39.00 -33.28 -29.35
N SER N 226 39.49 -34.27 -30.08
CA SER N 226 40.60 -35.09 -29.61
C SER N 226 41.94 -34.37 -29.57
N GLY N 227 42.06 -33.30 -30.35
CA GLY N 227 43.30 -32.56 -30.39
C GLY N 227 44.20 -33.12 -31.49
N SER N 228 43.64 -33.98 -32.33
CA SER N 228 44.40 -34.58 -33.42
C SER N 228 44.64 -33.64 -34.59
N CYS N 229 43.78 -32.64 -34.75
CA CYS N 229 43.94 -31.71 -35.86
C CYS N 229 43.43 -30.32 -35.54
N ASP N 230 44.05 -29.68 -34.56
CA ASP N 230 43.68 -28.35 -34.13
C ASP N 230 43.93 -27.31 -35.23
N TYR N 231 44.77 -27.66 -36.20
CA TYR N 231 45.11 -26.74 -37.28
C TYR N 231 43.98 -26.46 -38.25
N LEU N 232 42.84 -27.13 -38.07
CA LEU N 232 41.68 -26.93 -38.92
C LEU N 232 40.82 -25.84 -38.31
N THR N 233 41.27 -25.24 -37.21
CA THR N 233 40.48 -24.22 -36.53
C THR N 233 39.90 -23.20 -37.50
N GLY N 234 38.62 -22.86 -37.30
CA GLY N 234 37.94 -21.90 -38.16
C GLY N 234 37.18 -22.54 -39.30
N GLN N 235 37.39 -23.84 -39.47
CA GLN N 235 36.72 -24.57 -40.54
C GLN N 235 35.23 -24.77 -40.35
N VAL N 236 34.49 -24.68 -41.45
CA VAL N 236 33.06 -24.95 -41.44
C VAL N 236 33.00 -26.26 -42.25
N PHE N 237 32.56 -27.33 -41.60
CA PHE N 237 32.46 -28.64 -42.24
C PHE N 237 31.06 -28.87 -42.81
N TRP N 238 30.97 -29.10 -44.12
CA TRP N 238 29.66 -29.36 -44.72
C TRP N 238 29.41 -30.87 -44.65
N LEU N 239 28.64 -31.28 -43.64
CA LEU N 239 28.34 -32.70 -43.44
C LEU N 239 27.01 -33.00 -44.10
N ALA N 240 27.00 -33.03 -45.43
CA ALA N 240 25.76 -33.25 -46.15
C ALA N 240 25.82 -34.27 -47.29
N GLY N 241 26.76 -35.20 -47.21
CA GLY N 241 26.88 -36.25 -48.21
C GLY N 241 26.96 -35.85 -49.67
N GLY N 242 27.49 -34.67 -49.96
CA GLY N 242 27.59 -34.27 -51.35
C GLY N 242 26.49 -33.33 -51.77
N PHE N 243 25.53 -33.08 -50.88
CA PHE N 243 24.45 -32.15 -51.16
C PHE N 243 25.13 -30.79 -51.36
N PRO N 244 24.59 -29.95 -52.25
CA PRO N 244 23.41 -30.23 -53.07
C PRO N 244 23.75 -30.79 -54.45
N MET N 245 22.97 -31.75 -54.92
CA MET N 245 23.18 -32.32 -56.25
C MET N 245 22.36 -31.41 -57.15
N ILE N 246 22.96 -30.95 -58.23
CA ILE N 246 22.25 -30.03 -59.10
C ILE N 246 21.65 -30.64 -60.36
N GLU N 247 20.41 -30.27 -60.61
CA GLU N 247 19.63 -30.73 -61.75
C GLU N 247 20.40 -30.58 -63.07
N ARG N 248 20.66 -31.69 -63.74
CA ARG N 248 21.38 -31.67 -65.01
C ARG N 248 20.45 -31.47 -66.19
N TRP N 249 21.04 -31.24 -67.35
CA TRP N 249 20.29 -31.01 -68.60
C TRP N 249 19.37 -32.18 -68.94
N PRO N 250 18.35 -31.92 -69.77
CA PRO N 250 17.38 -32.94 -70.21
C PRO N 250 18.06 -34.10 -70.91
N GLY N 251 17.53 -35.31 -70.70
CA GLY N 251 18.09 -36.48 -71.35
C GLY N 251 19.18 -37.19 -70.57
N MET N 252 19.87 -36.46 -69.70
CA MET N 252 20.93 -37.09 -68.92
C MET N 252 20.35 -37.95 -67.80
N PRO N 253 20.85 -39.18 -67.65
CA PRO N 253 20.38 -40.11 -66.63
C PRO N 253 20.70 -39.64 -65.21
N SER O 2 78.94 -9.06 -0.10
CA SER O 2 77.79 -8.33 -0.69
C SER O 2 78.15 -6.85 -0.84
N THR O 3 77.15 -6.02 -1.17
CA THR O 3 77.39 -4.59 -1.35
C THR O 3 76.90 -3.78 -0.17
N ALA O 4 77.77 -2.92 0.35
CA ALA O 4 77.41 -2.07 1.48
C ALA O 4 77.64 -0.61 1.17
N ILE O 5 76.87 0.25 1.83
CA ILE O 5 77.01 1.69 1.68
C ILE O 5 77.35 2.25 3.06
N VAL O 6 78.40 3.06 3.12
CA VAL O 6 78.80 3.70 4.38
C VAL O 6 78.83 5.20 4.10
N THR O 7 77.95 5.95 4.76
CA THR O 7 77.87 7.39 4.56
C THR O 7 78.90 8.14 5.40
N ASN O 8 79.16 9.40 5.04
CA ASN O 8 80.12 10.23 5.76
C ASN O 8 81.34 9.41 6.17
N VAL O 9 81.85 8.65 5.21
CA VAL O 9 82.96 7.75 5.43
C VAL O 9 84.21 8.34 6.10
N LYS O 10 84.48 9.64 5.88
CA LYS O 10 85.66 10.24 6.50
C LYS O 10 85.52 10.60 7.96
N HIS O 11 84.30 10.51 8.49
CA HIS O 11 84.07 10.90 9.87
C HIS O 11 83.35 9.91 10.76
N PHE O 12 83.38 10.20 12.05
CA PHE O 12 82.69 9.41 13.06
C PHE O 12 83.01 7.91 12.95
N GLY O 13 82.02 7.09 12.65
CA GLY O 13 82.29 5.66 12.54
C GLY O 13 82.52 5.21 11.10
N GLY O 14 82.75 6.18 10.23
CA GLY O 14 82.94 5.91 8.82
C GLY O 14 84.08 5.01 8.39
N MET O 15 85.32 5.35 8.76
CA MET O 15 86.45 4.53 8.35
C MET O 15 86.45 3.13 8.95
N GLY O 16 86.18 3.03 10.24
CA GLY O 16 86.15 1.74 10.89
C GLY O 16 85.19 0.81 10.17
N SER O 17 83.98 1.30 9.94
CA SER O 17 82.93 0.54 9.26
C SER O 17 83.34 0.12 7.85
N ALA O 18 83.76 1.09 7.05
CA ALA O 18 84.16 0.83 5.67
C ALA O 18 85.34 -0.13 5.55
N LEU O 19 86.39 0.13 6.32
CA LEU O 19 87.59 -0.70 6.30
C LEU O 19 87.34 -2.13 6.74
N ARG O 20 86.61 -2.31 7.83
CA ARG O 20 86.36 -3.65 8.33
C ARG O 20 85.36 -4.41 7.46
N LEU O 21 84.40 -3.69 6.89
CA LEU O 21 83.42 -4.30 6.03
C LEU O 21 84.16 -4.79 4.78
N SER O 22 85.06 -3.93 4.28
CA SER O 22 85.83 -4.27 3.11
C SER O 22 86.75 -5.46 3.39
N GLU O 23 87.37 -5.46 4.57
CA GLU O 23 88.26 -6.54 4.95
C GLU O 23 87.50 -7.85 5.02
N ALA O 24 86.21 -7.77 5.37
CA ALA O 24 85.36 -8.95 5.47
C ALA O 24 85.01 -9.49 4.09
N GLY O 25 85.28 -8.70 3.06
CA GLY O 25 85.00 -9.12 1.70
C GLY O 25 83.92 -8.35 0.95
N HIS O 26 83.17 -7.53 1.65
CA HIS O 26 82.10 -6.74 1.02
C HIS O 26 82.64 -5.70 0.06
N THR O 27 81.80 -5.33 -0.90
CA THR O 27 82.13 -4.25 -1.83
C THR O 27 81.53 -3.06 -1.08
N VAL O 28 82.35 -2.07 -0.77
CA VAL O 28 81.86 -0.94 0.00
C VAL O 28 81.79 0.40 -0.73
N ALA O 29 80.56 0.81 -1.04
CA ALA O 29 80.31 2.08 -1.72
C ALA O 29 80.37 3.13 -0.61
N CYS O 30 81.17 4.16 -0.81
CA CYS O 30 81.30 5.20 0.22
C CYS O 30 80.78 6.56 -0.19
N HIS O 31 80.11 7.22 0.75
CA HIS O 31 79.57 8.55 0.55
C HIS O 31 80.27 9.51 1.50
N ASP O 32 80.33 10.77 1.11
CA ASP O 32 80.94 11.81 1.92
C ASP O 32 80.71 13.15 1.22
N GLU O 33 80.59 14.20 2.01
CA GLU O 33 80.35 15.54 1.46
C GLU O 33 81.51 15.98 0.59
N SER O 34 82.74 15.65 1.00
CA SER O 34 83.92 16.03 0.25
C SER O 34 83.97 15.41 -1.15
N PHE O 35 83.25 14.31 -1.33
CA PHE O 35 83.23 13.62 -2.62
C PHE O 35 82.49 14.41 -3.69
N LYS O 36 82.11 15.64 -3.35
CA LYS O 36 81.41 16.52 -4.27
C LYS O 36 82.42 17.02 -5.30
N GLN O 37 83.69 17.08 -4.89
CA GLN O 37 84.77 17.52 -5.77
C GLN O 37 85.58 16.31 -6.21
N LYS O 38 85.86 16.23 -7.51
CA LYS O 38 86.63 15.13 -8.07
C LYS O 38 87.97 14.97 -7.36
N ASP O 39 88.67 16.08 -7.16
CA ASP O 39 89.97 16.06 -6.50
C ASP O 39 89.92 15.23 -5.22
N GLU O 40 88.87 15.42 -4.42
CA GLU O 40 88.71 14.70 -3.16
C GLU O 40 88.35 13.23 -3.38
N LEU O 41 87.35 12.97 -4.22
CA LEU O 41 86.91 11.60 -4.48
C LEU O 41 88.04 10.74 -5.05
N GLU O 42 88.77 11.29 -6.02
CA GLU O 42 89.86 10.55 -6.65
C GLU O 42 91.05 10.34 -5.72
N ALA O 43 91.26 11.28 -4.80
CA ALA O 43 92.36 11.16 -3.84
C ALA O 43 92.01 10.05 -2.86
N PHE O 44 90.73 9.98 -2.49
CA PHE O 44 90.26 8.98 -1.55
C PHE O 44 90.39 7.60 -2.21
N ALA O 45 89.98 7.53 -3.48
CA ALA O 45 90.04 6.30 -4.24
C ALA O 45 91.47 5.78 -4.36
N GLU O 46 92.41 6.70 -4.55
CA GLU O 46 93.81 6.33 -4.69
C GLU O 46 94.35 5.76 -3.37
N THR O 47 94.00 6.41 -2.27
CA THR O 47 94.46 5.96 -0.96
C THR O 47 93.78 4.67 -0.50
N TYR O 48 92.54 4.46 -0.91
CA TYR O 48 91.81 3.26 -0.51
C TYR O 48 91.21 2.55 -1.71
N PRO O 49 92.04 1.84 -2.49
CA PRO O 49 91.55 1.12 -3.67
C PRO O 49 90.51 0.06 -3.33
N GLN O 50 90.46 -0.38 -2.07
CA GLN O 50 89.49 -1.39 -1.68
C GLN O 50 88.09 -0.81 -1.47
N LEU O 51 88.00 0.51 -1.42
CA LEU O 51 86.71 1.18 -1.23
C LEU O 51 86.24 1.81 -2.55
N LYS O 52 84.94 2.04 -2.67
CA LYS O 52 84.36 2.62 -3.88
C LYS O 52 83.65 3.93 -3.57
N PRO O 53 84.39 5.05 -3.55
CA PRO O 53 83.76 6.35 -3.27
C PRO O 53 82.77 6.79 -4.35
N MET O 54 81.61 7.28 -3.92
CA MET O 54 80.57 7.74 -4.84
C MET O 54 80.50 9.27 -4.73
N SER O 55 79.94 9.93 -5.75
CA SER O 55 79.84 11.38 -5.72
C SER O 55 78.44 11.81 -5.28
N GLU O 56 77.46 10.92 -5.46
CA GLU O 56 76.09 11.20 -5.09
C GLU O 56 75.99 11.68 -3.63
N GLN O 57 75.16 12.69 -3.40
CA GLN O 57 74.99 13.25 -2.07
C GLN O 57 73.61 13.03 -1.46
N GLU O 58 72.62 12.78 -2.30
CA GLU O 58 71.26 12.57 -1.82
C GLU O 58 70.86 11.10 -1.73
N PRO O 59 70.04 10.76 -0.71
CA PRO O 59 69.55 9.40 -0.47
C PRO O 59 69.08 8.66 -1.71
N ALA O 60 68.12 9.24 -2.42
CA ALA O 60 67.59 8.61 -3.63
C ALA O 60 68.67 8.38 -4.69
N GLU O 61 69.42 9.43 -4.99
CA GLU O 61 70.48 9.35 -5.99
C GLU O 61 71.58 8.37 -5.58
N LEU O 62 71.99 8.41 -4.32
CA LEU O 62 73.04 7.54 -3.82
C LEU O 62 72.65 6.06 -3.91
N ILE O 63 71.46 5.73 -3.43
CA ILE O 63 70.99 4.35 -3.46
C ILE O 63 70.88 3.81 -4.88
N GLU O 64 70.30 4.61 -5.78
CA GLU O 64 70.14 4.20 -7.17
C GLU O 64 71.50 4.03 -7.83
N ALA O 65 72.41 4.95 -7.53
CA ALA O 65 73.75 4.93 -8.09
C ALA O 65 74.50 3.65 -7.70
N VAL O 66 74.43 3.28 -6.43
CA VAL O 66 75.10 2.07 -5.96
C VAL O 66 74.48 0.79 -6.51
N THR O 67 73.16 0.79 -6.66
CA THR O 67 72.46 -0.37 -7.19
C THR O 67 72.83 -0.61 -8.66
N SER O 68 72.84 0.47 -9.44
CA SER O 68 73.18 0.36 -10.86
C SER O 68 74.61 -0.13 -11.02
N ALA O 69 75.53 0.50 -10.31
CA ALA O 69 76.95 0.16 -10.38
C ALA O 69 77.36 -1.17 -9.75
N TYR O 70 76.79 -1.52 -8.61
CA TYR O 70 77.18 -2.76 -7.95
C TYR O 70 76.07 -3.80 -7.74
N GLY O 71 75.03 -3.72 -8.57
CA GLY O 71 73.94 -4.68 -8.48
C GLY O 71 72.82 -4.43 -7.50
N GLN O 72 73.18 -4.15 -6.26
CA GLN O 72 72.16 -3.90 -5.24
C GLN O 72 72.80 -3.42 -3.95
N VAL O 73 71.97 -3.09 -2.97
CA VAL O 73 72.45 -2.65 -1.67
C VAL O 73 72.00 -3.69 -0.66
N ASP O 74 72.97 -4.38 -0.07
CA ASP O 74 72.66 -5.43 0.89
C ASP O 74 72.80 -4.94 2.32
N VAL O 75 73.72 -4.00 2.51
CA VAL O 75 73.97 -3.44 3.83
C VAL O 75 74.00 -1.93 3.77
N LEU O 76 73.27 -1.29 4.68
CA LEU O 76 73.25 0.16 4.77
C LEU O 76 73.78 0.55 6.14
N VAL O 77 74.82 1.37 6.15
CA VAL O 77 75.39 1.85 7.39
C VAL O 77 75.22 3.36 7.37
N SER O 78 74.20 3.85 8.05
CA SER O 78 73.97 5.29 8.10
C SER O 78 74.84 5.85 9.20
N ASN O 79 75.98 6.39 8.81
CA ASN O 79 76.94 6.98 9.73
C ASN O 79 76.65 8.47 9.75
N ASP O 80 75.63 8.85 10.50
CA ASP O 80 75.19 10.23 10.57
C ASP O 80 75.98 11.12 11.51
N ILE O 81 76.26 12.34 11.04
CA ILE O 81 77.02 13.30 11.83
C ILE O 81 76.35 14.67 11.81
N PHE O 82 76.79 15.51 12.75
CA PHE O 82 76.30 16.86 12.89
C PHE O 82 77.31 17.58 13.77
N ALA O 83 77.47 18.88 13.57
CA ALA O 83 78.41 19.67 14.37
C ALA O 83 77.62 20.54 15.33
N PRO O 84 77.27 20.01 16.51
CA PRO O 84 76.51 20.80 17.47
C PRO O 84 77.39 21.56 18.45
N GLU O 85 76.81 22.58 19.08
CA GLU O 85 77.51 23.37 20.08
C GLU O 85 76.80 23.03 21.38
N PHE O 86 77.52 23.10 22.49
CA PHE O 86 76.88 22.90 23.78
C PHE O 86 76.25 24.26 24.03
N GLN O 87 75.09 24.29 24.69
CA GLN O 87 74.47 25.57 24.99
C GLN O 87 73.21 25.43 25.83
N PRO O 88 72.97 26.38 26.73
CA PRO O 88 71.77 26.36 27.59
C PRO O 88 70.63 26.37 26.59
N ILE O 89 69.53 25.70 26.92
CA ILE O 89 68.40 25.63 26.01
C ILE O 89 67.99 27.00 25.48
N ASP O 90 68.09 28.04 26.30
CA ASP O 90 67.71 29.37 25.87
C ASP O 90 68.69 30.03 24.91
N LYS O 91 69.92 29.52 24.83
CA LYS O 91 70.93 30.08 23.94
C LYS O 91 70.98 29.41 22.57
N TYR O 92 70.14 28.40 22.38
CA TYR O 92 70.06 27.72 21.09
C TYR O 92 69.06 28.47 20.24
N ALA O 93 69.17 28.30 18.92
CA ALA O 93 68.21 28.89 18.01
C ALA O 93 67.35 27.68 17.69
N VAL O 94 66.06 27.87 17.45
CA VAL O 94 65.22 26.74 17.15
C VAL O 94 65.75 26.02 15.90
N GLU O 95 66.41 26.78 15.03
CA GLU O 95 66.96 26.23 13.81
C GLU O 95 68.11 25.26 14.14
N ASP O 96 68.75 25.48 15.28
CA ASP O 96 69.85 24.61 15.71
C ASP O 96 69.33 23.20 15.95
N TYR O 97 68.07 23.10 16.39
CA TYR O 97 67.47 21.79 16.64
C TYR O 97 67.00 21.18 15.34
N ARG O 98 66.42 22.00 14.45
CA ARG O 98 65.95 21.49 13.18
C ARG O 98 67.15 20.92 12.40
N GLY O 99 68.30 21.58 12.54
CA GLY O 99 69.50 21.14 11.85
C GLY O 99 69.98 19.79 12.38
N ALA O 100 69.92 19.62 13.69
CA ALA O 100 70.34 18.38 14.30
C ALA O 100 69.38 17.26 13.90
N VAL O 101 68.09 17.54 13.93
CA VAL O 101 67.11 16.53 13.57
C VAL O 101 67.20 16.15 12.09
N GLU O 102 67.37 17.15 11.23
CA GLU O 102 67.47 16.89 9.80
C GLU O 102 68.68 16.00 9.50
N ALA O 103 69.79 16.28 10.17
CA ALA O 103 71.02 15.52 9.94
C ALA O 103 71.09 14.18 10.66
N LEU O 104 70.50 14.10 11.86
CA LEU O 104 70.54 12.88 12.65
C LEU O 104 69.33 11.97 12.63
N GLN O 105 68.19 12.47 12.15
CA GLN O 105 66.97 11.65 12.09
C GLN O 105 66.41 11.54 10.68
N ILE O 106 66.17 12.69 10.03
CA ILE O 106 65.61 12.67 8.69
C ILE O 106 66.50 11.95 7.67
N ARG O 107 67.81 12.22 7.72
CA ARG O 107 68.75 11.60 6.79
C ARG O 107 68.71 10.07 6.85
N PRO O 108 68.87 9.47 8.05
CA PRO O 108 68.81 8.00 8.08
C PRO O 108 67.44 7.47 7.68
N PHE O 109 66.38 8.21 8.01
CA PHE O 109 65.04 7.79 7.63
C PHE O 109 64.93 7.83 6.11
N ALA O 110 65.49 8.88 5.52
CA ALA O 110 65.45 9.06 4.07
C ALA O 110 66.17 7.92 3.35
N LEU O 111 67.31 7.51 3.89
CA LEU O 111 68.09 6.43 3.29
C LEU O 111 67.35 5.11 3.34
N VAL O 112 66.74 4.79 4.48
CA VAL O 112 66.02 3.54 4.62
C VAL O 112 64.79 3.60 3.73
N ASN O 113 64.17 4.77 3.67
CA ASN O 113 63.00 4.97 2.85
C ASN O 113 63.33 4.63 1.40
N ALA O 114 64.55 4.98 0.98
CA ALA O 114 65.02 4.75 -0.39
C ALA O 114 65.43 3.32 -0.72
N VAL O 115 66.07 2.62 0.22
CA VAL O 115 66.54 1.27 -0.04
C VAL O 115 65.60 0.14 0.40
N ALA O 116 64.67 0.46 1.29
CA ALA O 116 63.74 -0.52 1.84
C ALA O 116 63.03 -1.45 0.85
N SER O 117 62.48 -0.92 -0.22
CA SER O 117 61.75 -1.75 -1.18
C SER O 117 62.57 -2.85 -1.83
N GLN O 118 63.80 -2.55 -2.27
CA GLN O 118 64.60 -3.59 -2.90
C GLN O 118 64.97 -4.70 -1.93
N MET O 119 65.22 -4.33 -0.67
CA MET O 119 65.55 -5.33 0.34
C MET O 119 64.35 -6.22 0.64
N LYS O 120 63.18 -5.61 0.75
CA LYS O 120 61.97 -6.36 1.05
C LYS O 120 61.60 -7.34 -0.06
N LYS O 121 61.82 -6.94 -1.31
CA LYS O 121 61.51 -7.81 -2.44
C LYS O 121 62.34 -9.09 -2.35
N ARG O 122 63.64 -8.93 -2.10
CA ARG O 122 64.56 -10.06 -1.98
C ARG O 122 64.39 -10.79 -0.66
N LYS O 123 63.91 -10.06 0.35
CA LYS O 123 63.75 -10.60 1.69
C LYS O 123 65.14 -10.86 2.26
N SER O 124 66.00 -9.85 2.12
CA SER O 124 67.36 -9.93 2.62
C SER O 124 67.97 -8.54 2.70
N GLY O 125 68.84 -8.33 3.68
CA GLY O 125 69.47 -7.04 3.84
C GLY O 125 69.72 -6.70 5.30
N HIS O 126 70.57 -5.71 5.53
CA HIS O 126 70.88 -5.31 6.91
C HIS O 126 70.93 -3.79 7.00
N ILE O 127 70.32 -3.25 8.05
CA ILE O 127 70.32 -1.81 8.23
C ILE O 127 70.98 -1.48 9.57
N ILE O 128 71.99 -0.63 9.51
CA ILE O 128 72.72 -0.22 10.70
C ILE O 128 72.82 1.30 10.81
N PHE O 129 72.33 1.85 11.91
CA PHE O 129 72.41 3.28 12.16
C PHE O 129 73.54 3.52 13.16
N ILE O 130 74.43 4.46 12.87
CA ILE O 130 75.47 4.78 13.84
C ILE O 130 74.87 6.04 14.46
N THR O 131 74.42 5.91 15.71
CA THR O 131 73.80 7.01 16.42
C THR O 131 74.70 7.60 17.50
N SER O 132 74.30 7.46 18.75
CA SER O 132 75.10 8.00 19.86
C SER O 132 74.68 7.40 21.19
N ALA O 133 75.60 7.42 22.15
CA ALA O 133 75.29 6.90 23.48
C ALA O 133 74.89 8.06 24.41
N THR O 134 74.90 9.28 23.91
CA THR O 134 74.54 10.42 24.76
C THR O 134 73.13 10.29 25.36
N PRO O 135 72.19 9.64 24.63
CA PRO O 135 70.86 9.50 25.21
C PRO O 135 70.89 8.66 26.49
N PHE O 136 71.85 7.73 26.55
CA PHE O 136 71.97 6.85 27.71
C PHE O 136 72.47 7.62 28.94
N GLY O 137 73.33 8.59 28.70
CA GLY O 137 73.87 9.39 29.79
C GLY O 137 74.02 10.82 29.29
N PRO O 138 72.93 11.61 29.30
CA PRO O 138 72.97 13.00 28.83
C PRO O 138 73.82 13.95 29.66
N TRP O 139 74.56 14.82 28.97
CA TRP O 139 75.37 15.84 29.62
C TRP O 139 74.45 17.05 29.62
N LYS O 140 74.67 18.00 30.52
CA LYS O 140 73.81 19.17 30.47
C LYS O 140 74.25 20.08 29.32
N GLU O 141 73.28 20.76 28.71
CA GLU O 141 73.51 21.69 27.62
C GLU O 141 73.87 21.14 26.24
N LEU O 142 73.35 19.95 25.93
CA LEU O 142 73.55 19.34 24.62
C LEU O 142 72.22 18.70 24.26
N SER O 143 71.14 19.41 24.61
CA SER O 143 69.79 18.90 24.38
C SER O 143 69.37 18.64 22.93
N THR O 144 69.82 19.46 21.99
CA THR O 144 69.46 19.25 20.60
C THR O 144 70.03 17.94 20.06
N TYR O 145 71.35 17.82 20.12
CA TYR O 145 72.06 16.64 19.64
C TYR O 145 71.60 15.36 20.33
N THR O 146 71.57 15.40 21.66
CA THR O 146 71.17 14.23 22.44
C THR O 146 69.77 13.70 22.13
N SER O 147 68.78 14.57 22.06
CA SER O 147 67.42 14.11 21.77
C SER O 147 67.25 13.62 20.34
N ALA O 148 67.95 14.25 19.40
CA ALA O 148 67.87 13.83 18.00
C ALA O 148 68.41 12.40 17.86
N ARG O 149 69.54 12.13 18.50
CA ARG O 149 70.15 10.80 18.44
C ARG O 149 69.20 9.76 19.03
N ALA O 150 68.46 10.16 20.05
CA ALA O 150 67.49 9.29 20.69
C ALA O 150 66.40 8.94 19.69
N GLY O 151 65.99 9.94 18.90
CA GLY O 151 64.97 9.70 17.90
C GLY O 151 65.47 8.67 16.91
N ALA O 152 66.75 8.77 16.54
CA ALA O 152 67.34 7.82 15.60
C ALA O 152 67.39 6.40 16.19
N CYS O 153 67.73 6.30 17.48
CA CYS O 153 67.79 5.01 18.15
C CYS O 153 66.42 4.31 18.13
N THR O 154 65.38 5.07 18.44
CA THR O 154 64.03 4.52 18.44
C THR O 154 63.57 4.22 17.02
N LEU O 155 64.04 5.03 16.07
CA LEU O 155 63.66 4.82 14.67
C LEU O 155 64.16 3.43 14.26
N ALA O 156 65.39 3.12 14.64
CA ALA O 156 65.97 1.82 14.32
C ALA O 156 65.15 0.68 14.95
N ASN O 157 64.82 0.81 16.23
CA ASN O 157 64.06 -0.22 16.92
C ASN O 157 62.66 -0.40 16.32
N ALA O 158 62.01 0.70 16.00
CA ALA O 158 60.68 0.64 15.41
C ALA O 158 60.73 -0.06 14.06
N LEU O 159 61.72 0.28 13.25
CA LEU O 159 61.87 -0.34 11.93
C LEU O 159 62.10 -1.85 12.01
N SER O 160 62.82 -2.29 13.03
CA SER O 160 63.09 -3.72 13.19
C SER O 160 61.79 -4.54 13.28
N LYS O 161 60.76 -3.94 13.87
CA LYS O 161 59.48 -4.62 14.04
C LYS O 161 58.76 -4.92 12.73
N GLU O 162 58.87 -4.05 11.74
CA GLU O 162 58.20 -4.27 10.46
C GLU O 162 59.09 -5.00 9.46
N LEU O 163 60.37 -4.68 9.46
CA LEU O 163 61.30 -5.29 8.52
C LEU O 163 61.68 -6.73 8.86
N GLY O 164 61.44 -7.14 10.10
CA GLY O 164 61.78 -8.49 10.51
C GLY O 164 61.01 -9.52 9.70
N GLU O 165 59.80 -9.16 9.30
CA GLU O 165 58.95 -10.05 8.52
C GLU O 165 59.62 -10.36 7.18
N TYR O 166 60.42 -9.42 6.70
CA TYR O 166 61.12 -9.58 5.43
C TYR O 166 62.57 -10.02 5.63
N ASN O 167 62.84 -10.57 6.81
CA ASN O 167 64.16 -11.06 7.18
C ASN O 167 65.26 -9.99 7.11
N ILE O 168 64.90 -8.76 7.44
CA ILE O 168 65.86 -7.65 7.42
C ILE O 168 66.12 -7.11 8.83
N PRO O 169 67.28 -7.44 9.41
CA PRO O 169 67.64 -6.97 10.75
C PRO O 169 67.96 -5.48 10.71
N VAL O 170 67.63 -4.79 11.80
CA VAL O 170 67.88 -3.35 11.90
C VAL O 170 68.53 -3.12 13.27
N PHE O 171 69.65 -2.41 13.29
CA PHE O 171 70.35 -2.14 14.54
C PHE O 171 70.78 -0.69 14.62
N ALA O 172 71.07 -0.25 15.85
CA ALA O 172 71.57 1.09 16.09
C ALA O 172 72.80 0.92 16.99
N ILE O 173 73.91 1.53 16.60
CA ILE O 173 75.13 1.47 17.38
C ILE O 173 75.36 2.89 17.89
N GLY O 174 75.32 3.06 19.21
CA GLY O 174 75.50 4.37 19.81
C GLY O 174 76.83 4.49 20.50
N PRO O 175 77.82 5.10 19.84
CA PRO O 175 79.14 5.25 20.46
C PRO O 175 79.29 6.54 21.27
N ASN O 176 80.36 6.58 22.04
CA ASN O 176 80.77 7.77 22.78
C ASN O 176 82.23 7.49 23.08
N TYR O 177 83.04 8.54 23.04
CA TYR O 177 84.48 8.42 23.25
C TYR O 177 85.12 7.50 22.22
N LEU O 178 84.58 7.54 21.01
CA LEU O 178 85.12 6.75 19.90
C LEU O 178 86.20 7.56 19.19
N HIS O 179 87.44 7.09 19.28
CA HIS O 179 88.57 7.77 18.63
C HIS O 179 88.25 7.96 17.15
N SER O 180 88.23 9.21 16.70
CA SER O 180 87.92 9.52 15.30
C SER O 180 89.16 9.93 14.48
N GLU O 181 90.34 9.73 15.07
CA GLU O 181 91.60 10.03 14.41
C GLU O 181 91.76 11.46 13.88
N ASP O 182 91.74 11.60 12.56
CA ASP O 182 91.88 12.92 11.93
C ASP O 182 90.55 13.66 11.83
N SER O 183 89.46 12.95 12.06
CA SER O 183 88.14 13.57 11.97
C SER O 183 87.77 14.32 13.24
N PRO O 184 87.12 15.49 13.11
CA PRO O 184 86.71 16.30 14.25
C PRO O 184 85.44 15.73 14.90
N TYR O 185 84.84 14.76 14.21
CA TYR O 185 83.61 14.10 14.68
C TYR O 185 83.93 12.71 15.23
N PHE O 186 84.07 12.57 16.55
CA PHE O 186 83.97 13.68 17.51
C PHE O 186 85.10 13.65 18.52
N TYR O 187 86.00 12.67 18.39
CA TYR O 187 87.14 12.53 19.29
C TYR O 187 88.49 12.38 18.59
N PRO O 188 88.99 13.47 17.98
CA PRO O 188 90.27 13.44 17.26
C PRO O 188 91.47 13.14 18.15
N THR O 189 92.52 12.59 17.55
CA THR O 189 93.75 12.24 18.25
C THR O 189 94.25 13.40 19.12
N GLU O 190 94.22 14.59 18.55
CA GLU O 190 94.62 15.79 19.29
C GLU O 190 93.28 16.42 19.67
N PRO O 191 93.06 16.68 20.97
CA PRO O 191 93.90 16.46 22.14
C PRO O 191 93.54 15.23 22.97
N TRP O 192 92.51 14.51 22.54
CA TRP O 192 92.03 13.34 23.28
C TRP O 192 93.02 12.23 23.62
N LYS O 193 94.10 12.10 22.86
CA LYS O 193 95.09 11.07 23.14
C LYS O 193 96.46 11.61 23.58
N THR O 194 96.67 12.90 23.33
CA THR O 194 97.94 13.54 23.65
C THR O 194 97.97 14.46 24.86
N ASN O 195 96.87 15.20 25.09
CA ASN O 195 96.80 16.13 26.21
C ASN O 195 96.36 15.50 27.54
N PRO O 196 97.14 15.71 28.61
CA PRO O 196 96.88 15.20 29.96
C PRO O 196 95.46 15.37 30.48
N GLU O 197 94.88 16.57 30.30
CA GLU O 197 93.53 16.83 30.78
C GLU O 197 92.50 15.91 30.15
N HIS O 198 92.64 15.65 28.85
CA HIS O 198 91.71 14.78 28.16
C HIS O 198 91.95 13.31 28.45
N VAL O 199 93.22 12.93 28.52
CA VAL O 199 93.58 11.55 28.83
C VAL O 199 92.98 11.23 30.20
N ALA O 200 93.03 12.22 31.09
CA ALA O 200 92.51 12.07 32.44
C ALA O 200 90.98 12.01 32.43
N HIS O 201 90.36 12.86 31.62
CA HIS O 201 88.90 12.88 31.55
C HIS O 201 88.37 11.52 31.08
N VAL O 202 88.92 11.05 29.96
CA VAL O 202 88.51 9.77 29.40
C VAL O 202 88.75 8.64 30.39
N LYS O 203 89.85 8.75 31.13
CA LYS O 203 90.20 7.74 32.11
C LYS O 203 89.16 7.70 33.24
N LYS O 204 88.54 8.85 33.51
CA LYS O 204 87.57 8.96 34.58
C LYS O 204 86.13 8.58 34.21
N VAL O 205 85.67 9.02 33.05
CA VAL O 205 84.29 8.76 32.64
C VAL O 205 83.97 7.43 31.97
N THR O 206 84.98 6.67 31.57
CA THR O 206 84.74 5.36 30.96
C THR O 206 85.24 4.24 31.87
N ALA O 207 84.52 3.13 31.89
CA ALA O 207 84.92 2.01 32.73
C ALA O 207 86.26 1.42 32.27
N LEU O 208 86.44 1.27 30.96
CA LEU O 208 87.68 0.73 30.40
C LEU O 208 88.82 1.76 30.39
N GLN O 209 88.50 2.98 30.82
CA GLN O 209 89.46 4.08 30.91
C GLN O 209 90.31 4.31 29.66
N ARG O 210 89.64 4.49 28.52
CA ARG O 210 90.33 4.73 27.25
C ARG O 210 89.29 5.01 26.17
N LEU O 211 89.73 5.55 25.04
CA LEU O 211 88.82 5.82 23.94
C LEU O 211 88.53 4.49 23.25
N GLY O 212 87.41 4.42 22.55
CA GLY O 212 87.07 3.23 21.80
C GLY O 212 87.82 3.36 20.50
N THR O 213 88.08 2.25 19.81
CA THR O 213 88.81 2.32 18.54
C THR O 213 87.91 2.13 17.34
N GLN O 214 88.36 2.62 16.19
CA GLN O 214 87.60 2.47 14.96
C GLN O 214 87.49 0.98 14.64
N LYS O 215 88.53 0.23 14.97
CA LYS O 215 88.53 -1.22 14.71
C LYS O 215 87.41 -1.90 15.47
N GLU O 216 87.20 -1.50 16.72
CA GLU O 216 86.14 -2.10 17.53
C GLU O 216 84.77 -1.81 16.91
N LEU O 217 84.54 -0.56 16.51
CA LEU O 217 83.26 -0.23 15.89
C LEU O 217 83.09 -1.03 14.60
N GLY O 218 84.16 -1.04 13.79
CA GLY O 218 84.13 -1.76 12.52
C GLY O 218 83.85 -3.24 12.68
N GLU O 219 84.43 -3.85 13.71
CA GLU O 219 84.23 -5.27 13.97
C GLU O 219 82.77 -5.53 14.33
N LEU O 220 82.17 -4.63 15.10
CA LEU O 220 80.76 -4.81 15.46
C LEU O 220 79.91 -4.68 14.20
N VAL O 221 80.22 -3.67 13.40
CA VAL O 221 79.49 -3.45 12.16
C VAL O 221 79.57 -4.68 11.24
N ALA O 222 80.78 -5.20 11.05
CA ALA O 222 80.97 -6.38 10.21
C ALA O 222 80.21 -7.57 10.78
N PHE O 223 80.28 -7.74 12.10
CA PHE O 223 79.60 -8.84 12.77
C PHE O 223 78.09 -8.78 12.55
N LEU O 224 77.51 -7.61 12.72
CA LEU O 224 76.07 -7.44 12.55
C LEU O 224 75.65 -7.64 11.09
N ALA O 225 76.49 -7.20 10.17
CA ALA O 225 76.20 -7.32 8.75
C ALA O 225 76.53 -8.72 8.19
N SER O 226 77.19 -9.55 9.00
CA SER O 226 77.58 -10.89 8.55
C SER O 226 76.41 -11.87 8.46
N GLY O 227 75.36 -11.60 9.22
CA GLY O 227 74.22 -12.49 9.22
C GLY O 227 74.40 -13.62 10.20
N SER O 228 75.44 -13.50 11.03
CA SER O 228 75.75 -14.52 12.03
C SER O 228 74.80 -14.45 13.23
N CYS O 229 74.27 -13.26 13.50
CA CYS O 229 73.39 -13.08 14.64
C CYS O 229 72.26 -12.09 14.35
N ASP O 230 71.41 -12.45 13.39
CA ASP O 230 70.29 -11.60 13.03
C ASP O 230 69.26 -11.51 14.16
N TYR O 231 69.29 -12.46 15.08
CA TYR O 231 68.33 -12.50 16.19
C TYR O 231 68.46 -11.33 17.17
N LEU O 232 69.47 -10.49 16.98
CA LEU O 232 69.66 -9.31 17.84
C LEU O 232 68.91 -8.10 17.27
N THR O 233 68.22 -8.31 16.15
CA THR O 233 67.48 -7.22 15.49
C THR O 233 66.71 -6.32 16.46
N GLY O 234 66.79 -5.02 16.21
CA GLY O 234 66.11 -4.04 17.04
C GLY O 234 66.98 -3.56 18.19
N GLN O 235 68.13 -4.18 18.36
CA GLN O 235 69.06 -3.84 19.43
C GLN O 235 69.76 -2.49 19.27
N VAL O 236 69.91 -1.79 20.38
CA VAL O 236 70.66 -0.54 20.40
C VAL O 236 71.90 -0.93 21.20
N PHE O 237 73.07 -0.80 20.55
CA PHE O 237 74.35 -1.15 21.13
C PHE O 237 75.04 0.10 21.69
N TRP O 238 75.34 0.10 22.99
CA TRP O 238 76.02 1.24 23.59
C TRP O 238 77.53 0.96 23.57
N LEU O 239 78.18 1.46 22.54
CA LEU O 239 79.63 1.29 22.33
C LEU O 239 80.32 2.44 23.03
N ALA O 240 80.32 2.43 24.36
CA ALA O 240 80.92 3.54 25.08
C ALA O 240 81.89 3.16 26.21
N GLY O 241 82.48 1.98 26.12
CA GLY O 241 83.44 1.52 27.10
C GLY O 241 83.03 1.56 28.57
N GLY O 242 81.75 1.34 28.83
CA GLY O 242 81.31 1.36 30.21
C GLY O 242 80.81 2.72 30.67
N PHE O 243 80.90 3.71 29.79
CA PHE O 243 80.41 5.04 30.11
C PHE O 243 78.90 4.91 30.34
N PRO O 244 78.35 5.66 31.30
CA PRO O 244 79.07 6.60 32.15
C PRO O 244 79.47 6.04 33.52
N MET O 245 80.58 6.54 34.04
CA MET O 245 81.06 6.15 35.36
C MET O 245 80.49 7.21 36.29
N ILE O 246 79.76 6.80 37.31
CA ILE O 246 79.15 7.77 38.21
C ILE O 246 79.97 8.14 39.44
N GLU O 247 80.06 9.45 39.67
CA GLU O 247 80.80 10.02 40.80
C GLU O 247 80.37 9.37 42.11
N ARG O 248 81.33 8.82 42.84
CA ARG O 248 81.01 8.19 44.12
C ARG O 248 81.15 9.13 45.32
N TRP O 249 80.69 8.63 46.48
CA TRP O 249 80.71 9.37 47.72
C TRP O 249 82.07 9.92 48.15
N PRO O 250 82.06 11.05 48.87
CA PRO O 250 83.29 11.69 49.35
C PRO O 250 84.08 10.71 50.20
N GLY O 251 85.40 10.67 50.01
CA GLY O 251 86.22 9.77 50.79
C GLY O 251 86.52 8.45 50.10
N MET O 252 85.75 8.14 49.07
CA MET O 252 85.95 6.91 48.33
C MET O 252 86.95 7.16 47.22
N PRO O 253 87.88 6.22 47.01
CA PRO O 253 88.89 6.37 45.97
C PRO O 253 88.29 6.64 44.59
N SER P 2 92.06 -19.52 24.36
CA SER P 2 92.35 -19.51 25.82
C SER P 2 91.50 -20.56 26.53
N THR P 3 91.24 -20.35 27.82
CA THR P 3 90.44 -21.29 28.59
C THR P 3 89.10 -20.70 29.01
N ALA P 4 88.02 -21.37 28.64
CA ALA P 4 86.69 -20.91 28.96
C ALA P 4 85.91 -21.91 29.80
N ILE P 5 84.94 -21.40 30.56
CA ILE P 5 84.07 -22.19 31.39
C ILE P 5 82.65 -21.92 30.95
N VAL P 6 81.88 -22.98 30.72
CA VAL P 6 80.48 -22.86 30.33
C VAL P 6 79.69 -23.74 31.29
N THR P 7 78.75 -23.15 32.02
CA THR P 7 77.94 -23.90 32.99
C THR P 7 76.68 -24.48 32.37
N ASN P 8 76.09 -25.46 33.06
CA ASN P 8 74.86 -26.10 32.59
C ASN P 8 74.92 -26.27 31.09
N VAL P 9 76.09 -26.71 30.63
CA VAL P 9 76.36 -26.89 29.21
C VAL P 9 75.31 -27.64 28.42
N LYS P 10 74.59 -28.55 29.08
CA LYS P 10 73.57 -29.35 28.42
C LYS P 10 72.26 -28.62 28.11
N HIS P 11 72.08 -27.44 28.70
CA HIS P 11 70.82 -26.74 28.50
C HIS P 11 70.91 -25.26 28.12
N PHE P 12 69.77 -24.71 27.72
CA PHE P 12 69.66 -23.28 27.38
C PHE P 12 70.66 -22.87 26.29
N GLY P 13 71.60 -21.98 26.64
CA GLY P 13 72.58 -21.55 25.66
C GLY P 13 73.91 -22.26 25.84
N GLY P 14 73.88 -23.39 26.55
CA GLY P 14 75.10 -24.13 26.82
C GLY P 14 75.87 -24.70 25.64
N MET P 15 75.23 -25.54 24.84
CA MET P 15 75.93 -26.16 23.71
C MET P 15 76.36 -25.14 22.65
N GLY P 16 75.48 -24.19 22.35
CA GLY P 16 75.80 -23.17 21.35
C GLY P 16 77.05 -22.41 21.78
N SER P 17 77.12 -22.07 23.06
CA SER P 17 78.26 -21.34 23.62
C SER P 17 79.55 -22.16 23.66
N ALA P 18 79.49 -23.33 24.29
CA ALA P 18 80.67 -24.19 24.42
C ALA P 18 81.26 -24.57 23.07
N LEU P 19 80.42 -25.03 22.16
CA LEU P 19 80.86 -25.46 20.85
C LEU P 19 81.49 -24.37 20.00
N ARG P 20 80.90 -23.18 20.02
CA ARG P 20 81.46 -22.09 19.22
C ARG P 20 82.77 -21.63 19.83
N LEU P 21 82.82 -21.58 21.15
CA LEU P 21 84.04 -21.17 21.83
C LEU P 21 85.13 -22.18 21.47
N SER P 22 84.74 -23.45 21.41
CA SER P 22 85.68 -24.52 21.06
C SER P 22 86.20 -24.30 19.65
N GLU P 23 85.31 -23.92 18.74
CA GLU P 23 85.70 -23.67 17.35
C GLU P 23 86.66 -22.48 17.28
N ALA P 24 86.47 -21.50 18.15
CA ALA P 24 87.33 -20.31 18.18
C ALA P 24 88.73 -20.65 18.67
N GLY P 25 88.92 -21.90 19.11
CA GLY P 25 90.22 -22.33 19.56
C GLY P 25 90.44 -22.33 21.07
N HIS P 26 89.39 -22.08 21.84
CA HIS P 26 89.50 -22.06 23.29
C HIS P 26 89.42 -23.47 23.87
N THR P 27 90.00 -23.66 25.05
CA THR P 27 89.88 -24.93 25.73
C THR P 27 88.60 -24.67 26.51
N VAL P 28 87.57 -25.48 26.29
CA VAL P 28 86.30 -25.26 26.98
C VAL P 28 85.95 -26.25 28.09
N ALA P 29 86.16 -25.84 29.33
CA ALA P 29 85.82 -26.70 30.46
C ALA P 29 84.32 -26.51 30.62
N CYS P 30 83.59 -27.63 30.77
CA CYS P 30 82.15 -27.56 30.91
C CYS P 30 81.61 -28.12 32.21
N HIS P 31 80.64 -27.41 32.78
CA HIS P 31 79.99 -27.83 34.02
C HIS P 31 78.55 -28.23 33.74
N ASP P 32 77.99 -29.07 34.61
CA ASP P 32 76.61 -29.51 34.49
C ASP P 32 76.29 -30.43 35.66
N GLU P 33 75.05 -30.35 36.16
CA GLU P 33 74.62 -31.17 37.29
C GLU P 33 74.87 -32.66 37.05
N SER P 34 74.63 -33.11 35.82
CA SER P 34 74.82 -34.52 35.47
C SER P 34 76.23 -35.01 35.73
N PHE P 35 77.21 -34.16 35.46
CA PHE P 35 78.62 -34.50 35.63
C PHE P 35 79.00 -34.92 37.05
N LYS P 36 77.99 -35.11 37.90
CA LYS P 36 78.22 -35.55 39.27
C LYS P 36 78.42 -37.06 39.21
N GLN P 37 77.82 -37.69 38.20
CA GLN P 37 77.91 -39.14 37.99
C GLN P 37 79.01 -39.43 36.97
N LYS P 38 79.93 -40.32 37.32
CA LYS P 38 81.04 -40.67 36.44
C LYS P 38 80.55 -41.03 35.04
N ASP P 39 79.43 -41.74 34.95
CA ASP P 39 78.88 -42.18 33.67
C ASP P 39 78.59 -41.04 32.71
N GLU P 40 77.90 -40.01 33.20
CA GLU P 40 77.55 -38.86 32.39
C GLU P 40 78.73 -38.10 31.85
N LEU P 41 79.65 -37.72 32.74
CA LEU P 41 80.83 -36.96 32.35
C LEU P 41 81.60 -37.66 31.24
N GLU P 42 81.72 -38.98 31.33
CA GLU P 42 82.46 -39.73 30.31
C GLU P 42 81.65 -39.95 29.02
N ALA P 43 80.34 -40.04 29.14
CA ALA P 43 79.49 -40.21 27.97
C ALA P 43 79.53 -38.89 27.18
N PHE P 44 79.58 -37.78 27.92
CA PHE P 44 79.63 -36.46 27.31
C PHE P 44 81.02 -36.21 26.72
N ALA P 45 82.04 -36.64 27.46
CA ALA P 45 83.42 -36.47 27.03
C ALA P 45 83.73 -37.22 25.74
N GLU P 46 83.05 -38.35 25.53
CA GLU P 46 83.26 -39.15 24.33
C GLU P 46 82.60 -38.53 23.11
N THR P 47 81.37 -38.05 23.30
CA THR P 47 80.63 -37.44 22.21
C THR P 47 81.26 -36.13 21.73
N TYR P 48 81.83 -35.37 22.66
CA TYR P 48 82.47 -34.10 22.30
C TYR P 48 83.90 -34.04 22.79
N PRO P 49 84.82 -34.67 22.06
CA PRO P 49 86.24 -34.68 22.43
C PRO P 49 86.90 -33.30 22.43
N GLN P 50 86.20 -32.30 21.91
CA GLN P 50 86.75 -30.95 21.87
C GLN P 50 86.35 -30.16 23.11
N LEU P 51 85.48 -30.74 23.94
CA LEU P 51 85.04 -30.09 25.17
C LEU P 51 85.70 -30.80 26.35
N LYS P 52 85.73 -30.14 27.49
CA LYS P 52 86.33 -30.72 28.69
C LYS P 52 85.39 -30.70 29.88
N PRO P 53 84.48 -31.69 29.97
CA PRO P 53 83.53 -31.78 31.08
C PRO P 53 84.23 -31.92 32.44
N MET P 54 83.68 -31.25 33.44
CA MET P 54 84.22 -31.26 34.80
C MET P 54 83.13 -31.81 35.73
N SER P 55 83.52 -32.38 36.86
CA SER P 55 82.55 -32.92 37.81
C SER P 55 82.24 -31.92 38.92
N GLU P 56 83.16 -30.99 39.17
CA GLU P 56 82.97 -29.99 40.21
C GLU P 56 81.60 -29.31 40.13
N GLN P 57 81.09 -28.88 41.27
CA GLN P 57 79.77 -28.24 41.33
C GLN P 57 79.80 -26.87 42.00
N GLU P 58 80.45 -26.77 43.15
CA GLU P 58 80.52 -25.48 43.84
C GLU P 58 81.41 -24.53 43.05
N PRO P 59 81.00 -23.26 42.93
CA PRO P 59 81.72 -22.22 42.20
C PRO P 59 83.21 -22.11 42.49
N ALA P 60 83.56 -21.86 43.75
CA ALA P 60 84.95 -21.73 44.15
C ALA P 60 85.75 -22.95 43.74
N GLU P 61 85.16 -24.13 43.92
CA GLU P 61 85.83 -25.38 43.59
C GLU P 61 86.02 -25.52 42.09
N LEU P 62 85.01 -25.14 41.31
CA LEU P 62 85.08 -25.24 39.86
C LEU P 62 86.19 -24.35 39.30
N ILE P 63 86.15 -23.06 39.62
CA ILE P 63 87.17 -22.13 39.16
C ILE P 63 88.56 -22.68 39.52
N GLU P 64 88.67 -23.28 40.71
CA GLU P 64 89.93 -23.84 41.18
C GLU P 64 90.35 -25.04 40.32
N ALA P 65 89.40 -25.95 40.12
CA ALA P 65 89.66 -27.16 39.33
C ALA P 65 90.14 -26.83 37.93
N VAL P 66 89.49 -25.86 37.28
CA VAL P 66 89.87 -25.49 35.93
C VAL P 66 91.22 -24.78 35.88
N THR P 67 91.47 -23.90 36.83
CA THR P 67 92.74 -23.18 36.88
C THR P 67 93.89 -24.16 37.06
N SER P 68 93.67 -25.21 37.85
CA SER P 68 94.69 -26.22 38.08
C SER P 68 94.95 -27.05 36.85
N ALA P 69 93.88 -27.64 36.29
CA ALA P 69 94.00 -28.48 35.12
C ALA P 69 94.37 -27.77 33.82
N TYR P 70 93.82 -26.57 33.60
CA TYR P 70 94.10 -25.84 32.37
C TYR P 70 94.83 -24.51 32.50
N GLY P 71 95.43 -24.27 33.67
CA GLY P 71 96.19 -23.06 33.87
C GLY P 71 95.47 -21.83 34.40
N GLN P 72 94.30 -21.53 33.85
CA GLN P 72 93.56 -20.35 34.28
C GLN P 72 92.19 -20.30 33.62
N VAL P 73 91.40 -19.29 33.96
CA VAL P 73 90.08 -19.11 33.37
C VAL P 73 90.06 -17.74 32.72
N ASP P 74 90.01 -17.72 31.40
CA ASP P 74 90.01 -16.46 30.64
C ASP P 74 88.61 -16.01 30.26
N VAL P 75 87.68 -16.95 30.13
CA VAL P 75 86.31 -16.63 29.77
C VAL P 75 85.30 -17.41 30.62
N LEU P 76 84.35 -16.69 31.20
CA LEU P 76 83.32 -17.31 32.02
C LEU P 76 81.97 -17.07 31.37
N VAL P 77 81.27 -18.14 31.07
CA VAL P 77 79.93 -18.03 30.50
C VAL P 77 78.97 -18.65 31.51
N SER P 78 78.32 -17.80 32.30
CA SER P 78 77.38 -18.29 33.29
C SER P 78 76.04 -18.51 32.61
N ASN P 79 75.83 -19.75 32.19
CA ASN P 79 74.62 -20.15 31.52
C ASN P 79 73.67 -20.68 32.58
N ASP P 80 73.05 -19.76 33.30
CA ASP P 80 72.15 -20.13 34.39
C ASP P 80 70.75 -20.50 33.95
N ILE P 81 70.18 -21.50 34.63
CA ILE P 81 68.85 -21.98 34.34
C ILE P 81 68.07 -22.23 35.61
N PHE P 82 66.77 -22.42 35.44
CA PHE P 82 65.84 -22.68 36.54
C PHE P 82 64.51 -23.07 35.91
N ALA P 83 63.77 -23.95 36.58
CA ALA P 83 62.48 -24.38 36.06
C ALA P 83 61.36 -23.80 36.92
N PRO P 84 60.85 -22.62 36.54
CA PRO P 84 59.78 -22.00 37.30
C PRO P 84 58.39 -22.40 36.82
N GLU P 85 57.39 -22.05 37.61
CA GLU P 85 56.00 -22.33 37.26
C GLU P 85 55.34 -20.97 37.03
N PHE P 86 54.34 -20.94 36.18
CA PHE P 86 53.59 -19.70 35.95
C PHE P 86 52.55 -19.73 37.06
N GLN P 87 52.38 -18.63 37.78
CA GLN P 87 51.40 -18.61 38.86
C GLN P 87 51.11 -17.25 39.45
N PRO P 88 49.88 -17.05 39.94
CA PRO P 88 49.49 -15.78 40.55
C PRO P 88 50.42 -15.59 41.73
N ILE P 89 50.76 -14.35 42.03
CA ILE P 89 51.67 -14.06 43.12
C ILE P 89 51.29 -14.74 44.45
N ASP P 90 50.01 -14.81 44.76
CA ASP P 90 49.59 -15.45 46.01
C ASP P 90 49.75 -16.97 46.03
N LYS P 91 49.89 -17.59 44.87
CA LYS P 91 50.01 -19.04 44.76
C LYS P 91 51.44 -19.54 44.95
N TYR P 92 52.41 -18.68 44.67
CA TYR P 92 53.81 -19.05 44.84
C TYR P 92 54.10 -19.24 46.32
N ALA P 93 55.15 -20.00 46.61
CA ALA P 93 55.59 -20.18 47.98
C ALA P 93 56.79 -19.24 48.02
N VAL P 94 57.11 -18.68 49.18
CA VAL P 94 58.25 -17.77 49.23
C VAL P 94 59.52 -18.55 48.85
N GLU P 95 59.51 -19.86 49.07
CA GLU P 95 60.64 -20.70 48.74
C GLU P 95 60.81 -20.80 47.22
N ASP P 96 59.70 -20.66 46.49
CA ASP P 96 59.75 -20.72 45.03
C ASP P 96 60.53 -19.54 44.47
N TYR P 97 60.48 -18.40 45.16
CA TYR P 97 61.20 -17.23 44.71
C TYR P 97 62.64 -17.34 45.19
N ARG P 98 62.84 -17.95 46.35
CA ARG P 98 64.19 -18.13 46.86
C ARG P 98 64.97 -19.04 45.92
N GLY P 99 64.28 -20.01 45.33
CA GLY P 99 64.93 -20.94 44.42
C GLY P 99 65.34 -20.25 43.12
N ALA P 100 64.46 -19.42 42.59
CA ALA P 100 64.74 -18.70 41.35
C ALA P 100 65.96 -17.80 41.53
N VAL P 101 65.98 -17.06 42.64
CA VAL P 101 67.08 -16.16 42.94
C VAL P 101 68.41 -16.89 43.14
N GLU P 102 68.37 -17.98 43.89
CA GLU P 102 69.57 -18.76 44.16
C GLU P 102 70.19 -19.27 42.86
N ALA P 103 69.33 -19.74 41.96
CA ALA P 103 69.77 -20.28 40.69
C ALA P 103 70.10 -19.25 39.61
N LEU P 104 69.37 -18.14 39.59
CA LEU P 104 69.58 -17.13 38.55
C LEU P 104 70.38 -15.88 38.91
N GLN P 105 70.62 -15.64 40.19
CA GLN P 105 71.40 -14.47 40.63
C GLN P 105 72.59 -14.86 41.47
N ILE P 106 72.34 -15.61 42.54
CA ILE P 106 73.40 -16.04 43.43
C ILE P 106 74.49 -16.84 42.71
N ARG P 107 74.09 -17.80 41.89
CA ARG P 107 75.05 -18.62 41.16
C ARG P 107 76.03 -17.80 40.31
N PRO P 108 75.52 -17.00 39.35
CA PRO P 108 76.45 -16.21 38.56
C PRO P 108 77.35 -15.31 39.42
N PHE P 109 76.78 -14.76 40.49
CA PHE P 109 77.55 -13.91 41.40
C PHE P 109 78.71 -14.71 42.00
N ALA P 110 78.41 -15.93 42.45
CA ALA P 110 79.42 -16.80 43.07
C ALA P 110 80.55 -17.13 42.10
N LEU P 111 80.19 -17.43 40.86
CA LEU P 111 81.18 -17.74 39.83
C LEU P 111 82.11 -16.57 39.61
N VAL P 112 81.55 -15.38 39.47
CA VAL P 112 82.36 -14.19 39.27
C VAL P 112 83.16 -13.90 40.54
N ASN P 113 82.52 -14.12 41.69
CA ASN P 113 83.16 -13.88 42.97
C ASN P 113 84.41 -14.75 43.11
N ALA P 114 84.37 -15.93 42.51
CA ALA P 114 85.48 -16.87 42.58
C ALA P 114 86.56 -16.68 41.51
N VAL P 115 86.16 -16.23 40.32
CA VAL P 115 87.11 -16.04 39.23
C VAL P 115 87.70 -14.64 39.06
N ALA P 116 87.04 -13.64 39.63
CA ALA P 116 87.46 -12.25 39.49
C ALA P 116 88.92 -11.92 39.83
N SER P 117 89.44 -12.44 40.94
CA SER P 117 90.81 -12.13 41.34
C SER P 117 91.88 -12.43 40.31
N GLN P 118 91.88 -13.64 39.74
CA GLN P 118 92.90 -13.98 38.76
C GLN P 118 92.77 -13.13 37.50
N MET P 119 91.54 -12.89 37.06
CA MET P 119 91.35 -12.07 35.87
C MET P 119 91.88 -10.66 36.13
N LYS P 120 91.59 -10.14 37.32
CA LYS P 120 92.03 -8.80 37.67
C LYS P 120 93.55 -8.71 37.78
N LYS P 121 94.17 -9.77 38.26
CA LYS P 121 95.62 -9.80 38.39
C LYS P 121 96.29 -9.86 37.01
N ARG P 122 95.65 -10.54 36.05
CA ARG P 122 96.20 -10.61 34.70
C ARG P 122 95.72 -9.41 33.89
N LYS P 123 94.74 -8.70 34.41
CA LYS P 123 94.16 -7.55 33.71
C LYS P 123 93.65 -8.03 32.35
N SER P 124 92.95 -9.16 32.35
CA SER P 124 92.40 -9.70 31.11
C SER P 124 91.43 -10.86 31.39
N GLY P 125 90.33 -10.87 30.66
CA GLY P 125 89.32 -11.90 30.81
C GLY P 125 87.99 -11.38 30.31
N HIS P 126 87.02 -12.28 30.18
CA HIS P 126 85.69 -11.90 29.72
C HIS P 126 84.64 -12.64 30.55
N ILE P 127 83.60 -11.91 30.95
CA ILE P 127 82.51 -12.51 31.72
C ILE P 127 81.21 -12.29 30.97
N ILE P 128 80.50 -13.38 30.73
CA ILE P 128 79.23 -13.34 30.01
C ILE P 128 78.14 -14.08 30.76
N PHE P 129 77.07 -13.38 31.10
CA PHE P 129 75.95 -14.02 31.77
C PHE P 129 74.89 -14.32 30.72
N ILE P 130 74.32 -15.52 30.75
CA ILE P 130 73.25 -15.82 29.82
C ILE P 130 72.04 -15.67 30.73
N THR P 131 71.26 -14.61 30.55
CA THR P 131 70.09 -14.38 31.38
C THR P 131 68.78 -14.62 30.65
N SER P 132 67.99 -13.57 30.46
CA SER P 132 66.71 -13.70 29.78
C SER P 132 66.18 -12.36 29.30
N ALA P 133 65.32 -12.40 28.28
CA ALA P 133 64.72 -11.17 27.75
C ALA P 133 63.36 -10.90 28.38
N THR P 134 62.92 -11.80 29.27
CA THR P 134 61.62 -11.62 29.91
C THR P 134 61.49 -10.29 30.66
N PRO P 135 62.60 -9.76 31.20
CA PRO P 135 62.50 -8.49 31.93
C PRO P 135 62.11 -7.34 30.99
N PHE P 136 62.42 -7.49 29.71
CA PHE P 136 62.13 -6.45 28.73
C PHE P 136 60.64 -6.41 28.38
N GLY P 137 60.00 -7.57 28.47
CA GLY P 137 58.57 -7.66 28.18
C GLY P 137 58.00 -8.77 29.05
N PRO P 138 57.72 -8.48 30.32
CA PRO P 138 57.18 -9.47 31.25
C PRO P 138 55.80 -10.01 30.93
N TRP P 139 55.65 -11.33 31.09
CA TRP P 139 54.35 -11.97 30.88
C TRP P 139 53.77 -11.94 32.28
N LYS P 140 52.46 -11.85 32.41
CA LYS P 140 51.89 -11.85 33.74
C LYS P 140 52.01 -13.25 34.31
N GLU P 141 52.11 -13.34 35.63
CA GLU P 141 52.22 -14.61 36.33
C GLU P 141 53.55 -15.38 36.22
N LEU P 142 54.66 -14.65 36.16
CA LEU P 142 55.99 -15.26 36.11
C LEU P 142 56.95 -14.30 36.81
N SER P 143 56.45 -13.65 37.86
CA SER P 143 57.21 -12.68 38.63
C SER P 143 58.52 -13.19 39.25
N THR P 144 58.53 -14.44 39.69
CA THR P 144 59.74 -14.98 40.30
C THR P 144 60.89 -15.01 39.29
N TYR P 145 60.72 -15.80 38.25
CA TYR P 145 61.73 -15.96 37.22
C TYR P 145 62.16 -14.63 36.59
N THR P 146 61.18 -13.85 36.16
CA THR P 146 61.43 -12.56 35.53
C THR P 146 62.22 -11.57 36.38
N SER P 147 61.84 -11.40 37.65
CA SER P 147 62.59 -10.45 38.48
C SER P 147 63.99 -10.95 38.77
N ALA P 148 64.12 -12.27 38.96
CA ALA P 148 65.43 -12.86 39.22
C ALA P 148 66.37 -12.59 38.04
N ARG P 149 65.87 -12.79 36.82
CA ARG P 149 66.68 -12.56 35.62
C ARG P 149 67.10 -11.09 35.55
N ALA P 150 66.18 -10.20 35.91
CA ALA P 150 66.47 -8.78 35.90
C ALA P 150 67.64 -8.49 36.83
N GLY P 151 67.63 -9.11 38.01
CA GLY P 151 68.71 -8.90 38.95
C GLY P 151 70.04 -9.30 38.33
N ALA P 152 70.02 -10.38 37.55
CA ALA P 152 71.22 -10.87 36.90
C ALA P 152 71.70 -9.91 35.81
N CYS P 153 70.77 -9.36 35.04
CA CYS P 153 71.13 -8.43 33.99
C CYS P 153 71.84 -7.21 34.60
N THR P 154 71.26 -6.66 35.66
CA THR P 154 71.85 -5.50 36.30
C THR P 154 73.18 -5.85 36.96
N LEU P 155 73.29 -7.09 37.45
CA LEU P 155 74.54 -7.53 38.09
C LEU P 155 75.66 -7.39 37.06
N ALA P 156 75.42 -7.89 35.86
CA ALA P 156 76.41 -7.83 34.80
C ALA P 156 76.76 -6.37 34.50
N ASN P 157 75.75 -5.52 34.36
CA ASN P 157 76.03 -4.12 34.07
C ASN P 157 76.82 -3.46 35.19
N ALA P 158 76.43 -3.70 36.44
CA ALA P 158 77.12 -3.11 37.57
C ALA P 158 78.57 -3.60 37.63
N LEU P 159 78.78 -4.89 37.40
CA LEU P 159 80.13 -5.44 37.44
C LEU P 159 81.03 -4.82 36.36
N SER P 160 80.45 -4.45 35.22
CA SER P 160 81.25 -3.85 34.15
C SER P 160 81.94 -2.57 34.59
N LYS P 161 81.29 -1.84 35.49
CA LYS P 161 81.83 -0.58 36.00
C LYS P 161 83.12 -0.74 36.80
N GLU P 162 83.23 -1.81 37.58
CA GLU P 162 84.43 -1.99 38.39
C GLU P 162 85.52 -2.83 37.71
N LEU P 163 85.12 -3.78 36.88
CA LEU P 163 86.09 -4.64 36.21
C LEU P 163 86.72 -3.98 34.99
N GLY P 164 86.11 -2.90 34.51
CA GLY P 164 86.64 -2.19 33.36
C GLY P 164 88.05 -1.70 33.64
N GLU P 165 88.29 -1.27 34.88
CA GLU P 165 89.58 -0.76 35.29
C GLU P 165 90.66 -1.83 35.08
N TYR P 166 90.24 -3.09 35.10
CA TYR P 166 91.13 -4.23 34.95
C TYR P 166 91.02 -4.84 33.56
N ASN P 167 90.45 -4.08 32.64
CA ASN P 167 90.30 -4.52 31.25
C ASN P 167 89.50 -5.80 31.13
N ILE P 168 88.47 -5.94 31.95
CA ILE P 168 87.62 -7.13 31.93
C ILE P 168 86.20 -6.76 31.51
N PRO P 169 85.82 -7.07 30.26
CA PRO P 169 84.45 -6.74 29.82
C PRO P 169 83.44 -7.69 30.44
N VAL P 170 82.26 -7.18 30.75
CA VAL P 170 81.20 -8.00 31.32
C VAL P 170 79.94 -7.77 30.48
N PHE P 171 79.30 -8.85 30.07
CA PHE P 171 78.09 -8.76 29.26
C PHE P 171 76.99 -9.67 29.77
N ALA P 172 75.77 -9.34 29.38
CA ALA P 172 74.63 -10.16 29.72
C ALA P 172 73.89 -10.37 28.41
N ILE P 173 73.60 -11.63 28.09
CA ILE P 173 72.86 -11.95 26.89
C ILE P 173 71.51 -12.47 27.38
N GLY P 174 70.44 -11.74 27.07
CA GLY P 174 69.11 -12.14 27.51
C GLY P 174 68.31 -12.69 26.36
N PRO P 175 68.26 -14.01 26.21
CA PRO P 175 67.47 -14.48 25.08
C PRO P 175 66.04 -14.83 25.44
N ASN P 176 65.26 -15.08 24.40
CA ASN P 176 63.89 -15.53 24.54
C ASN P 176 63.61 -16.19 23.20
N TYR P 177 62.87 -17.29 23.24
CA TYR P 177 62.53 -18.04 22.03
C TYR P 177 63.78 -18.60 21.36
N LEU P 178 64.75 -19.00 22.19
CA LEU P 178 65.99 -19.59 21.71
C LEU P 178 65.73 -21.09 21.63
N HIS P 179 65.81 -21.66 20.44
CA HIS P 179 65.60 -23.10 20.27
C HIS P 179 66.61 -23.86 21.14
N SER P 180 66.10 -24.69 22.04
CA SER P 180 66.97 -25.45 22.94
C SER P 180 67.11 -26.93 22.54
N GLU P 181 66.50 -27.29 21.42
CA GLU P 181 66.58 -28.65 20.88
C GLU P 181 66.13 -29.78 21.83
N ASP P 182 67.07 -30.51 22.40
CA ASP P 182 66.72 -31.60 23.31
C ASP P 182 66.64 -31.17 24.76
N SER P 183 66.87 -29.89 25.01
CA SER P 183 66.80 -29.37 26.37
C SER P 183 65.44 -28.75 26.65
N PRO P 184 64.85 -29.05 27.82
CA PRO P 184 63.54 -28.50 28.18
C PRO P 184 63.66 -27.01 28.57
N TYR P 185 64.90 -26.53 28.63
CA TYR P 185 65.19 -25.14 28.97
C TYR P 185 65.62 -24.35 27.73
N PHE P 186 64.71 -23.60 27.10
CA PHE P 186 63.32 -23.47 27.52
C PHE P 186 62.39 -23.60 26.32
N TYR P 187 62.98 -23.84 25.15
CA TYR P 187 62.20 -23.98 23.92
C TYR P 187 62.61 -25.21 23.09
N PRO P 188 62.28 -26.42 23.58
CA PRO P 188 62.63 -27.66 22.88
C PRO P 188 61.94 -27.79 21.52
N THR P 189 62.54 -28.60 20.66
CA THR P 189 62.00 -28.83 19.31
C THR P 189 60.53 -29.21 19.39
N GLU P 190 60.21 -30.08 20.35
CA GLU P 190 58.84 -30.51 20.56
C GLU P 190 58.41 -29.69 21.78
N PRO P 191 57.36 -28.86 21.62
CA PRO P 191 56.52 -28.61 20.45
C PRO P 191 56.72 -27.29 19.70
N TRP P 192 57.70 -26.49 20.09
CA TRP P 192 57.88 -25.18 19.46
C TRP P 192 58.16 -25.13 17.97
N LYS P 193 58.62 -26.24 17.39
CA LYS P 193 58.88 -26.26 15.95
C LYS P 193 57.89 -27.17 15.23
N THR P 194 57.29 -28.09 15.97
CA THR P 194 56.34 -29.05 15.42
C THR P 194 54.88 -28.69 15.64
N ASN P 195 54.50 -28.45 16.89
CA ASN P 195 53.12 -28.11 17.23
C ASN P 195 52.70 -26.77 16.58
N PRO P 196 51.73 -26.82 15.66
CA PRO P 196 51.20 -25.66 14.93
C PRO P 196 50.84 -24.48 15.81
N GLU P 197 50.30 -24.75 17.01
CA GLU P 197 49.92 -23.69 17.93
C GLU P 197 51.15 -22.88 18.35
N HIS P 198 52.22 -23.59 18.69
CA HIS P 198 53.45 -22.96 19.13
C HIS P 198 54.15 -22.25 17.97
N VAL P 199 53.92 -22.75 16.75
CA VAL P 199 54.54 -22.16 15.57
C VAL P 199 53.90 -20.82 15.21
N ALA P 200 52.58 -20.75 15.29
CA ALA P 200 51.89 -19.51 14.97
C ALA P 200 52.22 -18.47 16.04
N HIS P 201 52.42 -18.94 17.27
CA HIS P 201 52.74 -18.05 18.39
C HIS P 201 54.09 -17.36 18.14
N VAL P 202 55.13 -18.16 17.94
CA VAL P 202 56.45 -17.62 17.71
C VAL P 202 56.42 -16.67 16.52
N LYS P 203 55.66 -17.06 15.50
CA LYS P 203 55.52 -16.27 14.28
C LYS P 203 54.91 -14.92 14.61
N LYS P 204 54.04 -14.89 15.61
CA LYS P 204 53.35 -13.68 16.03
C LYS P 204 54.16 -12.78 16.96
N VAL P 205 54.82 -13.38 17.94
CA VAL P 205 55.57 -12.62 18.94
C VAL P 205 56.98 -12.15 18.60
N THR P 206 57.60 -12.71 17.57
CA THR P 206 58.95 -12.29 17.20
C THR P 206 58.89 -11.50 15.88
N ALA P 207 59.75 -10.51 15.74
CA ALA P 207 59.77 -9.72 14.52
C ALA P 207 60.27 -10.56 13.34
N LEU P 208 61.23 -11.44 13.61
CA LEU P 208 61.79 -12.31 12.56
C LEU P 208 60.93 -13.54 12.33
N GLN P 209 59.94 -13.75 13.21
CA GLN P 209 59.01 -14.87 13.09
C GLN P 209 59.64 -16.25 13.08
N ARG P 210 60.47 -16.54 14.08
CA ARG P 210 61.14 -17.82 14.20
C ARG P 210 61.89 -17.86 15.51
N LEU P 211 62.33 -19.04 15.92
CA LEU P 211 63.09 -19.19 17.14
C LEU P 211 64.54 -18.82 16.83
N GLY P 212 65.30 -18.48 17.85
CA GLY P 212 66.70 -18.16 17.65
C GLY P 212 67.47 -19.48 17.65
N THR P 213 68.63 -19.51 17.03
CA THR P 213 69.40 -20.75 16.96
C THR P 213 70.56 -20.74 17.94
N GLN P 214 71.03 -21.93 18.31
CA GLN P 214 72.15 -22.06 19.22
C GLN P 214 73.38 -21.46 18.52
N LYS P 215 73.42 -21.59 17.21
CA LYS P 215 74.53 -21.05 16.43
C LYS P 215 74.63 -19.54 16.58
N GLU P 216 73.48 -18.87 16.54
CA GLU P 216 73.44 -17.42 16.69
C GLU P 216 73.94 -16.99 18.07
N LEU P 217 73.47 -17.68 19.11
CA LEU P 217 73.90 -17.37 20.46
C LEU P 217 75.40 -17.64 20.58
N GLY P 218 75.83 -18.78 20.04
CA GLY P 218 77.25 -19.12 20.09
C GLY P 218 78.13 -18.11 19.38
N GLU P 219 77.66 -17.63 18.23
CA GLU P 219 78.42 -16.63 17.46
C GLU P 219 78.61 -15.37 18.29
N LEU P 220 77.56 -14.96 19.00
CA LEU P 220 77.62 -13.76 19.81
C LEU P 220 78.60 -13.97 20.96
N VAL P 221 78.48 -15.11 21.63
CA VAL P 221 79.37 -15.42 22.73
C VAL P 221 80.81 -15.42 22.26
N ALA P 222 81.08 -16.05 21.13
CA ALA P 222 82.44 -16.12 20.59
C ALA P 222 82.95 -14.73 20.23
N PHE P 223 82.10 -13.92 19.62
CA PHE P 223 82.46 -12.56 19.22
C PHE P 223 82.87 -11.74 20.44
N LEU P 224 82.04 -11.77 21.47
CA LEU P 224 82.31 -11.02 22.69
C LEU P 224 83.57 -11.51 23.41
N ALA P 225 83.79 -12.82 23.41
CA ALA P 225 84.93 -13.41 24.09
C ALA P 225 86.24 -13.25 23.31
N SER P 226 86.13 -12.92 22.02
CA SER P 226 87.30 -12.77 21.17
C SER P 226 88.14 -11.53 21.48
N GLY P 227 87.53 -10.56 22.15
CA GLY P 227 88.24 -9.34 22.47
C GLY P 227 88.24 -8.39 21.28
N SER P 228 87.34 -8.66 20.33
CA SER P 228 87.21 -7.85 19.13
C SER P 228 86.40 -6.58 19.39
N CYS P 229 85.56 -6.63 20.41
CA CYS P 229 84.73 -5.47 20.72
C CYS P 229 84.50 -5.33 22.22
N ASP P 230 85.59 -5.16 22.96
CA ASP P 230 85.49 -5.01 24.40
C ASP P 230 84.77 -3.73 24.79
N TYR P 231 84.76 -2.74 23.88
CA TYR P 231 84.13 -1.47 24.20
C TYR P 231 82.64 -1.53 24.42
N LEU P 232 82.04 -2.69 24.21
CA LEU P 232 80.60 -2.86 24.44
C LEU P 232 80.34 -3.27 25.89
N THR P 233 81.39 -3.32 26.71
CA THR P 233 81.21 -3.75 28.09
C THR P 233 80.03 -3.10 28.82
N GLY P 234 79.30 -3.92 29.57
CA GLY P 234 78.15 -3.45 30.33
C GLY P 234 76.85 -3.66 29.58
N GLN P 235 76.97 -4.01 28.30
CA GLN P 235 75.81 -4.23 27.45
C GLN P 235 74.95 -5.42 27.83
N VAL P 236 73.64 -5.23 27.76
CA VAL P 236 72.68 -6.30 27.97
C VAL P 236 72.13 -6.48 26.56
N PHE P 237 72.37 -7.65 25.98
CA PHE P 237 71.94 -7.98 24.63
C PHE P 237 70.60 -8.69 24.64
N TRP P 238 69.59 -8.14 23.97
CA TRP P 238 68.29 -8.81 23.92
C TRP P 238 68.29 -9.71 22.67
N LEU P 239 68.58 -11.00 22.89
CA LEU P 239 68.63 -11.97 21.80
C LEU P 239 67.25 -12.60 21.73
N ALA P 240 66.28 -11.84 21.24
CA ALA P 240 64.91 -12.34 21.17
C ALA P 240 64.21 -12.14 19.83
N GLY P 241 65.00 -11.93 18.79
CA GLY P 241 64.45 -11.76 17.46
C GLY P 241 63.40 -10.70 17.22
N GLY P 242 63.47 -9.60 17.95
CA GLY P 242 62.48 -8.56 17.75
C GLY P 242 61.37 -8.60 18.78
N PHE P 243 61.34 -9.65 19.58
CA PHE P 243 60.34 -9.77 20.63
C PHE P 243 60.58 -8.60 21.58
N PRO P 244 59.51 -7.99 22.12
CA PRO P 244 58.12 -8.38 21.86
C PRO P 244 57.40 -7.57 20.78
N MET P 245 56.54 -8.24 20.02
CA MET P 245 55.76 -7.56 18.99
C MET P 245 54.51 -7.11 19.73
N ILE P 246 54.17 -5.83 19.59
CA ILE P 246 53.01 -5.28 20.29
C ILE P 246 51.71 -5.36 19.48
N GLU P 247 50.69 -5.96 20.09
CA GLU P 247 49.39 -6.12 19.47
C GLU P 247 48.87 -4.79 18.94
N ARG P 248 48.53 -4.74 17.66
CA ARG P 248 48.04 -3.51 17.05
C ARG P 248 46.52 -3.35 17.11
N TRP P 249 46.06 -2.16 16.74
CA TRP P 249 44.63 -1.83 16.75
C TRP P 249 43.82 -2.77 15.87
N PRO P 250 42.60 -3.13 16.30
CA PRO P 250 41.77 -4.01 15.49
C PRO P 250 41.61 -3.41 14.10
N GLY P 251 41.53 -4.25 13.09
CA GLY P 251 41.41 -3.77 11.73
C GLY P 251 42.75 -3.84 11.02
N MET P 252 43.82 -3.82 11.80
CA MET P 252 45.17 -3.88 11.23
C MET P 252 45.70 -5.31 11.19
N PRO P 253 46.43 -5.67 10.12
CA PRO P 253 46.98 -7.02 10.01
C PRO P 253 48.22 -7.18 10.89
C1 SNO Q . -13.35 11.20 46.38
C2 SNO Q . -13.20 9.89 45.93
C3 SNO Q . -12.28 9.63 44.90
C4 SNO Q . -11.52 10.66 44.31
C5 SNO Q . -11.68 11.97 44.79
C6 SNO Q . -12.59 12.25 45.83
C7 SNO Q . -10.54 10.39 43.22
C8 SNO Q . -10.01 9.05 43.00
N1 SNO Q . -14.32 11.49 47.48
O1 SNO Q . -14.96 10.56 47.95
O2 SNO Q . -14.45 12.66 47.87
O3 SNO Q . -10.96 9.62 42.09
C1 SNO R . 10.10 -8.12 57.59
C2 SNO R . 9.42 -7.28 58.47
C3 SNO R . 9.86 -5.96 58.64
C4 SNO R . 10.99 -5.47 57.91
C5 SNO R . 11.65 -6.33 57.04
C6 SNO R . 11.22 -7.66 56.86
C7 SNO R . 11.47 -4.07 58.08
C8 SNO R . 10.56 -3.01 58.44
N1 SNO R . 9.64 -9.52 57.42
O1 SNO R . 8.66 -9.89 58.07
O2 SNO R . 10.24 -10.25 56.64
O3 SNO R . 11.50 -3.52 59.40
C1 SNO S . 11.90 30.54 43.93
C2 SNO S . 13.16 29.97 44.15
C3 SNO S . 13.27 28.97 45.14
C4 SNO S . 12.16 28.55 45.91
C5 SNO S . 10.91 29.14 45.65
C6 SNO S . 10.77 30.14 44.67
C7 SNO S . 12.27 27.47 46.96
C8 SNO S . 13.52 26.75 47.16
N1 SNO S . 11.77 31.61 42.89
O1 SNO S . 12.78 31.95 42.26
O2 SNO S . 10.66 32.11 42.69
O3 SNO S . 13.08 27.73 48.12
C1 SNO T . 24.01 3.40 31.40
C2 SNO T . 23.24 4.30 30.68
C3 SNO T . 21.83 4.13 30.66
C4 SNO T . 21.22 3.08 31.37
C5 SNO T . 22.03 2.18 32.10
C6 SNO T . 23.43 2.34 32.12
C7 SNO T . 19.74 2.88 31.36
C8 SNO T . 18.83 3.98 31.09
N1 SNO T . 25.50 3.58 31.43
O1 SNO T . 25.98 4.52 30.79
O2 SNO T . 26.18 2.79 32.08
O3 SNO T . 19.04 2.96 30.11
C1 SNO U . -18.09 36.27 -5.52
C2 SNO U . -18.54 35.61 -6.67
C3 SNO U . -18.65 34.20 -6.65
C4 SNO U . -18.32 33.46 -5.49
C5 SNO U . -17.87 34.15 -4.34
C6 SNO U . -17.74 35.56 -4.36
C7 SNO U . -18.43 31.96 -5.44
C8 SNO U . -19.45 31.27 -6.21
N1 SNO U . -17.97 37.76 -5.54
O1 SNO U . -18.27 38.37 -6.57
O2 SNO U . -17.57 38.33 -4.52
O3 SNO U . -18.08 31.20 -6.60
C1 SNO V . -49.30 28.33 -8.85
C2 SNO V . -48.74 29.51 -8.35
C3 SNO V . -48.47 29.58 -6.97
C4 SNO V . -48.74 28.50 -6.11
C5 SNO V . -49.29 27.33 -6.65
C6 SNO V . -49.58 27.25 -8.03
C7 SNO V . -48.44 28.57 -4.64
C8 SNO V . -47.60 29.63 -4.11
N1 SNO V . -49.60 28.25 -10.31
O1 SNO V . -49.36 29.22 -11.02
O2 SNO V . -50.08 27.20 -10.76
O3 SNO V . -49.02 29.65 -3.90
C1 SNO W . -24.06 22.91 22.82
C2 SNO W . -25.31 22.33 23.04
C3 SNO W . -26.44 22.91 22.43
C4 SNO W . -26.33 24.05 21.61
C5 SNO W . -25.06 24.62 21.40
C6 SNO W . -23.92 24.05 22.00
C7 SNO W . -27.53 24.66 20.94
C8 SNO W . -28.80 23.97 20.90
N1 SNO W . -22.86 22.31 23.47
O1 SNO W . -23.01 21.32 24.18
O2 SNO W . -21.76 22.82 23.26
O3 SNO W . -28.62 25.10 21.77
C1 SNO X . -38.01 1.28 3.33
C2 SNO X . -36.67 1.22 3.68
C3 SNO X . -35.74 1.95 2.92
C4 SNO X . -36.14 2.73 1.81
C5 SNO X . -37.49 2.78 1.48
C6 SNO X . -38.45 2.05 2.24
C7 SNO X . -35.15 3.53 1.00
C8 SNO X . -33.76 3.66 1.41
N1 SNO X . -39.01 0.51 4.13
O1 SNO X . -38.60 -0.16 5.09
O2 SNO X . -40.20 0.56 3.82
O3 SNO X . -34.11 2.83 0.29
C1 SNO Y . -32.10 -7.33 -53.79
C2 SNO Y . -31.01 -7.95 -54.40
C3 SNO Y . -29.81 -8.06 -53.67
C4 SNO Y . -29.68 -7.55 -52.36
C5 SNO Y . -30.79 -6.92 -51.78
C6 SNO Y . -32.01 -6.80 -52.49
C7 SNO Y . -28.41 -7.66 -51.58
C8 SNO Y . -27.46 -8.71 -51.85
N1 SNO Y . -33.38 -7.20 -54.55
O1 SNO Y . -33.44 -7.66 -55.68
O2 SNO Y . -34.34 -6.64 -53.99
O3 SNO Y . -27.18 -7.37 -52.26
C1 SNO Z . -25.11 -38.83 -50.30
C2 SNO Z . -26.32 -38.25 -50.70
C3 SNO Z . -27.21 -37.80 -49.69
C4 SNO Z . -26.88 -37.91 -48.32
C5 SNO Z . -25.65 -38.49 -47.96
C6 SNO Z . -24.76 -38.95 -48.94
C7 SNO Z . -27.80 -37.44 -47.23
C8 SNO Z . -29.03 -36.73 -47.55
N1 SNO Z . -24.15 -39.32 -51.34
O1 SNO Z . -24.46 -39.21 -52.52
O2 SNO Z . -23.08 -39.82 -50.96
O3 SNO Z . -29.08 -38.08 -47.08
C1 SNO AA . -36.74 -10.74 -22.56
C2 SNO AA . -36.58 -12.00 -21.96
C3 SNO AA . -36.79 -13.15 -22.73
C4 SNO AA . -37.18 -13.07 -24.09
C5 SNO AA . -37.34 -11.79 -24.67
C6 SNO AA . -37.12 -10.63 -23.90
C7 SNO AA . -37.41 -14.29 -24.92
C8 SNO AA . -36.75 -15.54 -24.63
N1 SNO AA . -36.51 -9.52 -21.74
O1 SNO AA . -36.18 -9.64 -20.56
O2 SNO AA . -36.66 -8.42 -22.28
O3 SNO AA . -38.16 -15.38 -24.37
C1 SNO BA . -8.65 -26.47 -26.22
C2 SNO BA . -8.70 -25.09 -26.00
C3 SNO BA . -8.92 -24.25 -27.10
C4 SNO BA . -9.10 -24.76 -28.40
C5 SNO BA . -9.05 -26.15 -28.59
C6 SNO BA . -8.83 -27.02 -27.50
C7 SNO BA . -9.33 -23.86 -29.57
C8 SNO BA . -9.82 -22.50 -29.40
N1 SNO BA . -8.42 -27.39 -25.05
O1 SNO BA . -8.27 -26.88 -23.93
O2 SNO BA . -8.38 -28.61 -25.24
O3 SNO BA . -8.46 -22.73 -29.79
C1 SNO CA . 33.63 -1.68 -38.23
C2 SNO CA . 32.33 -1.71 -38.70
C3 SNO CA . 32.11 -1.85 -40.09
C4 SNO CA . 33.20 -1.96 -41.00
C5 SNO CA . 34.51 -1.92 -40.49
C6 SNO CA . 34.73 -1.79 -39.11
C7 SNO CA . 32.98 -2.10 -42.47
C8 SNO CA . 31.82 -2.82 -42.97
N1 SNO CA . 33.87 -1.52 -36.76
O1 SNO CA . 32.90 -1.43 -36.02
O2 SNO CA . 35.04 -1.50 -36.35
O3 SNO CA . 31.89 -1.38 -43.08
C1 SNO DA . 15.07 -27.94 -41.93
C2 SNO DA . 15.79 -27.70 -40.75
C3 SNO DA . 17.14 -28.10 -40.71
C4 SNO DA . 17.76 -28.71 -41.82
C5 SNO DA . 17.01 -28.93 -42.99
C6 SNO DA . 15.66 -28.54 -43.05
C7 SNO DA . 19.21 -29.13 -41.79
C8 SNO DA . 20.18 -28.42 -40.99
N1 SNO DA . 13.64 -27.52 -41.99
O1 SNO DA . 13.14 -26.97 -40.99
O2 SNO DA . 13.01 -27.72 -43.02
O3 SNO DA . 19.73 -29.73 -40.59
C1 SNO EA . 74.04 3.03 49.53
C2 SNO EA . 72.86 2.30 49.70
C3 SNO EA . 71.67 2.83 49.15
C4 SNO EA . 71.65 4.05 48.46
C5 SNO EA . 72.86 4.77 48.31
C6 SNO EA . 74.06 4.26 48.85
C7 SNO EA . 70.40 4.63 47.86
C8 SNO EA . 69.23 3.81 47.62
N1 SNO EA . 75.31 2.48 50.11
O1 SNO EA . 75.27 1.40 50.70
O2 SNO EA . 76.35 3.13 49.96
O3 SNO EA . 69.25 4.74 48.71
C1 SNO FA . 48.42 7.03 16.91
C2 SNO FA . 48.91 8.22 17.50
C3 SNO FA . 49.20 8.21 18.88
C4 SNO FA . 49.04 7.03 19.66
C5 SNO FA . 48.56 5.87 19.03
C6 SNO FA . 48.26 5.87 17.66
C7 SNO FA . 49.35 7.00 21.13
C8 SNO FA . 50.05 8.09 21.78
N1 SNO FA . 48.09 7.03 15.45
O1 SNO FA . 48.25 8.07 14.81
O2 SNO FA . 47.66 5.99 14.95
O3 SNO FA . 48.64 7.89 22.00
#